data_3QMZ
#
_entry.id   3QMZ
#
_cell.length_a   174.080
_cell.length_b   118.921
_cell.length_c   200.509
_cell.angle_alpha   90.00
_cell.angle_beta   90.27
_cell.angle_gamma   90.00
#
_symmetry.space_group_name_H-M   'P 1 21 1'
#
loop_
_entity.id
_entity.type
_entity.pdbx_description
1 polymer 'Cytoplasmic dynein heavy chain'
2 polymer Glutathione-S-transferase
#
loop_
_entity_poly.entity_id
_entity_poly.type
_entity_poly.pdbx_seq_one_letter_code
_entity_poly.pdbx_strand_id
1 'polypeptide(L)'
;EFVIEKSLNRIKKFWKEAQYEVIEHSSGLKLVREWDVLEQACKEDLEELVSMKASNYYKIFEQDCLDLESKLTKLSEIQV
NWVEVQFYWLDLYGILGENLDIQNFLPLETSKFKSLTSEYKMITTRAFQLDTTIEVIHIPNFDTTLKLTIDSLKMIKSSL
STFLERQRRQFPRFYFLGNDDLLKIIGSGKHHDQVSKFMKKMFGSIESIIFFEDFITGVRSVEGEVLNLNEKIELKDSIQ
AQEWLNILDTEIKLSVFTQFRDCLGQLKDGTDIEVVVSKYIFQAILLSAQVMWTELVEKCLQTNEFSKYWKEVDMKIKGL
LDKLNKSSDNVKKKIEALLVEYLHFNNVIGQLKNCSTKEEARLLWAKVQKFYQKNDTLDDLNSVFISQSGYLLQYKFEYI
GIPERLIYTPLLLIGFATLTDSLHQKYGGCFFGPAGTGKTETVKAFGQNLGRVVVVFNCDDSFDYQVLSRLLVGITQIGA
WGCFDEFNRLDEKVLSAVSANIQQIQNGLQVGKSHITLLEEETPLSPHTAVFITLNPGYNGRSELPENLKKSFREFSMKS
PQSGTIAEMILQIMGFEDSKSLASKIVHFLELLSSKCSSMNHYHFGLRTLKGVLRNCSPLISEFGEGEKTVVESLKRVIL
PSLGDTDELVFKDELSKIFDSAGTPLNSKAIVQCLKDAGQRSGFSMSEEFLKKCMQFYYMQKTQQALILVGKAGCGKTAT
WKTVIDAMAIFDGHANVVYVIDTKVLTKESLYGSMLKATLEWRDGLFTSILRRVNDDITGTFKNSRIWVVFDSDLDPEYV
EAMNSVLDDNKILTLPNGERLPIPPNFRILFETDNLDHTTPATITRCGLLWFSTDVCSISSKIDHLLNKSYEALDNKLSM
FELDKLKDLISDSFDMASLTNIFTCSNDLVHILGVRTFNKLETAVQLAVHLISSYRQWFQNLDDKSLKDVITLLIKRSLL
YALAGDSTGESQRAFIQTINTYFGHDSQELSDYSTIVIANDKLSFSSFCSEIPSVSLEAHEVMRPDIVIPTIDTIKHEKI
FYDLLNSKRGIILCGPPGSGKTMIMNNALRNSSLYDVVGINFSKDTTTEHILSALHRHTNYVTTSKGLTLLPKSDIKNLV
LFCDEINLPKLDKYGSQNVVLFLRQLMEKQGFWKTPENKWVTIERIHIVGACNPPTDPGRIPMSERFTRHAAILYLGYPS
GKSLSQIYEIYYKAIFKLVPEFRSYTEPFARASVHLYNECKARYSTGLQSHYLFSPRELTRLVRGVYTAINTGPRQTLRS
LIRLWAYEAWRIFADRLVGVKEKNSFEQLLYETVDKYLPNQDLGNISSTSLLFSGLLSLDFKEVNKTDLVNFIEERFKTF
CDEELEVPMVIHESMVDHILRIDRALKQVQGHMMLIGASRTGKTILTRFVAWLNGLKIVQPKIHRHSNLSDFDMILKKAI
SDCSLKESRTCLIIDESNILETAFLERMNTLLANADIPDLFQGEEYDKLLNNLRNKTRSLGLLLDTEQELYDWFVGEIAK
NLHVVFTICDPTNNKSSAMISSPALFNRCIINWMGDWDTKTMSQVANNMVDVVPMEFTDFIVPEVNKELVFTEPIQTIRD
AVVNILIHFDRNFYQKMKVGVNPRSPGYFIDGLRALVKLVTAKYQDLQENQRFVNVGLEKLNESVLKVNELNKTLPKAPP
EEKEASISLVKSLTFEKERWLNTTKQFSKTSQELIGNCIISSIYETYFGHLNERERGDMLVILKRLLGKFAVKYDVNYRF
IDYLVTLDEKMKWLECGLDKNDYFLENMSIVMNSQDAVPFLLDPSSHMITVISNYYGNKTVLLSFLEEGFVKRLENAVRF
GSVVIIQDGEFFDPIISRLISREFNHAGNRVTVEIGDHEVDVSGDFKLFIHSCDPSGDIPIFLRSRVRLVHFVTNKESIE
TRIFDITLTEENAEMQRKREDLIKLNTEYRLKLKNLEKRLLEELNNSQGNMLENDELMVTLNNLKKEAMNIEKKLSESEE
FFPQFDNLVEEYSIIGKHSVKIFSMLEKFGQFHWFYGISIGQFLSCFKRVFIKKSRETRAARTRVDEILWLLYQEVYCQF
STALDKKFKMIMAMTMFCLYKFDIESEQYKEAVLTMIGVLSESSDGVPKLTVDTNDDLRYLWDYVTTKSYISALNWFKNE
FFVDEWNIADVVANSENNYFTMASERDVDGTFKLIELAKASKESLKIIPLGSIENLNYAQEEISKSKIEGGWILLQNIQM
SLSWVKTYLHKHVEETKAAEEHEKFKMFMTCHLTGDKLPAPLLQRTDRVVYEDIPGILDTVKDLWGSQFFTGKISGVWSV
YCTFLLSWFHALITARTRLVPHGFSKKYYFNDCDFQFASVYLENVLATNSTNNIPWAQVRDHIATIVYGGKIDEEKDLEV
VAKLCAHVFCGSDNLQIVPGVRIPQPLLQQSEEEERARLTAILSNTIEPADSLSSWLQLPRESILDYERLQAKEVASSTE
QLLQEM
;
A,B
2 'polypeptide(L)'
;SPILGYWKIKGLVQPTRLLLEYLEEKYEEHLYERDEGDKWRNKKFELGLEFPNLPYYIDGDVKLTQSMAIIRYIADKHNM
LGGCPKERAEISMLEGAVLDIRYGVSRIAYSKDFETLKVDFLSKLPEMLKMFEDRLCHKTYLNGDHVTHPDFMLYDALDV
VLYMDPMCLDAFPKLVCFKKRIEAIPQIDKYLKSSKYIAWPLQGWQATFGGGDHPPKSD
;
T,S
#
# COMPACT_ATOMS: atom_id res chain seq x y z
N GLU A 1 3.26 14.59 -19.66
CA GLU A 1 4.61 15.21 -19.87
C GLU A 1 5.01 16.10 -18.70
N PHE A 2 4.18 17.12 -18.43
CA PHE A 2 4.37 18.01 -17.29
C PHE A 2 3.87 17.37 -16.00
N VAL A 3 3.15 16.26 -16.14
CA VAL A 3 2.58 15.54 -15.00
C VAL A 3 3.66 14.87 -14.15
N ILE A 4 4.64 14.24 -14.80
CA ILE A 4 5.75 13.59 -14.11
C ILE A 4 6.79 14.60 -13.63
N GLU A 5 6.88 15.72 -14.34
CA GLU A 5 7.82 16.79 -14.00
C GLU A 5 7.37 17.60 -12.78
N LYS A 6 6.07 17.88 -12.72
CA LYS A 6 5.49 18.63 -11.60
C LYS A 6 5.35 17.78 -10.34
N SER A 7 5.22 16.46 -10.52
CA SER A 7 5.13 15.53 -9.41
C SER A 7 6.46 15.42 -8.64
N LEU A 8 7.57 15.58 -9.37
CA LEU A 8 8.90 15.60 -8.78
C LEU A 8 9.16 16.91 -8.04
N ASN A 9 8.52 17.98 -8.52
CA ASN A 9 8.61 19.30 -7.89
C ASN A 9 7.81 19.37 -6.58
N ARG A 10 6.81 18.50 -6.48
CA ARG A 10 5.98 18.42 -5.27
C ARG A 10 6.75 17.84 -4.09
N ILE A 11 7.46 16.73 -4.35
CA ILE A 11 8.25 16.05 -3.31
C ILE A 11 9.49 16.86 -2.89
N LYS A 12 10.00 17.68 -3.82
CA LYS A 12 11.15 18.54 -3.55
C LYS A 12 10.77 19.74 -2.69
N LYS A 13 9.52 20.16 -2.77
CA LYS A 13 9.01 21.31 -2.01
C LYS A 13 8.33 20.89 -0.70
N PHE A 14 7.67 19.74 -0.71
CA PHE A 14 6.95 19.23 0.46
C PHE A 14 7.91 18.74 1.56
N TRP A 15 9.06 18.21 1.14
CA TRP A 15 10.09 17.76 2.08
C TRP A 15 10.76 18.95 2.77
N LYS A 16 10.76 20.10 2.10
CA LYS A 16 11.30 21.34 2.65
C LYS A 16 10.36 21.93 3.71
N GLU A 17 9.06 21.66 3.57
CA GLU A 17 8.06 22.11 4.52
C GLU A 17 8.10 21.30 5.82
N ALA A 18 8.27 19.99 5.67
CA ALA A 18 8.39 19.08 6.81
C ALA A 18 9.78 19.14 7.44
N GLN A 19 10.61 20.32 7.63
CA GLN A 19 12.05 20.09 7.60
C GLN A 19 12.78 20.93 6.56
N GLU A 24 17.84 31.91 13.72
CA GLU A 24 16.38 31.90 13.74
C GLU A 24 15.85 32.12 15.16
N HIS A 25 16.20 31.11 16.12
CA HIS A 25 15.43 31.15 17.36
C HIS A 25 16.31 31.62 18.52
N SER A 26 15.92 32.74 19.12
CA SER A 26 16.65 33.31 20.25
C SER A 26 15.71 33.74 21.37
N SER A 27 16.05 33.36 22.61
CA SER A 27 15.25 33.71 23.78
C SER A 27 16.03 34.58 24.77
N GLY A 28 15.35 35.55 25.36
CA GLY A 28 15.95 36.47 26.32
C GLY A 28 14.93 37.09 27.28
N LEU A 29 15.37 37.36 28.51
CA LEU A 29 14.57 38.03 29.55
C LEU A 29 13.21 37.38 29.84
N LYS A 30 13.21 36.06 29.95
CA LYS A 30 12.00 35.30 30.26
C LYS A 30 10.99 35.24 29.13
N LEU A 31 11.45 35.49 27.91
CA LEU A 31 10.59 35.47 26.71
C LEU A 31 11.31 34.87 25.52
N VAL A 32 10.56 34.18 24.67
CA VAL A 32 11.12 33.53 23.49
C VAL A 32 10.52 34.07 22.20
N ARG A 33 11.38 34.37 21.23
CA ARG A 33 10.93 34.90 19.94
C ARG A 33 11.61 34.18 18.78
N GLU A 34 10.83 33.83 17.76
CA GLU A 34 11.35 33.13 16.60
C GLU A 34 10.42 33.30 15.40
N TRP A 35 10.86 33.12 14.19
CA TRP A 35 10.08 33.25 12.98
C TRP A 35 9.82 34.71 12.65
N ASP A 36 10.99 35.58 12.68
CA ASP A 36 10.86 37.01 12.39
C ASP A 36 10.90 37.00 10.87
N VAL A 37 11.22 38.16 10.27
CA VAL A 37 11.30 38.28 8.82
C VAL A 37 11.73 37.11 7.93
N LEU A 38 12.67 36.31 8.42
CA LEU A 38 13.19 35.15 7.68
C LEU A 38 12.16 34.04 7.56
N GLU A 39 11.37 33.84 8.60
CA GLU A 39 10.32 32.83 8.62
C GLU A 39 9.10 33.28 7.80
N GLN A 40 8.86 34.58 7.76
CA GLN A 40 7.76 35.16 6.98
C GLN A 40 8.04 35.11 5.48
N ALA A 41 9.30 35.23 5.11
CA ALA A 41 9.73 35.14 3.72
C ALA A 41 9.71 33.69 3.23
N CYS A 42 9.98 32.75 4.15
CA CYS A 42 9.94 31.33 3.86
C CYS A 42 8.52 30.82 3.71
N LYS A 43 7.60 31.42 4.47
CA LYS A 43 6.18 31.09 4.39
C LYS A 43 5.53 31.65 3.13
N GLU A 44 6.04 32.80 2.68
CA GLU A 44 5.57 33.43 1.45
C GLU A 44 6.08 32.69 0.21
N ASP A 45 7.27 32.11 0.32
CA ASP A 45 7.85 31.31 -0.76
C ASP A 45 7.17 29.95 -0.88
N LEU A 46 6.72 29.41 0.25
CA LEU A 46 5.98 28.16 0.29
C LEU A 46 4.57 28.31 -0.26
N GLU A 47 3.98 29.49 -0.04
CA GLU A 47 2.66 29.82 -0.55
C GLU A 47 2.67 30.08 -2.05
N GLU A 48 3.78 30.63 -2.53
CA GLU A 48 3.99 30.89 -3.96
C GLU A 48 4.25 29.59 -4.72
N LEU A 49 4.90 28.64 -4.05
CA LEU A 49 5.17 27.32 -4.61
C LEU A 49 3.90 26.47 -4.65
N VAL A 50 3.02 26.68 -3.68
CA VAL A 50 1.74 25.98 -3.61
C VAL A 50 0.77 26.47 -4.68
N SER A 51 0.85 27.75 -5.02
CA SER A 51 0.05 28.35 -6.08
C SER A 51 0.50 27.87 -7.46
N MET A 52 1.80 27.62 -7.59
CA MET A 52 2.38 27.08 -8.82
C MET A 52 2.14 25.57 -8.92
N LYS A 53 1.96 24.91 -7.78
CA LYS A 53 1.65 23.49 -7.72
C LYS A 53 0.17 23.21 -7.97
N ALA A 54 -0.66 24.23 -7.72
CA ALA A 54 -2.10 24.14 -7.98
C ALA A 54 -2.46 24.65 -9.37
N SER A 55 -1.51 25.33 -10.01
CA SER A 55 -1.69 25.86 -11.36
C SER A 55 -0.37 25.91 -12.13
N ASN A 56 -0.22 25.09 -13.17
CA ASN A 56 -1.24 24.13 -13.63
C ASN A 56 -0.58 23.00 -14.42
N TYR A 57 -0.77 21.72 -14.04
CA TYR A 57 -1.53 21.26 -12.86
C TYR A 57 -2.98 21.76 -12.74
N TYR A 58 -3.71 21.69 -13.85
CA TYR A 58 -5.10 22.16 -13.89
C TYR A 58 -6.11 21.05 -13.59
N LYS A 59 -5.92 19.90 -14.23
CA LYS A 59 -6.83 18.77 -14.08
C LYS A 59 -6.17 17.38 -14.13
N ILE A 60 -5.08 17.28 -14.89
CA ILE A 60 -4.37 16.00 -15.06
C ILE A 60 -3.41 15.79 -13.90
N PHE A 61 -2.58 16.79 -13.63
CA PHE A 61 -1.66 16.76 -12.48
C PHE A 61 -2.39 17.16 -11.19
N GLU A 62 -3.60 17.69 -11.35
CA GLU A 62 -4.47 18.02 -10.22
C GLU A 62 -5.32 16.82 -9.80
N GLN A 63 -5.03 15.66 -10.37
CA GLN A 63 -5.68 14.40 -10.02
C GLN A 63 -4.65 13.32 -9.66
N ASP A 64 -3.37 13.61 -9.93
CA ASP A 64 -2.28 12.67 -9.68
C ASP A 64 -1.90 12.56 -8.19
N CYS A 65 -1.37 13.65 -7.63
CA CYS A 65 -0.96 13.68 -6.22
C CYS A 65 -2.13 13.69 -5.21
N LEU A 66 -2.96 14.75 -5.15
CA LEU A 66 -2.86 15.99 -5.93
C LEU A 66 -3.58 17.14 -5.24
N ASP A 67 -4.90 17.17 -5.37
CA ASP A 67 -5.74 18.24 -4.84
C ASP A 67 -5.83 18.22 -3.32
N LEU A 68 -5.41 17.26 -3.01
CA LEU A 68 -5.58 17.16 -1.54
C LEU A 68 -4.32 17.66 -0.84
N GLU A 69 -3.19 17.19 -1.34
CA GLU A 69 -1.87 17.54 -0.80
C GLU A 69 -1.67 19.05 -0.87
N SER A 70 -2.00 19.58 -2.03
CA SER A 70 -1.88 21.03 -2.31
C SER A 70 -2.70 21.82 -1.30
N LYS A 71 -3.93 21.35 -1.11
CA LYS A 71 -4.88 21.97 -0.17
C LYS A 71 -4.29 22.01 1.24
N LEU A 72 -3.75 20.86 1.62
CA LEU A 72 -3.12 20.68 2.93
C LEU A 72 -2.00 21.70 3.13
N THR A 73 -1.17 21.79 2.10
CA THR A 73 -0.02 22.71 2.07
C THR A 73 -0.50 24.14 2.29
N LYS A 74 -1.54 24.49 1.55
CA LYS A 74 -2.15 25.83 1.61
C LYS A 74 -2.61 26.13 3.04
N LEU A 75 -3.28 25.16 3.61
CA LEU A 75 -3.80 25.24 4.98
C LEU A 75 -2.66 25.52 5.97
N SER A 76 -1.60 24.76 5.79
CA SER A 76 -0.39 24.86 6.63
C SER A 76 0.17 26.27 6.56
N GLU A 77 0.26 26.76 5.32
CA GLU A 77 0.77 28.10 5.03
C GLU A 77 -0.05 29.16 5.77
N ILE A 78 -1.35 28.99 5.66
CA ILE A 78 -2.33 29.89 6.30
C ILE A 78 -2.10 29.93 7.81
N GLN A 79 -1.95 28.74 8.37
CA GLN A 79 -1.72 28.55 9.80
C GLN A 79 -0.46 29.31 10.23
N VAL A 80 0.58 29.13 9.44
CA VAL A 80 1.89 29.76 9.67
C VAL A 80 1.73 31.28 9.70
N ASN A 81 1.00 31.77 8.72
CA ASN A 81 0.72 33.20 8.55
C ASN A 81 0.03 33.75 9.81
N TRP A 82 -0.96 33.00 10.24
CA TRP A 82 -1.76 33.33 11.42
C TRP A 82 -0.86 33.44 12.65
N VAL A 83 0.00 32.46 12.78
CA VAL A 83 0.96 32.37 13.89
C VAL A 83 1.85 33.61 13.91
N GLU A 84 2.37 33.98 12.73
CA GLU A 84 3.22 35.15 12.61
C GLU A 84 2.48 36.30 11.92
N VAL A 85 1.68 37.02 12.69
CA VAL A 85 1.51 36.72 14.12
C VAL A 85 2.79 37.13 14.85
N GLN A 86 3.93 36.71 14.31
CA GLN A 86 5.22 37.02 14.92
C GLN A 86 5.45 38.52 15.08
N PHE A 87 5.08 39.28 14.06
CA PHE A 87 5.24 40.74 14.10
C PHE A 87 4.40 41.33 15.24
N TYR A 88 3.17 40.88 15.28
CA TYR A 88 2.19 41.32 16.30
C TYR A 88 2.73 41.04 17.70
N TRP A 89 3.24 39.83 17.85
CA TRP A 89 3.82 39.35 19.12
C TRP A 89 4.96 40.26 19.55
N LEU A 90 5.82 40.55 18.58
CA LEU A 90 6.99 41.41 18.79
C LEU A 90 6.54 42.79 19.29
N ASP A 91 5.53 43.31 18.61
CA ASP A 91 4.95 44.62 18.93
C ASP A 91 4.46 44.64 20.38
N LEU A 92 3.75 43.59 20.72
CA LEU A 92 3.18 43.40 22.06
C LEU A 92 4.29 43.43 23.11
N TYR A 93 5.34 42.68 22.80
CA TYR A 93 6.52 42.57 23.67
C TYR A 93 7.13 43.96 23.92
N GLY A 94 7.26 44.68 22.83
CA GLY A 94 7.82 46.04 22.84
C GLY A 94 7.00 46.94 23.75
N ILE A 95 5.69 46.84 23.58
CA ILE A 95 4.72 47.61 24.36
C ILE A 95 4.90 47.33 25.85
N LEU A 96 5.00 46.05 26.15
CA LEU A 96 5.19 45.56 27.52
C LEU A 96 6.44 46.16 28.14
N GLY A 97 7.50 46.12 27.35
CA GLY A 97 8.81 46.65 27.75
C GLY A 97 8.69 48.13 28.10
N GLU A 98 8.01 48.84 27.21
CA GLU A 98 7.78 50.29 27.35
C GLU A 98 7.06 50.57 28.67
N ASN A 99 6.03 49.78 28.91
CA ASN A 99 5.19 49.88 30.11
C ASN A 99 6.07 49.71 31.36
N LEU A 100 6.89 48.69 31.30
CA LEU A 100 7.82 48.34 32.40
C LEU A 100 8.74 49.53 32.70
N ASP A 101 9.27 50.08 31.62
CA ASP A 101 10.18 51.23 31.69
C ASP A 101 9.49 52.40 32.40
N ILE A 102 8.27 52.65 31.96
CA ILE A 102 7.43 53.72 32.50
C ILE A 102 7.24 53.55 34.01
N GLN A 103 6.93 52.32 34.37
CA GLN A 103 6.71 51.92 35.77
C GLN A 103 7.97 52.23 36.60
N ASN A 104 6.55 53.19 36.57
CA ASN A 104 5.24 53.81 36.73
C ASN A 104 4.10 52.95 36.18
N PHE A 105 4.26 52.45 34.96
CA PHE A 105 3.22 51.66 34.30
C PHE A 105 3.18 50.21 34.82
N LEU A 106 4.24 49.77 35.47
CA LEU A 106 4.28 48.45 36.11
C LEU A 106 3.62 48.49 37.48
N PRO A 107 3.25 49.68 37.94
CA PRO A 107 2.57 49.87 39.22
C PRO A 107 1.09 50.24 39.04
N LEU A 108 0.83 51.21 38.16
CA LEU A 108 -0.54 51.68 37.92
C LEU A 108 -1.27 50.80 36.89
N GLU A 109 -0.67 50.67 35.72
CA GLU A 109 -1.23 49.82 34.66
C GLU A 109 -0.78 48.36 34.84
N THR A 110 -0.59 47.97 36.11
CA THR A 110 -0.19 46.61 36.47
C THR A 110 -1.30 45.60 36.16
N SER A 111 -2.54 46.05 36.28
CA SER A 111 -3.70 45.23 35.92
C SER A 111 -3.80 45.02 34.41
N LYS A 112 -3.40 46.04 33.66
CA LYS A 112 -3.32 45.95 32.19
C LYS A 112 -2.12 45.11 31.76
N PHE A 113 -1.07 45.13 32.55
CA PHE A 113 0.13 44.37 32.25
C PHE A 113 0.09 42.98 32.87
N LYS A 114 -0.94 42.73 33.69
CA LYS A 114 -1.11 41.44 34.34
C LYS A 114 -1.38 39.98 34.03
N SER A 115 -2.49 39.72 33.35
CA SER A 115 -2.86 38.36 32.99
C SER A 115 -2.17 38.35 31.63
N LEU A 116 -2.56 39.11 30.80
CA LEU A 116 -2.31 39.14 29.37
C LEU A 116 -0.84 38.93 29.03
N THR A 117 0.07 39.11 29.84
CA THR A 117 1.46 38.68 29.84
C THR A 117 1.56 37.19 30.15
N SER A 118 0.89 36.77 31.22
CA SER A 118 0.90 35.36 31.65
C SER A 118 0.49 34.47 30.47
N GLU A 119 -0.58 34.89 29.82
CA GLU A 119 -1.15 34.18 28.67
C GLU A 119 -0.11 34.05 27.56
N TYR A 120 0.55 35.18 27.31
CA TYR A 120 1.59 35.28 26.29
C TYR A 120 2.71 34.29 26.58
N LYS A 121 3.12 34.28 27.83
CA LYS A 121 4.18 33.41 28.33
C LYS A 121 3.82 31.95 28.08
N MET A 122 2.58 31.63 28.42
CA MET A 122 2.03 30.28 28.26
C MET A 122 2.10 29.85 26.79
N ILE A 123 1.68 30.77 25.95
CA ILE A 123 1.67 30.57 24.48
C ILE A 123 3.09 30.25 23.99
N THR A 124 4.02 31.05 24.47
CA THR A 124 5.44 30.92 24.13
C THR A 124 5.95 29.52 24.51
N THR A 125 5.59 29.14 25.72
CA THR A 125 5.97 27.84 26.28
C THR A 125 5.46 26.71 25.38
N ARG A 126 4.20 26.85 25.01
CA ARG A 126 3.50 25.88 24.15
C ARG A 126 4.25 25.73 22.82
N ALA A 127 4.60 26.88 22.27
CA ALA A 127 5.32 26.97 20.99
C ALA A 127 6.65 26.22 21.08
N PHE A 128 7.33 26.48 22.18
CA PHE A 128 8.65 25.87 22.47
C PHE A 128 8.51 24.35 22.50
N GLN A 129 7.48 23.92 23.21
CA GLN A 129 7.16 22.49 23.37
C GLN A 129 6.96 21.84 22.00
N LEU A 130 6.17 22.52 21.19
CA LEU A 130 5.84 22.09 19.83
C LEU A 130 7.12 21.90 19.01
N ASP A 131 8.01 22.89 19.08
CA ASP A 131 9.26 22.84 18.36
C ASP A 131 9.47 21.48 17.69
N THR A 132 8.19 21.11 16.78
CA THR A 132 8.98 21.02 15.57
C THR A 132 8.12 21.17 14.33
N THR A 133 8.09 22.19 13.70
CA THR A 133 7.55 22.55 12.40
C THR A 133 6.30 21.76 12.07
N ILE A 134 5.44 21.75 13.27
CA ILE A 134 4.22 20.97 13.28
C ILE A 134 2.99 21.88 13.24
N GLU A 135 3.20 22.99 12.86
CA GLU A 135 2.12 23.95 12.78
C GLU A 135 0.96 23.43 13.61
N VAL A 136 1.25 22.93 14.61
CA VAL A 136 0.24 22.35 15.49
C VAL A 136 -0.96 23.28 15.70
N ILE A 137 -2.16 22.69 15.73
CA ILE A 137 -3.41 23.45 15.84
C ILE A 137 -3.65 24.22 17.14
N HIS A 138 -3.70 25.54 17.04
CA HIS A 138 -3.96 26.43 18.17
C HIS A 138 -4.54 27.79 17.76
N ILE A 139 -5.14 27.84 16.56
CA ILE A 139 -5.63 29.09 15.95
C ILE A 139 -6.32 30.09 16.88
N PRO A 140 -6.95 29.59 17.94
CA PRO A 140 -7.65 30.41 18.91
C PRO A 140 -6.69 31.24 19.78
N ASN A 141 -5.51 30.68 20.05
CA ASN A 141 -4.48 31.35 20.84
C ASN A 141 -3.87 32.54 20.09
N PHE A 142 -3.84 32.43 18.76
CA PHE A 142 -3.38 33.52 17.90
C PHE A 142 -4.38 34.68 17.89
N ASP A 143 -5.66 34.34 17.96
CA ASP A 143 -6.74 35.34 18.03
C ASP A 143 -6.83 35.96 19.41
N THR A 144 -6.48 35.19 20.44
CA THR A 144 -6.47 35.65 21.82
C THR A 144 -5.32 36.62 22.08
N THR A 145 -4.20 36.40 21.39
CA THR A 145 -3.03 37.28 21.48
C THR A 145 -3.27 38.59 20.74
N LEU A 146 -4.05 38.52 19.66
CA LEU A 146 -4.41 39.69 18.87
C LEU A 146 -5.45 40.55 19.59
N LYS A 147 -6.33 39.90 20.35
CA LYS A 147 -7.34 40.59 21.14
C LYS A 147 -6.73 41.27 22.37
N LEU A 148 -5.68 40.65 22.92
CA LEU A 148 -4.94 41.22 24.05
C LEU A 148 -4.10 42.41 23.63
N THR A 149 -3.60 42.37 22.39
CA THR A 149 -2.81 43.46 21.83
C THR A 149 -3.69 44.65 21.46
N ILE A 150 -4.93 44.37 21.06
CA ILE A 150 -5.92 45.39 20.74
C ILE A 150 -6.44 46.08 22.00
N ASP A 151 -6.52 45.32 23.09
CA ASP A 151 -6.95 45.84 24.39
C ASP A 151 -5.85 46.70 25.03
N SER A 152 -4.60 46.35 24.75
CA SER A 152 -3.44 47.10 25.23
C SER A 152 -3.28 48.42 24.48
N LEU A 153 -3.66 48.42 23.20
CA LEU A 153 -3.62 49.61 22.36
C LEU A 153 -4.74 50.58 22.70
N LYS A 154 -5.89 50.03 23.12
CA LYS A 154 -7.04 50.83 23.54
C LYS A 154 -6.79 51.47 24.91
N MET A 155 -6.05 50.77 25.76
CA MET A 155 -5.68 51.28 27.09
C MET A 155 -4.60 52.35 27.00
N ILE A 156 -3.74 52.25 25.98
CA ILE A 156 -2.69 53.21 25.73
C ILE A 156 -3.25 54.51 25.14
N LYS A 157 -4.33 54.38 24.36
CA LYS A 157 -4.99 55.53 23.74
C LYS A 157 -5.78 56.35 24.77
N SER A 158 -6.33 55.66 25.77
CA SER A 158 -7.08 56.32 26.85
C SER A 158 -6.14 57.03 27.82
N SER A 159 -4.95 56.47 28.01
CA SER A 159 -3.92 57.06 28.87
C SER A 159 -3.27 58.27 28.23
N LEU A 160 -3.12 58.23 26.91
CA LEU A 160 -2.56 59.35 26.13
C LEU A 160 -3.55 60.51 26.04
N SER A 161 -4.84 60.19 26.02
CA SER A 161 -5.89 61.20 26.00
C SER A 161 -6.03 61.89 27.35
N THR A 162 -5.78 61.14 28.43
CA THR A 162 -5.79 61.67 29.78
C THR A 162 -4.57 62.55 30.06
N PHE A 163 -3.45 62.20 29.44
CA PHE A 163 -2.21 62.97 29.54
C PHE A 163 -2.30 64.27 28.76
N LEU A 164 -3.02 64.24 27.63
CA LEU A 164 -3.26 65.42 26.81
C LEU A 164 -4.29 66.35 27.43
N GLU A 165 -5.25 65.77 28.15
CA GLU A 165 -6.27 66.53 28.86
C GLU A 165 -5.69 67.24 30.08
N ARG A 166 -4.65 66.64 30.67
CA ARG A 166 -3.92 67.24 31.78
C ARG A 166 -3.09 68.42 31.28
N GLN A 167 -2.24 68.17 30.28
CA GLN A 167 -1.35 69.18 29.70
C GLN A 167 -2.09 70.44 29.25
N ARG A 168 -3.31 70.25 28.74
CA ARG A 168 -3.60 71.52 29.40
C ARG A 168 -2.98 71.56 30.80
N ARG A 169 -3.45 70.68 31.68
CA ARG A 169 -3.75 70.77 33.09
C ARG A 169 -2.47 70.78 33.93
N ASP A 180 6.08 58.51 33.75
CA ASP A 180 6.52 59.87 33.52
C ASP A 180 7.48 59.97 32.33
N ASP A 181 8.39 59.00 32.24
CA ASP A 181 9.37 58.96 31.14
C ASP A 181 8.73 58.52 29.82
N LEU A 182 7.73 57.64 29.91
CA LEU A 182 7.00 57.16 28.75
C LEU A 182 6.05 58.22 28.20
N LEU A 183 5.51 59.04 29.09
CA LEU A 183 4.63 60.15 28.71
C LEU A 183 5.40 61.30 28.08
N LYS A 184 6.64 61.49 28.53
CA LYS A 184 7.52 62.53 27.98
C LYS A 184 8.05 62.14 26.60
N ILE A 185 8.23 60.84 26.38
CA ILE A 185 8.69 60.31 25.10
C ILE A 185 7.58 60.38 24.04
N ILE A 186 6.34 60.24 24.48
CA ILE A 186 5.20 60.29 23.57
C ILE A 186 5.03 61.68 22.97
N GLY A 187 5.00 62.80 23.83
CA GLY A 187 5.04 64.19 23.40
C GLY A 187 4.04 64.72 22.38
N SER A 188 2.86 65.15 22.83
CA SER A 188 2.86 65.60 24.21
C SER A 188 4.20 66.21 24.60
N GLY A 189 4.63 67.08 23.57
CA GLY A 189 5.91 67.77 23.68
C GLY A 189 5.71 69.26 23.87
N LYS A 190 4.64 69.79 23.30
CA LYS A 190 4.34 71.21 23.40
C LYS A 190 4.56 71.72 24.82
N HIS A 191 4.12 70.94 25.80
CA HIS A 191 4.28 71.31 27.21
C HIS A 191 5.66 70.92 27.75
N HIS A 192 6.20 69.82 27.23
CA HIS A 192 7.53 69.35 27.60
C HIS A 192 8.62 70.22 26.99
N ASP A 193 8.35 70.75 25.80
CA ASP A 193 9.27 71.65 25.11
C ASP A 193 9.28 73.04 25.77
N GLN A 194 8.13 73.44 26.31
CA GLN A 194 7.99 74.71 27.01
C GLN A 194 8.66 74.66 28.38
N VAL A 195 8.63 73.48 29.01
CA VAL A 195 9.28 73.26 30.30
C VAL A 195 10.80 73.18 30.17
N SER A 196 11.26 72.65 29.03
CA SER A 196 12.69 72.57 28.72
C SER A 196 13.26 73.94 28.37
N LYS A 197 12.44 74.78 27.75
CA LYS A 197 12.83 76.15 27.40
C LYS A 197 12.88 77.04 28.64
N PHE A 198 12.02 76.76 29.61
CA PHE A 198 11.99 77.48 30.88
C PHE A 198 13.18 77.10 31.76
N MET A 199 13.60 75.84 31.65
CA MET A 199 14.77 75.34 32.37
C MET A 199 16.07 75.85 31.76
N LYS A 200 16.06 76.05 30.44
CA LYS A 200 17.21 76.62 29.73
C LYS A 200 17.35 78.11 30.00
N LYS A 201 16.21 78.78 30.19
CA LYS A 201 16.20 80.20 30.55
C LYS A 201 16.61 80.40 32.01
N MET A 202 16.40 79.37 32.83
CA MET A 202 16.80 79.38 34.24
C MET A 202 18.33 79.22 34.37
N PHE A 203 18.89 78.29 33.60
CA PHE A 203 20.33 78.04 33.59
C PHE A 203 21.14 79.23 33.06
N GLY A 204 20.52 80.01 32.19
CA GLY A 204 21.13 81.20 31.61
C GLY A 204 21.19 82.36 32.60
N SER A 205 20.12 82.53 33.38
CA SER A 205 20.04 83.59 34.37
C SER A 205 20.78 83.21 35.65
N ASP A 214 10.98 83.50 41.89
CA ASP A 214 11.12 82.07 42.15
C ASP A 214 9.76 81.40 42.31
N PHE A 215 9.53 80.14 42.05
CA PHE A 215 8.34 79.29 41.94
C PHE A 215 8.54 77.98 42.71
N ILE A 216 7.86 77.89 43.86
CA ILE A 216 7.99 76.74 44.75
C ILE A 216 6.77 75.83 44.69
N THR A 217 7.02 74.52 44.74
CA THR A 217 5.96 73.51 44.71
C THR A 217 6.39 72.20 45.38
N GLY A 218 5.46 71.60 46.12
CA GLY A 218 5.64 70.30 46.78
C GLY A 218 6.88 70.20 47.68
N VAL A 219 7.03 71.04 48.63
CA VAL A 219 8.11 71.05 49.61
C VAL A 219 9.44 71.46 49.01
N ARG A 220 9.40 71.94 47.77
CA ARG A 220 10.61 72.37 47.08
C ARG A 220 10.40 73.71 46.38
N SER A 221 11.50 74.36 46.01
CA SER A 221 11.45 75.65 45.33
C SER A 221 12.61 75.81 44.35
N VAL A 222 12.28 76.12 43.11
CA VAL A 222 13.30 76.31 42.08
C VAL A 222 13.19 77.69 41.45
N GLU A 223 13.87 77.87 40.32
CA GLU A 223 13.85 79.15 39.61
C GLU A 223 15.20 79.43 38.93
N ALA A 241 -2.09 63.25 37.42
CA ALA A 241 -2.62 63.81 38.65
C ALA A 241 -1.63 64.79 39.28
N GLN A 242 -0.43 64.85 38.71
CA GLN A 242 0.60 65.75 39.22
C GLN A 242 0.89 66.88 38.24
N GLU A 243 0.30 66.78 37.05
CA GLU A 243 0.49 67.80 36.02
C GLU A 243 -0.32 69.06 36.33
N TRP A 244 -1.45 68.90 36.99
CA TRP A 244 -2.31 70.01 37.40
C TRP A 244 -1.68 70.80 38.55
N LEU A 245 -0.95 70.11 39.42
CA LEU A 245 -0.24 70.74 40.53
C LEU A 245 1.00 71.48 40.03
N ASN A 246 1.61 70.97 38.97
CA ASN A 246 2.78 71.60 38.33
C ASN A 246 2.38 72.84 37.54
N ILE A 247 1.18 72.80 36.96
CA ILE A 247 0.64 73.94 36.21
C ILE A 247 0.19 75.06 37.14
N LEU A 248 -0.29 74.69 38.32
CA LEU A 248 -0.69 75.65 39.35
C LEU A 248 0.52 76.33 39.99
N ASP A 249 1.61 75.59 40.10
CA ASP A 249 2.87 76.11 40.63
C ASP A 249 3.56 77.04 39.64
N THR A 250 3.39 76.76 38.35
CA THR A 250 3.92 77.59 37.28
C THR A 250 3.14 78.89 37.13
N GLU A 251 1.83 78.83 37.41
CA GLU A 251 0.96 80.00 37.39
C GLU A 251 1.21 80.90 38.59
N ILE A 252 1.59 80.30 39.73
CA ILE A 252 1.93 81.03 40.94
C ILE A 252 3.27 81.73 40.81
N LYS A 253 4.20 81.11 40.08
CA LYS A 253 5.51 81.68 39.81
C LYS A 253 5.45 82.83 38.81
N LEU A 254 4.51 82.74 37.88
CA LEU A 254 4.28 83.79 36.88
C LEU A 254 3.60 85.00 37.50
N SER A 255 2.75 84.75 38.49
CA SER A 255 2.06 85.82 39.23
C SER A 255 3.00 86.53 40.19
N VAL A 256 3.99 85.80 40.71
CA VAL A 256 5.01 86.35 41.60
C VAL A 256 6.02 87.20 40.85
N PHE A 257 6.28 86.84 39.59
CA PHE A 257 7.19 87.58 38.72
C PHE A 257 6.60 88.91 38.26
N THR A 258 5.28 88.93 38.05
CA THR A 258 4.57 90.14 37.66
C THR A 258 4.43 91.11 38.82
N GLN A 259 4.32 90.57 40.03
CA GLN A 259 4.21 91.38 41.25
C GLN A 259 5.56 92.00 41.63
N PHE A 260 6.64 91.25 41.37
CA PHE A 260 7.99 91.72 41.64
C PHE A 260 8.43 92.79 40.64
N ARG A 261 7.92 92.68 39.41
CA ARG A 261 8.18 93.66 38.36
C ARG A 261 7.44 94.96 38.62
N ASP A 262 6.24 94.85 39.22
CA ASP A 262 5.44 96.02 39.59
C ASP A 262 6.03 96.72 40.81
N CYS A 263 6.64 95.96 41.70
CA CYS A 263 7.31 96.50 42.88
C CYS A 263 8.62 97.20 42.52
N LEU A 264 9.29 96.68 41.48
CA LEU A 264 10.52 97.28 40.97
C LEU A 264 10.24 98.54 40.15
N GLY A 265 9.09 98.54 39.47
CA GLY A 265 8.65 99.70 38.69
C GLY A 265 8.21 100.85 39.59
N GLN A 266 7.71 100.50 40.77
CA GLN A 266 7.35 101.49 41.79
C GLN A 266 8.61 102.11 42.39
N LEU A 267 9.48 101.27 42.93
CA LEU A 267 10.72 101.74 43.54
C LEU A 267 11.75 102.10 42.47
N LYS A 268 11.36 101.94 41.21
CA LYS A 268 12.22 102.28 40.10
C LYS A 268 11.75 103.59 39.50
N ASP A 269 10.46 103.88 39.69
CA ASP A 269 9.87 105.12 39.19
C ASP A 269 10.50 106.50 39.27
N GLY A 270 11.15 106.49 40.75
CA GLY A 270 10.52 105.69 41.80
C GLY A 270 10.72 106.82 42.81
N THR A 271 11.73 107.74 42.72
CA THR A 271 12.73 106.88 42.10
C THR A 271 14.01 106.34 42.72
N ASP A 272 14.90 105.38 41.88
CA ASP A 272 14.11 104.87 40.78
C ASP A 272 15.30 105.10 39.87
N ILE A 273 15.81 104.76 39.05
CA ILE A 273 15.15 103.54 38.58
C ILE A 273 16.60 103.03 38.69
N GLU A 274 17.38 103.30 37.66
CA GLU A 274 18.78 102.87 37.64
C GLU A 274 19.03 101.76 38.64
N VAL A 275 19.24 102.14 39.90
CA VAL A 275 19.51 101.16 40.97
C VAL A 275 18.35 100.18 41.13
N VAL A 276 17.13 100.66 40.88
CA VAL A 276 15.93 99.84 40.95
C VAL A 276 15.82 98.89 39.76
N VAL A 277 16.33 99.32 38.61
CA VAL A 277 16.34 98.52 37.39
C VAL A 277 17.38 97.39 37.46
N SER A 278 18.48 97.66 38.17
CA SER A 278 19.54 96.67 38.36
C SER A 278 19.16 95.59 39.36
N LYS A 279 18.36 95.97 40.36
CA LYS A 279 17.90 95.05 41.40
C LYS A 279 16.78 94.14 40.90
N TYR A 280 15.87 94.71 40.13
CA TYR A 280 14.74 93.96 39.56
C TYR A 280 14.91 93.72 38.06
N ILE A 281 16.13 93.30 37.69
CA ILE A 281 16.48 93.09 36.29
C ILE A 281 15.61 92.02 35.60
N PHE A 282 14.62 92.49 34.85
CA PHE A 282 13.67 91.62 34.14
C PHE A 282 13.09 92.44 32.99
N GLN A 283 11.89 92.08 32.55
CA GLN A 283 11.23 92.73 31.41
C GLN A 283 10.04 93.65 31.71
N ALA A 284 9.55 93.63 32.93
CA ALA A 284 8.41 94.45 33.36
C ALA A 284 8.76 95.93 33.43
N ILE A 285 10.05 96.22 33.63
CA ILE A 285 10.54 97.60 33.68
C ILE A 285 10.56 98.25 32.30
N LEU A 286 10.71 97.43 31.27
CA LEU A 286 10.71 97.90 29.88
C LEU A 286 9.33 98.38 29.43
N LEU A 287 8.29 97.74 29.96
CA LEU A 287 6.91 98.14 29.68
C LEU A 287 6.54 99.42 30.43
N SER A 288 7.14 99.61 31.61
CA SER A 288 6.95 100.82 32.40
C SER A 288 7.70 102.00 31.80
N ALA A 289 8.84 101.72 31.17
CA ALA A 289 9.64 102.74 30.49
C ALA A 289 8.98 103.20 29.19
N GLN A 290 8.28 102.27 28.54
CA GLN A 290 7.53 102.57 27.32
C GLN A 290 6.27 103.39 27.61
N VAL A 291 5.68 103.15 28.78
CA VAL A 291 4.50 103.89 29.23
C VAL A 291 4.86 105.29 29.69
N MET A 292 6.07 105.45 30.24
CA MET A 292 6.58 106.74 30.67
C MET A 292 6.99 107.60 29.47
N TRP A 293 7.47 106.95 28.41
CA TRP A 293 7.84 107.63 27.17
C TRP A 293 6.61 108.08 26.39
N THR A 294 5.53 107.29 26.49
CA THR A 294 4.26 107.62 25.85
C THR A 294 3.55 108.77 26.57
N GLU A 295 3.74 108.84 27.88
CA GLU A 295 3.18 109.91 28.70
C GLU A 295 3.92 111.23 28.50
N LEU A 296 5.23 111.12 28.22
CA LEU A 296 6.06 112.29 27.94
C LEU A 296 5.77 112.85 26.54
N VAL A 297 5.42 111.98 25.62
CA VAL A 297 5.06 112.36 24.24
C VAL A 297 3.69 113.02 24.19
N GLU A 298 2.79 112.59 25.08
CA GLU A 298 1.44 113.14 25.18
C GLU A 298 1.46 114.53 25.83
N LYS A 299 2.40 114.74 26.74
CA LYS A 299 2.57 116.03 27.42
C LYS A 299 3.22 117.07 26.51
N CYS A 300 4.08 116.61 25.61
CA CYS A 300 4.77 117.49 24.67
C CYS A 300 3.86 117.89 23.51
N LYS A 308 12.68 117.99 26.94
CA LYS A 308 12.54 116.68 26.32
C LYS A 308 13.84 116.18 25.70
N TYR A 309 14.57 117.08 25.04
CA TYR A 309 15.85 116.76 24.41
C TYR A 309 16.97 116.62 25.44
N TRP A 310 16.89 117.41 26.52
CA TRP A 310 17.88 117.36 27.60
C TRP A 310 17.68 116.12 28.47
N LYS A 311 16.44 115.67 28.61
CA LYS A 311 16.10 114.48 29.37
C LYS A 311 16.50 113.20 28.61
N GLU A 312 16.43 113.25 27.29
CA GLU A 312 16.83 112.15 26.43
C GLU A 312 18.35 112.00 26.38
N VAL A 313 19.05 113.12 26.48
CA VAL A 313 20.51 113.14 26.50
C VAL A 313 21.05 112.63 27.84
N ASP A 314 20.30 112.90 28.91
CA ASP A 314 20.66 112.45 30.25
C ASP A 314 20.41 110.95 30.42
N MET A 315 19.38 110.44 29.72
CA MET A 315 19.06 109.02 29.72
C MET A 315 20.07 108.21 28.89
N LYS A 316 20.60 108.84 27.84
CA LYS A 316 21.62 108.23 26.99
C LYS A 316 22.98 108.20 27.69
N ILE A 317 23.24 109.20 28.53
CA ILE A 317 24.47 109.27 29.32
C ILE A 317 24.45 108.27 30.47
N LYS A 318 23.25 108.01 31.01
CA LYS A 318 23.07 107.04 32.09
C LYS A 318 23.17 105.61 31.56
N GLY A 319 22.74 105.40 30.32
CA GLY A 319 22.83 104.10 29.66
C GLY A 319 24.27 103.78 29.25
N LEU A 320 25.04 104.82 28.92
CA LEU A 320 26.44 104.67 28.56
C LEU A 320 27.30 104.40 29.79
N LEU A 321 26.89 104.96 30.93
CA LEU A 321 27.57 104.75 32.21
C LEU A 321 27.29 103.35 32.76
N ASP A 322 26.10 102.82 32.48
CA ASP A 322 25.72 101.47 32.89
C ASP A 322 26.41 100.41 32.04
N LYS A 323 26.67 100.74 30.78
CA LYS A 323 27.38 99.85 29.86
C LYS A 323 28.87 99.80 30.16
N LEU A 324 29.40 100.91 30.68
CA LEU A 324 30.81 101.00 31.06
C LEU A 324 31.11 100.25 32.35
N ASN A 325 30.10 100.17 33.23
CA ASN A 325 30.23 99.46 34.50
C ASN A 325 30.19 97.94 34.32
N LYS A 326 29.38 97.49 33.37
CA LYS A 326 29.25 96.06 33.10
C LYS A 326 30.48 95.51 32.38
N SER A 328 27.57 90.01 35.48
CA SER A 328 26.55 90.58 34.62
C SER A 328 25.17 90.01 34.93
N ASP A 329 24.91 88.79 34.44
CA ASP A 329 25.89 88.06 33.66
C ASP A 329 25.54 88.08 32.17
N ASN A 330 24.57 87.24 31.79
CA ASN A 330 24.13 87.16 30.41
C ASN A 330 22.74 87.75 30.23
N VAL A 331 21.90 87.57 31.24
CA VAL A 331 20.54 88.13 31.25
C VAL A 331 20.56 89.63 31.57
N LYS A 332 21.55 90.04 32.35
CA LYS A 332 21.73 91.45 32.70
C LYS A 332 22.25 92.27 31.52
N LYS A 333 23.06 91.63 30.68
CA LYS A 333 23.59 92.25 29.47
C LYS A 333 22.50 92.35 28.39
N LYS A 334 21.58 91.39 28.38
CA LYS A 334 20.46 91.38 27.45
C LYS A 334 19.39 92.41 27.84
N ILE A 335 19.25 92.63 29.14
CA ILE A 335 18.32 93.63 29.68
C ILE A 335 18.83 95.05 29.46
N GLU A 336 20.16 95.21 29.49
CA GLU A 336 20.81 96.49 29.24
C GLU A 336 20.76 96.86 27.76
N ALA A 337 20.81 95.83 26.90
CA ALA A 337 20.72 96.02 25.46
C ALA A 337 19.28 96.35 25.03
N LEU A 338 18.31 95.79 25.76
CA LEU A 338 16.90 96.06 25.51
C LEU A 338 16.51 97.46 25.98
N LEU A 339 17.16 97.93 27.04
CA LEU A 339 16.95 99.28 27.57
C LEU A 339 17.58 100.35 26.67
N VAL A 340 18.69 99.97 26.03
CA VAL A 340 19.39 100.85 25.08
C VAL A 340 18.60 100.97 23.76
N GLU A 341 17.92 99.89 23.38
CA GLU A 341 17.10 99.88 22.18
C GLU A 341 15.80 100.65 22.38
N TYR A 342 15.28 100.64 23.61
CA TYR A 342 14.08 101.38 23.97
C TYR A 342 14.37 102.88 24.06
N LEU A 343 15.58 103.23 24.48
CA LEU A 343 16.02 104.62 24.56
C LEU A 343 16.30 105.21 23.18
N HIS A 344 16.75 104.34 22.27
CA HIS A 344 17.03 104.72 20.88
C HIS A 344 15.74 104.94 20.09
N PHE A 345 14.70 104.18 20.44
CA PHE A 345 13.39 104.28 19.80
C PHE A 345 12.66 105.55 20.22
N ASN A 346 12.85 105.97 21.46
CA ASN A 346 12.25 107.20 21.99
C ASN A 346 12.94 108.44 21.44
N ASN A 347 14.24 108.33 21.17
CA ASN A 347 15.03 109.43 20.61
C ASN A 347 14.74 109.61 19.12
N VAL A 348 14.48 108.50 18.43
CA VAL A 348 14.13 108.52 17.00
C VAL A 348 12.71 109.05 16.79
N ILE A 349 11.84 108.79 17.75
CA ILE A 349 10.46 109.28 17.71
C ILE A 349 10.41 110.80 17.97
N GLY A 350 11.33 111.27 18.83
CA GLY A 350 11.44 112.69 19.14
C GLY A 350 12.07 113.47 17.97
N GLN A 351 12.97 112.81 17.24
CA GLN A 351 13.59 113.39 16.06
C GLN A 351 12.62 113.46 14.89
N ARG A 362 2.16 119.14 13.96
CA ARG A 362 1.47 118.18 13.09
C ARG A 362 2.40 117.08 12.60
N LEU A 363 3.69 117.42 12.45
CA LEU A 363 4.73 116.45 12.09
C LEU A 363 5.01 115.48 13.23
N LEU A 364 4.93 115.99 14.47
CA LEU A 364 5.10 115.17 15.66
C LEU A 364 3.88 114.32 15.94
N TRP A 365 2.70 114.83 15.57
CA TRP A 365 1.43 114.11 15.72
C TRP A 365 1.31 112.95 14.74
N ALA A 366 1.89 113.14 13.55
CA ALA A 366 1.92 112.09 12.52
C ALA A 366 2.92 110.99 12.89
N LYS A 367 4.00 111.37 13.56
CA LYS A 367 5.02 110.44 14.03
C LYS A 367 4.53 109.62 15.22
N VAL A 368 3.70 110.24 16.05
CA VAL A 368 3.09 109.57 17.21
C VAL A 368 2.00 108.60 16.80
N GLN A 369 1.30 108.93 15.71
CA GLN A 369 0.26 108.07 15.14
C GLN A 369 0.87 106.87 14.43
N LYS A 370 2.04 107.06 13.84
CA LYS A 370 2.78 105.98 13.18
C LYS A 370 3.41 105.02 14.19
N PHE A 371 3.80 105.56 15.35
CA PHE A 371 4.36 104.77 16.44
C PHE A 371 3.28 103.95 17.15
N TYR A 372 2.06 104.49 17.19
CA TYR A 372 0.94 103.81 17.83
C TYR A 372 0.99 102.31 17.57
N LEU A 381 -6.48 100.97 19.49
CA LEU A 381 -6.25 99.58 19.10
C LEU A 381 -5.45 98.83 20.16
N ASN A 382 -5.29 99.46 21.32
CA ASN A 382 -4.54 98.86 22.42
C ASN A 382 -4.99 97.42 22.66
N SER A 383 -4.07 96.59 23.15
CA SER A 383 -4.37 95.19 23.44
C SER A 383 -3.73 94.73 24.74
N VAL A 384 -4.54 94.55 25.77
CA VAL A 384 -4.06 94.13 27.07
C VAL A 384 -4.22 92.62 27.22
N PHE A 385 -4.25 92.14 28.46
CA PHE A 385 -4.39 90.72 28.75
C PHE A 385 -3.52 90.33 29.92
N ILE A 386 -4.06 89.53 30.83
CA ILE A 386 -3.32 89.08 32.01
C ILE A 386 -3.21 90.19 33.05
N SER A 387 -4.30 90.92 33.25
CA SER A 387 -4.33 92.00 34.21
C SER A 387 -3.47 93.18 33.78
N GLN A 388 -3.02 93.15 32.53
CA GLN A 388 -2.19 94.21 31.99
C GLN A 388 -2.66 94.63 30.60
N SER A 389 -2.20 95.79 30.15
CA SER A 389 -2.58 96.30 28.83
C SER A 389 -1.44 97.13 28.23
N GLY A 390 -1.04 96.77 27.01
CA GLY A 390 0.02 97.48 26.31
C GLY A 390 -0.44 98.01 24.97
N TYR A 391 0.48 98.75 24.22
CA TYR A 391 0.18 98.96 22.81
C TYR A 391 1.26 99.29 21.79
N LEU A 411 1.17 100.75 21.50
CA LEU A 411 2.12 101.36 20.59
C LEU A 411 2.93 101.13 19.31
N LEU A 412 2.35 100.40 18.37
CA LEU A 412 3.01 100.12 17.10
C LEU A 412 3.45 98.67 17.29
N LEU A 413 13.94 101.96 11.02
CA LEU A 413 13.24 101.34 9.91
C LEU A 413 12.95 99.87 10.22
N ILE A 414 13.92 99.20 10.84
CA ILE A 414 13.78 97.79 11.17
C ILE A 414 12.64 97.59 12.18
N GLY A 415 12.54 98.51 13.13
CA GLY A 415 11.51 98.44 14.16
C GLY A 415 10.13 98.73 13.56
N PHE A 416 10.08 99.70 12.65
CA PHE A 416 8.83 100.07 12.00
C PHE A 416 8.30 98.92 11.15
N ALA A 417 9.20 98.25 10.44
CA ALA A 417 8.83 97.13 9.58
C ALA A 417 8.36 95.93 10.40
N THR A 418 8.95 95.76 11.59
CA THR A 418 8.58 94.66 12.47
C THR A 418 7.31 94.97 13.22
N LEU A 419 7.39 95.93 14.15
CA LEU A 419 6.23 96.32 14.94
C LEU A 419 4.99 96.43 14.06
N THR A 420 5.21 96.66 12.77
CA THR A 420 4.12 96.79 11.81
C THR A 420 3.61 95.42 11.35
N ASP A 421 4.55 94.49 11.14
CA ASP A 421 4.20 93.15 10.70
C ASP A 421 3.25 92.47 11.67
N SER A 422 3.54 92.57 12.96
CA SER A 422 2.71 91.97 13.99
C SER A 422 1.40 92.71 14.17
N LEU A 423 1.39 93.99 13.79
CA LEU A 423 0.20 94.81 13.90
C LEU A 423 -0.79 94.52 12.77
N HIS A 424 -0.25 94.16 11.61
CA HIS A 424 -1.09 93.85 10.45
C HIS A 424 -1.80 92.52 10.61
N GLN A 425 -1.04 91.49 11.00
CA GLN A 425 -1.60 90.16 11.20
C GLN A 425 -2.11 89.98 12.63
N LYS A 426 -2.77 90.91 13.16
CA LYS A 426 -3.29 90.86 14.52
C LYS A 426 -4.09 89.59 14.76
N TYR A 427 -4.03 89.20 13.59
CA TYR A 427 -4.76 87.93 13.69
C TYR A 427 -4.67 87.15 12.38
N GLY A 428 -4.08 85.85 12.67
CA GLY A 428 -3.96 85.00 11.49
C GLY A 428 -3.02 85.34 10.33
N GLY A 429 -1.92 85.71 10.84
CA GLY A 429 -0.97 86.11 9.81
C GLY A 429 -0.20 85.13 8.93
N CYS A 430 0.09 85.55 7.70
CA CYS A 430 0.87 84.75 6.76
C CYS A 430 2.11 85.55 6.32
N PHE A 431 3.28 85.14 6.81
CA PHE A 431 4.52 85.82 6.46
C PHE A 431 5.14 85.23 5.19
N PHE A 432 5.36 86.09 4.19
CA PHE A 432 5.92 85.65 2.92
C PHE A 432 7.20 86.43 2.61
N GLY A 433 8.40 85.79 2.34
CA GLY A 433 9.65 86.41 1.98
C GLY A 433 10.76 85.41 1.76
N PRO A 434 11.86 85.85 1.13
CA PRO A 434 13.04 85.02 0.86
C PRO A 434 13.66 84.48 2.14
N ALA A 435 14.45 83.41 2.01
CA ALA A 435 15.15 82.86 3.15
C ALA A 435 16.18 83.87 3.64
N GLY A 436 16.27 84.04 4.95
CA GLY A 436 17.21 84.97 5.55
C GLY A 436 16.76 86.42 5.40
N THR A 437 15.56 86.58 5.61
CA THR A 437 15.00 87.91 5.49
C THR A 437 14.63 88.49 6.85
N GLY A 438 14.69 88.00 7.85
CA GLY A 438 14.06 88.04 9.17
C GLY A 438 12.84 87.15 9.29
N LYS A 439 12.35 86.54 8.77
CA LYS A 439 11.10 85.89 9.18
C LYS A 439 11.24 85.16 10.50
N THR A 440 11.88 84.47 10.88
CA THR A 440 12.01 83.76 12.15
C THR A 440 12.33 84.72 13.29
N GLU A 441 12.93 85.81 12.86
CA GLU A 441 13.29 86.78 13.88
C GLU A 441 12.10 87.62 14.30
N THR A 442 11.38 88.17 13.32
CA THR A 442 10.18 88.96 13.57
C THR A 442 9.24 88.22 14.50
N VAL A 443 8.98 86.96 14.21
CA VAL A 443 8.08 86.14 15.01
C VAL A 443 8.58 86.00 16.44
N LYS A 444 9.83 85.60 16.60
CA LYS A 444 10.44 85.44 17.91
C LYS A 444 10.40 86.75 18.70
N ALA A 445 10.64 87.85 17.99
CA ALA A 445 10.72 89.16 18.63
C ALA A 445 9.40 89.61 19.23
N PHE A 446 8.35 89.68 18.41
CA PHE A 446 7.06 90.14 18.89
C PHE A 446 6.49 89.22 19.97
N GLY A 447 6.98 88.01 20.02
CA GLY A 447 6.66 87.14 21.15
C GLY A 447 7.80 87.06 22.15
N GLN A 448 8.16 88.19 22.73
CA GLN A 448 9.23 88.23 23.72
C GLN A 448 8.73 88.78 25.06
N ASN A 449 8.05 89.89 25.03
CA ASN A 449 7.47 90.49 26.23
C ASN A 449 6.34 89.66 26.84
N LEU A 450 5.50 89.10 26.28
CA LEU A 450 4.16 88.72 26.70
C LEU A 450 4.18 87.48 27.57
N GLY A 451 4.41 86.30 27.50
CA GLY A 451 4.54 84.96 28.07
C GLY A 451 5.74 84.23 27.48
N ARG A 452 2.42 83.28 27.32
CA ARG A 452 3.58 82.62 26.75
C ARG A 452 4.38 81.90 27.83
N VAL A 453 5.33 82.43 26.45
CA VAL A 453 6.14 82.00 25.31
C VAL A 453 7.39 81.37 24.72
N VAL A 454 6.68 81.76 23.37
CA VAL A 454 6.86 81.64 21.92
C VAL A 454 7.50 80.69 20.91
N VAL A 455 6.92 79.41 20.97
CA VAL A 455 7.40 78.35 20.09
C VAL A 455 7.51 78.25 18.57
N VAL A 456 8.54 77.56 18.10
CA VAL A 456 8.75 77.36 16.67
C VAL A 456 8.38 75.93 16.27
N PHE A 457 8.01 75.76 15.01
CA PHE A 457 7.71 74.45 14.45
C PHE A 457 7.95 74.48 12.95
N ASN A 458 9.28 73.90 12.34
CA ASN A 458 10.16 73.83 11.19
C ASN A 458 10.23 72.53 10.39
N CYS A 459 11.12 71.54 10.81
CA CYS A 459 11.24 70.19 10.26
C CYS A 459 11.84 70.10 8.86
N ASP A 460 11.11 70.81 7.93
CA ASP A 460 11.48 70.91 6.52
C ASP A 460 11.23 69.56 5.87
N ASP A 461 12.14 68.66 6.65
CA ASP A 461 11.75 67.31 6.24
C ASP A 461 11.93 66.52 7.53
N SER A 462 13.23 66.31 7.89
CA SER A 462 13.76 65.54 9.00
C SER A 462 13.06 66.66 9.75
N PHE A 463 11.55 66.47 9.56
CA PHE A 463 10.44 66.73 10.47
C PHE A 463 9.19 66.01 9.98
N ASP A 464 8.02 66.14 10.42
CA ASP A 464 6.72 65.49 10.31
C ASP A 464 6.43 64.84 8.95
N TYR A 465 5.94 63.55 9.37
CA TYR A 465 4.72 63.90 10.09
C TYR A 465 4.02 63.72 11.44
N GLN A 466 4.12 62.29 11.91
CA GLN A 466 3.42 61.90 13.13
C GLN A 466 3.72 62.88 14.25
N VAL A 467 4.97 63.32 14.33
CA VAL A 467 5.39 64.26 15.37
C VAL A 467 4.78 65.64 15.12
N LEU A 468 4.73 66.04 13.86
CA LEU A 468 4.17 67.34 13.48
C LEU A 468 2.69 67.40 13.80
N SER A 469 1.98 66.31 13.53
CA SER A 469 0.55 66.23 13.78
C SER A 469 0.25 66.22 15.28
N ARG A 470 1.14 65.61 16.05
CA ARG A 470 0.97 65.54 17.50
C ARG A 470 1.38 66.85 18.16
N LEU A 471 2.68 67.14 18.13
CA LEU A 471 3.20 68.36 18.73
C LEU A 471 2.32 69.55 18.37
N LEU A 472 1.59 69.42 17.26
CA LEU A 472 0.70 70.48 16.81
C LEU A 472 -0.64 70.44 17.53
N VAL A 473 -1.14 69.23 17.76
CA VAL A 473 -2.41 69.05 18.45
C VAL A 473 -2.40 69.68 19.84
N GLY A 474 -1.33 69.45 20.58
CA GLY A 474 -1.19 69.99 21.93
C GLY A 474 -0.94 71.49 21.89
N ILE A 475 -0.39 71.98 20.78
CA ILE A 475 -0.09 73.39 20.62
C ILE A 475 -1.35 74.19 20.29
N THR A 476 -2.28 73.56 19.59
CA THR A 476 -3.54 74.20 19.21
C THR A 476 -4.46 74.37 20.41
N GLN A 477 -4.64 73.28 21.16
CA GLN A 477 -5.50 73.31 22.34
C GLN A 477 -4.71 73.72 23.59
N ILE A 478 -3.69 74.53 23.30
CA ILE A 478 -2.75 75.10 24.25
C ILE A 478 -2.83 76.61 24.15
N GLY A 479 -3.09 77.10 22.95
CA GLY A 479 -3.21 78.54 22.71
C GLY A 479 -2.30 78.98 21.57
N ALA A 480 -1.62 80.11 21.77
CA ALA A 480 -0.71 80.64 20.76
C ALA A 480 0.46 81.37 21.41
N TRP A 481 1.23 82.08 20.59
CA TRP A 481 0.74 82.16 19.21
C TRP A 481 1.03 80.87 18.46
N GLY A 482 2.66 80.82 18.04
CA GLY A 482 3.22 79.65 17.36
C GLY A 482 3.64 79.98 15.94
N CYS A 483 4.93 79.79 15.64
CA CYS A 483 5.46 80.08 14.32
C CYS A 483 5.74 78.80 13.52
N PHE A 484 5.11 78.66 12.36
CA PHE A 484 5.58 77.69 11.37
C PHE A 484 6.07 78.44 10.12
N ASP A 485 7.49 78.26 9.93
CA ASP A 485 8.09 78.94 8.78
C ASP A 485 7.68 78.35 7.43
N GLU A 486 7.56 77.20 7.30
CA GLU A 486 7.92 76.36 8.44
C GLU A 486 9.36 76.61 8.88
N PHE A 487 9.90 76.64 7.94
CA PHE A 487 10.22 76.16 6.59
C PHE A 487 9.08 75.52 5.83
N ASN A 488 7.94 76.63 5.92
CA ASN A 488 6.57 76.28 5.53
C ASN A 488 6.50 75.63 4.15
N ARG A 489 7.47 75.95 3.29
CA ARG A 489 7.53 75.42 1.93
C ARG A 489 8.32 74.12 1.83
N LEU A 490 8.66 73.55 2.98
CA LEU A 490 9.43 72.30 3.04
C LEU A 490 8.55 71.09 3.37
N ASP A 491 7.34 71.35 3.89
CA ASP A 491 6.40 70.31 4.27
C ASP A 491 5.77 69.62 3.05
N GLU A 492 5.26 68.40 3.27
CA GLU A 492 4.64 67.61 2.20
C GLU A 492 3.19 68.00 1.98
N LYS A 493 2.53 67.32 1.04
CA LYS A 493 1.14 67.58 0.73
C LYS A 493 0.23 67.26 1.91
N VAL A 494 0.54 66.16 2.60
CA VAL A 494 -0.24 65.74 3.76
C VAL A 494 -0.15 66.77 4.88
N LEU A 495 1.04 67.34 5.06
CA LEU A 495 1.26 68.34 6.09
C LEU A 495 0.55 69.65 5.75
N SER A 496 0.60 70.01 4.47
CA SER A 496 -0.03 71.24 4.00
C SER A 496 -1.55 71.17 4.16
N ALA A 497 -2.11 70.00 3.85
CA ALA A 497 -3.55 69.79 3.96
C ALA A 497 -4.01 69.79 5.41
N VAL A 498 -3.15 69.30 6.30
CA VAL A 498 -3.45 69.25 7.72
C VAL A 498 -3.24 70.60 8.37
N SER A 499 -1.98 71.02 8.47
CA SER A 499 -1.64 72.30 9.07
C SER A 499 -2.59 73.38 8.59
N ALA A 500 -3.18 73.16 7.42
CA ALA A 500 -4.11 74.12 6.83
C ALA A 500 -5.51 73.97 7.42
N ASN A 501 -5.93 72.72 7.64
CA ASN A 501 -7.24 72.43 8.20
C ASN A 501 -7.43 73.10 9.56
N ILE A 502 -6.42 73.00 10.41
CA ILE A 502 -6.48 73.58 11.74
C ILE A 502 -6.36 75.10 11.68
N GLN A 503 -5.75 75.60 10.62
CA GLN A 503 -5.57 77.04 10.44
C GLN A 503 -6.85 77.70 9.96
N GLN A 504 -7.64 76.96 9.18
CA GLN A 504 -8.90 77.47 8.66
C GLN A 504 -9.96 77.58 9.75
N ILE A 505 -10.12 76.51 10.52
CA ILE A 505 -11.09 76.48 11.60
C ILE A 505 -10.48 76.99 12.90
N GLN A 506 -9.52 77.89 12.70
CA GLN A 506 -8.73 78.58 13.72
C GLN A 506 -8.96 80.06 13.56
N ASN A 507 -9.12 80.49 12.31
CA ASN A 507 -9.33 81.89 12.04
C ASN A 507 -10.82 82.17 11.82
N GLY A 508 -11.50 81.30 11.08
CA GLY A 508 -12.93 81.49 10.81
C GLY A 508 -13.78 80.97 11.97
N LEU A 509 -13.25 80.08 12.53
CA LEU A 509 -13.99 79.52 13.46
C LEU A 509 -13.39 79.98 14.46
N GLN A 510 -12.11 80.42 14.44
CA GLN A 510 -11.37 80.85 15.55
C GLN A 510 -12.41 81.46 16.28
N VAL A 511 -13.51 82.11 15.65
CA VAL A 511 -14.54 82.73 16.45
C VAL A 511 -15.77 81.86 16.53
N GLY A 512 -15.92 80.92 15.60
CA GLY A 512 -17.07 80.04 15.58
C GLY A 512 -17.17 79.25 16.88
N LYS A 513 -18.32 78.64 17.13
CA LYS A 513 -18.50 77.85 18.35
C LYS A 513 -18.36 76.32 18.19
N SER A 514 -18.27 75.61 19.33
CA SER A 514 -17.84 74.20 19.39
C SER A 514 -16.35 73.83 19.27
N HIS A 515 -15.56 74.34 18.95
CA HIS A 515 -14.19 73.82 18.99
C HIS A 515 -13.89 72.36 18.56
N ILE A 516 -14.23 71.86 17.45
CA ILE A 516 -13.98 70.48 17.01
C ILE A 516 -13.07 70.39 15.78
N THR A 517 -12.07 69.50 15.80
CA THR A 517 -11.19 69.40 14.65
C THR A 517 -11.03 67.93 14.29
N LEU A 518 -11.94 67.42 13.46
CA LEU A 518 -11.91 66.02 13.04
C LEU A 518 -11.14 65.79 11.74
N LEU A 519 -9.82 65.88 11.82
CA LEU A 519 -8.98 65.68 10.64
C LEU A 519 -8.15 64.39 10.74
N GLU A 520 -8.07 63.67 9.63
CA GLU A 520 -7.26 62.44 9.50
C GLU A 520 -7.56 61.36 10.55
N GLU A 521 -8.85 61.13 10.80
CA GLU A 521 -9.29 60.10 11.75
C GLU A 521 -9.08 60.45 13.21
N GLU A 522 -9.24 61.84 13.31
CA GLU A 522 -9.12 62.34 14.62
C GLU A 522 -9.90 63.69 14.81
N THR A 523 -10.57 63.84 15.95
CA THR A 523 -11.32 65.08 16.28
C THR A 523 -10.60 65.89 17.31
N PRO A 524 -10.72 67.21 17.24
CA PRO A 524 -10.05 68.09 18.18
C PRO A 524 -10.80 69.38 18.39
N LEU A 525 -10.27 70.00 19.59
CA LEU A 525 -10.94 71.21 19.95
C LEU A 525 -10.81 72.61 20.63
N SER A 526 -9.92 72.77 21.38
CA SER A 526 -9.52 73.33 22.66
C SER A 526 -8.96 74.74 22.54
N PRO A 527 -9.45 75.79 23.18
CA PRO A 527 -8.97 77.17 22.80
C PRO A 527 -7.43 77.50 22.76
N HIS A 528 -7.13 78.26 21.69
CA HIS A 528 -5.74 78.54 21.32
C HIS A 528 -5.38 79.96 20.83
N THR A 529 -4.36 80.20 20.76
CA THR A 529 -3.73 81.48 20.37
C THR A 529 -3.55 81.71 18.86
N ALA A 530 -2.39 82.84 18.96
CA ALA A 530 -2.12 83.32 17.59
C ALA A 530 -1.08 82.53 16.78
N VAL A 531 -1.23 82.56 15.46
CA VAL A 531 -0.48 81.71 14.55
C VAL A 531 0.19 82.52 13.44
N PHE A 532 1.50 82.40 13.33
CA PHE A 532 2.25 83.03 12.24
C PHE A 532 2.90 81.96 11.39
N ILE A 533 2.68 82.03 10.08
CA ILE A 533 3.21 81.02 9.17
C ILE A 533 4.10 81.61 8.09
N THR A 534 5.37 81.36 8.21
CA THR A 534 6.33 81.92 7.27
C THR A 534 6.66 80.97 6.12
N LEU A 535 7.16 81.43 5.01
CA LEU A 535 7.54 80.63 3.86
C LEU A 535 8.20 81.47 2.79
N LEU A 545 2.12 78.56 -1.24
CA LEU A 545 1.16 78.56 -0.14
C LEU A 545 -0.25 78.25 -0.64
N PRO A 546 -0.95 77.36 0.06
CA PRO A 546 -2.31 76.98 -0.31
C PRO A 546 -3.29 78.11 -0.05
N GLU A 547 -4.31 78.23 -0.91
CA GLU A 547 -5.32 79.29 -0.82
C GLU A 547 -5.98 79.38 0.55
N ASN A 548 -6.37 78.25 1.11
CA ASN A 548 -7.08 78.21 2.39
C ASN A 548 -6.20 78.67 3.54
N LEU A 549 -4.88 78.61 3.35
CA LEU A 549 -3.94 79.06 4.37
C LEU A 549 -3.78 80.57 4.33
N LYS A 550 -3.55 81.09 3.12
CA LYS A 550 -3.38 82.53 2.92
C LYS A 550 -4.63 83.31 3.36
N LYS A 551 -5.77 82.63 3.23
CA LYS A 551 -7.07 83.19 3.47
C LYS A 551 -7.19 83.58 4.93
N SER A 552 -6.22 83.17 5.73
CA SER A 552 -6.28 83.41 7.17
C SER A 552 -5.82 84.81 7.55
N PHE A 553 -6.57 85.83 7.13
CA PHE A 553 -6.29 87.26 7.44
C PHE A 553 -5.32 88.23 6.65
N ARG A 554 -4.75 87.69 5.69
CA ARG A 554 -3.98 88.58 4.77
C ARG A 554 -2.44 88.52 4.84
N GLU A 555 -1.55 89.09 4.05
CA GLU A 555 -0.19 88.53 3.74
C GLU A 555 0.86 89.63 3.59
N PHE A 556 1.84 89.26 4.50
CA PHE A 556 2.97 90.18 4.63
C PHE A 556 4.12 89.79 3.72
N SER A 557 4.64 90.76 2.97
CA SER A 557 5.76 90.51 2.05
C SER A 557 7.06 91.12 2.59
N MET A 558 8.10 90.39 2.62
CA MET A 558 9.29 90.96 3.24
C MET A 558 10.41 91.18 2.24
N LYS A 559 11.12 92.19 2.62
CA LYS A 559 12.26 92.33 1.72
C LYS A 559 12.92 93.56 2.37
N SER A 560 14.24 93.62 2.28
CA SER A 560 14.99 94.78 2.76
C SER A 560 16.43 94.42 3.09
N GLN A 562 18.97 100.95 3.29
CA GLN A 562 19.05 102.15 4.12
C GLN A 562 18.83 101.79 5.58
N SER A 563 17.79 101.01 5.80
CA SER A 563 17.39 100.54 7.13
C SER A 563 18.55 99.78 7.79
N GLY A 564 19.12 98.89 7.00
CA GLY A 564 20.25 98.06 7.43
C GLY A 564 21.41 98.94 7.88
N THR A 565 21.69 99.93 7.05
CA THR A 565 22.77 100.90 7.29
C THR A 565 22.54 101.61 8.62
N ILE A 566 21.31 102.04 8.80
CA ILE A 566 20.88 102.75 10.01
C ILE A 566 21.13 101.88 11.25
N ALA A 567 20.72 100.63 11.12
CA ALA A 567 20.87 99.63 12.18
C ALA A 567 22.35 99.48 12.57
N GLU A 568 23.16 99.37 11.53
CA GLU A 568 24.61 99.22 11.68
C GLU A 568 25.19 100.40 12.46
N MET A 569 24.75 101.58 12.05
CA MET A 569 25.18 102.85 12.66
C MET A 569 24.85 102.85 14.16
N ILE A 570 23.62 102.44 14.43
CA ILE A 570 23.09 102.36 15.80
C ILE A 570 23.97 101.44 16.65
N LEU A 571 24.27 100.30 16.07
CA LEU A 571 25.10 99.27 16.71
C LEU A 571 26.46 99.85 17.06
N GLN A 572 27.03 100.54 16.09
CA GLN A 572 28.34 101.20 16.23
C GLN A 572 28.33 102.17 17.40
N ILE A 573 27.27 102.97 17.42
CA ILE A 573 27.06 103.98 18.47
C ILE A 573 27.03 103.32 19.84
N MET A 574 26.28 102.24 19.91
CA MET A 574 26.10 101.45 21.14
C MET A 574 27.47 100.96 21.64
N GLY A 575 28.14 100.20 20.77
CA GLY A 575 29.28 99.37 21.17
C GLY A 575 30.55 100.08 21.64
N PHE A 576 30.96 101.10 20.89
CA PHE A 576 32.15 101.86 21.23
C PHE A 576 31.79 103.19 21.89
N GLU A 577 31.12 104.06 21.12
CA GLU A 577 30.71 105.36 21.63
C GLU A 577 30.49 106.84 21.33
N ASP A 578 30.17 107.15 20.08
CA ASP A 578 29.93 108.52 19.66
C ASP A 578 28.57 109.22 19.63
N SER A 579 27.35 108.31 18.94
CA SER A 579 28.01 107.70 17.80
C SER A 579 26.94 107.54 16.74
N LYS A 580 25.66 107.95 17.38
CA LYS A 580 24.46 107.99 16.56
C LYS A 580 24.78 108.88 15.38
N SER A 581 25.83 109.68 15.52
CA SER A 581 26.25 110.53 14.47
C SER A 581 27.21 109.54 13.83
N LEU A 582 27.95 108.78 14.62
CA LEU A 582 28.82 107.82 13.96
C LEU A 582 28.00 106.94 13.02
N ALA A 583 26.81 106.54 13.47
CA ALA A 583 25.94 105.69 12.68
C ALA A 583 25.56 106.39 11.40
N SER A 584 25.25 107.68 11.49
CA SER A 584 24.89 108.39 10.28
C SER A 584 26.07 108.45 9.30
N LYS A 585 27.26 108.77 9.82
CA LYS A 585 28.46 108.86 8.96
C LYS A 585 29.07 107.57 8.33
N ILE A 586 29.09 106.52 9.14
CA ILE A 586 29.64 105.18 8.87
C ILE A 586 28.98 104.57 7.63
N VAL A 587 27.66 104.67 7.62
CA VAL A 587 26.83 104.16 6.53
C VAL A 587 27.25 104.80 5.20
N HIS A 588 27.39 106.10 5.26
CA HIS A 588 27.79 106.91 4.10
C HIS A 588 29.15 106.43 3.56
N PHE A 589 30.09 106.23 4.47
CA PHE A 589 31.44 105.78 4.13
C PHE A 589 31.47 104.39 3.51
N LEU A 590 31.03 103.38 4.27
CA LEU A 590 31.03 102.02 3.75
C LEU A 590 30.12 101.94 2.53
N GLU A 591 28.96 102.59 2.63
CA GLU A 591 28.00 102.60 1.53
C GLU A 591 28.64 103.31 0.35
N LEU A 592 29.38 104.36 0.67
CA LEU A 592 30.05 105.15 -0.37
C LEU A 592 31.03 104.28 -1.13
N LEU A 593 31.82 103.47 -0.44
CA LEU A 593 32.80 102.58 -1.09
C LEU A 593 32.07 101.50 -1.88
N SER A 594 30.95 101.11 -1.31
CA SER A 594 30.12 100.08 -1.89
C SER A 594 29.75 100.50 -3.28
N SER A 595 29.37 101.83 -3.42
CA SER A 595 28.95 102.69 -4.62
C SER A 595 30.15 102.88 -5.55
N LYS A 596 31.25 103.29 -4.91
CA LYS A 596 32.57 103.57 -5.51
C LYS A 596 33.33 102.35 -6.06
N CYS A 597 32.84 101.15 -5.77
CA CYS A 597 33.44 99.93 -6.28
C CYS A 597 32.43 99.13 -7.09
N SER A 598 33.43 98.91 -8.03
CA SER A 598 34.62 98.85 -8.88
C SER A 598 36.05 98.44 -8.62
N SER A 599 36.50 97.17 -8.51
CA SER A 599 36.55 97.26 -9.97
C SER A 599 36.35 96.30 -11.14
N MET A 600 35.83 95.44 -11.07
CA MET A 600 35.96 94.00 -11.23
C MET A 600 34.57 93.57 -10.79
N ASN A 601 34.24 92.31 -10.94
CA ASN A 601 32.91 91.85 -10.58
C ASN A 601 33.29 90.98 -9.39
N HIS A 602 33.07 91.54 -8.20
CA HIS A 602 33.35 90.89 -6.93
C HIS A 602 32.07 90.95 -6.12
N TYR A 603 31.98 90.06 -5.13
CA TYR A 603 30.77 89.88 -4.33
C TYR A 603 31.13 89.96 -2.85
N HIS A 604 30.07 89.95 -1.84
CA HIS A 604 30.40 90.15 -0.45
C HIS A 604 30.49 91.63 -0.07
N PHE A 605 29.93 92.67 -1.13
CA PHE A 605 29.87 94.10 -0.84
C PHE A 605 28.95 94.25 0.37
N GLY A 606 27.87 93.47 0.38
CA GLY A 606 27.15 93.19 1.61
C GLY A 606 26.90 94.46 2.42
N LEU A 607 26.47 95.49 2.09
CA LEU A 607 26.40 96.71 2.88
C LEU A 607 26.14 96.40 4.35
N ARG A 608 25.43 95.30 4.59
CA ARG A 608 25.10 94.89 5.95
C ARG A 608 26.14 93.92 6.49
N THR A 609 26.67 93.07 5.61
CA THR A 609 27.68 92.08 6.01
C THR A 609 28.95 92.79 6.49
N LEU A 610 29.36 93.78 5.71
CA LEU A 610 30.53 94.59 5.99
C LEU A 610 30.40 95.26 7.36
N LYS A 611 29.23 95.84 7.56
CA LYS A 611 28.89 96.54 8.80
C LYS A 611 29.03 95.60 9.99
N GLY A 612 28.46 94.41 9.80
CA GLY A 612 28.48 93.35 10.83
C GLY A 612 29.93 93.01 11.20
N VAL A 613 30.72 92.84 10.16
CA VAL A 613 32.15 92.50 10.29
C VAL A 613 32.86 93.58 11.13
N LEU A 614 32.58 94.81 10.77
CA LEU A 614 33.16 95.99 11.44
C LEU A 614 32.81 95.96 12.93
N ARG A 615 31.55 95.70 13.19
CA ARG A 615 31.01 95.63 14.55
C ARG A 615 31.76 94.56 15.36
N ASN A 616 31.92 93.42 14.73
CA ASN A 616 32.63 92.27 15.32
C ASN A 616 34.05 92.66 15.70
N CYS A 617 34.70 93.32 14.76
CA CYS A 617 36.08 93.79 14.92
C CYS A 617 36.18 94.72 16.14
N SER A 618 35.24 95.64 16.20
CA SER A 618 35.14 96.62 17.28
C SER A 618 35.03 95.91 18.63
N PRO A 619 34.15 94.93 18.65
CA PRO A 619 33.89 94.10 19.84
C PRO A 619 35.17 93.44 20.31
N LEU A 620 35.87 92.87 19.34
CA LEU A 620 37.13 92.15 19.57
C LEU A 620 38.14 93.11 20.21
N ILE A 621 38.43 94.16 19.88
CA ILE A 621 39.19 95.37 20.21
C ILE A 621 38.35 96.31 21.07
N SER A 622 38.52 97.77 21.53
CA SER A 622 39.32 98.05 20.34
C SER A 622 40.43 99.06 20.63
N GLU A 623 39.27 100.18 20.77
CA GLU A 623 39.89 101.42 21.20
C GLU A 623 41.01 101.05 22.16
N PHE A 624 42.64 101.31 21.69
CA PHE A 624 42.50 101.47 20.25
C PHE A 624 41.90 102.83 19.90
N GLY A 625 41.81 104.26 20.19
CA GLY A 625 40.82 105.25 19.78
C GLY A 625 40.65 104.98 18.25
N GLU A 626 39.44 104.37 17.81
CA GLU A 626 38.96 103.85 16.49
C GLU A 626 37.42 103.69 16.23
N GLY A 627 36.86 102.90 15.40
CA GLY A 627 35.84 102.79 14.36
C GLY A 627 36.46 103.18 13.01
N GLU A 628 37.94 103.61 12.77
CA GLU A 628 38.63 104.07 11.56
C GLU A 628 39.50 102.85 11.26
N LYS A 629 40.12 102.36 12.32
CA LYS A 629 41.01 101.19 12.26
C LYS A 629 40.26 99.99 11.70
N THR A 630 39.06 99.79 12.25
CA THR A 630 38.18 98.70 11.86
C THR A 630 37.87 98.77 10.37
N VAL A 631 37.53 99.98 9.96
CA VAL A 631 37.18 100.27 8.55
C VAL A 631 38.36 99.90 7.64
N VAL A 632 39.53 100.32 8.07
CA VAL A 632 40.79 100.06 7.34
C VAL A 632 40.98 98.55 7.17
N GLU A 633 40.79 97.85 8.26
CA GLU A 633 40.94 96.40 8.32
C GLU A 633 40.00 95.74 7.31
N SER A 634 38.76 96.21 7.33
CA SER A 634 37.70 95.72 6.44
C SER A 634 38.12 95.89 4.98
N LEU A 635 38.62 97.09 4.71
CA LEU A 635 39.08 97.47 3.36
C LEU A 635 40.18 96.50 2.89
N LYS A 636 41.11 96.27 3.80
CA LYS A 636 42.25 95.37 3.56
C LYS A 636 41.75 93.97 3.19
N ARG A 637 40.81 93.52 3.98
CA ARG A 637 40.18 92.20 3.81
C ARG A 637 39.56 92.09 2.42
N VAL A 638 38.83 93.13 2.07
CA VAL A 638 38.15 93.23 0.78
C VAL A 638 39.16 93.11 -0.36
N ILE A 639 40.35 93.78 -0.26
CA ILE A 639 41.40 93.75 -1.28
C ILE A 639 42.05 92.37 -1.35
N LEU A 640 41.67 92.19 -2.23
CA LEU A 640 41.42 92.90 -3.47
C LEU A 640 42.59 93.23 -4.40
N PRO A 641 43.68 92.82 -4.90
CA PRO A 641 44.46 93.76 -5.70
C PRO A 641 43.72 94.67 -6.68
N SER A 642 44.17 95.90 -6.74
CA SER A 642 43.64 97.02 -7.50
C SER A 642 42.61 98.12 -7.74
N LEU A 643 41.99 98.94 -7.30
CA LEU A 643 40.97 99.79 -6.69
C LEU A 643 40.24 100.56 -7.79
N GLY A 644 39.22 101.18 -7.52
CA GLY A 644 39.70 102.13 -6.52
C GLY A 644 39.17 101.47 -5.25
N ASP A 645 39.33 100.15 -5.18
CA ASP A 645 38.88 99.39 -4.02
C ASP A 645 39.75 99.67 -2.80
N THR A 646 41.06 99.61 -3.00
CA THR A 646 42.00 99.86 -1.91
C THR A 646 42.39 101.33 -1.81
N ASP A 647 42.57 101.98 -2.96
CA ASP A 647 42.96 103.40 -2.96
C ASP A 647 41.88 104.43 -2.56
N GLU A 648 40.66 104.19 -3.03
CA GLU A 648 39.49 105.01 -2.83
C GLU A 648 39.39 105.52 -1.40
N LEU A 649 39.65 104.65 -0.42
CA LEU A 649 39.56 105.12 0.99
C LEU A 649 40.55 106.16 1.60
N VAL A 650 41.81 106.00 1.24
CA VAL A 650 43.06 106.65 1.65
C VAL A 650 42.92 108.17 1.55
N PHE A 651 42.40 108.59 0.41
CA PHE A 651 42.17 110.00 0.09
C PHE A 651 41.26 110.63 1.15
N LYS A 652 40.19 109.91 1.44
CA LYS A 652 39.18 110.33 2.42
C LYS A 652 39.84 110.54 3.79
N ASP A 653 40.65 109.56 4.15
CA ASP A 653 41.38 109.57 5.42
C ASP A 653 42.27 110.81 5.52
N GLU A 654 42.97 111.06 4.43
CA GLU A 654 43.88 112.20 4.31
C GLU A 654 43.12 113.51 4.53
N LEU A 655 41.98 113.58 3.87
CA LEU A 655 41.09 114.75 3.95
C LEU A 655 40.67 115.00 5.39
N SER A 656 40.00 114.39 6.08
CA SER A 656 38.82 113.76 6.66
C SER A 656 38.88 113.86 8.20
N LYS A 657 40.05 113.52 8.70
CA LYS A 657 40.33 113.55 10.14
C LYS A 657 40.10 114.95 10.70
N SER A 668 55.68 93.61 16.47
CA SER A 668 55.03 93.20 15.19
C SER A 668 55.99 93.34 14.00
N LYS A 669 56.77 94.43 13.99
CA LYS A 669 57.73 94.69 12.94
C LYS A 669 58.98 93.80 13.05
N ALA A 670 59.35 93.48 14.29
CA ALA A 670 60.50 92.61 14.56
C ALA A 670 60.15 91.14 14.28
N ILE A 671 58.90 90.77 14.49
CA ILE A 671 58.42 89.43 14.22
C ILE A 671 58.27 89.16 12.72
N VAL A 672 57.91 90.21 11.98
CA VAL A 672 57.79 90.14 10.52
C VAL A 672 59.15 90.07 9.84
N GLN A 673 60.14 90.72 10.44
CA GLN A 673 61.52 90.71 9.95
C GLN A 673 62.19 89.37 10.23
N CYS A 674 61.82 88.73 11.33
CA CYS A 674 62.32 87.41 11.69
C CYS A 674 61.72 86.31 10.82
N LEU A 675 60.47 86.53 10.39
CA LEU A 675 59.77 85.60 9.50
C LEU A 675 60.31 85.69 8.07
N LYS A 676 60.74 86.88 7.66
CA LYS A 676 61.32 87.10 6.35
C LYS A 676 62.74 86.52 6.26
N ASP A 677 63.44 86.53 7.39
CA ASP A 677 64.80 85.97 7.47
C ASP A 677 64.77 84.44 7.48
N ALA A 678 63.72 83.88 8.03
CA ALA A 678 63.53 82.43 8.09
C ALA A 678 63.12 81.86 6.74
N GLY A 679 62.38 82.63 5.96
CA GLY A 679 61.93 82.22 4.63
C GLY A 679 63.04 82.33 3.60
N GLU A 688 58.40 94.55 -2.35
CA GLU A 688 57.14 94.70 -1.63
C GLU A 688 56.51 93.36 -1.22
N GLU A 689 56.84 92.29 -1.95
CA GLU A 689 56.21 91.01 -1.69
C GLU A 689 56.23 90.43 -0.28
N PHE A 690 57.40 90.33 0.33
CA PHE A 690 57.41 89.77 1.68
C PHE A 690 56.74 90.73 2.67
N LEU A 691 57.05 92.03 2.58
CA LEU A 691 56.44 93.02 3.48
C LEU A 691 54.91 92.99 3.36
N LYS A 692 54.42 92.91 2.13
CA LYS A 692 52.98 92.84 1.91
C LYS A 692 52.43 91.55 2.52
N LYS A 693 53.06 90.43 2.18
CA LYS A 693 52.61 89.16 2.69
C LYS A 693 52.57 89.14 4.21
N CYS A 694 53.60 89.69 4.87
CA CYS A 694 53.62 89.69 6.33
C CYS A 694 52.50 90.54 6.91
N MET A 695 52.28 91.69 6.31
CA MET A 695 51.25 92.59 6.74
C MET A 695 49.87 91.90 6.69
N GLN A 696 49.63 91.18 5.60
CA GLN A 696 48.37 90.49 5.44
C GLN A 696 48.18 89.32 6.40
N PHE A 697 49.26 88.57 6.61
CA PHE A 697 49.20 87.44 7.52
C PHE A 697 48.82 87.93 8.92
N TYR A 698 49.48 89.00 9.35
CA TYR A 698 49.21 89.60 10.64
C TYR A 698 47.74 90.05 10.71
N TYR A 699 47.31 90.79 9.69
CA TYR A 699 45.95 91.29 9.63
C TYR A 699 44.87 90.20 9.72
N MET A 700 44.96 89.19 8.85
CA MET A 700 43.98 88.11 8.85
C MET A 700 44.12 87.17 10.04
N GLN A 701 45.32 87.14 10.63
CA GLN A 701 45.53 86.28 11.78
C GLN A 701 44.74 86.82 12.96
N LYS A 702 44.83 88.14 13.17
CA LYS A 702 44.11 88.78 14.27
C LYS A 702 42.67 88.44 13.91
N THR A 703 41.81 87.85 14.87
CA THR A 703 40.38 87.58 14.86
C THR A 703 40.06 86.67 13.69
N GLN A 704 39.85 85.40 14.58
CA GLN A 704 39.38 84.25 13.83
C GLN A 704 38.11 84.44 13.01
N GLN A 705 38.29 84.59 11.70
CA GLN A 705 37.20 84.76 10.77
C GLN A 705 37.70 84.34 9.39
N ALA A 706 36.79 84.03 8.49
CA ALA A 706 37.20 83.61 7.15
C ALA A 706 37.91 84.74 6.43
N LEU A 707 39.03 84.40 5.79
CA LEU A 707 39.76 85.32 4.93
C LEU A 707 39.84 84.65 3.57
N ILE A 708 39.50 85.37 2.51
CA ILE A 708 39.39 84.71 1.21
C ILE A 708 40.57 85.13 0.32
N LEU A 709 41.51 84.21 0.12
CA LEU A 709 42.68 84.49 -0.71
C LEU A 709 42.41 84.18 -2.19
N VAL A 710 42.58 85.19 -3.04
CA VAL A 710 42.35 85.03 -4.47
C VAL A 710 43.60 85.37 -5.27
N GLY A 711 44.21 84.35 -5.87
CA GLY A 711 45.39 84.56 -6.68
C GLY A 711 45.77 83.32 -7.48
N LYS A 712 46.64 83.51 -8.48
CA LYS A 712 47.11 82.42 -9.36
C LYS A 712 47.83 81.33 -8.57
N ALA A 713 47.93 80.15 -9.15
CA ALA A 713 48.66 79.05 -8.53
C ALA A 713 50.13 79.41 -8.43
N GLY A 714 50.74 79.14 -7.29
CA GLY A 714 52.14 79.44 -7.08
C GLY A 714 52.40 80.92 -6.85
N CYS A 715 51.45 81.57 -6.18
CA CYS A 715 51.57 82.99 -5.89
C CYS A 715 51.94 83.23 -4.43
N GLY A 716 51.02 82.88 -3.53
CA GLY A 716 51.24 83.05 -2.10
C GLY A 716 50.15 82.36 -1.28
N LYS A 717 48.95 82.30 -1.85
CA LYS A 717 47.82 81.66 -1.18
C LYS A 717 48.29 80.73 -0.07
N THR A 718 49.13 79.76 -0.44
CA THR A 718 49.66 78.80 0.52
C THR A 718 50.97 79.09 1.23
N ALA A 719 52.03 79.40 0.51
CA ALA A 719 53.28 79.66 1.19
C ALA A 719 53.21 80.97 1.98
N THR A 720 52.64 82.02 1.36
CA THR A 720 52.51 83.32 2.04
C THR A 720 51.69 83.16 3.34
N TRP A 721 50.60 82.40 3.26
CA TRP A 721 49.78 82.15 4.45
C TRP A 721 50.60 81.40 5.50
N LYS A 722 51.21 80.29 5.06
CA LYS A 722 52.00 79.48 5.96
C LYS A 722 53.09 80.30 6.65
N THR A 723 53.77 81.16 5.90
CA THR A 723 54.83 81.97 6.50
C THR A 723 54.31 82.94 7.54
N VAL A 724 53.19 83.57 7.20
CA VAL A 724 52.55 84.52 8.08
C VAL A 724 52.20 83.85 9.41
N ILE A 725 51.65 82.64 9.33
CA ILE A 725 51.26 81.92 10.54
C ILE A 725 52.45 81.47 11.37
N ASP A 726 53.49 81.00 10.70
CA ASP A 726 54.69 80.54 11.40
C ASP A 726 55.26 81.70 12.22
N ALA A 727 55.37 82.86 11.57
CA ALA A 727 55.86 84.05 12.22
C ALA A 727 54.98 84.40 13.43
N MET A 728 53.68 84.45 13.19
CA MET A 728 52.72 84.77 14.25
C MET A 728 52.81 83.85 15.48
N ALA A 729 52.71 82.54 15.27
CA ALA A 729 52.78 81.60 16.39
C ALA A 729 54.18 81.47 16.98
N ILE A 730 55.19 81.81 16.20
CA ILE A 730 56.55 81.73 16.69
C ILE A 730 56.76 82.81 17.75
N PHE A 731 56.29 84.02 17.47
CA PHE A 731 56.43 85.13 18.40
C PHE A 731 56.27 84.67 19.84
N ASP A 732 55.40 83.69 20.05
CA ASP A 732 55.15 83.15 21.39
C ASP A 732 53.82 82.42 21.19
N GLY A 733 53.80 81.15 21.58
CA GLY A 733 52.59 80.34 21.45
C GLY A 733 52.20 79.82 20.07
N HIS A 734 53.16 79.26 19.36
CA HIS A 734 52.92 78.72 18.02
C HIS A 734 51.49 78.19 17.90
N ALA A 735 50.72 78.77 16.98
CA ALA A 735 49.34 78.37 16.77
C ALA A 735 49.23 77.37 15.61
N ASN A 736 49.77 77.75 14.46
CA ASN A 736 49.68 76.95 13.25
C ASN A 736 50.04 75.49 13.50
N VAL A 737 49.52 74.61 12.66
CA VAL A 737 48.65 75.01 11.56
C VAL A 737 47.93 73.78 11.02
N VAL A 738 47.09 73.97 10.00
CA VAL A 738 46.37 72.85 9.42
C VAL A 738 46.60 72.91 7.91
N TYR A 739 46.32 72.20 7.16
CA TYR A 739 45.93 72.34 5.77
C TYR A 739 44.85 71.35 5.39
N VAL A 740 44.05 71.71 4.38
CA VAL A 740 42.95 70.85 3.94
C VAL A 740 42.97 70.68 2.42
N ILE A 741 42.31 70.11 2.27
CA ILE A 741 41.01 70.15 1.59
C ILE A 741 41.17 70.59 0.14
N ASP A 742 42.43 70.73 -0.09
CA ASP A 742 42.83 71.13 -1.44
C ASP A 742 42.51 70.02 -2.44
N THR A 743 42.97 68.82 -2.15
CA THR A 743 42.73 67.68 -3.03
C THR A 743 41.24 67.51 -3.32
N LYS A 744 40.91 67.20 -4.57
CA LYS A 744 39.53 67.00 -4.97
C LYS A 744 39.06 65.58 -4.67
N VAL A 745 37.96 65.49 -3.81
CA VAL A 745 37.47 64.12 -3.65
C VAL A 745 36.74 64.11 -2.32
N LEU A 746 35.99 63.33 -1.82
CA LEU A 746 35.15 63.43 -0.63
C LEU A 746 35.76 62.46 0.37
N THR A 747 36.96 62.76 0.83
CA THR A 747 37.60 61.92 1.83
C THR A 747 36.76 61.95 3.10
N LYS A 748 36.30 63.15 3.46
CA LYS A 748 35.44 63.32 4.63
C LYS A 748 34.24 64.22 4.34
N GLU A 749 33.31 63.75 3.52
CA GLU A 749 32.09 64.51 3.23
C GLU A 749 31.32 64.66 4.53
N SER A 750 31.31 63.57 5.29
CA SER A 750 30.66 63.49 6.60
C SER A 750 31.23 62.51 7.63
N LEU A 751 32.49 62.12 7.47
CA LEU A 751 33.10 61.20 8.43
C LEU A 751 34.52 61.62 8.73
N TYR A 752 35.16 62.18 7.72
CA TYR A 752 36.55 62.64 7.77
C TYR A 752 36.69 64.06 8.34
N GLY A 753 35.71 64.92 8.11
CA GLY A 753 35.82 66.29 8.64
C GLY A 753 35.75 66.25 10.16
N SER A 754 34.55 65.50 10.36
CA SER A 754 34.06 65.15 11.63
C SER A 754 33.01 64.00 11.40
N MET A 755 32.93 63.26 12.74
CA MET A 755 32.10 62.11 12.77
C MET A 755 32.58 61.11 11.65
N LEU A 756 31.67 60.70 10.35
CA LEU A 756 31.95 59.50 9.37
C LEU A 756 31.81 57.99 9.23
N LYS A 757 30.74 57.25 9.73
CA LYS A 757 30.52 55.84 9.47
C LYS A 757 29.87 55.13 8.28
N ALA A 758 30.10 53.83 8.18
CA ALA A 758 29.52 53.03 7.08
C ALA A 758 28.04 52.50 7.20
N THR A 759 28.84 51.92 8.13
CA THR A 759 28.44 50.92 9.14
C THR A 759 27.23 51.40 9.94
N LEU A 760 26.41 50.46 10.37
CA LEU A 760 25.25 50.80 11.15
C LEU A 760 25.51 50.52 12.64
N GLU A 761 25.58 51.73 13.28
CA GLU A 761 25.73 51.67 14.66
C GLU A 761 27.32 51.48 14.95
N TRP A 762 28.06 51.91 13.92
CA TRP A 762 29.52 51.79 13.91
C TRP A 762 30.29 52.59 14.97
N ARG A 763 29.90 53.84 15.20
CA ARG A 763 30.56 54.67 16.20
C ARG A 763 31.81 55.51 16.50
N ASP A 764 32.41 56.08 15.45
CA ASP A 764 33.81 56.42 15.16
C ASP A 764 34.13 57.87 15.51
N GLY A 765 35.39 58.19 15.78
CA GLY A 765 35.73 59.57 16.12
C GLY A 765 36.18 60.28 14.85
N LEU A 766 35.59 61.45 14.58
CA LEU A 766 35.92 62.22 13.38
C LEU A 766 37.14 63.08 13.65
N PHE A 767 37.49 63.94 12.69
CA PHE A 767 38.63 64.81 12.87
C PHE A 767 38.41 65.73 14.05
N THR A 768 37.23 66.49 13.75
CA THR A 768 36.86 67.46 14.78
C THR A 768 37.25 66.87 16.15
N SER A 769 37.17 65.55 16.26
CA SER A 769 37.50 64.83 17.48
C SER A 769 38.99 64.91 17.80
N ILE A 770 39.81 64.93 16.75
CA ILE A 770 41.27 65.06 16.89
C ILE A 770 41.65 66.45 17.41
N LEU A 771 40.89 67.46 17.02
CA LEU A 771 41.08 68.82 17.50
C LEU A 771 40.55 68.97 18.92
N ARG A 772 39.51 68.21 19.24
CA ARG A 772 38.93 68.21 20.59
C ARG A 772 39.80 67.47 21.59
N ARG A 773 40.47 66.41 21.13
CA ARG A 773 41.38 65.62 21.95
C ARG A 773 42.69 66.36 22.23
N VAL A 774 43.10 67.20 21.27
CA VAL A 774 44.31 68.01 21.40
C VAL A 774 44.12 69.15 22.40
N ASN A 775 42.90 69.68 22.47
CA ASN A 775 42.56 70.76 23.39
C ASN A 775 42.31 70.23 24.80
N ASP A 776 41.87 69.06 24.95
CA ASP A 776 41.46 68.38 26.18
C ASP A 776 42.64 67.69 26.87
N ASP A 777 43.59 67.30 26.25
CA ASP A 777 44.87 66.71 26.65
C ASP A 777 45.83 67.80 27.13
N ILE A 778 47.14 67.40 27.13
CA ILE A 778 48.13 68.30 27.69
C ILE A 778 48.05 69.50 26.75
N THR A 779 46.90 70.28 27.05
CA THR A 779 46.68 71.48 26.25
C THR A 779 47.79 72.43 26.64
N GLY A 780 48.90 72.37 25.91
CA GLY A 780 50.05 73.24 26.18
C GLY A 780 49.79 74.66 25.72
N THR A 781 50.06 75.62 26.60
CA THR A 781 49.85 77.03 26.28
C THR A 781 50.70 77.93 27.18
N PHE A 782 51.22 79.01 26.60
CA PHE A 782 50.99 79.31 25.19
C PHE A 782 51.86 78.45 24.29
N LYS A 783 51.28 77.98 23.18
CA LYS A 783 49.89 78.29 22.86
C LYS A 783 49.29 77.23 21.95
N ASN A 784 47.96 77.10 21.99
CA ASN A 784 47.26 76.13 21.17
C ASN A 784 46.99 76.68 19.77
N SER A 785 47.74 76.76 19.28
CA SER A 785 47.60 77.29 17.93
C SER A 785 46.38 76.80 17.16
N ARG A 786 45.95 77.90 16.33
CA ARG A 786 44.59 77.67 15.85
C ARG A 786 44.47 78.41 14.53
N ILE A 787 44.77 77.72 13.43
CA ILE A 787 44.69 78.31 12.10
C ILE A 787 44.45 77.23 11.04
N TRP A 788 43.34 77.37 10.31
CA TRP A 788 42.99 76.41 9.27
C TRP A 788 43.01 77.06 7.89
N VAL A 789 43.81 76.50 6.99
CA VAL A 789 43.83 76.96 5.60
C VAL A 789 43.38 75.83 4.69
N VAL A 790 42.41 76.11 3.82
CA VAL A 790 41.86 75.09 2.95
C VAL A 790 41.99 75.44 1.48
N PHE A 791 42.84 74.72 0.76
CA PHE A 791 43.09 74.97 -0.63
C PHE A 791 42.29 74.07 -1.57
N ASP A 792 42.04 74.56 -2.78
CA ASP A 792 41.27 73.80 -3.75
C ASP A 792 41.61 74.16 -5.18
N SER A 793 40.89 73.55 -6.11
CA SER A 793 39.67 72.85 -5.74
C SER A 793 39.89 71.66 -4.82
N ASP A 794 39.12 71.63 -3.74
CA ASP A 794 39.10 70.51 -2.81
C ASP A 794 37.83 70.56 -1.96
N LEU A 795 37.55 69.72 -1.22
CA LEU A 795 36.41 69.39 -0.36
C LEU A 795 35.09 69.22 -1.09
N ASP A 796 34.10 69.92 0.05
CA ASP A 796 32.67 70.10 -0.21
C ASP A 796 32.16 71.29 0.60
N PRO A 797 31.24 71.51 -0.22
CA PRO A 797 30.69 72.65 0.50
C PRO A 797 30.57 72.20 1.96
N GLU A 798 30.54 70.63 2.08
CA GLU A 798 30.40 70.17 3.46
C GLU A 798 31.79 70.64 3.87
N TYR A 799 32.05 71.95 3.86
CA TYR A 799 32.89 72.81 4.69
C TYR A 799 32.06 73.99 5.18
N VAL A 800 31.22 74.53 4.31
CA VAL A 800 30.37 75.66 4.64
C VAL A 800 29.36 75.29 5.72
N GLU A 801 28.80 74.09 5.60
CA GLU A 801 27.81 73.60 6.57
C GLU A 801 28.47 73.33 7.93
N ALA A 802 29.72 72.90 7.90
CA ALA A 802 30.46 72.60 9.13
C ALA A 802 30.97 73.89 9.77
N MET A 803 31.95 74.51 9.11
CA MET A 803 32.54 75.74 9.61
C MET A 803 31.46 76.68 10.11
N ASN A 804 30.25 76.51 9.59
CA ASN A 804 29.12 77.34 9.99
C ASN A 804 28.71 77.08 11.43
N SER A 805 28.52 75.81 11.76
CA SER A 805 28.12 75.41 13.11
C SER A 805 29.02 76.07 14.15
N VAL A 806 30.29 76.27 13.82
CA VAL A 806 31.23 76.89 14.72
C VAL A 806 30.77 77.96 15.71
N LEU A 807 31.23 77.84 16.95
CA LEU A 807 32.13 76.76 17.34
C LEU A 807 31.66 75.35 17.72
N ASP A 808 30.36 75.12 17.59
CA ASP A 808 29.78 73.81 17.92
C ASP A 808 29.45 73.06 16.65
N ASP A 809 28.57 72.06 16.76
CA ASP A 809 28.16 71.25 15.62
C ASP A 809 27.00 70.34 15.98
N ASN A 810 26.23 69.94 14.97
CA ASN A 810 25.09 69.05 15.18
C ASN A 810 24.62 68.44 13.86
N LYS A 811 24.59 67.11 13.81
CA LYS A 811 24.18 66.40 12.61
C LYS A 811 23.96 64.92 12.90
N GLY A 818 22.34 63.54 14.75
CA GLY A 818 21.82 63.41 16.10
C GLY A 818 22.88 63.63 17.15
N GLU A 819 23.74 64.63 16.93
CA GLU A 819 24.80 64.95 17.87
C GLU A 819 25.18 66.42 17.78
N ARG A 820 26.18 66.82 18.58
CA ARG A 820 26.63 68.21 18.59
C ARG A 820 27.72 68.42 19.63
N LEU A 821 28.39 69.56 19.57
CA LEU A 821 29.45 69.88 20.51
C LEU A 821 29.76 71.37 20.51
N PRO A 822 30.93 71.73 21.04
CA PRO A 822 31.34 73.13 21.10
C PRO A 822 32.69 73.23 21.81
N ILE A 823 33.39 74.22 21.43
CA ILE A 823 34.63 74.73 21.99
C ILE A 823 34.96 76.18 21.68
N PRO A 824 36.50 76.06 21.82
CA PRO A 824 37.23 77.30 21.61
C PRO A 824 38.54 76.98 20.88
N PRO A 825 39.29 78.10 20.29
CA PRO A 825 40.56 77.95 19.57
C PRO A 825 41.36 79.21 19.86
N ASN A 826 40.88 80.23 19.30
CA ASN A 826 39.77 80.21 18.35
C ASN A 826 40.08 79.74 16.94
N PHE A 827 41.06 80.38 16.31
CA PHE A 827 41.47 79.99 14.96
C PHE A 827 40.81 80.28 13.62
N ARG A 828 41.11 81.29 12.95
CA ARG A 828 40.49 81.61 11.66
C ARG A 828 40.53 80.73 10.42
N ILE A 829 39.69 81.05 9.44
CA ILE A 829 39.63 80.28 8.21
C ILE A 829 40.20 81.05 7.02
N LEU A 830 41.19 80.49 6.37
CA LEU A 830 41.75 81.08 5.16
C LEU A 830 41.52 80.14 3.98
N PHE A 831 40.91 80.69 2.93
CA PHE A 831 40.23 79.93 1.88
C PHE A 831 41.12 79.11 0.97
N GLU A 832 40.54 78.13 0.27
CA GLU A 832 41.33 77.32 -0.65
C GLU A 832 41.45 77.95 -2.05
N THR A 833 42.99 78.10 -2.45
CA THR A 833 43.07 78.82 -3.73
C THR A 833 41.90 78.39 -4.62
N ASP A 834 40.97 79.00 -4.99
CA ASP A 834 40.06 78.66 -6.08
C ASP A 834 38.99 79.76 -6.13
N ASN A 835 38.45 80.05 -7.30
CA ASN A 835 37.33 80.98 -7.34
C ASN A 835 36.21 80.44 -8.23
N LEU A 836 34.94 80.20 -7.87
CA LEU A 836 33.75 79.64 -8.23
C LEU A 836 32.51 79.92 -7.57
N ASP A 837 31.91 79.03 -7.84
CA ASP A 837 30.58 79.00 -7.25
C ASP A 837 30.90 78.81 -5.83
N HIS A 838 31.65 77.95 -5.73
CA HIS A 838 32.15 77.67 -4.23
C HIS A 838 32.66 78.81 -3.61
N THR A 839 33.16 79.75 -4.53
CA THR A 839 33.65 80.91 -3.83
C THR A 839 32.46 81.81 -3.58
N THR A 840 31.51 81.74 -4.49
CA THR A 840 30.29 82.53 -4.38
C THR A 840 29.43 81.90 -3.29
N PRO A 841 29.69 80.62 -3.02
CA PRO A 841 28.95 79.92 -1.98
C PRO A 841 29.38 80.35 -0.59
N ALA A 842 30.65 80.30 -0.37
CA ALA A 842 31.21 80.69 0.91
C ALA A 842 31.11 82.17 1.06
N THR A 843 31.61 82.94 0.14
CA THR A 843 31.58 84.44 0.19
C THR A 843 30.14 85.07 0.38
N ILE A 844 29.24 84.22 -0.09
CA ILE A 844 27.90 84.35 0.09
C ILE A 844 27.44 84.16 1.62
N THR A 845 28.00 83.19 2.31
CA THR A 845 28.52 83.45 3.65
C THR A 845 30.06 83.74 3.60
N ARG A 846 30.34 85.02 4.27
CA ARG A 846 31.66 85.67 4.18
C ARG A 846 31.79 86.40 2.84
N CYS A 847 33.21 86.69 2.28
CA CYS A 847 34.31 86.79 3.24
C CYS A 847 35.25 87.94 2.85
N GLY A 848 36.12 88.36 3.77
CA GLY A 848 37.11 89.41 3.46
C GLY A 848 38.03 88.88 2.37
N LEU A 849 38.45 89.75 1.44
CA LEU A 849 38.96 89.22 0.17
C LEU A 849 40.34 89.75 -0.17
N LEU A 850 41.32 88.85 -0.22
CA LEU A 850 42.70 89.22 -0.50
C LEU A 850 43.14 88.72 -1.88
N TRP A 851 43.74 89.60 -2.67
CA TRP A 851 44.20 89.26 -4.01
C TRP A 851 45.72 89.17 -4.06
N PHE A 852 46.23 88.13 -4.70
CA PHE A 852 47.68 87.95 -4.84
C PHE A 852 48.12 88.08 -6.30
N SER A 860 61.65 86.29 -8.83
CA SER A 860 62.10 85.08 -9.49
C SER A 860 63.55 84.74 -9.11
N SER A 861 64.36 85.78 -8.92
CA SER A 861 65.76 85.61 -8.51
C SER A 861 65.88 85.20 -7.04
N LYS A 862 64.93 85.67 -6.23
CA LYS A 862 64.87 85.33 -4.81
C LYS A 862 64.39 83.90 -4.59
N ILE A 863 63.50 83.44 -5.48
CA ILE A 863 62.98 82.07 -5.43
C ILE A 863 64.03 81.06 -5.90
N ASP A 864 64.88 81.48 -6.85
CA ASP A 864 65.97 80.65 -7.36
C ASP A 864 67.10 80.53 -6.34
N HIS A 865 67.30 81.60 -5.57
CA HIS A 865 68.32 81.62 -4.51
C HIS A 865 67.89 80.78 -3.31
N LEU A 866 66.58 80.73 -3.05
CA LEU A 866 66.01 79.94 -1.98
C LEU A 866 66.03 78.44 -2.32
N LEU A 867 65.87 78.14 -3.60
CA LEU A 867 65.92 76.76 -4.09
C LEU A 867 67.36 76.23 -4.11
N ASN A 868 68.31 77.14 -4.36
CA ASN A 868 69.74 76.80 -4.34
C ASN A 868 70.24 76.56 -2.92
N LYS A 869 69.66 77.29 -1.96
CA LYS A 869 69.97 77.13 -0.54
C LYS A 869 69.37 75.84 0.02
N SER A 870 68.21 75.45 -0.51
CA SER A 870 67.54 74.22 -0.12
C SER A 870 68.24 72.98 -0.69
N TYR A 871 68.80 73.14 -1.90
CA TYR A 871 69.56 72.08 -2.55
C TYR A 871 70.93 71.88 -1.89
N GLU A 872 71.49 72.98 -1.37
CA GLU A 872 72.75 72.94 -0.63
C GLU A 872 72.56 72.32 0.75
N ALA A 873 71.38 72.54 1.34
CA ALA A 873 71.04 71.99 2.65
C ALA A 873 70.83 70.49 2.61
N LEU A 874 70.36 69.98 1.47
CA LEU A 874 70.17 68.56 1.25
C LEU A 874 71.51 67.83 1.13
N ASP A 875 72.36 68.50 0.25
CA ASP A 875 73.64 67.89 -0.03
C ASP A 875 74.29 67.82 1.25
N ASN A 876 74.22 68.89 2.03
CA ASN A 876 74.94 68.85 3.29
C ASN A 876 76.38 68.53 2.92
N LYS A 877 77.06 67.29 3.50
CA LYS A 877 78.52 66.72 3.18
C LYS A 877 79.47 67.53 4.10
N LEU A 878 78.90 68.65 4.94
CA LEU A 878 79.77 69.29 5.94
C LEU A 878 80.85 70.23 5.40
N SER A 879 80.83 70.58 4.12
CA SER A 879 81.89 71.53 3.65
C SER A 879 81.56 72.89 2.96
N MET A 880 82.60 73.74 2.79
CA MET A 880 82.57 75.07 2.15
C MET A 880 83.01 75.16 0.68
N PHE A 881 83.99 74.35 0.26
CA PHE A 881 84.49 74.37 -1.13
C PHE A 881 83.45 73.91 -2.15
N GLU A 882 82.56 73.01 -1.72
CA GLU A 882 81.42 72.59 -2.53
C GLU A 882 80.36 73.68 -2.58
N LEU A 883 80.30 74.48 -1.51
CA LEU A 883 79.42 75.65 -1.45
C LEU A 883 80.01 76.82 -2.22
N ASP A 884 81.33 76.79 -2.41
CA ASP A 884 82.03 77.78 -3.23
C ASP A 884 81.75 77.57 -4.71
N LYS A 885 81.57 76.30 -5.10
CA LYS A 885 81.17 75.94 -6.45
C LYS A 885 79.68 76.24 -6.67
N LEU A 886 78.90 76.15 -5.59
CA LEU A 886 77.48 76.47 -5.62
C LEU A 886 77.24 77.97 -5.73
N LYS A 887 78.14 78.75 -5.12
CA LYS A 887 78.09 80.21 -5.19
C LYS A 887 78.52 80.71 -6.56
N ASP A 888 79.45 79.99 -7.19
CA ASP A 888 79.93 80.31 -8.53
C ASP A 888 78.89 79.96 -9.59
N LEU A 889 78.13 78.90 -9.35
CA LEU A 889 77.05 78.48 -10.24
C LEU A 889 75.84 79.41 -10.15
N ILE A 890 75.62 79.95 -8.96
CA ILE A 890 74.50 80.87 -8.74
C ILE A 890 74.94 82.33 -8.80
N SER A 891 75.46 82.72 -9.96
CA SER A 891 75.93 84.09 -10.16
C SER A 891 75.18 84.77 -11.31
N ASP A 892 75.75 85.93 -11.77
CA ASP A 892 75.09 86.65 -12.85
C ASP A 892 74.19 86.00 -13.89
N SER A 893 72.90 86.12 -13.73
CA SER A 893 71.93 85.57 -14.69
C SER A 893 70.60 86.31 -14.67
N PHE A 894 70.56 87.43 -13.96
CA PHE A 894 69.32 88.24 -13.85
C PHE A 894 68.81 88.58 -15.25
N ASP A 895 69.74 89.03 -16.07
CA ASP A 895 69.48 89.43 -17.46
C ASP A 895 68.86 88.25 -18.23
N MET A 896 69.50 87.11 -18.05
CA MET A 896 69.08 85.86 -18.70
C MET A 896 67.65 85.52 -18.31
N ALA A 897 67.40 85.63 -17.01
CA ALA A 897 66.08 85.36 -16.43
C ALA A 897 65.02 86.25 -17.07
N SER A 898 65.38 87.53 -17.17
CA SER A 898 64.51 88.56 -17.75
C SER A 898 64.15 88.19 -19.19
N LEU A 899 65.18 87.80 -19.92
CA LEU A 899 65.07 87.40 -21.33
C LEU A 899 64.08 86.24 -21.45
N THR A 900 64.28 85.26 -20.59
CA THR A 900 63.44 84.05 -20.54
C THR A 900 61.98 84.44 -20.32
N ASN A 901 61.78 85.32 -19.37
CA ASN A 901 60.45 85.83 -19.00
C ASN A 901 59.78 86.47 -20.22
N ILE A 902 60.55 87.29 -20.89
CA ILE A 902 60.11 88.02 -22.10
C ILE A 902 59.65 87.01 -23.15
N PHE A 903 60.48 86.01 -23.34
CA PHE A 903 60.23 84.94 -24.32
C PHE A 903 58.90 84.25 -24.01
N THR A 904 58.74 83.94 -22.74
CA THR A 904 57.52 83.28 -22.22
C THR A 904 56.29 84.12 -22.55
N CYS A 905 56.42 85.40 -22.27
CA CYS A 905 55.36 86.38 -22.49
C CYS A 905 54.95 86.38 -23.97
N SER A 906 55.97 86.42 -24.80
CA SER A 906 55.81 86.42 -26.27
C SER A 906 55.02 85.19 -26.71
N ASN A 907 55.45 84.06 -26.17
CA ASN A 907 54.82 82.75 -26.46
C ASN A 907 53.34 82.79 -26.11
N VAL A 915 51.65 80.57 -13.92
CA VAL A 915 51.91 79.21 -14.40
C VAL A 915 53.41 78.93 -14.53
N ARG A 916 54.17 79.97 -14.85
CA ARG A 916 55.63 79.87 -14.97
C ARG A 916 56.29 79.79 -13.58
N THR A 917 55.76 79.53 -12.81
CA THR A 917 56.78 80.25 -12.07
C THR A 917 57.47 79.31 -11.09
N PHE A 918 56.67 78.44 -10.46
CA PHE A 918 57.16 77.49 -9.46
C PHE A 918 57.81 76.33 -10.24
N ASN A 919 56.99 75.78 -11.13
CA ASN A 919 57.28 74.65 -12.12
C ASN A 919 58.56 74.92 -12.82
N LYS A 920 58.74 76.13 -13.14
CA LYS A 920 60.01 76.49 -13.75
C LYS A 920 61.15 76.52 -12.73
N LEU A 921 60.82 76.89 -11.49
CA LEU A 921 61.78 76.92 -10.39
C LEU A 921 62.11 75.51 -9.90
N GLU A 922 61.12 74.61 -9.97
CA GLU A 922 61.31 73.21 -9.60
C GLU A 922 62.11 72.45 -10.66
N THR A 923 61.93 72.85 -11.92
CA THR A 923 62.67 72.27 -13.04
C THR A 923 64.13 72.74 -13.05
N ALA A 924 64.35 73.97 -12.59
CA ALA A 924 65.69 74.55 -12.52
C ALA A 924 66.52 73.94 -11.39
N VAL A 925 65.85 73.60 -10.29
CA VAL A 925 66.51 72.99 -9.12
C VAL A 925 66.94 71.55 -9.39
N GLN A 926 66.12 70.83 -10.14
CA GLN A 926 66.40 69.44 -10.51
C GLN A 926 67.50 69.36 -11.57
N LEU A 927 67.53 70.36 -12.46
CA LEU A 927 68.53 70.41 -13.52
C LEU A 927 69.90 70.85 -13.01
N ALA A 928 69.90 71.75 -12.02
CA ALA A 928 71.14 72.24 -11.40
C ALA A 928 71.81 71.17 -10.56
N VAL A 929 71.01 70.33 -9.90
CA VAL A 929 71.50 69.23 -9.10
C VAL A 929 72.05 68.09 -9.96
N HIS A 930 71.42 67.83 -11.10
CA HIS A 930 71.91 66.78 -11.97
C HIS A 930 73.21 67.34 -12.54
N LEU A 931 73.09 68.61 -12.93
CA LEU A 931 74.19 69.38 -13.49
C LEU A 931 75.32 69.57 -12.51
N ILE A 932 74.99 69.85 -11.26
CA ILE A 932 76.01 70.04 -10.25
C ILE A 932 76.81 68.77 -10.09
N SER A 933 76.11 67.64 -10.05
CA SER A 933 76.76 66.35 -9.90
C SER A 933 77.66 66.09 -11.10
N SER A 934 77.17 66.41 -12.29
CA SER A 934 77.96 66.20 -13.49
C SER A 934 79.23 67.04 -13.44
N TYR A 935 79.09 68.27 -12.96
CA TYR A 935 80.21 69.19 -12.85
C TYR A 935 81.22 68.65 -11.87
N ARG A 936 80.74 68.10 -10.76
CA ARG A 936 81.64 67.55 -9.75
C ARG A 936 82.41 66.39 -10.35
N GLN A 937 81.71 65.56 -11.13
CA GLN A 937 82.36 64.41 -11.75
C GLN A 937 83.45 64.88 -12.71
N TRP A 938 83.14 65.93 -13.47
CA TRP A 938 84.09 66.47 -14.43
C TRP A 938 85.32 67.00 -13.70
N PHE A 939 84.92 67.37 -12.07
CA PHE A 939 86.03 67.97 -11.35
C PHE A 939 87.36 67.73 -12.07
N GLN A 940 88.33 67.10 -11.70
CA GLN A 940 89.66 66.77 -12.17
C GLN A 940 89.92 68.26 -12.17
N ASN A 941 90.15 68.81 -13.36
CA ASN A 941 90.39 70.23 -13.53
C ASN A 941 89.76 71.40 -12.79
N LEU A 942 88.47 71.27 -12.53
CA LEU A 942 87.60 72.39 -12.25
C LEU A 942 87.26 72.94 -13.63
N ASP A 943 87.46 72.09 -14.62
CA ASP A 943 87.56 72.49 -16.02
C ASP A 943 88.77 73.38 -16.22
N ASP A 944 88.59 74.54 -16.80
CA ASP A 944 89.68 75.40 -17.25
C ASP A 944 89.90 76.45 -16.18
N LYS A 945 89.18 76.30 -15.07
CA LYS A 945 89.07 77.36 -14.08
C LYS A 945 87.93 78.21 -14.60
N SER A 946 87.45 78.02 -15.67
CA SER A 946 86.23 78.47 -16.32
C SER A 946 85.73 77.59 -17.46
N LEU A 947 85.96 76.52 -17.72
CA LEU A 947 85.37 75.71 -18.79
C LEU A 947 84.19 74.82 -18.45
N LYS A 948 84.33 74.01 -17.41
CA LYS A 948 83.27 73.12 -16.97
C LYS A 948 82.09 73.94 -16.46
N ASP A 949 82.40 75.06 -15.83
CA ASP A 949 81.34 75.91 -15.31
C ASP A 949 80.50 76.40 -16.48
N VAL A 950 81.15 76.78 -17.56
CA VAL A 950 80.49 77.28 -18.75
C VAL A 950 79.62 76.18 -19.35
N ILE A 951 80.15 74.96 -19.36
CA ILE A 951 79.41 73.84 -19.91
C ILE A 951 78.15 73.58 -19.08
N THR A 952 78.27 73.67 -17.76
CA THR A 952 77.14 73.45 -16.87
C THR A 952 76.13 74.54 -17.13
N LEU A 953 76.66 75.75 -17.32
CA LEU A 953 75.87 76.93 -17.58
C LEU A 953 75.16 76.76 -18.91
N LEU A 954 75.83 76.19 -19.91
CA LEU A 954 75.12 76.03 -21.17
C LEU A 954 74.10 74.90 -21.10
N ILE A 955 74.44 73.85 -20.35
CA ILE A 955 73.55 72.71 -20.14
C ILE A 955 72.36 73.09 -19.25
N LYS A 956 72.58 74.01 -18.32
CA LYS A 956 71.54 74.52 -17.44
C LYS A 956 70.63 75.50 -18.20
N ARG A 957 71.20 76.22 -19.15
CA ARG A 957 70.45 77.17 -19.99
C ARG A 957 69.60 76.45 -21.03
N SER A 958 69.92 75.18 -21.25
CA SER A 958 69.11 74.31 -22.09
C SER A 958 67.85 73.62 -21.29
N LEU A 959 67.88 73.46 -19.86
CA LEU A 959 66.74 72.83 -18.99
C LEU A 959 65.49 73.69 -19.00
N LEU A 960 65.84 75.02 -19.05
CA LEU A 960 64.82 76.03 -19.12
C LEU A 960 64.09 75.80 -20.30
N TYR A 961 64.88 75.45 -21.31
CA TYR A 961 64.31 75.22 -22.54
C TYR A 961 63.24 74.01 -22.41
N ALA A 962 63.56 72.99 -21.70
CA ALA A 962 62.64 71.81 -21.54
C ALA A 962 61.31 72.20 -20.85
N LEU A 963 61.44 73.07 -19.88
CA LEU A 963 60.26 73.57 -19.19
C LEU A 963 59.37 74.35 -20.07
N ALA A 964 60.01 75.17 -20.90
CA ALA A 964 59.30 76.02 -21.84
C ALA A 964 58.51 75.18 -22.85
N GLY A 965 59.19 74.23 -23.47
CA GLY A 965 58.56 73.35 -24.45
C GLY A 965 57.88 74.15 -25.55
N ASP A 966 57.76 73.55 -26.73
CA ASP A 966 58.26 72.20 -26.95
C ASP A 966 57.38 71.44 -27.94
N SER A 967 56.07 71.64 -27.82
CA SER A 967 55.11 70.97 -28.70
C SER A 967 55.77 70.52 -29.99
N THR A 968 55.39 71.16 -31.10
CA THR A 968 55.94 70.83 -32.41
C THR A 968 56.79 71.98 -32.96
N GLY A 969 56.14 73.10 -33.25
CA GLY A 969 56.83 74.27 -33.79
C GLY A 969 57.93 74.73 -32.84
N GLU A 970 57.70 74.57 -31.55
CA GLU A 970 58.67 74.97 -30.54
C GLU A 970 60.10 74.39 -30.50
N SER A 971 60.35 73.11 -30.79
CA SER A 971 61.75 72.76 -30.54
C SER A 971 62.70 73.70 -31.28
N GLN A 972 62.26 74.19 -32.44
CA GLN A 972 63.03 75.15 -33.23
C GLN A 972 63.01 76.54 -32.59
N ARG A 973 61.90 76.87 -31.95
CA ARG A 973 61.75 78.13 -31.23
C ARG A 973 62.54 78.14 -29.93
N ALA A 974 62.68 76.96 -29.33
CA ALA A 974 63.45 76.78 -28.10
C ALA A 974 64.96 76.85 -28.37
N PHE A 975 65.36 76.30 -29.51
CA PHE A 975 66.77 76.31 -29.88
C PHE A 975 67.25 77.67 -30.34
N ILE A 976 66.50 78.26 -31.29
CA ILE A 976 66.86 79.57 -31.80
C ILE A 976 66.66 80.66 -30.76
N GLN A 977 65.50 80.66 -30.13
CA GLN A 977 65.18 81.64 -29.10
C GLN A 977 66.06 81.40 -27.90
N THR A 978 66.24 80.12 -27.56
CA THR A 978 67.07 79.76 -26.42
C THR A 978 68.48 80.22 -26.75
N ILE A 979 68.93 80.07 -28.00
CA ILE A 979 70.26 80.61 -28.37
C ILE A 979 70.39 82.16 -28.33
N ASN A 980 69.48 82.79 -29.05
CA ASN A 980 69.67 84.15 -29.54
C ASN A 980 69.65 85.20 -28.48
N THR A 981 68.50 85.32 -27.83
CA THR A 981 68.35 86.28 -26.77
C THR A 981 69.33 85.91 -25.67
N TYR A 982 70.28 85.00 -25.91
CA TYR A 982 71.16 84.71 -24.78
C TYR A 982 72.29 85.00 -25.76
N PHE A 983 73.50 84.96 -25.38
CA PHE A 983 74.86 85.44 -25.22
C PHE A 983 74.84 86.83 -24.60
N GLY A 984 75.41 87.95 -25.65
CA GLY A 984 75.46 89.24 -24.96
C GLY A 984 76.62 89.77 -24.13
N HIS A 985 77.69 89.17 -23.98
CA HIS A 985 77.81 87.78 -24.39
C HIS A 985 77.70 86.78 -25.55
N ASP A 986 77.91 87.27 -26.77
CA ASP A 986 77.90 86.42 -27.96
C ASP A 986 79.00 85.35 -27.91
N SER A 987 80.13 85.71 -27.32
CA SER A 987 81.26 84.79 -27.16
C SER A 987 80.98 83.74 -26.09
N GLN A 988 80.22 84.13 -25.07
CA GLN A 988 79.83 83.23 -23.99
C GLN A 988 78.77 82.22 -24.45
N GLU A 989 77.91 82.65 -25.38
CA GLU A 989 76.88 81.81 -25.96
C GLU A 989 77.46 80.80 -26.95
N LEU A 990 78.53 81.21 -27.63
CA LEU A 990 79.22 80.36 -28.60
C LEU A 990 80.04 79.26 -27.91
N SER A 991 80.60 79.59 -26.75
CA SER A 991 81.37 78.63 -25.95
C SER A 991 80.46 77.65 -25.23
N ASP A 992 79.23 78.08 -24.94
CA ASP A 992 78.26 77.23 -24.24
C ASP A 992 77.63 76.23 -25.20
N ASP A 1001 72.27 72.55 -30.85
CA ASP A 1001 73.10 72.28 -29.68
C ASP A 1001 72.48 71.17 -28.81
N LYS A 1002 71.49 70.49 -29.36
CA LYS A 1002 70.81 69.42 -28.64
C LYS A 1002 71.15 68.06 -29.23
N LEU A 1003 72.18 68.05 -30.18
CA LEU A 1003 72.38 66.83 -30.93
C LEU A 1003 73.00 65.65 -30.19
N SER A 1004 74.30 65.84 -29.82
CA SER A 1004 75.14 66.73 -30.60
C SER A 1004 76.57 66.24 -30.66
N PHE A 1005 76.94 65.39 -29.71
CA PHE A 1005 78.29 64.83 -29.65
C PHE A 1005 78.43 63.64 -30.59
N SER A 1006 77.34 62.95 -30.84
CA SER A 1006 77.34 61.79 -31.72
C SER A 1006 76.46 62.03 -32.95
N SER A 1007 77.04 61.84 -34.13
CA SER A 1007 76.30 62.04 -35.38
C SER A 1007 74.90 61.47 -35.30
N PHE A 1008 74.64 60.66 -34.28
CA PHE A 1008 73.42 59.87 -34.18
C PHE A 1008 72.44 60.38 -33.12
N CYS A 1009 72.73 60.25 -31.81
CA CYS A 1009 73.95 59.55 -31.40
C CYS A 1009 74.61 58.73 -30.28
N SER A 1010 73.45 58.06 -29.52
CA SER A 1010 72.32 57.42 -30.19
C SER A 1010 73.24 56.50 -30.98
N GLU A 1011 74.40 56.42 -30.88
CA GLU A 1011 75.35 55.60 -31.62
C GLU A 1011 74.93 54.14 -31.62
N ILE A 1012 75.50 53.32 -32.37
CA ILE A 1012 75.08 51.92 -32.45
C ILE A 1012 73.56 52.12 -32.47
N PRO A 1013 72.82 51.38 -31.67
CA PRO A 1013 71.83 51.15 -30.63
C PRO A 1013 72.17 49.84 -29.94
N SER A 1014 73.38 49.37 -30.08
CA SER A 1014 73.81 48.12 -29.48
C SER A 1014 72.62 47.22 -29.17
N VAL A 1015 72.18 46.46 -30.17
CA VAL A 1015 72.81 46.51 -31.50
C VAL A 1015 71.93 46.57 -32.73
N SER A 1016 71.38 45.42 -33.12
CA SER A 1016 71.62 44.17 -32.41
C SER A 1016 70.92 43.15 -33.28
N LEU A 1017 71.04 41.88 -32.91
CA LEU A 1017 70.25 40.80 -33.50
C LEU A 1017 68.82 41.25 -33.75
N GLU A 1018 67.88 40.64 -33.03
CA GLU A 1018 66.47 40.98 -33.17
C GLU A 1018 65.61 40.16 -32.23
N ALA A 1019 64.40 40.64 -31.94
CA ALA A 1019 63.49 39.95 -31.05
C ALA A 1019 62.22 39.53 -31.78
N HIS A 1020 61.37 38.77 -31.11
CA HIS A 1020 60.12 38.29 -31.70
C HIS A 1020 58.96 39.20 -31.33
N GLU A 1021 57.81 38.98 -31.97
CA GLU A 1021 56.62 39.78 -31.71
C GLU A 1021 56.53 40.19 -30.24
N VAL A 1022 56.52 39.18 -29.36
CA VAL A 1022 56.43 39.43 -27.93
C VAL A 1022 57.36 40.57 -27.51
N MET A 1023 58.52 40.65 -28.14
CA MET A 1023 59.48 41.70 -27.84
C MET A 1023 59.01 43.05 -28.34
N ARG A 1024 58.24 43.04 -29.43
CA ARG A 1024 57.72 44.27 -30.01
C ARG A 1024 56.79 44.99 -29.04
N PRO A 1025 56.09 44.21 -28.22
CA PRO A 1025 55.15 44.77 -27.24
C PRO A 1025 55.77 44.96 -25.87
N ASP A 1026 55.81 43.88 -25.09
CA ASP A 1026 56.38 43.93 -23.75
C ASP A 1026 57.81 44.45 -23.80
N ILE A 1027 58.45 44.31 -24.95
CA ILE A 1027 59.82 44.77 -25.13
C ILE A 1027 59.86 46.10 -25.89
N VAL A 1028 58.82 46.90 -25.70
CA VAL A 1028 58.75 48.21 -26.35
C VAL A 1028 60.08 48.60 -26.96
N ILE A 1029 60.08 48.92 -28.25
CA ILE A 1029 61.31 49.31 -28.95
C ILE A 1029 61.23 50.76 -29.41
N PRO A 1030 62.29 51.21 -30.09
CA PRO A 1030 62.34 52.58 -30.59
C PRO A 1030 63.56 53.32 -30.05
N THR A 1031 64.36 54.33 -30.57
CA THR A 1031 64.40 55.48 -29.68
C THR A 1031 65.42 56.48 -30.21
N ILE A 1032 65.46 57.68 -29.87
CA ILE A 1032 65.70 58.90 -30.62
C ILE A 1032 64.92 59.85 -29.72
N ASP A 1033 65.39 61.10 -29.65
CA ASP A 1033 64.73 62.12 -28.83
C ASP A 1033 64.26 61.53 -27.50
N THR A 1034 62.86 61.00 -27.52
CA THR A 1034 62.37 60.77 -26.18
C THR A 1034 63.52 60.39 -25.30
N ILE A 1035 64.46 59.60 -25.76
CA ILE A 1035 65.47 59.07 -24.89
C ILE A 1035 66.18 60.20 -24.24
N LYS A 1036 66.42 61.29 -24.99
CA LYS A 1036 67.13 62.41 -24.44
C LYS A 1036 66.36 63.03 -23.32
N HIS A 1037 65.01 63.08 -23.41
CA HIS A 1037 64.22 63.66 -22.36
C HIS A 1037 64.33 62.88 -21.06
N GLU A 1038 64.29 61.54 -21.13
CA GLU A 1038 64.17 60.73 -19.94
C GLU A 1038 65.23 60.97 -18.93
N LYS A 1039 66.51 61.04 -19.34
CA LYS A 1039 67.58 61.20 -18.40
C LYS A 1039 67.44 62.50 -17.67
N ILE A 1040 67.10 63.59 -18.37
CA ILE A 1040 67.02 64.88 -17.73
C ILE A 1040 65.93 64.89 -16.69
N PHE A 1041 64.75 64.36 -17.04
CA PHE A 1041 63.58 64.37 -16.20
C PHE A 1041 63.73 63.48 -15.00
N TYR A 1042 64.46 62.36 -15.15
CA TYR A 1042 64.53 61.29 -14.19
C TYR A 1042 65.01 61.75 -12.84
N ASP A 1043 66.02 62.62 -12.80
CA ASP A 1043 66.64 62.99 -11.55
C ASP A 1043 65.68 63.71 -10.64
N LEU A 1044 64.76 64.52 -11.20
CA LEU A 1044 63.93 65.34 -10.37
C LEU A 1044 62.83 64.57 -9.72
N LEU A 1045 62.37 64.85 -8.62
CA LEU A 1045 61.28 64.31 -7.87
C LEU A 1045 59.97 64.74 -8.46
N ASN A 1046 59.91 65.97 -8.99
CA ASN A 1046 58.68 66.57 -9.41
C ASN A 1046 57.97 65.70 -10.40
N SER A 1047 56.65 65.69 -10.33
CA SER A 1047 55.83 64.90 -11.24
C SER A 1047 55.53 65.62 -12.54
N LYS A 1048 55.82 64.96 -13.67
CA LYS A 1048 55.58 65.51 -15.00
C LYS A 1048 54.48 64.68 -15.67
N ARG A 1049 53.46 65.32 -16.21
CA ARG A 1049 52.35 64.64 -16.89
C ARG A 1049 52.45 64.80 -18.41
N GLY A 1050 52.39 63.69 -19.14
CA GLY A 1050 52.48 63.71 -20.61
C GLY A 1050 51.10 63.54 -21.28
N ILE A 1051 50.75 64.45 -22.18
CA ILE A 1051 49.46 64.41 -22.88
C ILE A 1051 49.60 63.84 -24.32
N ILE A 1052 48.87 62.76 -24.60
CA ILE A 1052 48.91 62.15 -25.89
C ILE A 1052 47.68 61.33 -26.07
N LEU A 1053 47.41 61.00 -27.30
CA LEU A 1053 46.28 60.17 -27.60
C LEU A 1053 46.62 58.76 -27.23
N CYS A 1054 45.63 57.88 -27.21
CA CYS A 1054 45.84 56.49 -26.86
C CYS A 1054 46.89 55.86 -27.76
N GLY A 1055 47.75 55.01 -27.18
CA GLY A 1055 48.80 54.35 -27.91
C GLY A 1055 49.95 55.08 -28.58
N PRO A 1056 50.88 55.56 -27.77
CA PRO A 1056 52.05 56.29 -28.26
C PRO A 1056 53.40 55.78 -27.82
N PRO A 1057 53.50 55.43 -26.54
CA PRO A 1057 54.75 54.94 -25.98
C PRO A 1057 54.99 55.42 -24.56
N GLY A 1058 53.94 55.91 -23.91
CA GLY A 1058 54.06 56.45 -22.55
C GLY A 1058 54.52 55.32 -21.63
N SER A 1059 53.76 54.24 -21.59
CA SER A 1059 54.07 53.11 -20.73
C SER A 1059 55.42 52.48 -21.08
N GLY A 1060 55.67 52.27 -22.38
CA GLY A 1060 56.92 51.68 -22.83
C GLY A 1060 58.13 52.48 -22.37
N LYS A 1061 58.07 53.79 -22.60
CA LYS A 1061 59.14 54.69 -22.16
C LYS A 1061 59.48 54.47 -20.70
N THR A 1062 58.45 54.42 -19.85
CA THR A 1062 58.64 54.22 -18.42
C THR A 1062 59.32 52.90 -18.12
N MET A 1063 58.78 51.82 -18.68
CA MET A 1063 59.35 50.49 -18.48
C MET A 1063 60.80 50.44 -18.95
N ILE A 1064 61.07 51.11 -20.07
CA ILE A 1064 62.39 51.07 -20.69
C ILE A 1064 63.46 51.71 -19.82
N MET A 1065 63.28 52.98 -19.47
CA MET A 1065 64.27 53.70 -18.68
C MET A 1065 64.49 53.06 -17.31
N ASN A 1066 63.53 52.23 -16.89
CA ASN A 1066 63.68 51.47 -15.66
C ASN A 1066 64.62 50.30 -15.89
N ASN A 1067 64.51 49.69 -17.08
CA ASN A 1067 65.35 48.57 -17.45
C ASN A 1067 66.81 48.99 -17.63
N ALA A 1068 67.07 49.86 -18.39
CA ALA A 1068 68.42 50.37 -18.62
C ALA A 1068 69.14 50.75 -17.33
N LEU A 1069 68.75 50.85 -15.95
CA LEU A 1069 67.29 50.77 -15.87
C LEU A 1069 66.64 51.98 -15.17
N ARG A 1070 66.41 52.38 -14.25
CA ARG A 1070 65.75 53.47 -13.52
C ARG A 1070 65.06 52.99 -12.25
N ASN A 1071 64.24 53.84 -11.65
CA ASN A 1071 63.53 53.48 -10.41
C ASN A 1071 62.51 54.55 -9.98
N SER A 1072 62.03 54.42 -8.74
CA SER A 1072 62.48 53.35 -7.86
C SER A 1072 62.17 51.98 -8.46
N SER A 1073 61.03 51.51 -8.50
CA SER A 1073 60.66 50.35 -9.31
C SER A 1073 59.29 50.78 -9.84
N LEU A 1074 58.39 49.71 -10.69
CA LEU A 1074 57.14 50.44 -10.86
C LEU A 1074 55.73 49.88 -10.70
N TYR A 1075 54.73 50.76 -10.71
CA TYR A 1075 53.34 50.34 -10.60
C TYR A 1075 52.41 51.18 -11.47
N ASP A 1076 51.43 50.53 -12.08
CA ASP A 1076 50.45 51.22 -12.91
C ASP A 1076 49.12 51.37 -12.19
N VAL A 1077 48.36 52.39 -12.58
CA VAL A 1077 47.03 52.61 -12.03
C VAL A 1077 46.20 53.38 -13.05
N VAL A 1078 44.88 53.21 -12.99
CA VAL A 1078 44.01 53.88 -13.95
C VAL A 1078 43.18 54.97 -13.28
N GLY A 1079 43.16 54.10 -15.94
CA GLY A 1079 42.59 54.95 -17.03
C GLY A 1079 41.19 55.68 -17.10
N ILE A 1080 40.99 56.72 -16.28
CA ILE A 1080 39.72 57.45 -16.27
C ILE A 1080 38.56 56.50 -15.96
N ASN A 1081 37.52 56.51 -16.78
CA ASN A 1081 36.38 55.67 -16.51
C ASN A 1081 35.73 56.07 -15.18
N PHE A 1082 35.52 57.20 -14.90
CA PHE A 1082 34.82 57.73 -13.73
C PHE A 1082 35.27 58.71 -12.69
N SER A 1083 36.70 58.99 -12.58
CA SER A 1083 37.27 59.92 -11.61
C SER A 1083 37.07 59.64 -10.13
N LYS A 1084 36.43 58.64 -9.70
CA LYS A 1084 36.51 58.20 -8.31
C LYS A 1084 37.76 57.34 -8.49
N ASP A 1085 38.03 56.93 -7.45
CA ASP A 1085 39.01 57.27 -6.41
C ASP A 1085 39.51 55.98 -5.78
N THR A 1086 38.51 55.27 -5.19
CA THR A 1086 38.78 54.09 -4.37
C THR A 1086 39.68 53.08 -5.08
N THR A 1087 39.43 52.87 -6.37
CA THR A 1087 40.22 51.93 -7.15
C THR A 1087 41.67 52.39 -7.28
N THR A 1088 41.85 53.69 -7.47
CA THR A 1088 43.19 54.27 -7.59
C THR A 1088 43.95 54.20 -6.27
N GLU A 1089 43.21 54.33 -5.16
CA GLU A 1089 43.82 54.30 -3.84
C GLU A 1089 44.08 52.86 -3.41
N HIS A 1090 43.01 52.11 -3.16
CA HIS A 1090 43.13 50.72 -2.74
C HIS A 1090 44.18 49.99 -3.58
N ILE A 1091 44.42 50.52 -4.78
CA ILE A 1091 45.40 49.92 -5.69
C ILE A 1091 46.81 50.38 -5.36
N LEU A 1092 46.95 51.64 -4.99
CA LEU A 1092 48.26 52.21 -4.65
C LEU A 1092 48.90 51.45 -3.49
N SER A 1093 48.12 51.18 -2.46
CA SER A 1093 48.61 50.46 -1.29
C SER A 1093 48.85 48.99 -1.59
N ALA A 1094 48.15 48.48 -2.60
CA ALA A 1094 48.28 47.08 -2.99
C ALA A 1094 49.54 46.86 -3.81
N LEU A 1095 49.93 47.87 -4.58
CA LEU A 1095 51.12 47.79 -5.42
C LEU A 1095 52.40 47.83 -4.57
N HIS A 1096 52.47 48.80 -3.67
CA HIS A 1096 53.62 48.96 -2.80
C HIS A 1096 53.46 48.14 -1.52
N ARG A 1097 52.62 47.01 -1.38
CA ARG A 1097 52.40 46.16 -0.24
C ARG A 1097 52.13 46.96 1.02
N HIS A 1098 52.64 46.57 1.88
CA HIS A 1098 52.48 47.28 3.14
C HIS A 1098 53.89 47.82 3.31
N THR A 1099 54.88 47.03 2.89
CA THR A 1099 56.28 47.35 3.11
C THR A 1099 56.66 48.59 2.31
N ASN A 1100 56.17 48.33 1.30
CA ASN A 1100 56.45 49.47 0.44
C ASN A 1100 55.86 50.73 1.05
N TYR A 1101 54.65 50.61 1.59
CA TYR A 1101 53.98 51.74 2.22
C TYR A 1101 54.79 52.22 3.42
N VAL A 1102 55.32 51.26 4.18
CA VAL A 1102 56.14 51.57 5.34
C VAL A 1102 57.41 52.30 4.93
N ILE A 1116 59.96 54.14 -5.76
CA ILE A 1116 60.05 54.01 -7.19
C ILE A 1116 58.97 54.88 -7.74
N LYS A 1117 58.47 54.59 -8.94
CA LYS A 1117 57.54 55.49 -9.57
C LYS A 1117 56.19 54.89 -9.76
N ASN A 1118 55.16 55.72 -9.47
CA ASN A 1118 53.79 55.33 -9.68
C ASN A 1118 53.34 55.99 -10.95
N LEU A 1119 52.85 55.18 -11.90
CA LEU A 1119 52.39 55.67 -13.17
C LEU A 1119 50.90 55.61 -13.16
N VAL A 1120 50.23 56.77 -13.28
CA VAL A 1120 48.79 56.74 -13.24
C VAL A 1120 48.28 57.07 -14.60
N LEU A 1121 47.81 56.03 -15.32
CA LEU A 1121 47.36 56.31 -16.64
C LEU A 1121 45.97 56.86 -16.55
N PHE A 1122 45.66 57.79 -17.45
CA PHE A 1122 44.35 58.42 -17.48
C PHE A 1122 43.27 58.80 -16.46
N CYS A 1123 43.55 59.79 -15.63
CA CYS A 1123 42.59 60.26 -14.65
C CYS A 1123 42.06 61.63 -15.05
N VAL A 1139 40.09 63.09 -10.87
CA VAL A 1139 41.14 64.08 -11.03
C VAL A 1139 41.33 64.94 -9.79
N VAL A 1140 40.26 65.07 -9.00
CA VAL A 1140 40.26 65.91 -7.80
C VAL A 1140 40.99 65.24 -6.63
N LEU A 1141 40.73 63.95 -6.43
CA LEU A 1141 41.39 63.17 -5.39
C LEU A 1141 42.84 62.85 -5.77
N PHE A 1142 43.10 62.84 -7.07
CA PHE A 1142 44.45 62.65 -7.59
C PHE A 1142 45.30 63.90 -7.42
N LEU A 1143 44.66 65.07 -7.50
CA LEU A 1143 45.32 66.35 -7.27
C LEU A 1143 45.62 66.57 -5.79
N ARG A 1144 44.85 65.88 -4.94
CA ARG A 1144 45.04 65.92 -3.49
C ARG A 1144 46.34 65.23 -3.08
N GLN A 1145 46.48 63.97 -3.47
CA GLN A 1145 47.64 63.14 -3.11
C GLN A 1145 48.92 63.55 -3.83
N LEU A 1146 48.79 64.34 -4.89
CA LEU A 1146 49.92 64.80 -5.68
C LEU A 1146 50.83 65.77 -4.91
N MET A 1147 50.23 66.55 -4.02
CA MET A 1147 50.97 67.55 -3.25
C MET A 1147 50.87 67.32 -1.73
N GLU A 1148 50.37 66.15 -1.32
CA GLU A 1148 50.11 65.92 0.10
C GLU A 1148 50.52 64.56 0.66
N LYS A 1149 50.61 64.50 1.98
CA LYS A 1149 50.63 63.26 2.77
C LYS A 1149 49.44 63.54 3.73
N GLN A 1150 48.64 62.52 4.02
CA GLN A 1150 47.51 62.63 4.94
C GLN A 1150 47.18 61.27 5.52
N GLY A 1151 45.95 61.12 6.02
CA GLY A 1151 45.50 59.86 6.59
C GLY A 1151 44.43 59.22 5.72
N PHE A 1152 44.17 57.93 5.93
CA PHE A 1152 43.14 57.21 5.12
C PHE A 1152 41.68 57.71 5.18
N TRP A 1153 40.78 57.21 4.31
CA TRP A 1153 39.44 57.80 4.30
C TRP A 1153 38.62 57.46 5.56
N LYS A 1154 38.82 56.23 6.07
CA LYS A 1154 38.12 55.78 7.27
C LYS A 1154 38.86 56.15 8.55
N THR A 1155 40.14 56.46 8.42
CA THR A 1155 40.99 56.80 9.57
C THR A 1155 41.18 58.31 9.74
N PRO A 1156 41.82 58.70 10.84
CA PRO A 1156 42.08 60.11 11.15
C PRO A 1156 43.57 60.35 11.42
N GLU A 1157 44.35 59.33 11.08
CA GLU A 1157 45.81 59.24 11.19
C GLU A 1157 46.56 59.95 10.06
N ASN A 1158 47.89 60.05 10.20
CA ASN A 1158 48.72 60.79 9.25
C ASN A 1158 49.59 59.83 8.43
N LYS A 1159 49.72 60.13 7.14
CA LYS A 1159 50.53 59.31 6.24
C LYS A 1159 51.29 60.16 5.24
N TRP A 1160 52.40 59.66 4.71
CA TRP A 1160 53.04 60.26 3.55
C TRP A 1160 54.20 59.25 3.49
N VAL A 1161 54.77 58.88 2.53
CA VAL A 1161 55.93 58.01 2.51
C VAL A 1161 56.73 58.66 1.39
N THR A 1162 56.08 58.89 0.26
CA THR A 1162 56.73 59.50 -0.90
C THR A 1162 56.41 58.75 -2.19
N ILE A 1163 56.85 59.29 -3.31
CA ILE A 1163 56.62 58.68 -4.59
C ILE A 1163 57.12 59.60 -5.64
N GLU A 1164 57.45 59.02 -6.82
CA GLU A 1164 57.79 59.80 -7.97
C GLU A 1164 56.53 59.73 -8.76
N ARG A 1165 55.72 60.60 -8.99
CA ARG A 1165 54.47 60.30 -9.60
C ARG A 1165 54.46 60.79 -11.01
N ILE A 1166 54.11 59.86 -11.94
CA ILE A 1166 54.05 60.18 -13.33
C ILE A 1166 52.63 59.96 -13.75
N HIS A 1167 52.09 60.85 -14.59
CA HIS A 1167 50.72 60.68 -14.97
C HIS A 1167 50.60 60.84 -16.46
N ILE A 1168 49.52 60.29 -17.02
CA ILE A 1168 49.32 60.40 -18.44
C ILE A 1168 47.87 60.70 -18.67
N VAL A 1169 47.58 61.39 -19.77
CA VAL A 1169 46.21 61.75 -20.11
C VAL A 1169 45.95 61.59 -21.60
N GLY A 1170 44.68 61.41 -21.96
CA GLY A 1170 44.30 61.23 -23.36
C GLY A 1170 45.21 62.03 -24.28
N ALA A 1171 44.76 63.21 -24.67
CA ALA A 1171 45.54 64.07 -25.56
C ALA A 1171 45.85 65.41 -24.90
N CYS A 1172 46.13 66.42 -25.71
CA CYS A 1172 46.44 67.75 -25.20
C CYS A 1172 45.26 68.71 -25.38
N ASN A 1173 44.69 69.14 -24.26
CA ASN A 1173 43.55 70.05 -24.29
C ASN A 1173 42.68 69.81 -25.50
N PRO A 1174 42.89 70.62 -26.56
CA PRO A 1174 42.04 70.53 -27.74
C PRO A 1174 41.46 69.17 -28.13
N PRO A 1175 42.24 68.25 -28.52
CA PRO A 1175 41.77 66.91 -28.88
C PRO A 1175 41.09 66.31 -27.66
N THR A 1176 39.91 65.71 -27.86
CA THR A 1176 39.18 65.11 -26.77
C THR A 1176 38.89 66.09 -25.64
N ASP A 1177 38.95 67.38 -25.95
CA ASP A 1177 38.70 68.42 -24.96
C ASP A 1177 38.38 67.81 -23.60
N PRO A 1178 37.52 67.13 -23.52
CA PRO A 1178 36.89 66.56 -22.34
C PRO A 1178 37.72 66.25 -21.09
N GLY A 1179 38.99 65.86 -21.57
CA GLY A 1179 40.07 65.51 -20.63
C GLY A 1179 40.98 66.72 -20.69
N ARG A 1180 41.45 67.18 -19.52
CA ARG A 1180 42.33 68.33 -19.45
C ARG A 1180 41.83 69.36 -18.44
N ILE A 1181 42.72 69.83 -17.59
CA ILE A 1181 42.38 70.81 -16.57
C ILE A 1181 43.53 71.78 -16.31
N PRO A 1182 43.26 73.07 -16.42
CA PRO A 1182 44.27 74.10 -16.20
C PRO A 1182 44.56 74.27 -14.72
N MET A 1183 43.53 74.10 -13.90
CA MET A 1183 43.67 74.23 -12.45
C MET A 1183 44.64 73.20 -11.89
N SER A 1184 44.33 71.92 -12.11
CA SER A 1184 45.17 70.83 -11.64
C SER A 1184 46.36 70.60 -12.56
N GLU A 1185 46.56 71.53 -13.50
CA GLU A 1185 47.66 71.42 -14.45
C GLU A 1185 48.90 72.16 -13.93
N ARG A 1186 48.68 73.14 -13.07
CA ARG A 1186 49.76 73.91 -12.51
C ARG A 1186 50.52 73.08 -11.53
N PHE A 1187 49.92 72.54 -10.52
CA PHE A 1187 50.61 71.67 -9.61
C PHE A 1187 50.83 70.31 -10.22
N THR A 1188 49.83 69.79 -10.95
CA THR A 1188 49.91 68.48 -11.55
C THR A 1188 50.96 68.45 -12.64
N ARG A 1189 51.09 69.59 -13.32
CA ARG A 1189 51.84 69.99 -14.49
C ARG A 1189 53.34 70.10 -14.39
N HIS A 1190 53.88 70.13 -13.17
CA HIS A 1190 55.30 70.29 -12.94
C HIS A 1190 56.06 70.24 -14.25
N ALA A 1191 56.34 69.03 -14.69
CA ALA A 1191 57.02 68.80 -15.92
C ALA A 1191 56.00 68.26 -16.86
N ALA A 1192 56.05 68.68 -18.15
CA ALA A 1192 55.06 68.20 -19.07
C ALA A 1192 55.75 67.79 -20.33
N ILE A 1193 56.10 66.87 -20.99
CA ILE A 1193 56.68 66.29 -22.17
C ILE A 1193 55.61 65.48 -22.85
N TYR A 1198 56.63 62.53 -36.74
CA TYR A 1198 57.42 61.49 -37.38
C TYR A 1198 58.04 61.98 -38.69
N PRO A 1199 58.42 61.37 -40.12
CA PRO A 1199 58.06 59.98 -40.38
C PRO A 1199 59.29 59.08 -40.56
N SER A 1200 60.47 59.68 -40.43
CA SER A 1200 61.75 58.98 -40.58
C SER A 1200 61.97 57.92 -39.51
N GLY A 1201 61.47 58.19 -38.30
CA GLY A 1201 61.54 57.24 -37.18
C GLY A 1201 60.54 56.10 -37.38
N LYS A 1202 59.40 56.41 -37.99
CA LYS A 1202 58.37 55.41 -38.26
C LYS A 1202 58.74 54.51 -39.44
N SER A 1203 59.47 55.06 -40.39
CA SER A 1203 59.95 54.32 -41.56
C SER A 1203 61.09 53.37 -41.18
N LEU A 1204 61.91 53.78 -40.21
CA LEU A 1204 63.00 52.96 -39.70
C LEU A 1204 62.49 51.83 -38.79
N SER A 1205 61.40 52.11 -38.09
CA SER A 1205 60.76 51.12 -37.20
C SER A 1205 60.05 50.03 -38.00
N GLN A 1206 59.52 50.40 -39.17
CA GLN A 1206 58.87 49.45 -40.07
C GLN A 1206 59.91 48.57 -40.77
N ILE A 1207 61.07 49.16 -41.09
CA ILE A 1207 62.16 48.46 -41.75
C ILE A 1207 62.79 47.39 -40.85
N TYR A 1208 62.81 47.65 -39.54
CA TYR A 1208 63.31 46.69 -38.55
C TYR A 1208 62.34 45.54 -38.34
N GLU A 1209 61.04 45.83 -38.49
CA GLU A 1209 59.99 44.83 -38.36
C GLU A 1209 59.94 43.87 -39.55
N ILE A 1210 60.26 44.40 -40.73
CA ILE A 1210 60.28 43.61 -41.96
C ILE A 1210 61.53 42.72 -42.04
N TYR A 1211 62.63 43.20 -41.47
CA TYR A 1211 63.89 42.46 -41.48
C TYR A 1211 63.93 41.45 -40.34
N TYR A 1212 63.37 39.96 -40.52
CA TYR A 1212 63.45 38.90 -39.52
C TYR A 1212 63.66 37.56 -40.23
N LYS A 1213 62.64 37.11 -40.94
CA LYS A 1213 62.71 35.85 -41.68
C LYS A 1213 64.00 35.72 -42.48
N ALA A 1214 63.89 35.90 -43.80
CA ALA A 1214 65.04 35.80 -44.69
C ALA A 1214 64.79 36.95 -45.66
N ILE A 1215 63.58 37.01 -46.20
CA ILE A 1215 63.13 37.53 -47.48
C ILE A 1215 64.18 37.35 -48.57
N PHE A 1216 64.08 36.99 -49.88
CA PHE A 1216 64.95 36.53 -50.96
C PHE A 1216 65.80 37.66 -51.53
N LYS A 1217 65.70 38.52 -50.18
CA LYS A 1217 66.39 39.78 -50.43
C LYS A 1217 65.64 40.97 -49.83
N LEU A 1218 64.40 41.21 -50.03
CA LEU A 1218 63.71 42.34 -49.45
C LEU A 1218 63.64 41.91 -47.99
N VAL A 1219 62.81 42.61 -47.21
CA VAL A 1219 62.06 43.73 -47.74
C VAL A 1219 61.97 45.18 -47.29
N PRO A 1220 63.13 45.82 -47.11
CA PRO A 1220 63.15 47.21 -46.66
C PRO A 1220 62.24 48.10 -47.50
N GLU A 1221 62.09 47.75 -48.77
CA GLU A 1221 61.24 48.50 -49.71
C GLU A 1221 59.76 48.25 -49.45
N PHE A 1222 59.42 47.02 -49.08
CA PHE A 1222 58.05 46.65 -48.74
C PHE A 1222 57.63 47.21 -47.38
N ARG A 1223 58.61 47.39 -46.50
CA ARG A 1223 58.40 47.97 -45.18
C ARG A 1223 58.19 49.49 -45.27
N SER A 1224 58.87 50.12 -46.21
CA SER A 1224 58.72 51.56 -46.46
C SER A 1224 57.36 51.86 -47.11
N TYR A 1225 56.87 50.92 -47.91
CA TYR A 1225 55.55 51.03 -48.53
C TYR A 1225 54.44 50.82 -47.51
N THR A 1226 54.70 49.99 -46.50
CA THR A 1226 53.77 49.74 -45.41
C THR A 1226 53.70 50.93 -44.46
N GLU A 1227 54.82 51.62 -44.29
CA GLU A 1227 54.89 52.82 -43.46
C GLU A 1227 54.23 54.02 -44.15
N PRO A 1228 54.32 54.05 -45.49
CA PRO A 1228 53.69 55.08 -46.30
C PRO A 1228 52.17 54.91 -46.34
N PHE A 1229 51.73 53.66 -46.32
CA PHE A 1229 50.30 53.33 -46.28
C PHE A 1229 49.69 53.62 -44.91
N ALA A 1230 50.49 53.44 -43.86
CA ALA A 1230 50.08 53.75 -42.50
C ALA A 1230 50.02 55.26 -42.27
N ARG A 1231 50.88 55.98 -42.96
CA ARG A 1231 50.89 57.45 -42.92
C ARG A 1231 49.75 58.03 -43.77
N ALA A 1232 49.29 57.24 -44.74
CA ALA A 1232 48.15 57.61 -45.58
C ALA A 1232 46.83 57.13 -45.00
N SER A 1233 46.92 56.26 -43.99
CA SER A 1233 45.74 55.77 -43.27
C SER A 1233 45.10 56.91 -42.45
N VAL A 1234 45.90 57.74 -41.73
CA VAL A 1234 45.90 58.73 -40.66
C VAL A 1234 44.91 59.85 -40.98
N HIS A 1235 45.01 60.31 -42.21
CA HIS A 1235 44.14 61.39 -42.74
C HIS A 1235 42.67 60.98 -42.61
N LEU A 1236 42.42 59.76 -43.03
CA LEU A 1236 41.06 59.17 -43.01
C LEU A 1236 40.53 59.17 -41.58
N TYR A 1237 41.38 58.73 -40.68
CA TYR A 1237 41.06 58.65 -39.25
C TYR A 1237 40.67 60.03 -38.72
N ASN A 1238 41.49 61.00 -39.08
CA ASN A 1238 41.31 62.40 -38.69
C ASN A 1238 39.93 62.89 -39.15
N GLU A 1239 39.65 62.59 -40.41
CA GLU A 1239 38.39 62.98 -41.05
C GLU A 1239 37.20 62.40 -40.27
N CYS A 1240 37.22 61.04 -39.84
CA CYS A 1240 36.36 59.96 -39.34
C CYS A 1240 35.69 60.37 -38.03
N LYS A 1241 36.49 60.93 -37.13
CA LYS A 1241 35.98 61.37 -35.83
C LYS A 1241 34.60 62.01 -35.98
N ALA A 1242 34.54 63.13 -36.69
CA ALA A 1242 33.28 63.84 -36.91
C ALA A 1242 32.25 62.93 -37.57
N ARG A 1243 32.70 62.11 -38.52
CA ARG A 1243 31.82 61.20 -39.22
C ARG A 1243 31.43 59.78 -38.79
N TYR A 1244 32.35 58.84 -38.96
CA TYR A 1244 32.10 57.45 -38.59
C TYR A 1244 32.64 57.45 -37.17
N SER A 1245 33.46 58.17 -36.77
CA SER A 1245 34.00 58.48 -35.45
C SER A 1245 34.38 57.21 -34.70
N THR A 1246 35.39 56.43 -35.07
CA THR A 1246 36.52 56.89 -35.86
C THR A 1246 37.26 58.06 -35.24
N GLY A 1247 37.71 59.16 -36.25
CA GLY A 1247 38.63 60.14 -35.70
C GLY A 1247 39.56 59.19 -34.95
N LEU A 1248 39.63 59.49 -33.62
CA LEU A 1248 40.40 58.64 -32.72
C LEU A 1248 40.45 57.16 -33.08
N GLN A 1249 39.30 56.61 -33.43
CA GLN A 1249 39.21 55.20 -33.79
C GLN A 1249 40.05 54.89 -35.04
N SER A 1250 40.09 55.85 -35.97
CA SER A 1250 40.85 55.68 -37.19
C SER A 1250 42.18 56.43 -37.13
N HIS A 1251 42.49 56.97 -35.94
CA HIS A 1251 43.73 57.71 -35.74
C HIS A 1251 44.66 56.99 -34.77
N TYR A 1252 44.07 56.17 -33.91
CA TYR A 1252 44.83 55.42 -32.92
C TYR A 1252 45.33 54.04 -33.36
N LEU A 1253 46.69 54.03 -33.66
CA LEU A 1253 47.33 55.25 -34.13
C LEU A 1253 48.67 54.96 -34.79
N PHE A 1254 49.40 56.07 -35.58
CA PHE A 1254 50.10 55.37 -36.65
C PHE A 1254 50.93 54.21 -36.11
N SER A 1255 50.97 54.24 -34.71
CA SER A 1255 51.76 53.27 -33.94
C SER A 1255 51.01 51.94 -33.83
N PRO A 1256 49.74 52.07 -33.48
CA PRO A 1256 48.83 50.93 -33.32
C PRO A 1256 48.77 50.12 -34.62
N ARG A 1257 48.59 50.86 -35.70
CA ARG A 1257 48.50 50.30 -37.05
C ARG A 1257 49.77 49.49 -37.37
N GLU A 1258 50.89 50.11 -37.07
CA GLU A 1258 52.22 49.52 -37.29
C GLU A 1258 52.33 48.19 -36.54
N LEU A 1259 51.91 48.24 -35.29
CA LEU A 1259 51.92 47.08 -34.38
C LEU A 1259 51.10 45.94 -34.98
N THR A 1260 49.93 46.31 -35.45
CA THR A 1260 48.98 45.36 -36.06
C THR A 1260 49.64 44.67 -37.26
N ARG A 1261 50.27 45.51 -38.08
CA ARG A 1261 50.97 45.06 -39.29
C ARG A 1261 52.03 44.03 -38.93
N LEU A 1262 52.79 44.38 -37.91
CA LEU A 1262 53.88 43.55 -37.40
C LEU A 1262 53.34 42.18 -36.97
N VAL A 1263 52.25 42.23 -36.24
CA VAL A 1263 51.56 41.04 -35.73
C VAL A 1263 51.15 40.13 -36.90
N ARG A 1264 50.58 40.76 -37.90
CA ARG A 1264 50.11 40.09 -39.12
C ARG A 1264 51.28 39.36 -39.78
N GLY A 1265 52.37 40.08 -39.89
CA GLY A 1265 53.61 39.58 -40.51
C GLY A 1265 54.09 38.33 -39.77
N VAL A 1266 54.09 38.46 -38.46
CA VAL A 1266 54.51 37.37 -37.55
C VAL A 1266 53.66 36.12 -37.79
N TYR A 1267 52.36 36.36 -37.86
CA TYR A 1267 51.37 35.31 -38.09
C TYR A 1267 51.67 34.58 -39.40
N THR A 1268 51.92 35.38 -40.42
CA THR A 1268 52.23 34.90 -41.77
C THR A 1268 53.46 33.98 -41.73
N ALA A 1269 54.46 34.48 -41.04
CA ALA A 1269 55.74 33.76 -40.86
C ALA A 1269 55.50 32.40 -40.22
N ILE A 1270 54.32 32.32 -39.31
CA ILE A 1270 54.38 31.15 -38.46
C ILE A 1270 53.75 29.94 -39.14
N ASN A 1271 52.56 29.70 -39.25
CA ASN A 1271 51.74 28.96 -40.19
C ASN A 1271 52.32 27.56 -40.46
N THR A 1272 52.20 27.46 -41.76
CA THR A 1272 52.95 26.36 -42.36
C THR A 1272 53.76 26.85 -43.56
N GLY A 1273 54.16 25.91 -44.41
CA GLY A 1273 54.95 26.24 -45.60
C GLY A 1273 54.04 26.56 -46.79
N PRO A 1274 53.62 27.81 -46.88
CA PRO A 1274 52.75 28.25 -47.97
C PRO A 1274 53.43 29.31 -48.83
N ARG A 1275 53.30 29.45 -49.92
CA ARG A 1275 53.64 30.33 -51.04
C ARG A 1275 55.13 30.67 -51.04
N GLN A 1276 55.62 31.70 -51.18
CA GLN A 1276 57.03 32.05 -50.96
C GLN A 1276 57.18 33.55 -50.69
N THR A 1277 56.08 34.20 -50.30
CA THR A 1277 56.10 35.62 -50.00
C THR A 1277 56.21 36.92 -50.79
N LEU A 1278 56.59 36.98 -52.12
CA LEU A 1278 56.68 38.16 -52.98
C LEU A 1278 55.20 38.45 -53.18
N ARG A 1279 54.40 37.39 -53.29
CA ARG A 1279 52.95 37.53 -53.48
C ARG A 1279 52.18 37.16 -52.22
N SER A 1280 52.69 36.19 -51.47
CA SER A 1280 52.08 35.75 -50.22
C SER A 1280 52.31 36.76 -49.10
N LEU A 1281 53.45 37.44 -49.14
CA LEU A 1281 53.78 38.48 -48.16
C LEU A 1281 52.97 39.76 -48.40
N ILE A 1282 52.67 40.04 -49.67
CA ILE A 1282 51.86 41.20 -50.04
C ILE A 1282 50.38 40.98 -49.71
N ARG A 1283 49.94 39.73 -49.79
CA ARG A 1283 48.57 39.36 -49.45
C ARG A 1283 48.35 39.37 -47.93
N LEU A 1284 49.40 39.02 -47.19
CA LEU A 1284 49.36 39.04 -45.73
C LEU A 1284 49.39 40.47 -45.18
N TRP A 1285 50.07 41.36 -45.90
CA TRP A 1285 50.13 42.78 -45.54
C TRP A 1285 48.82 43.50 -45.85
N ALA A 1286 48.14 43.05 -46.90
CA ALA A 1286 46.84 43.60 -47.30
C ALA A 1286 45.73 43.15 -46.35
N TYR A 1287 45.86 41.93 -45.82
CA TYR A 1287 44.92 41.38 -44.85
C TYR A 1287 45.10 42.04 -43.48
N GLU A 1288 46.33 42.42 -43.16
CA GLU A 1288 46.64 43.11 -41.91
C GLU A 1288 46.18 44.56 -41.94
N ALA A 1289 46.21 45.17 -43.13
CA ALA A 1289 45.74 46.53 -43.32
C ALA A 1289 44.21 46.62 -43.27
N TRP A 1290 43.55 45.55 -43.72
CA TRP A 1290 42.09 45.45 -43.69
C TRP A 1290 41.58 45.21 -42.26
N ARG A 1291 42.39 44.51 -41.46
CA ARG A 1291 42.06 44.23 -40.06
C ARG A 1291 42.25 45.46 -39.18
N ILE A 1292 42.98 46.23 -39.82
CA ILE A 1292 43.12 47.49 -39.10
C ILE A 1292 42.09 48.51 -39.56
N PHE A 1293 40.74 47.63 -39.80
CA PHE A 1293 39.52 47.14 -40.43
C PHE A 1293 38.72 47.80 -39.30
N ALA A 1294 37.48 47.36 -38.99
CA ALA A 1294 36.30 48.19 -38.83
C ALA A 1294 35.67 47.58 -37.59
N VAL A 1300 32.16 53.30 -47.66
CA VAL A 1300 33.10 53.49 -46.56
C VAL A 1300 34.41 52.76 -46.83
N LYS A 1301 34.32 51.45 -47.05
CA LYS A 1301 35.50 50.63 -47.31
C LYS A 1301 35.94 50.76 -48.76
N GLU A 1302 35.17 51.51 -49.55
CA GLU A 1302 35.49 51.71 -50.96
C GLU A 1302 36.70 52.62 -51.15
N LYS A 1303 36.85 53.60 -50.27
CA LYS A 1303 37.98 54.53 -50.30
C LYS A 1303 39.27 53.88 -49.80
N ASN A 1304 39.13 52.97 -48.85
CA ASN A 1304 40.28 52.24 -48.29
C ASN A 1304 40.83 51.20 -49.25
N SER A 1305 39.92 50.58 -50.02
CA SER A 1305 40.30 49.58 -51.02
C SER A 1305 40.94 50.22 -52.25
N PHE A 1306 40.51 51.43 -52.57
CA PHE A 1306 41.07 52.20 -53.69
C PHE A 1306 42.46 52.74 -53.35
N GLU A 1307 42.67 53.08 -52.08
CA GLU A 1307 43.97 53.56 -51.60
C GLU A 1307 44.98 52.42 -51.49
N GLN A 1308 44.49 51.22 -51.18
CA GLN A 1308 45.33 50.03 -51.10
C GLN A 1308 45.73 49.54 -52.50
N LEU A 1309 44.84 49.73 -53.47
CA LEU A 1309 45.11 49.39 -54.86
C LEU A 1309 46.08 50.38 -55.51
N LEU A 1310 46.02 51.63 -55.07
CA LEU A 1310 46.91 52.68 -55.55
C LEU A 1310 48.32 52.51 -54.99
N TYR A 1311 48.41 52.02 -53.75
CA TYR A 1311 49.68 51.76 -53.08
C TYR A 1311 50.36 50.52 -53.65
N GLU A 1312 49.56 49.56 -54.09
CA GLU A 1312 50.07 48.34 -54.71
C GLU A 1312 50.59 48.59 -56.11
N THR A 1313 49.94 49.51 -56.83
CA THR A 1313 50.33 49.87 -58.20
C THR A 1313 51.55 50.79 -58.23
N VAL A 1314 51.77 51.52 -57.15
CA VAL A 1314 52.85 52.51 -57.06
C VAL A 1314 54.24 51.88 -56.85
N ASP A 1315 54.29 50.85 -56.00
CA ASP A 1315 55.57 50.26 -55.61
C ASP A 1315 55.60 48.73 -55.71
N LYS A 1316 55.33 48.21 -56.90
CA LYS A 1316 55.41 46.77 -57.18
C LYS A 1316 55.46 46.46 -58.69
N TYR A 1317 55.47 45.17 -59.02
CA TYR A 1317 55.58 44.68 -60.40
C TYR A 1317 54.46 45.06 -61.40
N LEU A 1318 53.21 45.21 -60.95
CA LEU A 1318 52.78 45.13 -59.57
C LEU A 1318 52.39 43.71 -59.14
N PRO A 1319 51.19 43.30 -59.56
CA PRO A 1319 50.64 41.98 -59.26
C PRO A 1319 49.39 41.83 -60.10
N ASN A 1320 48.53 40.87 -59.74
CA ASN A 1320 47.24 40.66 -60.40
C ASN A 1320 46.31 39.95 -59.41
N GLN A 1321 45.87 40.68 -58.39
CA GLN A 1321 45.02 40.11 -57.34
C GLN A 1321 44.06 41.14 -56.76
N ASP A 1322 42.78 40.76 -56.73
CA ASP A 1322 41.70 41.58 -56.16
C ASP A 1322 40.52 40.72 -55.76
N LEU A 1323 40.03 40.92 -54.54
CA LEU A 1323 38.88 40.18 -54.02
C LEU A 1323 38.01 41.22 -53.28
N GLY A 1324 38.55 41.94 -52.29
CA GLY A 1324 39.93 41.82 -51.82
C GLY A 1324 40.33 40.97 -50.61
N ASN A 1325 41.34 40.13 -50.81
CA ASN A 1325 41.88 39.21 -49.78
C ASN A 1325 41.56 38.08 -48.82
N ILE A 1326 41.08 36.97 -49.39
CA ILE A 1326 40.75 35.76 -48.62
C ILE A 1326 41.51 35.08 -47.47
N SER A 1327 42.62 34.83 -47.52
CA SER A 1327 43.67 34.10 -46.77
C SER A 1327 43.40 32.62 -46.54
N SER A 1328 43.81 32.38 -45.05
CA SER A 1328 43.61 31.08 -44.42
C SER A 1328 43.39 31.26 -42.90
N THR A 1329 42.91 30.24 -42.19
CA THR A 1329 42.57 28.92 -42.73
C THR A 1329 41.14 28.53 -42.37
N ASN A 1345 38.17 28.85 -57.98
CA ASN A 1345 37.25 29.65 -57.17
C ASN A 1345 37.76 29.77 -55.74
N LYS A 1346 37.72 28.64 -55.13
CA LYS A 1346 36.70 27.61 -55.37
C LYS A 1346 36.42 26.82 -54.10
N THR A 1347 38.07 26.11 -54.03
CA THR A 1347 38.31 25.01 -53.10
C THR A 1347 38.32 25.48 -51.65
N ASP A 1348 38.82 26.70 -51.43
CA ASP A 1348 38.87 27.31 -50.09
C ASP A 1348 37.48 27.78 -49.64
N LEU A 1349 36.67 28.20 -50.60
CA LEU A 1349 35.30 28.66 -50.33
C LEU A 1349 34.36 27.49 -50.03
N VAL A 1350 34.58 26.36 -50.70
CA VAL A 1350 33.78 25.16 -50.50
C VAL A 1350 34.13 24.46 -49.19
N ASN A 1351 35.40 24.53 -48.80
CA ASN A 1351 35.87 23.92 -47.55
C ASN A 1351 35.40 24.71 -46.33
N PHE A 1352 35.35 26.03 -46.46
CA PHE A 1352 34.89 26.92 -45.39
C PHE A 1352 33.38 26.83 -45.19
N ILE A 1353 32.65 26.64 -46.29
CA ILE A 1353 31.20 26.51 -46.25
C ILE A 1353 30.77 25.16 -45.66
N GLU A 1354 31.53 24.12 -45.99
CA GLU A 1354 31.28 22.77 -45.46
C GLU A 1354 31.68 22.68 -43.99
N GLU A 1355 32.68 23.46 -43.61
CA GLU A 1355 33.13 23.53 -42.21
C GLU A 1355 32.13 24.29 -41.35
N ARG A 1356 31.59 25.40 -41.88
CA ARG A 1356 30.63 26.24 -41.17
C ARG A 1356 29.27 25.56 -41.00
N PHE A 1357 28.85 24.79 -42.00
CA PHE A 1357 27.62 24.01 -41.93
C PHE A 1357 27.75 22.87 -40.92
N LYS A 1358 28.97 22.35 -40.79
CA LYS A 1358 29.28 21.32 -39.80
C LYS A 1358 29.66 21.94 -38.45
N THR A 1359 30.00 23.22 -38.45
CA THR A 1359 30.35 23.95 -37.22
C THR A 1359 29.11 24.41 -36.46
N PHE A 1360 27.96 24.35 -37.13
CA PHE A 1360 26.68 24.62 -36.49
C PHE A 1360 25.90 23.33 -36.25
N CYS A 1361 26.62 22.20 -36.18
CA CYS A 1361 25.97 20.90 -35.99
C CYS A 1361 26.67 19.66 -35.38
N ASP A 1362 27.57 19.76 -34.39
CA ASP A 1362 28.21 20.95 -33.77
C ASP A 1362 27.24 22.00 -33.18
N GLU A 1363 25.73 21.78 -33.17
CA GLU A 1363 24.86 22.63 -32.34
C GLU A 1363 23.68 21.87 -31.69
N GLU A 1364 22.78 21.46 -32.35
CA GLU A 1364 22.62 21.94 -33.73
C GLU A 1364 21.41 22.87 -33.83
N PRO A 1368 17.24 28.54 -38.65
CA PRO A 1368 17.20 29.97 -38.88
C PRO A 1368 18.28 30.69 -38.08
N MET A 1369 19.63 31.01 -38.78
CA MET A 1369 20.23 32.21 -38.20
C MET A 1369 20.85 32.97 -39.38
N VAL A 1370 21.79 31.90 -40.04
CA VAL A 1370 22.85 32.25 -40.98
C VAL A 1370 22.83 31.25 -42.17
N ILE A 1371 23.76 31.33 -43.13
CA ILE A 1371 24.90 32.27 -43.15
C ILE A 1371 24.98 33.04 -44.48
N HIS A 1372 26.00 33.89 -44.58
CA HIS A 1372 26.26 34.67 -45.80
C HIS A 1372 27.74 35.02 -45.91
N GLU A 1373 28.06 35.90 -46.86
CA GLU A 1373 29.43 36.39 -47.05
C GLU A 1373 29.87 37.30 -45.90
N SER A 1374 28.91 37.98 -45.30
CA SER A 1374 29.15 38.83 -44.13
C SER A 1374 29.41 38.00 -42.88
N MET A 1375 28.80 36.81 -42.83
CA MET A 1375 29.00 35.86 -41.73
C MET A 1375 30.38 35.20 -41.81
N VAL A 1376 30.89 35.02 -43.02
CA VAL A 1376 32.21 34.46 -43.27
C VAL A 1376 33.31 35.46 -42.90
N ASP A 1377 33.03 36.74 -43.11
CA ASP A 1377 33.95 37.81 -42.74
C ASP A 1377 33.97 38.03 -41.22
N HIS A 1378 32.84 37.79 -40.58
CA HIS A 1378 32.72 37.89 -39.13
C HIS A 1378 33.41 36.71 -38.42
N ILE A 1379 33.38 35.55 -39.08
CA ILE A 1379 34.05 34.35 -38.56
C ILE A 1379 35.57 34.45 -38.72
N LEU A 1380 36.00 35.12 -39.78
CA LEU A 1380 37.43 35.34 -40.03
C LEU A 1380 38.02 36.40 -39.11
N ARG A 1381 37.20 37.38 -38.74
CA ARG A 1381 37.60 38.44 -37.83
C ARG A 1381 37.75 37.94 -36.40
N ILE A 1382 36.89 37.01 -36.01
CA ILE A 1382 36.93 36.40 -34.68
C ILE A 1382 38.06 35.37 -34.57
N ASP A 1383 38.41 34.75 -35.69
CA ASP A 1383 39.53 33.81 -35.74
C ASP A 1383 40.88 34.52 -35.71
N ARG A 1384 40.89 35.76 -36.20
CA ARG A 1384 42.10 36.60 -36.17
C ARG A 1384 42.39 37.09 -34.76
N ALA A 1385 41.35 37.48 -34.04
CA ALA A 1385 41.46 37.87 -32.64
C ALA A 1385 40.92 36.75 -31.74
N LEU A 1386 41.50 35.57 -31.90
CA LEU A 1386 41.06 34.37 -31.19
C LEU A 1386 41.48 34.34 -29.72
N LYS A 1387 42.39 35.23 -29.33
CA LYS A 1387 42.92 35.23 -27.96
C LYS A 1387 43.07 36.63 -27.35
N GLN A 1388 43.57 37.57 -28.14
CA GLN A 1388 44.03 38.87 -27.61
C GLN A 1388 43.14 40.09 -27.37
N VAL A 1389 42.75 40.77 -28.46
CA VAL A 1389 42.12 42.10 -28.40
C VAL A 1389 40.61 41.92 -28.20
N GLN A 1390 40.01 42.93 -27.57
CA GLN A 1390 38.57 42.95 -27.32
C GLN A 1390 37.79 43.31 -28.58
N GLY A 1391 36.62 42.68 -28.75
CA GLY A 1391 35.78 42.91 -29.92
C GLY A 1391 34.43 43.51 -29.53
N HIS A 1392 34.05 44.58 -30.21
CA HIS A 1392 32.77 45.25 -29.99
C HIS A 1392 31.79 44.91 -31.12
N MET A 1393 30.79 44.10 -30.79
CA MET A 1393 29.77 43.67 -31.75
C MET A 1393 28.54 44.58 -31.69
N MET A 1394 28.08 45.00 -32.87
CA MET A 1394 26.95 45.93 -32.97
C MET A 1394 25.86 45.42 -33.92
N LEU A 1395 24.80 45.95 -34.00
CA LEU A 1395 23.50 45.59 -34.60
C LEU A 1395 22.52 45.10 -33.56
N ILE A 1396 21.38 44.44 -34.48
CA ILE A 1396 20.27 43.74 -33.83
C ILE A 1396 20.77 42.48 -33.16
N GLY A 1397 20.46 42.34 -31.87
CA GLY A 1397 20.98 41.26 -31.03
C GLY A 1397 20.49 39.87 -31.48
N ALA A 1398 21.00 39.31 -32.41
CA ALA A 1398 20.89 37.97 -32.98
C ALA A 1398 22.23 37.52 -33.57
N SER A 1399 22.69 38.10 -34.60
CA SER A 1399 23.84 37.64 -35.39
C SER A 1399 25.17 37.91 -34.68
N ARG A 1400 25.18 38.91 -33.80
CA ARG A 1400 26.37 39.30 -33.05
C ARG A 1400 26.77 38.25 -32.01
N THR A 1401 25.78 37.70 -31.32
CA THR A 1401 26.01 36.68 -30.29
C THR A 1401 26.23 35.29 -30.89
N GLY A 1402 25.61 35.04 -32.05
CA GLY A 1402 25.71 33.76 -32.74
C GLY A 1402 27.09 33.54 -33.38
N LYS A 1403 27.65 34.60 -33.96
CA LYS A 1403 28.96 34.54 -34.59
C LYS A 1403 30.09 34.46 -33.57
N THR A 1404 29.87 35.05 -32.40
CA THR A 1404 30.85 35.03 -31.31
C THR A 1404 30.90 33.67 -30.62
N ILE A 1405 29.74 33.04 -30.47
CA ILE A 1405 29.63 31.74 -29.80
C ILE A 1405 30.11 30.59 -30.69
N LEU A 1406 29.88 30.71 -32.00
CA LEU A 1406 30.30 29.69 -32.96
C LEU A 1406 31.82 29.67 -33.15
N THR A 1407 32.43 30.84 -33.09
CA THR A 1407 33.88 30.96 -33.24
C THR A 1407 34.63 30.55 -31.98
N ARG A 1408 34.02 30.79 -30.82
CA ARG A 1408 34.58 30.41 -29.53
C ARG A 1408 34.53 28.90 -29.31
N PHE A 1409 33.48 28.27 -29.84
CA PHE A 1409 33.33 26.82 -29.78
C PHE A 1409 34.28 26.12 -30.75
N VAL A 1410 34.49 26.74 -31.90
CA VAL A 1410 35.42 26.22 -32.90
C VAL A 1410 36.87 26.48 -32.50
N ALA A 1411 37.09 27.59 -31.78
CA ALA A 1411 38.42 27.95 -31.31
C ALA A 1411 38.40 28.53 -29.88
N TRP A 1412 38.85 27.74 -28.46
CA TRP A 1412 38.80 26.31 -28.77
C TRP A 1412 38.08 25.39 -27.77
N LEU A 1413 38.99 25.26 -26.80
CA LEU A 1413 38.73 24.51 -25.56
C LEU A 1413 38.54 25.54 -24.44
N ASN A 1414 38.76 26.81 -24.80
CA ASN A 1414 38.57 27.92 -23.87
C ASN A 1414 37.12 28.03 -23.41
N GLY A 1415 36.92 28.21 -22.10
CA GLY A 1415 35.59 28.29 -21.52
C GLY A 1415 34.90 29.62 -21.82
N LEU A 1416 33.76 29.54 -22.50
CA LEU A 1416 32.99 30.73 -22.87
C LEU A 1416 31.90 31.02 -21.85
N LYS A 1417 31.87 32.25 -21.34
CA LYS A 1417 30.88 32.68 -20.37
C LYS A 1417 30.08 33.87 -20.89
N ILE A 1418 28.80 33.62 -21.20
CA ILE A 1418 27.91 34.66 -21.70
C ILE A 1418 26.98 35.16 -20.59
N VAL A 1419 26.99 36.47 -20.36
CA VAL A 1419 26.16 37.09 -19.34
C VAL A 1419 25.62 38.44 -19.80
N GLN A 1420 24.30 38.60 -19.75
CA GLN A 1420 23.65 39.86 -20.09
C GLN A 1420 23.72 40.83 -18.90
N PRO A 1421 23.88 42.10 -19.21
CA PRO A 1421 23.92 43.14 -18.18
C PRO A 1421 22.53 43.45 -17.66
N LYS A 1422 21.53 43.27 -18.52
CA LYS A 1422 20.12 43.40 -18.15
C LYS A 1422 19.68 42.25 -17.27
N ILE A 1423 20.33 41.10 -17.43
CA ILE A 1423 20.01 39.89 -16.66
C ILE A 1423 19.96 40.15 -15.16
N HIS A 1424 21.09 40.56 -14.59
CA HIS A 1424 21.13 40.98 -13.20
C HIS A 1424 20.53 42.37 -13.07
N ARG A 1425 19.53 42.50 -12.20
CA ARG A 1425 18.78 43.75 -12.01
C ARG A 1425 19.67 44.88 -11.49
N HIS A 1426 19.13 46.10 -11.48
CA HIS A 1426 19.84 47.32 -11.08
C HIS A 1426 20.88 47.14 -9.96
N SER A 1427 20.56 46.32 -8.97
CA SER A 1427 21.44 46.04 -7.84
C SER A 1427 22.63 45.13 -8.20
N ASN A 1428 22.94 45.05 -9.49
CA ASN A 1428 24.05 44.25 -10.00
C ASN A 1428 25.40 44.90 -9.69
N LEU A 1429 25.39 46.22 -9.57
CA LEU A 1429 26.60 47.03 -9.34
C LEU A 1429 27.65 46.36 -8.43
N SER A 1430 27.18 45.76 -7.34
CA SER A 1430 28.06 45.07 -6.38
C SER A 1430 28.10 43.55 -6.62
N ASP A 1431 27.04 43.01 -7.19
CA ASP A 1431 26.92 41.57 -7.43
C ASP A 1431 27.59 41.11 -8.73
N PHE A 1432 27.47 41.93 -9.78
CA PHE A 1432 28.07 41.61 -11.08
C PHE A 1432 29.60 41.70 -11.05
N ASP A 1433 30.11 42.57 -10.20
CA ASP A 1433 31.56 42.68 -9.96
C ASP A 1433 32.07 41.45 -9.21
N MET A 1434 31.22 40.91 -8.33
CA MET A 1434 31.52 39.68 -7.60
C MET A 1434 31.35 38.45 -8.50
N ILE A 1435 30.43 38.55 -9.46
CA ILE A 1435 30.20 37.49 -10.43
C ILE A 1435 31.33 37.41 -11.45
N LEU A 1436 31.89 38.57 -11.80
CA LEU A 1436 33.04 38.64 -12.71
C LEU A 1436 34.32 38.18 -12.01
N LYS A 1437 34.38 38.42 -10.69
CA LYS A 1437 35.51 37.96 -9.87
C LYS A 1437 35.47 36.45 -9.68
N LYS A 1438 34.26 35.91 -9.55
CA LYS A 1438 34.05 34.47 -9.42
C LYS A 1438 34.28 33.75 -10.75
N ALA A 1439 34.00 34.44 -11.84
CA ALA A 1439 34.23 33.91 -13.19
C ALA A 1439 35.73 33.84 -13.52
N ILE A 1440 36.52 34.65 -12.83
CA ILE A 1440 37.98 34.64 -12.97
C ILE A 1440 38.63 33.74 -11.91
N SER A 1441 37.93 33.55 -10.79
CA SER A 1441 38.42 32.70 -9.70
C SER A 1441 38.21 31.21 -9.97
N ASP A 1442 37.03 30.87 -10.50
CA ASP A 1442 36.75 29.51 -10.98
C ASP A 1442 37.55 29.25 -12.25
N CYS A 1443 38.25 30.30 -12.71
CA CYS A 1443 39.13 30.24 -13.86
C CYS A 1443 40.60 30.24 -13.44
N SER A 1444 40.87 30.59 -12.19
CA SER A 1444 42.24 30.47 -11.64
C SER A 1444 42.72 29.02 -11.72
N LEU A 1445 41.75 28.10 -11.74
CA LEU A 1445 42.01 26.69 -12.00
C LEU A 1445 41.88 26.35 -13.48
N LYS A 1446 41.09 27.15 -14.21
CA LYS A 1446 40.86 26.95 -15.64
C LYS A 1446 41.45 28.09 -16.49
N GLU A 1447 40.63 29.11 -16.78
CA GLU A 1447 41.03 30.32 -17.53
C GLU A 1447 41.26 30.15 -19.03
N SER A 1448 42.07 31.06 -19.59
CA SER A 1448 42.28 31.15 -21.03
C SER A 1448 41.04 31.33 -21.88
N ARG A 1449 39.91 31.55 -21.22
CA ARG A 1449 38.61 31.58 -21.88
C ARG A 1449 38.19 32.94 -22.39
N THR A 1450 36.89 33.12 -22.58
CA THR A 1450 36.33 34.37 -23.09
C THR A 1450 35.04 34.77 -22.37
N CYS A 1451 34.90 36.06 -22.10
CA CYS A 1451 33.73 36.60 -21.43
C CYS A 1451 32.89 37.45 -22.38
N LEU A 1452 31.62 37.07 -22.54
CA LEU A 1452 30.69 37.80 -23.40
C LEU A 1452 29.72 38.64 -22.58
N ILE A 1453 29.73 39.95 -22.84
CA ILE A 1453 28.87 40.89 -22.11
C ILE A 1453 27.82 41.50 -23.04
N ILE A 1454 26.60 40.97 -22.96
CA ILE A 1454 25.48 41.47 -23.73
C ILE A 1454 24.92 42.74 -23.10
N ASP A 1455 24.45 43.67 -23.94
CA ASP A 1455 23.96 44.99 -23.51
C ASP A 1455 24.99 45.72 -22.66
N GLU A 1456 26.15 45.99 -23.24
CA GLU A 1456 27.28 46.61 -22.55
C GLU A 1456 27.01 48.02 -22.03
N SER A 1457 26.04 48.70 -22.65
CA SER A 1457 25.65 50.06 -22.24
C SER A 1457 24.89 50.13 -20.94
N ASN A 1458 24.38 48.98 -20.49
CA ASN A 1458 23.63 48.89 -19.24
C ASN A 1458 24.53 48.78 -18.00
N ILE A 1459 25.83 48.63 -18.23
CA ILE A 1459 26.81 48.53 -17.15
C ILE A 1459 26.98 49.85 -16.41
N LEU A 1460 27.18 49.77 -15.10
CA LEU A 1460 27.34 50.95 -14.24
C LEU A 1460 28.69 51.63 -14.46
N GLU A 1461 28.79 52.87 -13.98
CA GLU A 1461 30.01 53.67 -14.11
C GLU A 1461 31.19 53.05 -13.35
N THR A 1462 30.91 52.44 -12.21
CA THR A 1462 31.91 51.74 -11.41
C THR A 1462 32.32 50.41 -12.03
N ALA A 1463 31.35 49.77 -12.70
CA ALA A 1463 31.58 48.50 -13.39
C ALA A 1463 32.37 48.70 -14.69
N PHE A 1464 32.20 49.86 -15.31
CA PHE A 1464 32.91 50.22 -16.54
C PHE A 1464 34.37 50.56 -16.26
N LEU A 1465 34.64 51.09 -15.07
CA LEU A 1465 35.99 51.44 -14.65
C LEU A 1465 36.82 50.19 -14.29
N GLU A 1466 36.15 49.20 -13.72
CA GLU A 1466 36.79 47.93 -13.37
C GLU A 1466 37.07 47.07 -14.60
N ARG A 1467 36.20 47.18 -15.60
CA ARG A 1467 36.35 46.45 -16.86
C ARG A 1467 37.44 47.06 -17.74
N MET A 1468 37.64 48.38 -17.60
CA MET A 1468 38.68 49.10 -18.34
C MET A 1468 40.08 48.76 -17.82
N ASN A 1469 40.17 48.56 -16.51
CA ASN A 1469 41.44 48.18 -15.86
C ASN A 1469 41.79 46.72 -16.15
N THR A 1470 40.75 45.89 -16.30
CA THR A 1470 40.91 44.47 -16.62
C THR A 1470 41.30 44.26 -18.09
N LEU A 1471 40.97 45.23 -18.93
CA LEU A 1471 41.31 45.19 -20.35
C LEU A 1471 42.69 45.81 -20.61
N LEU A 1472 43.21 46.54 -19.63
CA LEU A 1472 44.51 47.21 -19.74
C LEU A 1472 45.62 46.44 -19.02
N ALA A 1473 45.31 45.91 -17.84
CA ALA A 1473 46.30 45.19 -17.02
C ALA A 1473 46.14 43.68 -17.07
N ASN A 1474 44.89 43.21 -17.16
CA ASN A 1474 44.59 41.78 -17.20
C ASN A 1474 44.52 41.18 -15.81
N ASP A 1479 41.89 43.53 -13.07
CA ASP A 1479 41.99 42.46 -12.07
C ASP A 1479 42.40 42.99 -10.70
N LEU A 1480 42.10 42.19 -9.66
CA LEU A 1480 42.48 42.49 -8.26
C LEU A 1480 41.06 43.07 -8.17
N PHE A 1481 40.60 42.99 -6.74
CA PHE A 1481 41.10 42.10 -5.69
C PHE A 1481 40.23 42.18 -4.43
N GLN A 1482 40.51 41.28 -3.48
CA GLN A 1482 39.91 41.30 -2.15
C GLN A 1482 40.91 40.73 -1.13
N GLY A 1483 41.92 41.52 -0.80
CA GLY A 1483 43.00 41.11 0.11
C GLY A 1483 42.69 41.49 1.57
N GLU A 1484 43.14 40.68 2.54
CA GLU A 1484 43.96 39.50 2.31
C GLU A 1484 43.18 38.18 2.39
N GLU A 1485 42.11 38.11 1.62
CA GLU A 1485 41.34 36.88 1.46
C GLU A 1485 41.72 36.21 0.13
N TYR A 1486 42.10 37.04 -0.83
CA TYR A 1486 42.57 36.57 -2.14
C TYR A 1486 44.07 36.22 -2.10
N ASP A 1487 44.73 36.61 -1.02
CA ASP A 1487 46.14 36.27 -0.80
C ASP A 1487 46.30 34.78 -0.54
N LYS A 1488 45.29 34.17 0.06
CA LYS A 1488 45.23 32.72 0.26
C LYS A 1488 44.92 32.01 -1.06
N LEU A 1489 44.15 32.68 -1.92
CA LEU A 1489 43.84 32.18 -3.26
C LEU A 1489 45.05 32.27 -4.19
N LEU A 1490 45.88 33.28 -3.97
CA LEU A 1490 47.12 33.46 -4.71
C LEU A 1490 48.18 32.46 -4.26
N ASN A 1491 48.14 32.10 -2.96
CA ASN A 1491 49.03 31.09 -2.40
C ASN A 1491 48.65 29.69 -2.83
N ASN A 1492 47.35 29.47 -3.02
CA ASN A 1492 46.83 28.18 -3.50
C ASN A 1492 47.13 27.97 -4.98
N LEU A 1493 47.15 29.07 -5.74
CA LEU A 1493 47.49 29.03 -7.17
C LEU A 1493 48.99 28.81 -7.37
N ARG A 1494 49.79 29.32 -6.45
CA ARG A 1494 51.24 29.14 -6.48
C ARG A 1494 51.63 27.72 -6.06
N ASN A 1495 50.84 27.13 -5.16
CA ASN A 1495 51.05 25.75 -4.71
C ASN A 1495 50.63 24.74 -5.79
N LYS A 1496 49.63 25.11 -6.57
CA LYS A 1496 49.14 24.27 -7.67
C LYS A 1496 50.12 24.30 -8.86
N THR A 1497 50.79 25.43 -9.04
CA THR A 1497 51.78 25.59 -10.10
C THR A 1497 53.09 24.85 -9.77
N ARG A 1498 53.41 24.78 -8.48
CA ARG A 1498 54.62 24.11 -8.01
C ARG A 1498 54.43 22.59 -7.99
N ASP A 1505 59.35 26.44 -8.66
CA ASP A 1505 57.98 26.93 -8.89
C ASP A 1505 57.75 28.30 -8.23
N THR A 1506 58.84 28.93 -7.79
CA THR A 1506 58.76 30.24 -7.15
C THR A 1506 59.79 31.21 -7.74
N GLU A 1507 59.30 32.25 -8.40
CA GLU A 1507 60.16 33.31 -8.92
C GLU A 1507 59.84 33.98 -7.58
N GLN A 1508 60.02 35.27 -7.48
CA GLN A 1508 60.26 36.05 -6.27
C GLN A 1508 59.50 37.37 -6.28
N GLU A 1509 59.35 37.99 -5.11
CA GLU A 1509 58.68 39.26 -4.97
C GLU A 1509 57.24 39.37 -5.48
N LEU A 1510 56.82 40.37 -6.09
CA LEU A 1510 55.42 40.59 -6.44
C LEU A 1510 55.41 39.54 -7.54
N TYR A 1511 56.37 39.66 -8.46
CA TYR A 1511 56.65 38.61 -9.44
C TYR A 1511 55.49 37.60 -9.46
N ASP A 1512 55.11 37.19 -8.26
CA ASP A 1512 54.03 36.24 -8.06
C ASP A 1512 52.74 36.75 -8.69
N TRP A 1513 52.47 38.00 -8.40
CA TRP A 1513 51.27 38.71 -8.91
C TRP A 1513 51.26 38.67 -10.43
N PHE A 1514 52.41 39.00 -10.99
CA PHE A 1514 52.62 39.03 -12.45
C PHE A 1514 52.31 37.66 -13.05
N VAL A 1515 52.85 36.65 -12.40
CA VAL A 1515 52.68 35.25 -12.81
C VAL A 1515 51.19 34.89 -12.84
N GLY A 1516 50.52 35.28 -11.77
CA GLY A 1516 49.08 35.04 -11.60
C GLY A 1516 48.29 35.67 -12.75
N GLU A 1517 48.66 36.91 -13.03
CA GLU A 1517 48.04 37.70 -14.10
C GLU A 1517 48.19 36.97 -15.45
N ILE A 1518 49.40 36.51 -15.67
CA ILE A 1518 49.76 35.79 -16.90
C ILE A 1518 48.88 34.55 -17.05
N ALA A 1519 48.78 33.82 -15.95
CA ALA A 1519 47.98 32.60 -15.87
C ALA A 1519 46.52 32.89 -16.25
N LYS A 1520 46.49 34.20 -16.22
CA LYS A 1520 45.03 34.17 -16.19
C LYS A 1520 44.44 35.09 -17.27
N ASN A 1521 45.05 35.08 -18.45
CA ASN A 1521 44.62 35.88 -19.58
C ASN A 1521 43.33 35.34 -20.20
N LEU A 1522 42.58 36.22 -20.87
CA LEU A 1522 41.31 35.85 -21.50
C LEU A 1522 40.98 36.78 -22.67
N HIS A 1523 39.71 36.78 -23.06
CA HIS A 1523 39.21 37.66 -24.12
C HIS A 1523 37.89 38.29 -23.70
N VAL A 1524 37.71 39.57 -24.05
CA VAL A 1524 36.49 40.30 -23.71
C VAL A 1524 35.65 40.60 -24.94
N VAL A 1525 34.42 40.11 -24.94
CA VAL A 1525 33.48 40.34 -26.06
C VAL A 1525 32.30 41.18 -25.59
N PHE A 1526 32.02 42.25 -26.32
CA PHE A 1526 30.93 43.16 -25.99
C PHE A 1526 29.86 43.19 -27.08
N THR A 1527 28.60 43.25 -26.67
CA THR A 1527 27.47 43.32 -27.58
C THR A 1527 26.52 44.44 -27.19
N ILE A 1528 26.19 45.30 -28.16
CA ILE A 1528 25.29 46.43 -27.94
C ILE A 1528 24.47 46.74 -29.19
N CYS A 1529 23.16 46.90 -29.00
CA CYS A 1529 22.25 47.26 -30.09
C CYS A 1529 22.04 48.77 -30.18
N ASP A 1530 22.46 49.49 -29.13
CA ASP A 1530 22.31 50.93 -29.10
C ASP A 1530 23.39 51.62 -29.91
N PRO A 1531 23.05 52.78 -30.49
CA PRO A 1531 23.99 53.53 -31.30
C PRO A 1531 23.30 54.69 -32.01
N THR A 1532 22.00 54.54 -32.25
CA THR A 1532 21.22 55.57 -32.92
C THR A 1532 21.03 56.79 -32.02
N ASN A 1533 21.37 56.63 -30.74
CA ASN A 1533 21.23 57.71 -29.77
C ASN A 1533 22.68 58.02 -29.41
N ASN A 1534 22.89 58.53 -28.21
CA ASN A 1534 24.23 58.87 -27.74
C ASN A 1534 24.55 58.46 -26.32
N LYS A 1535 23.76 57.54 -25.77
CA LYS A 1535 23.96 57.06 -24.41
C LYS A 1535 24.88 55.84 -24.38
N SER A 1536 24.63 54.90 -25.28
CA SER A 1536 25.43 53.68 -25.36
C SER A 1536 26.56 53.82 -26.39
N SER A 1537 26.33 54.64 -27.42
CA SER A 1537 27.33 54.94 -28.43
C SER A 1537 28.45 55.81 -27.86
N ALA A 1538 28.08 56.71 -26.93
CA ALA A 1538 29.03 57.56 -26.24
C ALA A 1538 29.80 56.77 -25.18
N MET A 1539 29.14 55.77 -24.59
CA MET A 1539 29.76 54.89 -23.60
C MET A 1539 30.77 53.94 -24.24
N ILE A 1540 30.47 53.51 -25.47
CA ILE A 1540 31.37 52.65 -26.24
C ILE A 1540 32.56 53.44 -26.76
N SER A 1541 32.34 54.72 -27.04
CA SER A 1541 33.40 55.62 -27.49
C SER A 1541 34.34 55.99 -26.34
N SER A 1542 33.77 56.14 -25.15
CA SER A 1542 34.53 56.44 -23.94
C SER A 1542 35.37 55.23 -23.48
N PRO A 1543 34.85 54.04 -23.75
CA PRO A 1543 35.57 52.79 -23.46
C PRO A 1543 36.73 52.59 -24.43
N ALA A 1544 36.50 52.93 -25.69
CA ALA A 1544 37.52 52.79 -26.74
C ALA A 1544 38.61 53.87 -26.65
N LEU A 1545 38.38 54.95 -26.12
CA LEU A 1545 39.32 56.05 -25.98
C LEU A 1545 40.67 55.56 -25.48
N PHE A 1546 40.60 54.36 -25.07
CA PHE A 1546 41.84 53.76 -24.58
C PHE A 1546 42.53 52.94 -25.67
N ASN A 1547 41.76 52.15 -26.39
CA ASN A 1547 42.30 51.31 -27.46
C ASN A 1547 41.41 50.11 -27.72
N ARG A 1548 42.02 48.94 -27.88
CA ARG A 1548 41.29 47.71 -28.15
C ARG A 1548 40.15 47.84 -29.16
N CYS A 1549 40.51 47.99 -30.43
CA CYS A 1549 39.52 48.11 -31.49
C CYS A 1549 39.01 46.70 -31.79
N ILE A 1550 38.39 46.54 -32.95
CA ILE A 1550 37.86 45.24 -33.36
C ILE A 1550 36.36 45.54 -33.42
N ILE A 1551 35.94 46.19 -34.50
CA ILE A 1551 34.52 46.54 -34.67
C ILE A 1551 34.03 46.01 -36.01
N ASN A 1552 32.97 45.19 -35.97
CA ASN A 1552 32.41 44.58 -37.17
C ASN A 1552 30.94 44.94 -37.36
N TRP A 1553 30.59 45.38 -38.57
CA TRP A 1553 29.22 45.74 -38.92
C TRP A 1553 28.62 44.70 -39.86
N MET A 1554 27.45 44.17 -39.47
CA MET A 1554 26.75 43.16 -40.26
C MET A 1554 25.56 43.75 -41.01
N THR A 1559 26.12 44.50 -46.61
CA THR A 1559 24.73 44.47 -46.06
C THR A 1559 23.71 44.11 -47.13
N LYS A 1560 23.90 44.66 -48.33
CA LYS A 1560 23.01 44.38 -49.47
C LYS A 1560 23.23 42.99 -50.05
N THR A 1561 24.47 42.53 -50.01
CA THR A 1561 24.84 41.19 -50.48
C THR A 1561 24.38 40.10 -49.52
N MET A 1562 24.36 40.43 -48.23
CA MET A 1562 23.90 39.51 -47.18
C MET A 1562 22.37 39.36 -47.20
N SER A 1563 21.69 40.44 -47.58
CA SER A 1563 20.23 40.45 -47.70
C SER A 1563 19.77 39.68 -48.94
N GLN A 1564 20.58 39.72 -50.00
CA GLN A 1564 20.31 39.00 -51.24
C GLN A 1564 20.56 37.50 -51.07
N VAL A 1565 21.53 37.16 -50.22
CA VAL A 1565 21.85 35.76 -49.91
C VAL A 1565 20.79 35.14 -48.99
N ALA A 1566 20.23 35.96 -48.12
CA ALA A 1566 19.17 35.54 -47.21
C ALA A 1566 17.84 35.33 -47.94
N ASN A 1567 17.61 36.12 -48.99
CA ASN A 1567 16.42 36.00 -49.82
C ASN A 1567 16.48 34.77 -50.72
N ASN A 1568 17.68 34.40 -51.14
CA ASN A 1568 17.91 33.21 -51.96
C ASN A 1568 17.81 31.94 -51.13
N MET A 1569 18.21 32.03 -49.86
CA MET A 1569 18.15 30.89 -48.94
C MET A 1569 16.72 30.61 -48.48
N VAL A 1570 15.92 31.67 -48.33
CA VAL A 1570 14.52 31.56 -47.95
C VAL A 1570 13.67 31.03 -49.09
N ASP A 1571 14.09 31.30 -50.33
CA ASP A 1571 13.43 30.80 -51.52
C ASP A 1571 14.00 29.44 -51.97
N VAL A 1572 14.85 28.87 -51.13
CA VAL A 1572 15.43 27.54 -51.37
C VAL A 1572 14.75 26.47 -50.52
N VAL A 1573 13.95 26.93 -49.24
CA VAL A 1573 13.19 26.07 -48.32
C VAL A 1573 11.73 25.96 -48.77
N PRO A 1574 11.09 26.64 -48.80
CA PRO A 1574 9.73 26.64 -49.31
C PRO A 1574 9.75 26.58 -50.84
N MET A 1575 10.26 25.44 -51.57
CA MET A 1575 10.83 25.81 -52.88
C MET A 1575 9.44 25.72 -53.52
N GLU A 1576 8.56 24.95 -53.11
CA GLU A 1576 7.57 24.73 -54.18
C GLU A 1576 7.32 25.99 -55.02
N PHE A 1577 7.62 25.80 -56.36
CA PHE A 1577 7.29 26.74 -57.42
C PHE A 1577 5.86 26.48 -57.93
N THR A 1578 5.30 27.48 -58.33
CA THR A 1578 5.65 28.81 -58.88
C THR A 1578 6.55 28.77 -60.12
N ASP A 1579 7.62 29.81 -59.97
CA ASP A 1579 8.65 29.87 -61.00
C ASP A 1579 10.17 29.94 -60.91
N PHE A 1580 10.71 31.16 -60.70
CA PHE A 1580 12.13 31.33 -60.42
C PHE A 1580 11.87 32.47 -59.43
N ILE A 1581 10.75 32.36 -58.72
CA ILE A 1581 10.31 33.36 -57.75
C ILE A 1581 11.19 33.38 -56.51
N VAL A 1582 12.32 34.07 -56.64
CA VAL A 1582 13.27 34.29 -55.56
C VAL A 1582 13.68 35.73 -55.82
N PRO A 1583 14.21 35.95 -57.03
CA PRO A 1583 14.53 37.29 -57.51
C PRO A 1583 13.43 38.34 -57.37
N GLU A 1584 12.18 37.92 -57.55
CA GLU A 1584 11.02 38.78 -57.36
C GLU A 1584 10.76 39.00 -55.87
N VAL A 1585 11.07 38.00 -55.07
CA VAL A 1585 10.95 38.08 -53.61
C VAL A 1585 12.05 38.94 -53.00
N ASN A 1586 13.23 38.90 -53.63
CA ASN A 1586 14.36 39.73 -53.21
C ASN A 1586 14.16 41.19 -53.60
N LYS A 1587 13.48 41.41 -54.73
CA LYS A 1587 13.15 42.75 -55.21
C LYS A 1587 12.04 43.37 -54.36
N GLU A 1588 11.13 42.54 -53.87
CA GLU A 1588 10.05 42.98 -52.98
C GLU A 1588 10.58 43.30 -51.58
N LEU A 1589 11.60 42.56 -51.16
CA LEU A 1589 12.25 42.78 -49.87
C LEU A 1589 13.11 44.05 -49.89
N VAL A 1590 13.71 44.32 -51.05
CA VAL A 1590 14.51 45.53 -51.26
C VAL A 1590 13.64 46.78 -51.36
N PHE A 1591 12.45 46.60 -51.93
CA PHE A 1591 11.46 47.69 -52.03
C PHE A 1591 10.83 47.97 -50.66
N THR A 1592 10.70 46.92 -49.84
CA THR A 1592 10.19 47.05 -48.48
C THR A 1592 11.23 47.72 -47.57
N GLU A 1593 12.50 47.45 -47.84
CA GLU A 1593 13.61 48.06 -47.11
C GLU A 1593 13.78 49.54 -47.47
N PRO A 1594 13.50 49.86 -48.73
CA PRO A 1594 13.50 51.25 -49.21
C PRO A 1594 12.31 52.02 -48.63
N ILE A 1595 11.19 51.31 -48.43
CA ILE A 1595 10.01 51.87 -47.78
C ILE A 1595 10.21 51.91 -46.25
N GLN A 1596 11.08 51.04 -45.75
CA GLN A 1596 11.46 51.03 -44.33
C GLN A 1596 12.43 52.16 -44.02
N THR A 1597 13.18 52.59 -45.04
CA THR A 1597 14.09 53.72 -44.91
C THR A 1597 13.32 55.02 -44.69
N ILE A 1598 12.08 55.16 -45.37
CA ILE A 1598 11.53 56.51 -45.61
C ILE A 1598 11.54 57.46 -44.40
N ARG A 1599 11.35 57.24 -43.29
CA ARG A 1599 11.56 58.12 -42.13
C ARG A 1599 12.97 57.92 -41.56
N ASP A 1600 13.23 56.71 -41.04
CA ASP A 1600 14.52 56.38 -40.45
C ASP A 1600 14.97 54.98 -40.85
N PRO A 1626 15.24 35.76 -40.36
CA PRO A 1626 14.75 37.13 -40.55
C PRO A 1626 13.24 37.17 -40.72
N GLY A 1627 12.70 38.36 -40.92
CA GLY A 1627 11.26 38.57 -41.11
C GLY A 1627 10.77 38.01 -42.44
N TYR A 1628 11.64 38.04 -43.45
CA TYR A 1628 11.33 37.49 -44.77
C TYR A 1628 11.27 35.97 -44.77
N PHE A 1629 12.12 35.35 -43.94
CA PHE A 1629 12.15 33.90 -43.79
C PHE A 1629 10.97 33.38 -42.97
N ILE A 1630 10.50 34.20 -42.03
CA ILE A 1630 9.32 33.88 -41.23
C ILE A 1630 8.05 34.05 -42.04
N ASP A 1631 8.05 35.02 -42.96
CA ASP A 1631 6.94 35.26 -43.87
C ASP A 1631 6.96 34.30 -45.05
N GLY A 1632 8.10 33.64 -45.26
CA GLY A 1632 8.25 32.63 -46.31
C GLY A 1632 7.43 31.37 -46.01
N LEU A 1633 6.95 31.28 -44.77
CA LEU A 1633 6.04 30.20 -44.34
C LEU A 1633 4.63 30.39 -44.92
N ARG A 1634 4.51 31.30 -45.89
CA ARG A 1634 3.25 31.52 -46.61
C ARG A 1634 2.90 30.35 -47.53
N ALA A 1635 3.84 29.39 -47.63
CA ALA A 1635 3.62 28.14 -48.35
C ALA A 1635 2.57 27.28 -47.65
N LEU A 1636 2.38 27.51 -46.35
CA LEU A 1636 1.35 26.83 -45.57
C LEU A 1636 -0.05 27.31 -45.98
N VAL A 1637 -0.15 28.56 -46.39
CA VAL A 1637 -1.38 29.12 -46.92
C VAL A 1637 -1.64 28.62 -48.34
N LYS A 1638 -0.56 28.36 -49.07
CA LYS A 1638 -0.63 27.80 -50.41
C LYS A 1638 -0.97 26.31 -50.38
N LEU A 1639 -0.50 25.62 -49.33
CA LEU A 1639 -0.79 24.20 -49.13
C LEU A 1639 -2.23 23.99 -48.67
N VAL A 1640 -2.75 24.95 -47.91
CA VAL A 1640 -4.14 24.92 -47.44
C VAL A 1640 -5.12 25.21 -48.58
N THR A 1641 -4.68 26.05 -49.52
CA THR A 1641 -5.48 26.38 -50.71
C THR A 1641 -5.50 25.23 -51.72
N ALA A 1642 -4.40 24.47 -51.76
CA ALA A 1642 -4.29 23.33 -52.65
C ALA A 1642 -5.13 22.14 -52.18
N LYS A 1643 -5.22 21.98 -50.86
CA LYS A 1643 -6.03 20.93 -50.25
C LYS A 1643 -7.53 21.24 -50.34
N TYR A 1644 -7.86 22.53 -50.30
CA TYR A 1644 -9.24 22.98 -50.41
C TYR A 1644 -9.76 22.88 -51.85
N GLN A 1645 -8.86 23.10 -52.81
CA GLN A 1645 -9.19 23.00 -54.23
C GLN A 1645 -9.33 21.54 -54.66
N ASP A 1646 -8.56 20.66 -54.04
CA ASP A 1646 -8.61 19.23 -54.31
C ASP A 1646 -9.87 18.59 -53.72
N LEU A 1647 -10.30 19.10 -52.56
CA LEU A 1647 -11.52 18.64 -51.90
C LEU A 1647 -12.78 19.13 -52.63
N GLN A 1648 -12.68 20.32 -53.22
CA GLN A 1648 -13.78 20.89 -54.00
C GLN A 1648 -13.95 20.19 -55.35
N GLU A 1649 -12.84 19.72 -55.90
CA GLU A 1649 -12.83 19.00 -57.17
C GLU A 1649 -13.28 17.54 -57.01
N ASN A 1650 -13.00 16.97 -55.84
CA ASN A 1650 -13.38 15.58 -55.54
C ASN A 1650 -14.87 15.44 -55.27
N GLN A 1651 -15.45 16.43 -54.59
CA GLN A 1651 -16.88 16.44 -54.28
C GLN A 1651 -17.72 16.78 -55.50
N ARG A 1652 -17.14 17.54 -56.43
CA ARG A 1652 -17.81 17.94 -57.66
C ARG A 1652 -17.87 16.82 -58.69
N PHE A 1653 -16.79 16.06 -58.78
CA PHE A 1653 -16.70 14.93 -59.71
C PHE A 1653 -17.57 13.75 -59.27
N VAL A 1654 -17.74 13.60 -57.96
CA VAL A 1654 -18.58 12.55 -57.40
C VAL A 1654 -20.06 12.86 -57.56
N ASN A 1655 -20.39 14.16 -57.53
CA ASN A 1655 -21.78 14.62 -57.69
C ASN A 1655 -22.25 14.52 -59.15
N VAL A 1656 -21.33 14.73 -60.08
CA VAL A 1656 -21.61 14.63 -61.51
C VAL A 1656 -21.75 13.19 -61.97
N GLY A 1657 -21.02 12.28 -61.31
CA GLY A 1657 -21.07 10.86 -61.62
C GLY A 1657 -22.34 10.20 -61.10
N LEU A 1658 -22.83 10.68 -59.95
CA LEU A 1658 -24.07 10.17 -59.36
C LEU A 1658 -25.30 10.65 -60.12
N GLU A 1659 -25.20 11.83 -60.73
CA GLU A 1659 -26.30 12.41 -61.51
C GLU A 1659 -26.45 11.72 -62.86
N LYS A 1660 -25.33 11.33 -63.45
CA LYS A 1660 -25.31 10.63 -64.74
C LYS A 1660 -25.82 9.20 -64.62
N LEU A 1661 -25.59 8.59 -63.46
CA LEU A 1661 -26.05 7.23 -63.19
C LEU A 1661 -27.56 7.19 -62.91
N ASN A 1662 -28.07 8.26 -62.32
CA ASN A 1662 -29.51 8.38 -62.02
C ASN A 1662 -30.35 8.67 -63.27
N GLU A 1663 -29.76 9.40 -64.21
CA GLU A 1663 -30.42 9.74 -65.47
C GLU A 1663 -30.49 8.55 -66.42
N SER A 1664 -29.48 7.68 -66.35
CA SER A 1664 -29.42 6.49 -67.19
C SER A 1664 -30.39 5.40 -66.72
N VAL A 1665 -30.58 5.32 -65.41
CA VAL A 1665 -31.48 4.34 -64.81
C VAL A 1665 -32.93 4.77 -64.95
N LEU A 1666 -41.39 12.47 -64.55
CA LEU A 1666 -40.75 13.10 -65.71
C LEU A 1666 -40.32 14.53 -65.42
N GLU A 1684 -41.18 15.27 -64.72
CA GLU A 1684 -40.90 16.66 -64.35
C GLU A 1684 -39.87 16.76 -63.22
N ALA A 1685 -39.90 15.79 -62.30
CA ALA A 1685 -38.97 15.72 -61.18
C ALA A 1685 -37.58 15.30 -61.63
N SER A 1686 -37.53 14.43 -62.65
CA SER A 1686 -36.27 13.96 -63.22
C SER A 1686 -35.59 15.04 -64.06
N ILE A 1687 -36.40 15.88 -64.71
CA ILE A 1687 -35.90 17.01 -65.50
C ILE A 1687 -35.38 18.13 -64.61
N SER A 1688 -36.02 18.29 -63.45
CA SER A 1688 -35.61 19.29 -62.46
C SER A 1688 -34.32 18.88 -61.74
N LEU A 1689 -34.14 17.57 -61.58
CA LEU A 1689 -32.93 17.01 -60.97
C LEU A 1689 -31.73 17.11 -61.91
N VAL A 1690 -31.99 17.00 -63.22
CA VAL A 1690 -30.96 17.11 -64.24
C VAL A 1690 -30.55 18.57 -64.46
N LYS A 1691 -31.51 19.48 -64.28
CA LYS A 1691 -31.25 20.92 -64.41
C LYS A 1691 -30.43 21.45 -63.25
N SER A 1692 -30.67 20.92 -62.05
CA SER A 1692 -29.92 21.28 -60.85
C SER A 1692 -28.50 20.69 -60.88
N LEU A 1693 -28.37 19.53 -61.52
CA LEU A 1693 -27.08 18.86 -61.68
C LEU A 1693 -26.20 19.59 -62.71
N THR A 1694 -26.85 20.13 -63.74
CA THR A 1694 -26.17 20.91 -64.77
C THR A 1694 -25.69 22.25 -64.22
N PHE A 1695 -26.45 22.82 -63.29
CA PHE A 1695 -26.09 24.06 -62.62
C PHE A 1695 -24.97 23.84 -61.60
N GLU A 1696 -24.96 22.65 -61.00
CA GLU A 1696 -23.91 22.26 -60.05
C GLU A 1696 -22.59 21.98 -60.76
N LYS A 1697 -22.69 21.42 -61.97
CA LYS A 1697 -21.52 21.13 -62.80
C LYS A 1697 -20.94 22.41 -63.42
N GLU A 1698 -21.81 23.37 -63.71
CA GLU A 1698 -21.40 24.67 -64.24
C GLU A 1698 -20.72 25.50 -63.16
N ARG A 1699 -21.22 25.39 -61.93
CA ARG A 1699 -20.60 26.04 -60.77
C ARG A 1699 -19.29 25.36 -60.38
N TRP A 1700 -19.21 24.07 -60.67
CA TRP A 1700 -17.99 23.28 -60.46
C TRP A 1700 -16.90 23.68 -61.43
N LEU A 1701 -17.27 23.82 -62.71
CA LEU A 1701 -16.35 24.24 -63.76
C LEU A 1701 -15.93 25.70 -63.59
N ASN A 1702 -16.82 26.50 -63.01
CA ASN A 1702 -16.51 27.89 -62.67
C ASN A 1702 -15.55 27.96 -61.50
N THR A 1703 -15.63 26.98 -60.59
CA THR A 1703 -14.75 26.90 -59.43
C THR A 1703 -13.54 26.01 -59.68
N THR A 1704 -13.45 25.44 -60.89
CA THR A 1704 -12.30 24.63 -61.29
C THR A 1704 -11.24 25.47 -61.98
N LYS A 1705 -11.69 26.32 -62.91
CA LYS A 1705 -10.81 27.23 -63.64
C LYS A 1705 -10.41 28.43 -62.80
N GLN A 1706 -11.33 28.87 -61.94
CA GLN A 1706 -11.08 30.02 -61.05
C GLN A 1706 -10.21 29.64 -59.84
N PHE A 1707 -10.14 28.34 -59.53
CA PHE A 1707 -9.29 27.85 -58.46
C PHE A 1707 -7.81 28.05 -58.78
N SER A 1708 -7.47 27.87 -60.06
CA SER A 1708 -6.12 28.15 -60.56
C SER A 1708 -5.89 29.65 -60.65
N LYS A 1709 -6.96 30.40 -60.92
CA LYS A 1709 -6.92 31.86 -60.95
C LYS A 1709 -6.84 32.45 -59.55
N THR A 1710 -7.42 31.75 -58.58
CA THR A 1710 -7.37 32.15 -57.17
C THR A 1710 -5.99 31.88 -56.57
N SER A 1711 -5.47 30.69 -56.81
CA SER A 1711 -4.15 30.28 -56.32
C SER A 1711 -3.02 31.15 -56.88
N GLN A 1712 -3.21 31.66 -58.09
CA GLN A 1712 -2.24 32.55 -58.73
C GLN A 1712 -2.35 33.98 -58.20
N GLU A 1713 -3.58 34.48 -58.08
CA GLU A 1713 -3.82 35.85 -57.64
C GLU A 1713 -3.59 36.05 -56.14
N LEU A 1714 -3.97 35.05 -55.35
CA LEU A 1714 -3.82 35.11 -53.89
C LEU A 1714 -2.35 35.06 -53.46
N ILE A 1715 -1.62 34.05 -53.94
CA ILE A 1715 -0.22 33.86 -53.59
C ILE A 1715 0.68 35.01 -54.05
N GLY A 1716 0.26 35.71 -55.11
CA GLY A 1716 1.00 36.84 -55.65
C GLY A 1716 0.89 38.11 -54.79
N ASN A 1717 -0.19 38.20 -54.01
CA ASN A 1717 -0.46 39.39 -53.21
C ASN A 1717 -0.50 39.13 -51.71
N CYS A 1718 -1.11 38.03 -51.30
CA CYS A 1718 -1.27 37.69 -49.87
C CYS A 1718 0.06 37.40 -49.17
N ILE A 1719 1.04 36.92 -49.93
CA ILE A 1719 2.39 36.69 -49.42
C ILE A 1719 3.08 38.03 -49.12
N ILE A 1720 2.76 39.05 -49.91
CA ILE A 1720 3.26 40.40 -49.69
C ILE A 1720 2.40 41.14 -48.66
N SER A 1721 1.15 40.74 -48.54
CA SER A 1721 0.22 41.32 -47.56
C SER A 1721 0.56 40.90 -46.14
N SER A 1722 1.07 39.67 -45.99
CA SER A 1722 1.55 39.16 -44.71
C SER A 1722 2.90 39.78 -44.35
N ILE A 1723 3.69 40.10 -45.37
CA ILE A 1723 4.98 40.74 -45.20
C ILE A 1723 4.84 42.21 -44.82
N TYR A 1724 3.76 42.84 -45.28
CA TYR A 1724 3.45 44.22 -44.94
C TYR A 1724 2.93 44.36 -43.50
N GLU A 1725 2.32 43.28 -43.01
CA GLU A 1725 1.82 43.23 -41.64
C GLU A 1725 2.89 42.83 -40.63
N THR A 1726 3.91 42.10 -41.11
CA THR A 1726 5.02 41.66 -40.28
C THR A 1726 5.92 42.81 -39.82
N TYR A 1727 6.08 43.80 -40.69
CA TYR A 1727 6.84 45.02 -40.38
C TYR A 1727 5.96 46.07 -39.71
N PHE A 1728 4.74 45.04 -39.40
CA PHE A 1728 3.92 46.21 -39.07
C PHE A 1728 3.92 47.29 -40.17
N GLY A 1729 4.63 48.73 -39.74
CA GLY A 1729 4.32 50.06 -40.33
C GLY A 1729 3.12 50.85 -39.72
N HIS A 1730 2.51 51.22 -38.51
CA HIS A 1730 2.85 50.28 -37.44
C HIS A 1730 1.47 50.03 -36.81
N LEU A 1731 0.36 50.37 -37.48
CA LEU A 1731 0.32 50.89 -38.85
C LEU A 1731 -0.47 52.19 -38.95
N ASN A 1732 -0.03 53.08 -39.84
CA ASN A 1732 -0.70 54.36 -40.05
C ASN A 1732 -0.52 54.70 -41.54
N GLU A 1733 -0.53 55.98 -41.87
CA GLU A 1733 -0.33 56.44 -43.25
C GLU A 1733 0.84 55.84 -44.03
N ARG A 1734 1.85 55.36 -43.29
CA ARG A 1734 3.02 54.72 -43.87
C ARG A 1734 2.69 53.33 -44.42
N GLU A 1735 1.64 52.71 -43.88
CA GLU A 1735 1.18 51.40 -44.33
C GLU A 1735 0.55 51.46 -45.72
N ARG A 1736 -0.30 52.47 -45.94
CA ARG A 1736 -0.96 52.68 -47.23
C ARG A 1736 0.02 53.10 -48.32
N GLY A 1737 1.07 53.80 -47.91
CA GLY A 1737 2.13 54.23 -48.83
C GLY A 1737 3.05 53.07 -49.22
N ASP A 1738 3.28 52.15 -48.27
CA ASP A 1738 4.12 50.98 -48.50
C ASP A 1738 3.39 49.90 -49.30
N MET A 1739 2.08 49.77 -49.06
CA MET A 1739 1.26 48.80 -49.77
C MET A 1739 1.06 49.18 -51.23
N LEU A 1740 1.01 50.49 -51.49
CA LEU A 1740 0.89 51.01 -52.86
C LEU A 1740 2.20 50.90 -53.62
N VAL A 1741 3.32 51.05 -52.90
CA VAL A 1741 4.66 50.95 -53.48
C VAL A 1741 5.03 49.51 -53.82
N ILE A 1742 4.55 48.57 -53.01
CA ILE A 1742 4.78 47.14 -53.22
C ILE A 1742 3.94 46.60 -54.37
N LEU A 1743 2.77 47.22 -54.59
CA LEU A 1743 1.86 46.83 -55.67
C LEU A 1743 2.19 47.50 -57.00
N LYS A 1744 3.14 48.44 -56.97
CA LYS A 1744 3.56 49.17 -58.17
C LYS A 1744 4.96 48.76 -58.64
N ARG A 1745 5.55 47.77 -57.97
CA ARG A 1745 6.89 47.29 -58.30
C ARG A 1745 7.02 46.67 -59.71
N LEU A 1746 6.31 45.59 -60.02
CA LEU A 1746 5.41 44.85 -59.12
C LEU A 1746 5.67 43.36 -59.20
N LEU A 1747 5.82 42.87 -60.43
CA LEU A 1747 6.08 41.45 -60.74
C LEU A 1747 4.99 40.48 -60.26
N GLY A 1748 3.84 41.13 -60.06
CA GLY A 1748 2.75 40.38 -59.44
C GLY A 1748 1.39 40.99 -59.78
N LYS A 1749 0.34 40.41 -59.22
CA LYS A 1749 -1.01 40.89 -59.46
C LYS A 1749 -1.79 41.04 -58.16
N PHE A 1750 -3.14 41.03 -58.13
CA PHE A 1750 -4.00 41.13 -56.95
C PHE A 1750 -5.26 40.27 -56.98
N ALA A 1751 -6.19 40.49 -57.85
CA ALA A 1751 -6.31 41.94 -57.98
C ALA A 1751 -7.71 42.52 -57.80
N VAL A 1752 -7.87 43.37 -56.79
CA VAL A 1752 -6.76 43.74 -55.91
C VAL A 1752 -6.95 43.15 -54.52
N LYS A 1753 -6.09 42.20 -54.16
CA LYS A 1753 -6.16 41.56 -52.86
C LYS A 1753 -4.78 41.45 -52.23
N TYR A 1754 -4.40 42.54 -52.09
CA TYR A 1754 -4.99 43.84 -51.80
C TYR A 1754 -5.78 43.94 -50.50
N ASP A 1755 -7.18 44.82 -51.26
CA ASP A 1755 -8.28 45.10 -50.34
C ASP A 1755 -9.25 44.03 -50.84
N VAL A 1756 -10.50 43.96 -50.39
CA VAL A 1756 -11.54 43.07 -50.90
C VAL A 1756 -11.49 41.80 -50.06
N ASN A 1757 -10.25 41.74 -49.21
CA ASN A 1757 -10.22 40.71 -48.17
C ASN A 1757 -9.59 41.34 -46.94
N TYR A 1758 -8.16 41.46 -47.16
CA TYR A 1758 -7.32 42.02 -46.09
C TYR A 1758 -7.70 41.25 -44.83
N ARG A 1759 -8.22 41.97 -43.84
CA ARG A 1759 -8.62 41.36 -42.58
C ARG A 1759 -9.38 40.05 -42.76
N PHE A 1760 -9.95 39.87 -43.95
CA PHE A 1760 -10.70 38.67 -44.27
C PHE A 1760 -9.78 37.51 -44.62
N ILE A 1761 -8.83 37.76 -45.52
CA ILE A 1761 -7.87 36.74 -45.94
C ILE A 1761 -7.39 35.93 -44.74
N ASP A 1762 -7.03 36.67 -43.71
CA ASP A 1762 -6.54 36.11 -42.44
C ASP A 1762 -7.58 35.16 -41.85
N TYR A 1763 -8.82 35.61 -41.82
CA TYR A 1763 -9.92 34.80 -41.28
C TYR A 1763 -10.57 33.94 -40.21
N LEU A 1764 -11.09 34.57 -39.15
CA LEU A 1764 -11.06 36.01 -38.97
C LEU A 1764 -12.45 35.64 -38.44
N VAL A 1765 -13.45 35.72 -39.32
CA VAL A 1765 -14.81 35.38 -38.94
C VAL A 1765 -14.92 35.20 -37.44
N THR A 1766 -14.95 33.94 -37.00
CA THR A 1766 -15.04 33.63 -35.57
C THR A 1766 -14.11 34.53 -34.76
N LEU A 1767 -12.85 34.61 -35.18
CA LEU A 1767 -11.87 35.43 -34.50
C LEU A 1767 -12.40 36.84 -34.29
N ASP A 1768 -12.52 37.59 -35.37
CA ASP A 1768 -13.02 38.96 -35.30
C ASP A 1768 -14.22 39.04 -34.36
N GLU A 1769 -15.19 38.16 -34.56
CA GLU A 1769 -16.38 38.13 -33.73
C GLU A 1769 -16.05 38.12 -32.25
N LYS A 1770 -15.52 37.00 -31.76
CA LYS A 1770 -15.15 36.87 -30.36
C LYS A 1770 -14.43 38.12 -29.89
N MET A 1771 -13.46 38.58 -30.69
CA MET A 1771 -12.69 39.77 -30.35
C MET A 1771 -13.58 40.97 -30.04
N LYS A 1772 -14.19 41.54 -31.08
CA LYS A 1772 -15.08 42.68 -30.92
C LYS A 1772 -16.08 42.39 -29.81
N TRP A 1773 -16.63 41.18 -29.82
CA TRP A 1773 -17.60 40.77 -28.80
C TRP A 1773 -16.95 40.71 -27.43
N LEU A 1774 -15.73 40.16 -27.38
CA LEU A 1774 -14.99 40.07 -26.13
C LEU A 1774 -14.44 41.43 -25.72
N GLU A 1775 -14.07 42.23 -26.71
CA GLU A 1775 -13.53 43.57 -26.46
C GLU A 1775 -14.60 44.65 -26.65
N CYS A 1776 -14.37 45.90 -26.57
CA CYS A 1776 -13.46 47.03 -26.68
C CYS A 1776 -12.56 48.02 -27.41
N GLY A 1777 -12.85 48.52 -28.12
CA GLY A 1777 -13.63 49.08 -29.23
C GLY A 1777 -14.02 48.11 -30.34
N TYR A 1783 -11.03 50.55 -36.34
CA TYR A 1783 -11.36 49.25 -36.99
C TYR A 1783 -10.14 48.63 -37.68
N PHE A 1784 -9.34 49.47 -38.33
CA PHE A 1784 -8.13 49.03 -39.02
C PHE A 1784 -7.01 48.67 -38.05
N LEU A 1785 -6.95 49.38 -36.92
CA LEU A 1785 -5.96 49.14 -35.88
C LEU A 1785 -6.27 47.86 -35.10
N GLU A 1786 -7.56 47.56 -34.94
CA GLU A 1786 -8.02 46.36 -34.26
C GLU A 1786 -7.80 45.11 -35.11
N ASN A 1787 -7.90 45.27 -36.43
CA ASN A 1787 -7.66 44.19 -37.39
C ASN A 1787 -6.18 43.86 -37.51
N MET A 1788 -5.34 44.89 -37.36
CA MET A 1788 -3.89 44.73 -37.39
C MET A 1788 -3.37 44.08 -36.11
N SER A 1789 -4.05 44.36 -35.00
CA SER A 1789 -3.72 43.78 -33.70
C SER A 1789 -4.14 42.31 -33.62
N ILE A 1790 -5.22 41.98 -34.31
CA ILE A 1790 -5.73 40.61 -34.38
C ILE A 1790 -4.86 39.74 -35.30
N VAL A 1791 -4.30 40.36 -36.34
CA VAL A 1791 -3.40 39.68 -37.26
C VAL A 1791 -2.03 39.43 -36.63
N MET A 1792 -1.61 40.34 -35.75
CA MET A 1792 -0.35 40.21 -35.03
C MET A 1792 -0.43 39.16 -33.93
N ASN A 1793 -1.63 39.00 -33.36
CA ASN A 1793 -1.88 38.00 -32.32
C ASN A 1793 -1.96 36.59 -32.91
N SER A 1794 -2.42 36.43 -34.32
CA SER A 1794 -2.01 35.27 -35.09
C SER A 1794 -0.56 35.44 -35.59
N GLN A 1795 0.73 35.21 -35.16
CA GLN A 1795 2.15 35.53 -35.21
C GLN A 1795 2.84 36.65 -34.43
N VAL A 1798 3.69 36.55 -28.42
CA VAL A 1798 4.33 37.47 -27.49
C VAL A 1798 3.66 38.82 -27.65
N PRO A 1799 3.47 39.17 -29.00
CA PRO A 1799 2.83 40.43 -29.38
C PRO A 1799 2.65 41.95 -29.40
N PHE A 1800 3.41 42.75 -29.12
CA PHE A 1800 3.91 43.93 -28.42
C PHE A 1800 2.82 44.98 -28.58
N LEU A 1801 2.06 45.21 -27.51
CA LEU A 1801 0.98 46.20 -27.53
C LEU A 1801 1.12 47.44 -28.41
N LEU A 1802 0.19 47.59 -29.35
CA LEU A 1802 0.07 48.83 -30.12
C LEU A 1802 -0.82 50.00 -29.70
N ASP A 1803 -1.64 49.84 -28.65
CA ASP A 1803 -2.71 50.80 -28.40
C ASP A 1803 -3.30 50.91 -26.98
N PRO A 1804 -4.11 51.96 -26.83
CA PRO A 1804 -5.00 52.21 -25.69
C PRO A 1804 -4.35 52.85 -24.45
N SER A 1805 -3.24 53.56 -24.63
CA SER A 1805 -2.21 52.56 -24.80
C SER A 1805 -2.38 51.58 -23.65
N SER A 1806 -2.69 52.13 -22.47
CA SER A 1806 -2.84 51.35 -21.24
C SER A 1806 -4.28 50.82 -21.07
N HIS A 1807 -5.25 51.63 -21.47
CA HIS A 1807 -6.66 51.25 -21.40
C HIS A 1807 -7.02 50.24 -22.48
N MET A 1808 -6.33 50.33 -23.63
CA MET A 1808 -6.52 49.39 -24.73
C MET A 1808 -5.92 48.03 -24.40
N ILE A 1809 -4.84 48.02 -23.64
CA ILE A 1809 -4.20 46.79 -23.18
C ILE A 1809 -5.00 46.13 -22.07
N THR A 1810 -5.67 46.95 -21.26
CA THR A 1810 -6.54 46.47 -20.19
C THR A 1810 -7.84 45.88 -20.74
N VAL A 1811 -8.32 46.45 -21.84
CA VAL A 1811 -9.52 45.96 -22.53
C VAL A 1811 -9.24 44.65 -23.26
N ILE A 1812 -8.01 44.50 -23.75
CA ILE A 1812 -7.58 43.28 -24.43
C ILE A 1812 -7.36 42.14 -23.44
N SER A 1813 -6.92 42.49 -22.23
CA SER A 1813 -6.73 41.52 -21.16
C SER A 1813 -8.07 41.07 -20.57
N ASN A 1814 -9.11 41.98 -20.69
CA ASN A 1814 -10.39 41.63 -20.09
C ASN A 1814 -10.54 40.39 -20.95
N TYR A 1815 -10.17 38.96 -20.48
CA TYR A 1815 -9.71 37.85 -21.30
C TYR A 1815 -8.70 37.51 -22.38
N TYR A 1816 -9.17 36.87 -23.46
CA TYR A 1816 -10.58 36.53 -23.59
C TYR A 1816 -10.95 35.38 -22.64
N GLY A 1817 -9.96 34.84 -21.96
CA GLY A 1817 -10.17 33.75 -21.02
C GLY A 1817 -9.79 34.15 -19.59
N ASN A 1818 -9.54 33.16 -18.74
CA ASN A 1818 -9.16 33.41 -17.36
C ASN A 1818 -7.94 32.60 -16.96
N LYS A 1819 -7.33 31.94 -17.95
CA LYS A 1819 -6.15 31.12 -17.70
C LYS A 1819 -4.88 31.80 -18.21
N THR A 1820 -5.05 33.07 -18.00
CA THR A 1820 -3.83 33.78 -18.36
C THR A 1820 -3.25 34.39 -17.10
N VAL A 1821 -2.86 34.91 -17.51
CA VAL A 1821 -2.23 35.47 -16.32
C VAL A 1821 -1.60 36.83 -16.60
N LEU A 1822 -1.72 37.75 -15.65
CA LEU A 1822 -1.14 39.07 -15.77
C LEU A 1822 0.12 39.21 -14.93
N LEU A 1823 1.04 40.01 -15.36
CA LEU A 1823 2.26 40.33 -14.62
C LEU A 1823 3.20 41.17 -15.48
N SER A 1824 4.28 41.82 -14.73
CA SER A 1824 5.09 42.84 -15.40
C SER A 1824 6.58 42.84 -15.06
N PHE A 1825 7.39 41.64 -15.68
CA PHE A 1825 8.83 41.60 -15.56
C PHE A 1825 9.35 42.90 -16.19
N LEU A 1826 10.46 43.25 -15.59
CA LEU A 1826 11.26 42.54 -14.59
C LEU A 1826 10.70 42.66 -13.17
N GLU A 1827 9.52 43.44 -12.97
CA GLU A 1827 8.87 43.61 -11.68
C GLU A 1827 8.56 42.22 -11.15
N GLU A 1828 8.46 41.94 -9.82
CA GLU A 1828 8.50 40.69 -9.06
C GLU A 1828 7.47 39.72 -9.61
N GLY A 1829 6.99 38.56 -9.84
CA GLY A 1829 6.98 37.77 -11.07
C GLY A 1829 8.19 36.90 -11.44
N PHE A 1830 9.36 36.25 -11.08
CA PHE A 1830 10.16 35.14 -11.61
C PHE A 1830 9.65 33.74 -11.25
N VAL A 1831 9.27 33.62 -9.95
CA VAL A 1831 8.78 32.31 -9.52
C VAL A 1831 7.49 32.01 -10.29
N LYS A 1832 6.67 33.05 -10.40
CA LYS A 1832 5.40 33.06 -11.08
C LYS A 1832 5.74 32.83 -12.54
N ARG A 1833 6.86 33.41 -12.96
CA ARG A 1833 7.34 33.29 -14.34
C ARG A 1833 7.68 31.86 -14.76
N LEU A 1834 8.31 31.07 -13.87
CA LEU A 1834 8.64 29.69 -14.25
C LEU A 1834 7.39 28.83 -14.54
N GLU A 1835 6.39 29.00 -13.67
CA GLU A 1835 5.06 28.40 -13.73
C GLU A 1835 4.47 28.44 -15.14
N ASN A 1836 4.80 29.49 -15.89
CA ASN A 1836 4.33 29.65 -17.27
C ASN A 1836 5.04 28.70 -18.23
N ALA A 1837 6.32 28.41 -17.94
CA ALA A 1837 7.11 27.50 -18.76
C ALA A 1837 6.75 26.04 -18.52
N VAL A 1838 6.16 25.76 -17.36
CA VAL A 1838 5.73 24.41 -17.03
C VAL A 1838 4.70 23.91 -18.03
N ARG A 1839 3.98 24.87 -18.62
CA ARG A 1839 2.93 24.61 -19.61
C ARG A 1839 3.41 24.97 -21.01
N PHE A 1840 4.71 25.19 -21.15
CA PHE A 1840 5.27 25.70 -22.40
C PHE A 1840 4.75 27.10 -22.70
N GLY A 1841 4.24 27.32 -23.91
CA GLY A 1841 3.84 28.66 -24.33
C GLY A 1841 2.44 29.03 -23.88
N SER A 1842 2.28 29.24 -22.58
CA SER A 1842 1.03 29.73 -21.99
C SER A 1842 0.80 31.20 -22.30
N VAL A 1843 -0.45 31.61 -22.36
CA VAL A 1843 -0.79 33.01 -22.57
C VAL A 1843 -0.28 33.82 -21.38
N VAL A 1844 0.22 35.03 -21.64
CA VAL A 1844 0.83 35.83 -20.58
C VAL A 1844 0.97 37.29 -20.99
N ILE A 1845 0.34 38.18 -20.22
CA ILE A 1845 0.39 39.61 -20.51
C ILE A 1845 1.30 40.36 -19.54
N ILE A 1846 2.37 40.95 -20.05
CA ILE A 1846 3.33 41.66 -19.22
C ILE A 1846 3.15 43.18 -19.30
N GLN A 1847 2.48 43.75 -18.32
CA GLN A 1847 2.53 45.19 -18.14
C GLN A 1847 3.40 45.86 -19.21
N ASP A 1848 4.74 45.74 -19.12
CA ASP A 1848 5.47 45.01 -18.08
C ASP A 1848 6.72 44.35 -18.67
N GLY A 1849 7.88 44.53 -18.03
CA GLY A 1849 9.12 43.95 -18.53
C GLY A 1849 10.33 44.07 -17.58
N GLU A 1850 11.50 43.63 -18.06
CA GLU A 1850 12.74 43.65 -17.28
C GLU A 1850 12.79 42.48 -16.30
N PHE A 1851 13.99 42.00 -15.97
CA PHE A 1851 15.28 42.49 -16.46
C PHE A 1851 16.25 41.32 -16.42
N PHE A 1852 17.16 41.74 -16.53
CA PHE A 1852 18.26 40.81 -16.45
C PHE A 1852 17.80 39.36 -16.66
N ASP A 1853 17.11 38.76 -15.66
CA ASP A 1853 16.49 37.45 -15.82
C ASP A 1853 15.33 37.49 -16.80
N PRO A 1854 14.56 38.56 -16.76
CA PRO A 1854 13.41 38.73 -17.64
C PRO A 1854 13.86 39.11 -19.04
N ILE A 1855 14.85 39.99 -19.12
CA ILE A 1855 15.38 40.44 -20.41
C ILE A 1855 16.12 39.32 -21.13
N ILE A 1856 16.76 38.44 -20.36
CA ILE A 1856 17.51 37.32 -20.92
C ILE A 1856 16.57 36.18 -21.30
N SER A 1857 15.99 35.54 -20.28
CA SER A 1857 15.07 34.44 -20.51
C SER A 1857 14.10 34.77 -21.64
N ARG A 1858 13.90 36.07 -21.87
CA ARG A 1858 12.99 36.52 -22.92
C ARG A 1858 13.67 36.52 -24.29
N LEU A 1859 14.95 36.92 -24.30
CA LEU A 1859 15.71 36.97 -25.55
C LEU A 1859 15.78 35.60 -26.22
N ILE A 1860 16.05 34.57 -25.43
CA ILE A 1860 16.13 33.20 -25.95
C ILE A 1860 14.76 32.66 -26.31
N SER A 1861 13.72 33.20 -25.69
CA SER A 1861 12.36 32.77 -25.95
C SER A 1861 11.83 33.37 -27.26
N ARG A 1862 12.29 34.57 -27.58
CA ARG A 1862 11.88 35.25 -28.80
C ARG A 1862 12.47 34.60 -30.04
N GLU A 1863 13.79 34.37 -30.00
CA GLU A 1863 14.50 33.75 -31.11
C GLU A 1863 14.50 32.24 -30.98
N PHE A 1864 13.43 31.77 -30.34
CA PHE A 1864 13.12 30.37 -30.05
C PHE A 1864 11.80 30.04 -30.69
N ASN A 1869 12.31 21.34 -25.81
CA ASN A 1869 12.41 22.78 -25.68
C ASN A 1869 13.04 23.18 -24.34
N ARG A 1870 14.36 23.07 -24.27
CA ARG A 1870 15.08 23.41 -23.05
C ARG A 1870 15.50 24.88 -23.04
N VAL A 1871 15.62 25.46 -21.86
CA VAL A 1871 16.01 26.86 -21.72
C VAL A 1871 15.90 26.98 -20.21
N THR A 1872 16.74 27.83 -19.62
CA THR A 1872 16.74 28.03 -18.19
C THR A 1872 16.91 29.55 -18.11
N VAL A 1873 17.39 30.04 -16.98
CA VAL A 1873 17.60 31.47 -16.78
C VAL A 1873 17.08 31.93 -15.43
N GLU A 1874 17.89 32.73 -14.74
CA GLU A 1874 17.51 33.24 -13.42
C GLU A 1874 17.66 32.17 -12.36
N ILE A 1875 18.75 31.42 -12.43
CA ILE A 1875 19.02 30.35 -11.48
C ILE A 1875 18.05 29.20 -11.61
N GLY A 1876 17.27 29.20 -12.69
CA GLY A 1876 16.30 28.14 -12.94
C GLY A 1876 16.35 27.68 -14.39
N ASP A 1877 15.77 26.52 -14.66
CA ASP A 1877 15.75 25.96 -16.01
C ASP A 1877 14.48 25.14 -16.24
N HIS A 1878 13.76 25.48 -17.32
CA HIS A 1878 12.53 24.79 -17.66
C HIS A 1878 12.60 24.21 -19.07
N GLU A 1879 11.45 23.80 -19.59
CA GLU A 1879 11.38 23.23 -20.94
C GLU A 1879 10.31 22.14 -21.02
N VAL A 1880 9.87 21.83 -22.23
CA VAL A 1880 8.85 20.82 -22.44
C VAL A 1880 7.74 21.34 -23.34
N LYS A 1887 1.95 31.89 -25.36
CA LYS A 1887 1.99 33.17 -26.05
C LYS A 1887 2.28 34.31 -25.09
N LEU A 1888 3.19 35.21 -25.50
CA LEU A 1888 3.55 36.35 -24.67
C LEU A 1888 3.08 37.66 -25.30
N PHE A 1889 2.29 38.42 -24.54
CA PHE A 1889 1.86 39.74 -24.97
C PHE A 1889 2.40 40.79 -24.01
N ILE A 1890 3.06 41.81 -24.55
CA ILE A 1890 3.68 42.84 -23.71
C ILE A 1890 3.17 44.23 -24.04
N HIS A 1891 2.40 44.80 -23.10
CA HIS A 1891 1.81 46.11 -23.28
C HIS A 1891 2.61 47.23 -22.63
N SER A 1892 2.46 48.44 -23.16
CA SER A 1892 3.18 49.59 -22.64
C SER A 1892 2.78 50.87 -23.37
N CYS A 1893 3.00 52.01 -22.72
CA CYS A 1893 2.66 53.30 -23.31
C CYS A 1893 3.73 54.33 -22.97
N ASP A 1894 4.01 54.40 -21.39
CA ASP A 1894 5.01 55.45 -21.23
C ASP A 1894 4.69 56.74 -21.99
N PRO A 1895 6.12 57.10 -22.61
CA PRO A 1895 6.56 55.99 -23.45
C PRO A 1895 7.91 56.72 -23.53
N SER A 1896 8.78 56.23 -24.40
CA SER A 1896 10.10 56.83 -24.57
C SER A 1896 11.18 55.74 -24.63
N GLY A 1897 12.32 56.00 -24.00
CA GLY A 1897 13.41 55.05 -23.98
C GLY A 1897 12.84 53.64 -23.99
N ASP A 1898 12.05 53.32 -23.22
CA ASP A 1898 11.44 51.97 -23.10
C ASP A 1898 11.28 51.30 -24.47
N ILE A 1899 10.98 52.09 -25.14
CA ILE A 1899 10.76 51.65 -26.53
C ILE A 1899 12.10 51.21 -27.10
N PRO A 1900 13.10 52.04 -26.87
CA PRO A 1900 14.47 51.80 -27.33
C PRO A 1900 14.98 50.45 -26.80
N ILE A 1901 14.76 50.28 -25.51
CA ILE A 1901 15.17 49.06 -24.78
C ILE A 1901 14.53 47.83 -25.43
N PHE A 1902 13.24 47.96 -25.68
CA PHE A 1902 12.44 46.90 -26.30
C PHE A 1902 13.03 46.51 -27.65
N LEU A 1903 13.33 47.55 -28.42
CA LEU A 1903 13.91 47.41 -29.77
C LEU A 1903 15.22 46.63 -29.69
N ARG A 1904 16.04 47.03 -28.73
CA ARG A 1904 17.36 46.42 -28.49
C ARG A 1904 17.19 44.93 -28.20
N SER A 1905 16.23 44.66 -27.33
CA SER A 1905 15.91 43.28 -26.91
C SER A 1905 15.53 42.44 -28.13
N ARG A 1906 14.68 43.02 -28.95
CA ARG A 1906 14.19 42.39 -30.18
C ARG A 1906 15.36 42.02 -31.08
N VAL A 1907 12.15 43.37 -30.70
CA VAL A 1907 10.80 42.88 -30.40
C VAL A 1907 9.67 43.29 -31.36
N ARG A 1908 8.57 42.55 -31.31
CA ARG A 1908 7.40 42.82 -32.16
C ARG A 1908 6.62 43.92 -31.47
N LEU A 1909 6.12 44.55 -32.66
CA LEU A 1909 5.41 45.79 -32.42
C LEU A 1909 4.13 46.03 -33.22
N VAL A 1910 3.14 46.61 -32.55
CA VAL A 1910 1.85 46.93 -33.15
C VAL A 1910 1.50 48.35 -32.76
N HIS A 1911 1.74 49.29 -33.67
CA HIS A 1911 1.46 50.69 -33.41
C HIS A 1911 -0.02 50.97 -33.50
N PHE A 1912 -0.59 51.52 -32.43
CA PHE A 1912 -2.01 51.88 -32.42
C PHE A 1912 -2.08 53.31 -32.93
N VAL A 1913 -2.53 53.51 -34.16
CA VAL A 1913 -2.59 54.87 -34.69
C VAL A 1913 -3.86 55.58 -34.28
N THR A 1914 -3.86 56.93 -34.37
CA THR A 1914 -5.02 57.73 -33.99
C THR A 1914 -6.28 57.22 -34.71
N SER A 1918 -8.70 61.55 -37.28
CA SER A 1918 -8.94 62.37 -38.50
C SER A 1918 -9.50 61.53 -39.66
N ILE A 1919 -8.96 60.32 -39.81
CA ILE A 1919 -9.40 59.40 -40.86
C ILE A 1919 -10.76 58.78 -40.55
N GLU A 1920 -11.03 58.55 -39.26
CA GLU A 1920 -12.31 58.01 -38.82
C GLU A 1920 -13.42 59.05 -38.90
N THR A 1921 -13.06 60.32 -38.69
CA THR A 1921 -13.99 61.43 -38.78
C THR A 1921 -14.35 61.74 -40.24
N ARG A 1922 -13.39 61.54 -41.14
CA ARG A 1922 -13.60 61.73 -42.57
C ARG A 1922 -14.47 60.63 -43.18
N ILE A 1923 -14.33 59.42 -42.63
CA ILE A 1923 -15.13 58.27 -43.06
C ILE A 1923 -16.58 58.39 -42.56
N PHE A 1924 -16.74 59.01 -41.39
CA PHE A 1924 -18.06 59.25 -40.81
C PHE A 1924 -18.79 60.38 -41.52
N ASP A 1925 -18.03 61.38 -41.98
CA ASP A 1925 -18.59 62.53 -42.71
C ASP A 1925 -19.02 62.15 -44.12
N ILE A 1926 -18.33 61.17 -44.70
CA ILE A 1926 -18.67 60.64 -46.02
C ILE A 1926 -19.88 59.70 -45.96
N THR A 1927 -20.20 59.23 -44.76
CA THR A 1927 -21.31 58.32 -44.53
C THR A 1927 -22.57 59.02 -44.04
N LEU A 1928 -22.40 60.12 -43.31
CA LEU A 1928 -23.51 60.88 -42.75
C LEU A 1928 -24.22 61.73 -43.81
N THR A 1929 -23.44 62.33 -44.71
CA THR A 1929 -23.98 63.15 -45.79
C THR A 1929 -24.61 62.29 -46.90
N GLU A 1930 -23.90 61.21 -47.24
CA GLU A 1930 -24.30 60.19 -48.21
C GLU A 1930 -25.13 59.06 -47.58
N GLU A 1931 -25.73 58.21 -48.42
CA GLU A 1931 -26.57 57.11 -47.93
C GLU A 1931 -26.28 55.88 -48.80
N ASN A 1932 -26.68 55.96 -50.08
CA ASN A 1932 -26.59 54.82 -51.01
C ASN A 1932 -25.23 54.16 -51.16
N ALA A 1933 -24.18 54.98 -51.31
CA ALA A 1933 -22.81 54.49 -51.48
C ALA A 1933 -22.25 53.88 -50.20
N GLU A 1934 -22.68 54.41 -49.06
CA GLU A 1934 -22.24 53.92 -47.75
C GLU A 1934 -22.91 52.60 -47.37
N MET A 1935 -24.18 52.46 -47.75
CA MET A 1935 -24.94 51.24 -47.48
C MET A 1935 -24.51 50.09 -48.38
N GLN A 1936 -24.09 50.42 -49.60
CA GLN A 1936 -23.58 49.44 -50.55
C GLN A 1936 -22.20 48.91 -50.13
N ARG A 1937 -21.40 49.78 -49.54
CA ARG A 1937 -20.07 49.42 -49.05
C ARG A 1937 -20.14 48.62 -47.74
N LYS A 1938 -21.17 48.88 -46.95
CA LYS A 1938 -21.40 48.17 -45.69
C LYS A 1938 -21.90 46.74 -45.94
N ARG A 1939 -22.79 46.58 -46.91
CA ARG A 1939 -23.29 45.27 -47.27
C ARG A 1939 -22.23 44.38 -47.94
N GLU A 1940 -21.51 44.97 -48.89
CA GLU A 1940 -20.53 44.27 -49.71
C GLU A 1940 -19.28 43.72 -49.03
N ASP A 1941 -18.67 44.52 -48.15
CA ASP A 1941 -17.40 44.13 -47.55
C ASP A 1941 -17.47 42.88 -46.67
N LEU A 1942 -18.50 42.81 -45.83
CA LEU A 1942 -18.67 41.68 -44.93
C LEU A 1942 -19.93 40.86 -45.20
N ILE A 1943 -20.58 41.11 -46.33
CA ILE A 1943 -21.86 40.44 -46.55
C ILE A 1943 -21.83 39.45 -47.72
N LYS A 1944 -21.00 39.75 -48.72
CA LYS A 1944 -20.84 38.86 -49.88
C LYS A 1944 -20.04 37.60 -49.54
N LEU A 1945 -19.08 37.75 -48.64
CA LEU A 1945 -18.28 36.61 -48.17
C LEU A 1945 -19.06 35.74 -47.20
N ASN A 1946 -19.96 36.36 -46.44
CA ASN A 1946 -20.83 35.64 -45.50
C ASN A 1946 -21.91 34.85 -46.24
N THR A 1947 -22.36 35.38 -47.37
CA THR A 1947 -23.34 34.69 -48.22
C THR A 1947 -22.70 33.52 -48.96
N GLU A 1948 -21.43 33.65 -49.29
CA GLU A 1948 -20.66 32.59 -49.95
C GLU A 1948 -20.31 31.47 -48.98
N TYR A 1949 -20.09 31.84 -47.71
CA TYR A 1949 -19.80 30.88 -46.65
C TYR A 1949 -21.05 30.11 -46.24
N ARG A 1950 -22.20 30.76 -46.32
CA ARG A 1950 -23.49 30.13 -46.02
C ARG A 1950 -23.91 29.17 -47.14
N LEU A 1951 -23.51 29.50 -48.37
CA LEU A 1951 -23.78 28.65 -49.54
C LEU A 1951 -22.89 27.42 -49.53
N LYS A 1952 -21.68 27.57 -49.01
CA LYS A 1952 -20.72 26.47 -48.87
C LYS A 1952 -21.13 25.52 -47.75
N LEU A 1953 -21.75 26.06 -46.71
CA LEU A 1953 -22.26 25.28 -45.59
C LEU A 1953 -23.54 24.53 -45.99
N LYS A 1954 -24.32 25.12 -46.89
CA LYS A 1954 -25.52 24.50 -47.43
C LYS A 1954 -25.18 23.39 -48.42
N ASN A 1955 -24.03 23.51 -49.07
CA ASN A 1955 -23.53 22.50 -50.01
C ASN A 1955 -23.09 21.24 -49.28
N LEU A 1956 -22.63 21.40 -48.04
CA LEU A 1956 -22.24 20.27 -47.19
C LEU A 1956 -23.45 19.51 -46.68
N GLU A 1957 -24.58 20.22 -46.54
CA GLU A 1957 -25.84 19.61 -46.12
C GLU A 1957 -26.46 18.77 -47.23
N LYS A 1958 -26.22 19.16 -48.48
CA LYS A 1958 -26.70 18.43 -49.64
C LYS A 1958 -25.91 17.14 -49.85
N ARG A 1959 -24.63 17.16 -49.49
CA ARG A 1959 -23.76 15.99 -49.58
C ARG A 1959 -24.07 14.99 -48.47
N LEU A 1960 -24.80 15.38 -47.85
CA LEU A 1960 -25.22 14.49 -46.82
C LEU A 1960 -26.49 13.79 -47.07
N LEU A 1961 -27.49 14.51 -47.59
CA LEU A 1961 -28.76 13.91 -47.96
C LEU A 1961 -28.49 12.92 -49.09
N GLU A 1962 -27.60 13.30 -49.99
CA GLU A 1962 -27.21 12.45 -51.10
C GLU A 1962 -26.59 11.18 -50.56
N GLU A 1963 -25.80 11.32 -49.51
CA GLU A 1963 -25.18 10.18 -48.86
C GLU A 1963 -26.30 9.29 -48.34
N LEU A 1964 -27.34 9.92 -47.80
CA LEU A 1964 -28.52 9.20 -47.35
C LEU A 1964 -29.14 8.54 -48.56
N ASN A 1965 -29.16 9.28 -49.67
CA ASN A 1965 -29.64 8.76 -50.91
C ASN A 1965 -28.96 7.39 -51.09
N ASN A 1966 -27.80 7.22 -50.47
CA ASN A 1966 -27.07 5.96 -50.56
C ASN A 1966 -27.30 5.09 -49.33
N ASP A 1975 -36.42 15.39 -48.82
CA ASP A 1975 -34.98 15.55 -48.94
C ASP A 1975 -34.58 16.15 -50.29
N GLU A 1976 -35.25 15.71 -51.36
CA GLU A 1976 -34.98 16.18 -52.71
C GLU A 1976 -35.50 17.60 -52.93
N LEU A 1977 -36.63 17.93 -52.29
CA LEU A 1977 -37.23 19.26 -52.38
C LEU A 1977 -36.46 20.28 -51.55
N MET A 1978 -35.85 19.82 -50.45
CA MET A 1978 -35.04 20.68 -49.58
C MET A 1978 -33.68 21.01 -50.21
N VAL A 1979 -33.14 20.06 -50.97
CA VAL A 1979 -31.87 20.24 -51.67
C VAL A 1979 -32.00 21.17 -52.87
N THR A 1980 -33.17 21.11 -53.52
CA THR A 1980 -33.47 21.96 -54.67
C THR A 1980 -33.73 23.42 -54.24
N LEU A 1981 -34.31 23.58 -53.05
CA LEU A 1981 -34.57 24.90 -52.49
C LEU A 1981 -33.29 25.56 -51.99
N ASN A 1982 -32.35 24.73 -51.51
CA ASN A 1982 -31.05 25.21 -51.04
C ASN A 1982 -30.15 25.60 -52.22
N ASN A 1983 -30.31 24.91 -53.34
CA ASN A 1983 -29.56 25.20 -54.57
C ASN A 1983 -30.08 26.47 -55.24
N LEU A 1984 -31.38 26.72 -55.11
CA LEU A 1984 -32.02 27.93 -55.64
C LEU A 1984 -31.66 29.16 -54.81
N LYS A 1985 -31.47 28.95 -53.51
CA LYS A 1985 -31.06 30.01 -52.58
C LYS A 1985 -29.58 30.37 -52.78
N LYS A 1986 -28.78 29.38 -53.15
CA LYS A 1986 -27.36 29.58 -53.44
C LYS A 1986 -27.16 30.30 -54.77
N GLU A 1987 -28.05 30.03 -55.72
CA GLU A 1987 -28.01 30.68 -57.04
C GLU A 1987 -28.49 32.13 -56.96
N ALA A 1988 -29.42 32.40 -56.05
CA ALA A 1988 -29.92 33.75 -55.81
C ALA A 1988 -28.91 34.60 -55.06
N MET A 1989 -28.11 33.95 -54.19
CA MET A 1989 -27.04 34.60 -53.45
C MET A 1989 -25.85 34.91 -54.35
N ASN A 1990 -25.62 34.04 -55.33
CA ASN A 1990 -24.54 34.22 -56.31
C ASN A 1990 -24.85 35.34 -57.31
N ILE A 1991 -26.14 35.49 -57.63
CA ILE A 1991 -26.61 36.56 -58.52
C ILE A 1991 -26.57 37.92 -57.84
N GLU A 1992 -26.78 37.93 -56.52
CA GLU A 1992 -26.72 39.14 -55.72
C GLU A 1992 -25.28 39.58 -55.45
N LYS A 1993 -24.39 38.60 -55.30
CA LYS A 1993 -22.97 38.87 -55.04
C LYS A 1993 -22.26 39.38 -56.29
N LYS A 1994 -22.66 38.87 -57.46
CA LYS A 1994 -22.10 39.30 -58.74
C LYS A 1994 -22.57 40.71 -59.12
N LEU A 1995 -23.79 41.04 -58.73
CA LEU A 1995 -24.35 42.38 -58.95
C LEU A 1995 -23.72 43.40 -58.01
N SER A 1996 -23.35 42.96 -56.81
CA SER A 1996 -22.69 43.80 -55.83
C SER A 1996 -21.22 44.02 -56.18
N GLU A 1997 -20.62 43.04 -56.85
CA GLU A 1997 -19.22 43.11 -57.28
C GLU A 1997 -19.00 44.15 -58.37
N SER A 1998 -19.97 44.29 -59.27
CA SER A 1998 -19.94 45.31 -60.32
C SER A 1998 -20.20 46.70 -59.74
N GLU A 1999 -20.99 46.74 -58.67
CA GLU A 1999 -21.27 47.97 -57.93
C GLU A 1999 -20.09 48.36 -57.03
N GLU A 2000 -19.31 47.34 -56.67
CA GLU A 2000 -18.04 47.49 -55.97
C GLU A 2000 -17.04 48.19 -56.89
N PHE A 2001 -17.02 47.65 -58.12
CA PHE A 2001 -16.13 48.06 -59.20
C PHE A 2001 -16.43 49.46 -59.67
N PHE A 2002 -17.72 49.75 -59.74
CA PHE A 2002 -18.16 51.06 -60.12
C PHE A 2002 -17.57 51.92 -59.03
N PRO A 2003 -17.57 51.36 -57.82
CA PRO A 2003 -16.99 51.98 -56.64
C PRO A 2003 -15.47 51.94 -56.69
N GLN A 2004 -14.83 52.79 -55.90
CA GLN A 2004 -13.37 52.88 -55.89
C GLN A 2004 -12.91 53.81 -57.01
N PHE A 2005 -13.90 54.38 -57.69
CA PHE A 2005 -13.66 55.32 -58.74
C PHE A 2005 -13.94 56.62 -58.05
N ASP A 2006 -14.97 56.52 -57.24
CA ASP A 2006 -15.46 57.69 -56.54
C ASP A 2006 -15.08 57.72 -55.06
N ASN A 2007 -14.54 56.62 -54.52
CA ASN A 2007 -14.15 56.66 -53.11
C ASN A 2007 -12.75 57.24 -52.92
N LEU A 2008 -11.87 56.99 -53.89
CA LEU A 2008 -10.52 57.54 -53.88
C LEU A 2008 -10.50 59.02 -54.22
N VAL A 2009 -11.45 59.43 -55.07
CA VAL A 2009 -11.61 60.84 -55.45
C VAL A 2009 -12.21 61.65 -54.31
N GLU A 2010 -13.06 61.01 -53.51
CA GLU A 2010 -13.67 61.64 -52.34
C GLU A 2010 -12.68 61.77 -51.19
N GLU A 2011 -11.76 60.80 -51.11
CA GLU A 2011 -10.70 60.80 -50.09
C GLU A 2011 -9.62 61.84 -50.40
N TYR A 2012 -9.39 62.07 -51.69
CA TYR A 2012 -8.41 63.06 -52.13
C TYR A 2012 -8.92 64.49 -51.92
N SER A 2013 -10.24 64.67 -52.04
CA SER A 2013 -10.87 65.98 -51.85
C SER A 2013 -11.02 66.33 -50.37
N ILE A 2014 -11.12 65.31 -49.53
CA ILE A 2014 -11.29 65.49 -48.09
C ILE A 2014 -9.96 65.63 -47.33
N ILE A 2015 -8.85 65.50 -48.06
CA ILE A 2015 -7.50 65.58 -47.49
C ILE A 2015 -7.21 66.93 -46.82
N GLY A 2016 -7.79 67.99 -47.37
CA GLY A 2016 -7.62 69.35 -46.83
C GLY A 2016 -8.35 69.52 -45.50
N LYS A 2017 -9.49 68.86 -45.36
CA LYS A 2017 -10.29 68.91 -44.14
C LYS A 2017 -9.66 68.10 -43.00
N HIS A 2018 -8.99 67.01 -43.37
CA HIS A 2018 -8.29 66.16 -42.41
C HIS A 2018 -6.99 66.81 -41.91
N SER A 2019 -6.37 67.59 -42.79
CA SER A 2019 -5.13 68.32 -42.44
C SER A 2019 -5.43 69.51 -41.53
N VAL A 2020 -6.61 70.12 -41.72
CA VAL A 2020 -7.06 71.23 -40.90
C VAL A 2020 -7.47 70.78 -39.50
N LYS A 2021 -8.00 69.56 -39.42
CA LYS A 2021 -8.40 68.95 -38.14
C LYS A 2021 -7.18 68.50 -37.35
N ILE A 2022 -6.12 68.09 -38.06
CA ILE A 2022 -4.86 67.68 -37.44
C ILE A 2022 -4.07 68.89 -36.94
N PHE A 2023 -4.22 70.02 -37.64
CA PHE A 2023 -3.58 71.28 -37.23
C PHE A 2023 -4.28 71.90 -36.03
N SER A 2024 -5.59 71.69 -35.93
CA SER A 2024 -6.39 72.18 -34.81
C SER A 2024 -6.12 71.34 -33.55
N MET A 2025 -5.85 70.06 -33.74
CA MET A 2025 -5.53 69.16 -32.64
C MET A 2025 -4.12 69.41 -32.10
N LEU A 2026 -3.22 69.83 -32.98
CA LEU A 2026 -1.85 70.17 -32.60
C LEU A 2026 -1.79 71.51 -31.86
N GLU A 2027 -2.69 72.42 -32.22
CA GLU A 2027 -2.80 73.72 -31.57
C GLU A 2027 -3.45 73.59 -30.19
N LYS A 2028 -4.35 72.63 -30.05
CA LYS A 2028 -5.01 72.35 -28.78
C LYS A 2028 -4.09 71.65 -27.79
N PHE A 2029 -3.17 70.84 -28.33
CA PHE A 2029 -2.18 70.12 -27.51
C PHE A 2029 -1.09 71.06 -26.99
N GLY A 2030 -0.77 72.09 -27.76
CA GLY A 2030 0.25 73.06 -27.38
C GLY A 2030 -0.37 74.39 -26.99
N GLN A 2031 -0.57 74.58 -25.69
CA GLN A 2031 -1.16 75.82 -25.18
C GLN A 2031 -0.57 76.19 -23.82
N PHE A 2032 0.79 75.62 -23.23
CA PHE A 2032 1.45 76.20 -22.06
C PHE A 2032 0.74 75.80 -20.78
N HIS A 2033 -0.52 75.29 -21.09
CA HIS A 2033 -1.28 74.32 -20.32
C HIS A 2033 -2.11 73.40 -21.21
N TRP A 2034 -2.51 73.86 -22.36
CA TRP A 2034 -3.31 73.03 -23.26
C TRP A 2034 -4.47 72.37 -22.52
N PHE A 2035 -4.62 71.27 -22.65
CA PHE A 2035 -5.63 70.46 -21.98
C PHE A 2035 -5.91 68.97 -21.84
N TYR A 2036 -6.97 68.30 -22.25
CA TYR A 2036 -7.36 67.12 -23.00
C TYR A 2036 -7.43 67.46 -24.49
N GLY A 2037 -7.90 68.94 -24.95
CA GLY A 2037 -8.52 68.99 -26.27
C GLY A 2037 -7.73 68.16 -27.28
N ILE A 2038 -8.20 67.02 -27.87
CA ILE A 2038 -7.61 66.49 -29.09
C ILE A 2038 -8.64 65.84 -29.99
N SER A 2039 -8.77 64.67 -28.99
CA SER A 2039 -9.57 63.52 -29.37
C SER A 2039 -11.06 63.74 -29.14
N ILE A 2040 -11.49 64.23 -27.91
CA ILE A 2040 -12.90 64.46 -27.60
C ILE A 2040 -13.38 65.74 -28.26
N GLY A 2041 -12.54 66.76 -28.23
CA GLY A 2041 -12.87 68.05 -28.85
C GLY A 2041 -13.04 67.87 -30.36
N GLN A 2042 -12.16 67.06 -30.95
CA GLN A 2042 -12.23 66.79 -32.38
C GLN A 2042 -13.54 66.08 -32.71
N PHE A 2043 -13.91 65.14 -31.86
CA PHE A 2043 -15.15 64.39 -32.05
C PHE A 2043 -16.34 65.34 -31.98
N LEU A 2044 -16.28 66.28 -31.05
CA LEU A 2044 -17.35 67.25 -30.90
C LEU A 2044 -17.45 68.06 -32.19
N SER A 2045 -16.29 68.40 -32.74
CA SER A 2045 -16.23 69.15 -33.99
C SER A 2045 -16.86 68.35 -35.12
N CYS A 2046 -16.59 67.04 -35.14
CA CYS A 2046 -17.12 66.17 -36.17
C CYS A 2046 -18.65 66.14 -36.08
N PHE A 2047 -19.16 66.07 -34.85
CA PHE A 2047 -20.60 66.07 -34.64
C PHE A 2047 -21.13 67.41 -35.12
N LYS A 2048 -20.35 68.46 -34.82
CA LYS A 2048 -20.67 69.82 -35.21
C LYS A 2048 -20.94 69.62 -36.68
N ARG A 2049 -20.12 68.89 -37.45
CA ARG A 2049 -20.30 68.82 -38.95
C ARG A 2049 -21.53 68.18 -39.69
N VAL A 2050 -22.05 67.23 -38.70
CA VAL A 2050 -23.16 66.45 -39.19
C VAL A 2050 -24.41 67.03 -38.75
N PHE A 2051 -24.38 67.72 -37.66
CA PHE A 2051 -25.52 68.49 -37.36
C PHE A 2051 -25.70 69.53 -38.50
N ILE A 2052 -24.61 70.13 -38.97
CA ILE A 2052 -24.62 71.11 -40.05
C ILE A 2052 -25.00 70.53 -41.40
N LYS A 2053 -24.52 69.32 -41.67
CA LYS A 2053 -24.80 68.63 -42.93
C LYS A 2053 -24.57 69.56 -44.12
N THR A 2058 -24.53 71.07 -51.62
CA THR A 2058 -24.06 72.05 -50.65
C THR A 2058 -22.55 72.13 -50.62
N ARG A 2059 -21.93 72.17 -51.80
CA ARG A 2059 -20.48 72.24 -51.91
C ARG A 2059 -19.78 73.02 -50.80
N ALA A 2060 -18.75 72.41 -50.21
CA ALA A 2060 -18.00 73.04 -49.14
C ALA A 2060 -16.68 73.68 -49.55
N ALA A 2061 -16.59 74.75 -49.21
CA ALA A 2061 -17.57 75.68 -48.66
C ALA A 2061 -18.00 75.26 -47.25
N ARG A 2062 -18.44 73.79 -47.47
CA ARG A 2062 -18.91 73.04 -46.31
C ARG A 2062 -17.72 72.87 -45.37
N THR A 2063 -16.55 72.57 -45.93
CA THR A 2063 -15.34 72.47 -45.14
C THR A 2063 -15.02 73.79 -44.42
N ARG A 2064 -15.37 74.90 -45.07
CA ARG A 2064 -15.19 76.24 -44.50
C ARG A 2064 -16.21 76.51 -43.39
N VAL A 2065 -17.40 75.94 -43.55
CA VAL A 2065 -18.46 76.07 -42.55
C VAL A 2065 -18.18 75.22 -41.32
N ASP A 2066 -17.51 74.08 -41.53
CA ASP A 2066 -17.11 73.20 -40.44
C ASP A 2066 -15.93 73.76 -39.64
N GLU A 2067 -15.06 74.50 -40.33
CA GLU A 2067 -13.93 75.18 -39.70
C GLU A 2067 -14.37 76.39 -38.89
N ILE A 2068 -15.44 77.05 -39.36
CA ILE A 2068 -16.02 78.20 -38.66
C ILE A 2068 -16.79 77.76 -37.42
N LEU A 2069 -17.39 76.58 -37.48
CA LEU A 2069 -18.12 75.99 -36.36
C LEU A 2069 -17.16 75.48 -35.28
N TRP A 2070 -15.98 75.02 -35.71
CA TRP A 2070 -14.94 74.55 -34.80
C TRP A 2070 -14.25 75.71 -34.10
N LEU A 2071 -14.15 76.85 -34.80
CA LEU A 2071 -13.56 78.06 -34.24
C LEU A 2071 -14.50 78.73 -33.23
N LEU A 2072 -15.80 78.59 -33.46
CA LEU A 2072 -16.82 79.14 -32.57
C LEU A 2072 -16.93 78.33 -31.28
N TYR A 2073 -16.44 77.10 -31.23
CA TYR A 2073 -16.39 76.47 -29.92
C TYR A 2073 -14.93 76.89 -29.45
N GLN A 2074 -14.10 77.03 -30.49
CA GLN A 2074 -12.67 77.37 -30.42
C GLN A 2074 -12.12 78.68 -29.84
N GLU A 2075 -12.78 79.80 -30.12
CA GLU A 2075 -12.34 81.10 -29.61
C GLU A 2075 -12.68 81.83 -28.33
N VAL A 2076 -13.54 81.22 -27.52
CA VAL A 2076 -13.94 81.81 -26.26
C VAL A 2076 -13.13 80.83 -25.43
N TYR A 2077 -13.19 79.70 -25.03
CA TYR A 2077 -12.89 78.56 -24.18
C TYR A 2077 -11.40 78.48 -23.87
N CYS A 2078 -10.77 78.40 -25.20
CA CYS A 2078 -9.31 78.58 -25.27
C CYS A 2078 -9.23 80.09 -25.47
N GLN A 2079 -9.02 80.94 -24.87
CA GLN A 2079 -9.33 82.27 -24.34
C GLN A 2079 -9.25 83.58 -25.12
N PHE A 2080 -7.76 83.91 -25.30
CA PHE A 2080 -8.29 84.18 -26.63
C PHE A 2080 -7.33 83.71 -27.70
N SER A 2081 -6.18 84.47 -27.95
CA SER A 2081 -5.02 84.19 -28.79
C SER A 2081 -5.36 84.26 -30.27
N THR A 2082 -6.49 83.63 -30.73
CA THR A 2082 -6.96 83.92 -32.08
C THR A 2082 -5.86 83.78 -33.13
N ALA A 2083 -4.77 83.00 -32.60
CA ALA A 2083 -3.69 82.53 -33.46
C ALA A 2083 -4.02 81.25 -34.24
N LEU A 2084 -4.73 80.33 -33.59
CA LEU A 2084 -5.08 79.05 -34.20
C LEU A 2084 -5.98 79.23 -35.43
N ASP A 2085 -6.81 80.29 -35.39
CA ASP A 2085 -7.69 80.62 -36.51
C ASP A 2085 -6.91 81.18 -37.70
N LYS A 2086 -5.84 81.92 -37.41
CA LYS A 2086 -4.94 82.45 -38.43
C LYS A 2086 -4.05 81.36 -39.02
N LYS A 2087 -3.72 80.37 -38.20
CA LYS A 2087 -2.90 79.23 -38.62
C LYS A 2087 -3.70 78.28 -39.51
N PHE A 2088 -4.99 78.15 -39.23
CA PHE A 2088 -5.89 77.32 -40.04
C PHE A 2088 -6.20 77.97 -41.38
N LYS A 2089 -6.24 79.30 -41.40
CA LYS A 2089 -6.49 80.07 -42.62
C LYS A 2089 -5.25 80.12 -43.51
N MET A 2090 -4.07 80.04 -42.90
CA MET A 2090 -2.81 80.05 -43.64
C MET A 2090 -2.55 78.75 -44.38
N ILE A 2091 -3.13 77.65 -43.89
CA ILE A 2091 -2.99 76.34 -44.51
C ILE A 2091 -3.84 76.18 -45.77
N MET A 2092 -4.80 77.10 -45.96
CA MET A 2092 -5.72 77.05 -47.09
C MET A 2092 -5.41 78.08 -48.18
N ALA A 2093 -4.99 79.26 -47.74
CA ALA A 2093 -4.66 80.40 -48.61
C ALA A 2093 -3.28 80.34 -49.27
N MET A 2094 -3.11 81.12 -50.34
CA MET A 2094 -1.83 81.14 -51.06
C MET A 2094 -1.09 82.49 -51.06
N THR A 2095 -1.36 83.33 -52.05
CA THR A 2095 -0.71 84.65 -52.17
C THR A 2095 -0.98 85.66 -51.04
N MET A 2096 -2.24 85.75 -50.63
CA MET A 2096 -2.64 86.67 -49.56
C MET A 2096 -2.05 86.26 -48.22
N PHE A 2097 -1.88 84.95 -48.02
CA PHE A 2097 -1.30 84.40 -46.79
C PHE A 2097 0.22 84.66 -46.71
N CYS A 2098 0.86 84.71 -47.88
CA CYS A 2098 2.30 84.98 -47.96
C CYS A 2098 2.63 86.41 -47.53
N LEU A 2099 1.74 87.35 -47.89
CA LEU A 2099 1.86 88.74 -47.48
C LEU A 2099 1.44 88.92 -46.03
N TYR A 2100 0.50 88.08 -45.58
CA TYR A 2100 0.03 88.09 -44.20
C TYR A 2100 1.06 87.49 -43.24
N LYS A 2101 1.74 86.45 -43.70
CA LYS A 2101 2.77 85.80 -42.90
C LYS A 2101 3.96 86.73 -42.75
N PHE A 2102 4.28 87.40 -43.86
CA PHE A 2102 5.38 88.35 -43.98
C PHE A 2102 5.31 89.61 -43.12
N ASP A 2103 4.11 90.14 -42.95
CA ASP A 2103 3.90 91.32 -42.11
C ASP A 2103 3.26 90.95 -40.79
N ILE A 2104 3.55 90.29 -39.68
CA ILE A 2104 3.40 89.66 -38.38
C ILE A 2104 4.39 90.09 -37.31
N GLU A 2105 4.70 89.21 -36.32
CA GLU A 2105 6.06 88.74 -36.03
C GLU A 2105 6.77 87.98 -37.14
N SER A 2106 7.94 88.47 -37.52
CA SER A 2106 8.41 89.78 -37.07
C SER A 2106 7.98 90.91 -38.01
N GLU A 2107 8.67 92.01 -37.96
CA GLU A 2107 8.25 93.25 -38.61
C GLU A 2107 8.90 93.12 -39.98
N GLN A 2108 9.08 94.26 -40.64
CA GLN A 2108 8.71 95.55 -40.08
C GLN A 2108 7.38 95.87 -39.40
N LEU A 2130 -0.45 96.25 -54.73
CA LEU A 2130 -0.74 95.41 -53.58
C LEU A 2130 -2.21 94.99 -53.54
N THR A 2131 -2.80 94.86 -54.72
CA THR A 2131 -4.21 94.48 -54.83
C THR A 2131 -4.36 93.15 -55.58
N VAL A 2132 -5.38 92.39 -55.22
CA VAL A 2132 -6.31 92.80 -54.18
C VAL A 2132 -7.32 91.66 -54.21
N ASP A 2133 -7.94 91.41 -53.03
CA ASP A 2133 -7.51 92.06 -51.79
C ASP A 2133 -7.22 93.14 -50.76
N THR A 2134 -8.32 93.84 -50.58
CA THR A 2134 -9.66 93.28 -50.81
C THR A 2134 -10.45 92.48 -49.80
N ASN A 2135 -10.72 93.16 -48.64
CA ASN A 2135 -10.73 92.93 -47.19
C ASN A 2135 -9.33 92.74 -46.64
N ASP A 2136 -8.47 91.91 -47.30
CA ASP A 2136 -7.09 91.64 -46.88
C ASP A 2136 -6.29 92.95 -46.81
N ASP A 2137 -6.45 93.72 -47.87
CA ASP A 2137 -5.78 95.02 -48.02
C ASP A 2137 -6.16 95.94 -46.85
N LEU A 2138 -7.45 95.96 -46.58
CA LEU A 2138 -8.03 96.77 -45.50
C LEU A 2138 -7.39 96.39 -44.16
N ARG A 2139 -7.33 95.09 -43.95
CA ARG A 2139 -6.76 94.49 -42.73
C ARG A 2139 -5.30 94.95 -42.56
N TYR A 2140 -4.58 94.86 -43.65
CA TYR A 2140 -3.17 95.25 -43.71
C TYR A 2140 -3.01 96.71 -43.30
N LEU A 2141 -3.86 97.53 -43.89
CA LEU A 2141 -3.89 98.98 -43.63
C LEU A 2141 -4.10 99.25 -42.14
N TRP A 2142 -5.07 98.55 -41.55
CA TRP A 2142 -5.37 98.72 -40.14
C TRP A 2142 -4.20 98.25 -39.27
N ASP A 2143 -3.60 97.13 -39.65
CA ASP A 2143 -2.48 96.58 -38.90
C ASP A 2143 -1.41 97.64 -38.65
N TYR A 2144 -1.47 98.73 -39.42
CA TYR A 2144 -0.51 99.82 -39.29
C TYR A 2144 -1.11 100.98 -38.49
N VAL A 2145 -2.40 100.89 -38.20
CA VAL A 2145 -3.08 101.92 -37.43
C VAL A 2145 -2.54 102.02 -36.01
N THR A 2146 -2.49 100.89 -35.32
CA THR A 2146 -2.94 99.63 -35.89
C THR A 2146 -3.24 98.61 -34.80
N THR A 2147 -2.75 97.38 -34.98
CA THR A 2147 -2.97 96.32 -34.01
C THR A 2147 -3.98 95.38 -33.38
N LYS A 2148 -5.05 95.94 -32.84
CA LYS A 2148 -6.09 95.15 -32.20
C LYS A 2148 -7.06 95.70 -33.24
N SER A 2149 -8.67 95.99 -32.38
CA SER A 2149 -9.63 96.49 -33.36
C SER A 2149 -9.17 95.53 -34.45
N TYR A 2150 -8.14 95.68 -35.73
CA TYR A 2150 -7.73 94.81 -36.84
C TYR A 2150 -7.70 93.30 -36.65
N ILE A 2151 -6.99 92.90 -35.62
CA ILE A 2151 -6.83 91.49 -35.25
C ILE A 2151 -8.20 90.84 -35.01
N SER A 2152 -8.99 91.56 -34.24
CA SER A 2152 -10.35 91.14 -33.87
C SER A 2152 -11.19 90.91 -35.14
N ALA A 2153 -11.08 91.89 -36.03
CA ALA A 2153 -11.81 91.88 -37.31
C ALA A 2153 -11.43 90.63 -38.11
N LEU A 2154 -10.13 90.39 -38.15
CA LEU A 2154 -9.55 89.24 -38.86
C LEU A 2154 -10.13 87.94 -38.32
N ASN A 2155 -10.14 87.87 -37.00
CA ASN A 2155 -10.65 86.70 -36.26
C ASN A 2155 -12.11 86.44 -36.64
N TRP A 2156 -12.91 87.51 -36.66
CA TRP A 2156 -14.32 87.41 -36.99
C TRP A 2156 -14.54 86.45 -38.16
N PHE A 2157 -14.69 87.01 -39.36
CA PHE A 2157 -14.92 86.20 -40.56
C PHE A 2157 -15.99 85.13 -40.29
N LYS A 2158 -16.84 85.39 -39.30
CA LYS A 2158 -17.92 84.47 -38.98
C LYS A 2158 -18.98 85.07 -38.07
N ASN A 2159 -19.82 84.32 -37.50
CA ASN A 2159 -20.86 84.76 -36.59
C ASN A 2159 -20.15 85.47 -35.44
N TRP A 2166 -23.22 85.36 -25.46
CA TRP A 2166 -22.22 84.32 -25.85
C TRP A 2166 -22.20 83.16 -24.86
N ASN A 2167 -22.30 83.47 -23.57
CA ASN A 2167 -22.31 82.47 -22.51
C ASN A 2167 -23.63 81.70 -22.46
N ILE A 2168 -24.73 82.39 -22.79
CA ILE A 2168 -26.05 81.78 -22.83
C ILE A 2168 -26.22 80.88 -24.04
N ALA A 2169 -25.56 81.24 -25.15
CA ALA A 2169 -25.58 80.45 -26.37
C ALA A 2169 -24.74 79.18 -26.24
N ASP A 2170 -23.65 79.27 -25.46
CA ASP A 2170 -22.77 78.12 -25.20
C ASP A 2170 -23.44 77.12 -24.26
N VAL A 2171 -24.26 77.62 -23.34
CA VAL A 2171 -25.01 76.78 -22.42
C VAL A 2171 -26.18 76.09 -23.11
N VAL A 2172 -26.72 76.75 -24.13
CA VAL A 2172 -27.83 76.20 -24.93
C VAL A 2172 -27.33 75.19 -25.97
N ALA A 2173 -26.06 75.31 -26.36
CA ALA A 2173 -25.44 74.40 -27.32
C ALA A 2173 -25.11 73.06 -26.68
N ASN A 2174 -24.71 73.09 -25.41
CA ASN A 2174 -24.40 71.88 -24.65
C ASN A 2174 -25.49 71.60 -23.61
N SER A 2175 -26.75 71.88 -23.93
CA SER A 2175 -27.80 71.59 -22.96
C SER A 2175 -27.76 70.08 -22.65
N GLU A 2176 -27.94 69.73 -21.38
CA GLU A 2176 -27.91 68.34 -20.93
C GLU A 2176 -26.52 67.80 -20.59
N ASN A 2177 -25.50 68.66 -20.62
CA ASN A 2177 -24.14 68.26 -20.28
C ASN A 2177 -23.54 69.26 -19.29
N ASN A 2178 -22.63 68.83 -18.42
CA ASN A 2178 -22.10 69.77 -17.43
C ASN A 2178 -21.29 70.89 -18.08
N TYR A 2179 -21.32 72.07 -17.47
CA TYR A 2179 -20.58 73.23 -17.96
C TYR A 2179 -19.63 73.77 -16.88
N PHE A 2180 -18.40 74.07 -17.29
CA PHE A 2180 -17.38 74.59 -16.39
C PHE A 2180 -17.10 76.06 -16.66
N THR A 2181 -17.52 76.91 -15.73
CA THR A 2181 -17.32 78.36 -15.83
C THR A 2181 -16.00 78.77 -15.19
N MET A 2182 -15.16 79.45 -15.97
CA MET A 2182 -13.85 79.89 -15.51
C MET A 2182 -13.74 81.42 -15.50
N ALA A 2183 -12.86 81.90 -14.65
CA ALA A 2183 -12.51 83.29 -14.58
C ALA A 2183 -11.25 83.40 -13.73
N SER A 2184 -10.63 84.47 -13.75
CA SER A 2184 -9.39 84.82 -13.03
C SER A 2184 -9.67 85.56 -11.72
N GLU A 2185 -8.90 85.21 -10.70
CA GLU A 2185 -9.07 85.78 -9.36
C GLU A 2185 -8.62 87.24 -9.30
N ASP A 2189 -15.18 88.00 -10.19
CA ASP A 2189 -15.88 87.09 -9.28
C ASP A 2189 -16.83 86.13 -10.00
N GLY A 2190 -17.81 86.01 -9.35
CA GLY A 2190 -18.85 85.12 -9.91
C GLY A 2190 -20.15 85.82 -10.32
N THR A 2191 -20.08 87.10 -10.66
CA THR A 2191 -21.28 87.86 -11.03
C THR A 2191 -22.05 87.35 -12.27
N PHE A 2192 -21.34 86.95 -13.30
CA PHE A 2192 -21.99 86.46 -14.53
C PHE A 2192 -22.79 85.19 -14.28
N LYS A 2193 -22.35 84.40 -13.30
CA LYS A 2193 -23.02 83.16 -12.91
C LYS A 2193 -24.36 83.42 -12.21
N LEU A 2194 -24.41 84.52 -11.46
CA LEU A 2194 -25.63 84.93 -10.77
C LEU A 2194 -26.65 85.53 -11.75
N ILE A 2195 -26.16 86.18 -12.79
CA ILE A 2195 -27.01 86.75 -13.84
C ILE A 2195 -27.60 85.68 -14.74
N GLU A 2196 -26.85 84.60 -14.94
CA GLU A 2196 -27.30 83.46 -15.74
C GLU A 2196 -28.34 82.63 -14.98
N LEU A 2197 -28.21 82.58 -13.66
CA LEU A 2197 -29.15 81.88 -12.80
C LEU A 2197 -30.46 82.64 -12.66
N ALA A 2198 -30.38 83.97 -12.71
CA ALA A 2198 -31.56 84.83 -12.66
C ALA A 2198 -32.36 84.80 -13.97
N LYS A 2199 -31.66 84.61 -15.07
CA LYS A 2199 -32.29 84.54 -16.39
C LYS A 2199 -33.13 83.27 -16.51
N ALA A 2200 -33.23 82.53 -15.41
CA ALA A 2200 -34.01 81.29 -15.38
C ALA A 2200 -34.55 81.00 -13.99
N SER A 2201 -35.27 79.89 -13.87
CA SER A 2201 -35.85 79.49 -12.58
C SER A 2201 -37.35 79.25 -12.70
N LYS A 2202 -37.70 78.13 -13.33
CA LYS A 2202 -36.71 77.20 -13.87
C LYS A 2202 -35.49 77.11 -12.96
N GLU A 2203 -34.45 77.88 -13.29
CA GLU A 2203 -33.23 77.89 -12.50
C GLU A 2203 -33.18 76.78 -11.45
N SER A 2204 -34.14 76.78 -10.53
CA SER A 2204 -34.12 75.81 -9.43
C SER A 2204 -32.76 76.00 -8.78
N LEU A 2205 -32.36 77.26 -8.68
CA LEU A 2205 -30.98 77.62 -8.34
C LEU A 2205 -30.51 77.21 -6.95
N LYS A 2206 -29.27 76.76 -6.90
CA LYS A 2206 -28.52 76.56 -5.66
C LYS A 2206 -27.02 76.80 -5.85
N ILE A 2207 -26.40 77.42 -4.87
CA ILE A 2207 -24.97 77.69 -4.90
C ILE A 2207 -24.21 76.72 -3.98
N ILE A 2208 -23.03 76.35 -4.45
CA ILE A 2208 -22.17 75.41 -3.77
C ILE A 2208 -20.75 75.96 -3.77
N PRO A 2209 -20.49 76.91 -2.87
CA PRO A 2209 -19.17 77.50 -2.81
C PRO A 2209 -18.19 76.38 -2.52
N LEU A 2210 -18.61 75.44 -1.67
CA LEU A 2210 -17.77 74.31 -1.33
C LEU A 2210 -16.70 74.84 -0.39
N GLY A 2211 -16.95 76.02 0.13
CA GLY A 2211 -16.02 76.70 1.00
C GLY A 2211 -15.80 75.90 2.27
N SER A 2212 -16.87 75.30 2.81
CA SER A 2212 -16.72 74.65 4.09
C SER A 2212 -16.01 73.30 3.99
N ILE A 2213 -14.99 73.08 4.79
CA ILE A 2213 -14.26 71.79 4.72
C ILE A 2213 -14.92 70.47 5.19
N GLU A 2214 -15.60 70.54 6.34
CA GLU A 2214 -16.28 69.43 7.04
C GLU A 2214 -17.51 68.58 6.60
N ASN A 2215 -18.51 69.21 5.98
CA ASN A 2215 -19.73 68.48 5.61
C ASN A 2215 -19.73 67.33 4.61
N LEU A 2216 -19.15 67.50 3.43
CA LEU A 2216 -19.17 66.41 2.47
C LEU A 2216 -20.61 66.21 2.00
N ASN A 2217 -21.47 65.99 2.99
CA ASN A 2217 -22.91 65.76 2.86
C ASN A 2217 -23.76 66.90 2.29
N TYR A 2218 -23.40 68.14 2.58
CA TYR A 2218 -24.19 69.26 2.06
C TYR A 2218 -24.20 69.12 0.55
N ALA A 2219 -23.06 68.74 0.00
CA ALA A 2219 -22.95 68.53 -1.45
C ALA A 2219 -23.70 67.27 -1.88
N GLN A 2220 -23.85 66.32 -0.95
CA GLN A 2220 -24.61 65.09 -1.20
C GLN A 2220 -26.11 65.36 -1.28
N GLU A 2221 -26.57 66.32 -0.49
CA GLU A 2221 -27.97 66.76 -0.51
C GLU A 2221 -28.25 67.59 -1.76
N GLU A 2222 -27.23 68.32 -2.22
CA GLU A 2222 -27.32 69.12 -3.45
C GLU A 2222 -27.32 68.24 -4.70
N ILE A 2223 -26.60 67.12 -4.62
CA ILE A 2223 -26.55 66.15 -5.71
C ILE A 2223 -27.84 65.35 -5.81
N SER A 2224 -28.47 65.12 -4.65
CA SER A 2224 -29.75 64.41 -4.58
C SER A 2224 -30.90 65.28 -5.09
N LYS A 2225 -30.78 66.60 -4.87
CA LYS A 2225 -31.77 67.56 -5.35
C LYS A 2225 -31.65 67.78 -6.86
N SER A 2226 -30.43 67.65 -7.38
CA SER A 2226 -30.16 67.80 -8.81
C SER A 2226 -30.65 66.60 -9.61
N LYS A 2227 -30.60 65.42 -9.00
CA LYS A 2227 -31.04 64.18 -9.63
C LYS A 2227 -32.57 64.08 -9.72
N ILE A 2228 -33.20 64.82 -8.81
CA ILE A 2228 -34.64 64.94 -8.75
C ILE A 2228 -34.97 66.37 -9.21
N GLU A 2229 -34.03 67.11 -9.76
CA GLU A 2229 -34.55 68.32 -10.40
C GLU A 2229 -33.93 68.63 -11.75
N GLY A 2230 -34.69 69.32 -12.59
CA GLY A 2230 -34.18 69.79 -13.88
C GLY A 2230 -33.71 71.23 -13.75
N GLY A 2231 -33.53 71.68 -12.51
CA GLY A 2231 -33.11 73.05 -12.23
C GLY A 2231 -31.59 73.00 -12.38
N TRP A 2232 -30.91 74.00 -11.81
CA TRP A 2232 -29.46 74.08 -11.90
C TRP A 2232 -28.63 74.11 -10.62
N ILE A 2233 -27.64 73.23 -10.56
CA ILE A 2233 -26.70 73.18 -9.44
C ILE A 2233 -25.39 73.87 -9.77
N LEU A 2234 -25.04 74.90 -9.00
CA LEU A 2234 -23.82 75.66 -9.22
C LEU A 2234 -22.76 75.35 -8.17
N LEU A 2235 -21.64 74.79 -8.62
CA LEU A 2235 -20.52 74.48 -7.73
C LEU A 2235 -19.42 75.53 -7.88
N GLN A 2236 -19.12 76.22 -6.78
CA GLN A 2236 -18.10 77.25 -6.80
C GLN A 2236 -16.96 76.90 -5.84
N ASN A 2237 -15.81 77.53 -6.04
CA ASN A 2237 -14.65 77.28 -5.19
C ASN A 2237 -13.93 75.99 -5.59
N ILE A 2238 -14.38 75.39 -6.69
CA ILE A 2238 -13.80 74.16 -7.18
C ILE A 2238 -12.27 74.24 -7.22
N GLN A 2239 -11.76 75.47 -7.26
CA GLN A 2239 -10.31 75.70 -7.30
C GLN A 2239 -9.63 75.55 -5.96
N MET A 2240 -10.29 75.86 -4.85
CA MET A 2240 -9.56 75.71 -3.58
C MET A 2240 -9.98 74.60 -2.62
N SER A 2241 -9.09 73.61 -2.45
CA SER A 2241 -9.34 72.49 -1.55
C SER A 2241 -8.08 71.66 -1.25
N LEU A 2242 -8.11 70.95 -0.13
CA LEU A 2242 -6.99 70.12 0.27
C LEU A 2242 -7.15 68.83 -0.52
N SER A 2243 -6.49 67.77 -0.08
CA SER A 2243 -6.59 66.51 -0.80
C SER A 2243 -8.06 66.11 -0.85
N TRP A 2244 -8.82 66.55 0.14
CA TRP A 2244 -10.24 66.26 0.20
C TRP A 2244 -11.08 66.78 -0.98
N VAL A 2245 -10.82 67.99 -1.47
CA VAL A 2245 -11.63 68.47 -2.59
C VAL A 2245 -11.28 67.75 -3.90
N LYS A 2246 -10.06 67.24 -3.98
CA LYS A 2246 -9.62 66.45 -5.13
C LYS A 2246 -10.35 65.11 -5.19
N THR A 2247 -10.57 64.37 -3.99
CA THR A 2247 -11.20 62.98 -4.00
C THR A 2247 -12.55 62.94 -4.34
N TYR A 2248 -13.25 63.91 -3.72
CA TYR A 2248 -14.57 64.02 -3.97
C TYR A 2248 -14.65 64.48 -5.23
N LEU A 2249 -13.88 65.55 -5.55
CA LEU A 2249 -13.89 66.12 -6.75
C LEU A 2249 -13.49 65.04 -7.80
N HIS A 2250 -12.49 64.35 -7.67
CA HIS A 2250 -12.05 63.33 -8.65
C HIS A 2250 -13.09 62.18 -8.78
N LYS A 2251 -13.71 61.77 -7.72
CA LYS A 2251 -14.74 60.71 -7.81
C LYS A 2251 -15.83 61.13 -8.51
N HIS A 2252 -16.19 62.37 -8.21
CA HIS A 2252 -17.24 62.92 -8.84
C HIS A 2252 -16.89 62.98 -10.27
N VAL A 2253 -15.70 63.32 -10.72
CA VAL A 2253 -15.60 63.32 -12.18
C VAL A 2253 -15.87 62.09 -13.10
N GLU A 2254 -15.35 60.90 -12.79
CA GLU A 2254 -15.60 59.76 -13.70
C GLU A 2254 -16.96 59.09 -14.03
N GLU A 2255 -17.71 58.69 -13.01
CA GLU A 2255 -19.01 58.06 -13.21
C GLU A 2255 -20.06 59.01 -13.76
N THR A 2256 -20.51 59.94 -12.93
CA THR A 2256 -21.48 60.94 -13.33
C THR A 2256 -22.01 60.64 -14.73
N LYS A 2257 -22.06 59.48 -15.24
CA LYS A 2257 -22.83 58.88 -16.33
C LYS A 2257 -23.44 57.55 -15.90
N ALA A 2258 -24.08 57.24 -14.87
CA ALA A 2258 -24.71 55.95 -14.64
C ALA A 2258 -26.23 56.06 -14.75
N ALA A 2259 -26.70 56.96 -15.60
CA ALA A 2259 -28.13 57.09 -15.86
C ALA A 2259 -28.17 58.29 -16.81
N GLU A 2260 -29.33 58.65 -17.27
CA GLU A 2260 -29.49 59.82 -18.14
C GLU A 2260 -30.25 59.97 -16.83
N GLU A 2261 -29.60 60.54 -15.83
CA GLU A 2261 -29.80 61.48 -14.74
C GLU A 2261 -29.49 62.90 -15.21
N LYS A 2266 -29.03 69.98 -14.33
CA LYS A 2266 -27.91 70.65 -14.97
C LYS A 2266 -26.85 71.06 -13.93
N MET A 2267 -25.59 70.80 -14.25
CA MET A 2267 -24.48 71.15 -13.36
C MET A 2267 -23.63 72.26 -13.95
N PHE A 2268 -23.49 73.36 -13.20
CA PHE A 2268 -22.60 74.45 -13.60
C PHE A 2268 -21.49 74.60 -12.56
N MET A 2269 -20.25 74.62 -13.03
CA MET A 2269 -19.11 74.69 -12.11
C MET A 2269 -18.22 75.89 -12.39
N THR A 2270 -18.24 76.86 -11.48
CA THR A 2270 -17.47 78.08 -11.62
C THR A 2270 -16.14 78.04 -10.90
N CYS A 2271 -15.15 78.84 -11.15
CA CYS A 2271 -13.76 78.93 -10.70
C CYS A 2271 -13.69 79.29 -9.22
N HIS A 2272 -12.29 79.21 -8.75
CA HIS A 2272 -11.11 79.21 -9.60
C HIS A 2272 -11.07 80.54 -10.35
N LEU A 2273 -10.68 80.92 -11.55
CA LEU A 2273 -10.09 79.70 -12.11
C LEU A 2273 -9.19 78.89 -11.18
N THR A 2274 -8.29 79.57 -10.49
CA THR A 2274 -7.37 78.91 -9.56
C THR A 2274 -6.38 78.09 -10.37
N GLY A 2275 -5.38 77.53 -9.69
CA GLY A 2275 -4.37 76.72 -10.34
C GLY A 2275 -4.13 75.51 -9.43
N ASP A 2276 -4.82 74.42 -9.74
CA ASP A 2276 -4.69 73.19 -8.95
C ASP A 2276 -4.81 71.94 -9.81
N LYS A 2277 -5.56 72.06 -10.89
CA LYS A 2277 -5.77 70.92 -11.81
C LYS A 2277 -6.87 70.00 -11.32
N LEU A 2278 -7.37 69.17 -12.22
CA LEU A 2278 -8.44 68.23 -11.89
C LEU A 2278 -8.14 66.90 -12.57
N PRO A 2279 -9.18 66.12 -12.82
CA PRO A 2279 -9.03 64.82 -13.46
C PRO A 2279 -9.68 64.70 -14.84
N ALA A 2280 -9.09 63.87 -15.72
CA ALA A 2280 -9.56 63.68 -17.09
C ALA A 2280 -11.04 63.30 -17.17
N PRO A 2281 -11.47 62.36 -16.32
CA PRO A 2281 -12.84 61.86 -16.36
C PRO A 2281 -13.84 62.93 -15.95
N LEU A 2282 -13.38 63.94 -15.22
CA LEU A 2282 -14.24 65.04 -14.80
C LEU A 2282 -14.41 66.06 -15.92
N LEU A 2283 -13.30 66.45 -16.53
CA LEU A 2283 -13.32 67.42 -17.63
C LEU A 2283 -14.13 66.88 -18.81
N GLN A 2284 -14.03 65.62 -19.05
CA GLN A 2284 -13.16 64.67 -18.40
C GLN A 2284 -12.75 63.62 -19.45
N ARG A 2285 -13.47 63.36 -20.47
CA ARG A 2285 -14.66 64.13 -20.81
C ARG A 2285 -15.72 64.24 -19.72
N THR A 2286 -16.71 65.10 -19.91
CA THR A 2286 -17.13 65.68 -21.18
C THR A 2286 -17.51 67.01 -21.85
N ASP A 2287 -17.94 68.31 -21.00
CA ASP A 2287 -18.55 69.57 -20.60
C ASP A 2287 -18.12 70.63 -21.63
N ARG A 2288 -19.19 71.79 -21.35
CA ARG A 2288 -19.18 72.97 -22.23
C ARG A 2288 -18.50 74.11 -21.46
N VAL A 2289 -17.60 74.84 -22.12
CA VAL A 2289 -16.68 75.71 -21.39
C VAL A 2289 -16.90 77.18 -21.72
N VAL A 2290 -17.29 77.96 -20.71
CA VAL A 2290 -17.55 79.38 -20.87
C VAL A 2290 -16.50 80.24 -20.18
N TYR A 2291 -15.96 81.22 -20.90
CA TYR A 2291 -14.93 82.09 -20.34
C TYR A 2291 -15.50 83.49 -20.07
N GLU A 2292 -15.17 84.05 -18.91
CA GLU A 2292 -15.63 85.38 -18.56
C GLU A 2292 -14.47 86.37 -18.47
N ASP A 2293 -14.95 87.57 -19.38
CA ASP A 2293 -14.98 88.91 -19.96
C ASP A 2293 -13.76 89.43 -20.70
N ILE A 2294 -14.10 91.06 -19.81
CA ILE A 2294 -14.65 91.85 -20.93
C ILE A 2294 -13.65 93.05 -21.27
N PRO A 2295 -14.06 93.66 -20.24
CA PRO A 2295 -14.80 94.38 -19.17
C PRO A 2295 -14.29 95.84 -19.36
N GLY A 2296 -14.49 96.58 -17.94
CA GLY A 2296 -15.16 96.01 -16.77
C GLY A 2296 -16.08 97.16 -16.24
N ILE A 2297 -15.45 98.20 -15.49
CA ILE A 2297 -14.05 98.31 -15.04
C ILE A 2297 -13.80 98.87 -13.59
N LEU A 2298 -14.04 100.18 -13.36
CA LEU A 2298 -13.85 100.84 -12.07
C LEU A 2298 -15.18 101.30 -11.50
N ASP A 2299 -16.05 101.84 -12.37
CA ASP A 2299 -17.35 102.31 -11.96
C ASP A 2299 -18.17 101.14 -11.44
N THR A 2300 -18.08 100.01 -12.12
CA THR A 2300 -18.81 98.82 -11.73
C THR A 2300 -18.33 98.35 -10.36
N VAL A 2301 -17.01 98.41 -10.16
CA VAL A 2301 -16.43 98.00 -8.89
C VAL A 2301 -16.94 98.91 -7.77
N LYS A 2302 -17.02 100.21 -8.06
CA LYS A 2302 -17.50 101.17 -7.09
C LYS A 2302 -18.95 100.87 -6.73
N ASP A 2303 -19.73 100.52 -7.74
CA ASP A 2303 -21.15 100.19 -7.53
C ASP A 2303 -21.26 98.96 -6.65
N LEU A 2304 -20.39 97.98 -6.89
CA LEU A 2304 -20.40 96.76 -6.11
C LEU A 2304 -20.05 97.08 -4.65
N TRP A 2305 -19.09 97.97 -4.47
CA TRP A 2305 -18.68 98.36 -3.13
C TRP A 2305 -19.84 99.05 -2.41
N GLY A 2306 -20.57 99.88 -3.15
CA GLY A 2306 -21.71 100.59 -2.58
C GLY A 2306 -22.77 99.58 -2.17
N SER A 2307 -22.98 98.57 -2.99
CA SER A 2307 -23.97 97.53 -2.71
C SER A 2307 -23.57 96.79 -1.44
N GLN A 2308 -22.27 96.51 -1.31
CA GLN A 2308 -21.77 95.81 -0.14
C GLN A 2308 -22.00 96.64 1.11
N PHE A 2309 -21.77 97.95 0.99
CA PHE A 2309 -21.97 98.86 2.11
C PHE A 2309 -23.43 98.86 2.52
N PHE A 2310 -24.41 98.78 1.62
CA PHE A 2310 -25.67 99.19 2.22
C PHE A 2310 -25.95 98.39 3.50
N THR A 2311 -25.65 97.10 3.49
CA THR A 2311 -25.94 96.29 4.67
C THR A 2311 -24.80 96.22 5.69
N GLY A 2312 -25.85 96.83 6.36
CA GLY A 2312 -25.23 98.03 6.91
C GLY A 2312 -25.61 98.22 8.37
N SER A 2315 -22.54 102.46 12.77
CA SER A 2315 -22.17 103.88 12.73
C SER A 2315 -20.82 104.11 13.39
N GLY A 2316 -19.95 104.84 12.69
CA GLY A 2316 -20.27 105.37 11.38
C GLY A 2316 -21.31 106.48 11.46
N VAL A 2317 -20.92 107.69 11.07
CA VAL A 2317 -19.57 107.93 10.58
C VAL A 2317 -19.48 107.73 9.07
N TRP A 2318 -20.35 109.05 8.58
CA TRP A 2318 -20.57 109.23 7.13
C TRP A 2318 -19.25 109.55 6.44
N SER A 2319 -18.54 110.49 7.04
CA SER A 2319 -17.24 110.96 6.54
C SER A 2319 -16.27 109.79 6.43
N VAL A 2320 -16.25 109.00 7.50
CA VAL A 2320 -15.38 107.82 7.62
C VAL A 2320 -15.67 106.85 6.47
N TYR A 2321 -16.96 106.62 6.29
CA TYR A 2321 -17.47 105.72 5.24
C TYR A 2321 -16.98 106.18 3.86
N CYS A 2322 -17.13 107.47 3.65
CA CYS A 2322 -16.72 108.12 2.40
C CYS A 2322 -15.24 107.88 2.14
N THR A 2323 -14.47 108.10 3.19
CA THR A 2323 -13.01 107.93 3.16
C THR A 2323 -12.65 106.50 2.75
N PHE A 2324 -13.34 105.57 3.39
CA PHE A 2324 -13.16 104.13 3.15
C PHE A 2324 -13.41 103.82 1.68
N LEU A 2325 -14.51 104.36 1.18
CA LEU A 2325 -14.94 104.19 -0.21
C LEU A 2325 -13.85 104.67 -1.16
N LEU A 2326 -13.35 105.85 -0.85
CA LEU A 2326 -12.29 106.50 -1.62
C LEU A 2326 -11.06 105.60 -1.69
N SER A 2327 -10.70 105.08 -0.54
CA SER A 2327 -9.54 104.19 -0.37
C SER A 2327 -9.71 102.95 -1.27
N TRP A 2328 -10.90 102.40 -1.21
CA TRP A 2328 -11.27 101.21 -1.99
C TRP A 2328 -11.09 101.49 -3.48
N PHE A 2329 -11.60 102.63 -3.88
CA PHE A 2329 -11.53 103.11 -5.28
C PHE A 2329 -10.07 103.18 -5.73
N HIS A 2330 -9.27 103.78 -4.88
CA HIS A 2330 -7.83 103.96 -5.12
C HIS A 2330 -7.17 102.60 -5.34
N ALA A 2331 -7.50 101.68 -4.45
CA ALA A 2331 -6.97 100.31 -4.48
C ALA A 2331 -7.31 99.65 -5.82
N LEU A 2332 -8.56 99.82 -6.20
CA LEU A 2332 -9.08 99.26 -7.46
C LEU A 2332 -8.28 99.79 -8.64
N ILE A 2333 -8.07 101.10 -8.61
CA ILE A 2333 -7.33 101.81 -9.65
C ILE A 2333 -5.92 101.24 -9.77
N THR A 2334 -5.30 101.06 -8.62
CA THR A 2334 -3.94 100.51 -8.50
C THR A 2334 -3.87 99.13 -9.15
N ALA A 2335 -4.86 98.33 -8.80
CA ALA A 2335 -4.99 96.95 -9.30
C ALA A 2335 -5.07 96.96 -10.83
N ARG A 2336 -5.90 97.85 -11.37
CA ARG A 2336 -6.06 97.96 -12.82
C ARG A 2336 -4.73 98.25 -13.50
N ASP A 2352 -6.16 89.89 -2.76
CA ASP A 2352 -5.45 91.13 -2.38
C ASP A 2352 -6.46 92.24 -2.08
N CYS A 2353 -7.42 92.35 -2.98
CA CYS A 2353 -8.49 93.35 -2.89
C CYS A 2353 -9.27 93.17 -1.59
N ASP A 2354 -9.60 91.92 -1.33
CA ASP A 2354 -10.34 91.53 -0.11
C ASP A 2354 -9.58 91.96 1.14
N PHE A 2355 -8.29 91.67 1.11
CA PHE A 2355 -7.37 91.99 2.21
C PHE A 2355 -7.38 93.50 2.47
N GLN A 2356 -7.28 94.23 1.38
CA GLN A 2356 -7.26 95.70 1.40
C GLN A 2356 -8.54 96.23 2.06
N PHE A 2357 -9.64 95.66 1.62
CA PHE A 2357 -10.98 96.01 2.13
C PHE A 2357 -11.04 95.80 3.65
N ALA A 2358 -10.54 94.65 4.05
CA ALA A 2358 -10.50 94.24 5.46
C ALA A 2358 -9.72 95.27 6.28
N SER A 2359 -8.57 95.63 5.73
CA SER A 2359 -7.66 96.61 6.35
C SER A 2359 -8.39 97.95 6.56
N VAL A 2360 -9.07 98.35 5.51
CA VAL A 2360 -9.84 99.60 5.48
C VAL A 2360 -10.87 99.59 6.60
N TYR A 2361 -11.57 98.47 6.67
CA TYR A 2361 -12.63 98.25 7.67
C TYR A 2361 -12.05 98.40 9.08
N LEU A 2362 -10.93 97.76 9.27
CA LEU A 2362 -10.19 97.78 10.55
C LEU A 2362 -9.86 99.21 10.95
N GLU A 2363 -9.34 99.93 9.97
CA GLU A 2363 -8.95 101.35 10.13
C GLU A 2363 -10.16 102.17 10.59
N ASN A 2364 -11.26 101.95 9.90
CA ASN A 2364 -12.53 102.63 10.17
C ASN A 2364 -12.96 102.39 11.62
N VAL A 2365 -12.88 101.12 12.00
CA VAL A 2365 -13.23 100.67 13.35
C VAL A 2365 -12.40 101.41 14.40
N LEU A 2366 -11.12 101.46 14.12
CA LEU A 2366 -10.12 102.11 14.98
C LEU A 2366 -10.50 103.58 15.18
N ALA A 2367 -10.82 104.21 14.05
CA ALA A 2367 -11.21 105.63 14.02
C ALA A 2367 -12.43 105.86 14.91
N PRO A 2375 -3.93 114.01 9.79
CA PRO A 2375 -4.78 113.30 8.84
C PRO A 2375 -5.95 114.18 8.40
N TRP A 2376 -1.29 111.91 11.11
CA TRP A 2376 -2.59 111.52 10.59
C TRP A 2376 -2.37 110.98 9.18
N ALA A 2377 -1.53 111.68 8.41
CA ALA A 2377 -1.28 111.23 7.05
C ALA A 2377 -0.72 109.79 7.02
N GLN A 2378 0.14 109.46 7.96
CA GLN A 2378 0.74 108.13 8.01
C GLN A 2378 -0.01 107.04 8.80
N VAL A 2379 -1.08 107.36 9.50
CA VAL A 2379 -1.80 106.30 10.25
C VAL A 2379 -2.45 105.14 9.45
N ARG A 2380 -3.07 105.51 8.34
CA ARG A 2380 -3.79 104.71 7.36
C ARG A 2380 -2.77 104.16 6.37
N ASP A 2381 -1.80 105.02 6.06
CA ASP A 2381 -0.73 104.66 5.14
C ASP A 2381 0.13 103.53 5.68
N HIS A 2382 0.51 103.58 6.95
CA HIS A 2382 1.33 102.51 7.56
C HIS A 2382 0.51 101.24 7.64
N ILE A 2383 -0.79 101.52 7.73
CA ILE A 2383 -1.84 100.55 7.82
C ILE A 2383 -1.91 99.64 6.60
N ALA A 2384 -1.80 100.29 5.37
CA ALA A 2384 -1.80 99.75 3.92
C ALA A 2384 -0.49 99.06 4.05
N THR A 2385 0.45 99.85 4.52
CA THR A 2385 1.81 99.32 4.68
C THR A 2385 1.86 98.02 5.48
N ILE A 2386 1.11 97.72 6.50
CA ILE A 2386 1.46 96.38 6.89
C ILE A 2386 0.94 95.76 5.52
N VAL A 2387 -0.25 96.27 5.14
CA VAL A 2387 -1.02 95.92 3.94
C VAL A 2387 -0.40 96.26 2.57
N TYR A 2388 0.31 97.38 2.51
CA TYR A 2388 0.95 97.80 1.28
C TYR A 2388 2.04 96.78 0.96
N GLY A 2389 2.78 96.38 2.01
CA GLY A 2389 3.85 95.42 1.87
C GLY A 2389 3.18 94.19 1.35
N GLY A 2390 1.87 94.07 1.55
CA GLY A 2390 1.24 92.75 1.50
C GLY A 2390 1.35 92.14 0.10
N LYS A 2391 2.40 93.14 -0.63
CA LYS A 2391 2.63 93.01 -2.06
C LYS A 2391 3.52 91.82 -2.38
N ILE A 2392 3.64 90.90 -1.58
CA ILE A 2392 4.63 89.85 -1.38
C ILE A 2392 6.02 90.44 -1.14
N ASP A 2393 6.60 89.39 -2.00
CA ASP A 2393 7.10 90.41 -2.92
C ASP A 2393 7.98 91.58 -3.38
N GLU A 2394 9.25 91.38 -3.58
CA GLU A 2394 10.50 92.03 -3.22
C GLU A 2394 10.51 93.54 -3.46
N GLU A 2395 9.99 93.95 -4.59
CA GLU A 2395 10.03 95.35 -4.88
C GLU A 2395 9.14 95.58 -6.04
N LYS A 2396 8.98 96.85 -6.33
CA LYS A 2396 8.15 97.22 -7.42
C LYS A 2396 6.81 97.29 -6.75
N ASP A 2397 6.71 97.03 -5.45
CA ASP A 2397 5.25 97.21 -4.99
C ASP A 2397 5.04 98.65 -4.57
N LEU A 2398 6.35 99.10 -4.00
CA LEU A 2398 6.42 100.44 -3.51
C LEU A 2398 6.26 101.30 -4.58
N GLU A 2399 6.88 100.87 -5.69
CA GLU A 2399 6.74 101.58 -6.73
C GLU A 2399 5.21 101.71 -7.17
N VAL A 2400 4.69 100.50 -7.03
CA VAL A 2400 3.34 100.54 -7.31
C VAL A 2400 2.49 101.12 -6.32
N VAL A 2401 2.79 100.80 -5.06
CA VAL A 2401 2.05 101.34 -3.96
C VAL A 2401 2.48 102.90 -3.87
N ALA A 2402 3.70 103.25 -4.20
CA ALA A 2402 4.13 104.62 -4.19
C ALA A 2402 3.37 105.52 -5.22
N LYS A 2403 2.89 104.95 -6.32
CA LYS A 2403 2.18 105.70 -7.34
C LYS A 2403 0.75 106.02 -6.89
N LEU A 2404 0.01 104.98 -6.49
CA LEU A 2404 -1.36 105.14 -6.06
C LEU A 2404 -1.50 105.98 -4.79
N CYS A 2405 -0.55 105.82 -3.86
CA CYS A 2405 -0.58 106.58 -2.62
C CYS A 2405 -0.57 108.06 -2.95
N ALA A 2406 0.24 108.45 -3.92
CA ALA A 2406 0.31 109.83 -4.32
C ALA A 2406 -1.10 110.08 -4.83
N HIS A 2407 -1.62 109.04 -5.48
CA HIS A 2407 -2.96 109.03 -6.06
C HIS A 2407 -4.01 108.31 -5.21
N VAL A 2408 -3.69 108.05 -3.94
CA VAL A 2408 -4.65 107.36 -3.07
C VAL A 2408 -5.91 108.22 -3.03
N PHE A 2409 -5.77 109.60 -2.81
CA PHE A 2409 -6.82 110.60 -2.81
C PHE A 2409 -7.42 110.32 -4.17
N CYS A 2410 -6.79 110.07 -4.86
CA CYS A 2410 -6.33 109.44 -6.09
C CYS A 2410 -5.95 110.46 -7.18
N ASP A 2413 -7.93 111.43 -13.35
CA ASP A 2413 -8.12 112.87 -13.37
C ASP A 2413 -9.50 113.23 -12.80
N ASN A 2414 -10.48 112.49 -13.29
CA ASN A 2414 -11.89 112.66 -12.88
C ASN A 2414 -12.02 112.48 -11.36
N LEU A 2415 -11.39 111.42 -10.90
CA LEU A 2415 -11.38 111.06 -9.47
C LEU A 2415 -10.81 112.20 -8.64
N GLN A 2416 -9.69 112.71 -9.12
CA GLN A 2416 -8.97 113.82 -8.48
C GLN A 2416 -9.89 115.03 -8.36
N ILE A 2417 -10.55 115.32 -9.46
CA ILE A 2417 -11.48 116.45 -9.57
C ILE A 2417 -12.58 116.31 -8.51
N VAL A 2418 -13.12 115.12 -8.45
CA VAL A 2418 -14.19 114.76 -7.52
C VAL A 2418 -13.74 115.03 -6.08
N PRO A 2419 -12.54 114.57 -5.76
CA PRO A 2419 -11.98 114.76 -4.42
C PRO A 2419 -11.74 116.24 -4.12
N GLY A 2420 -11.21 116.95 -5.11
CA GLY A 2420 -10.93 118.36 -4.96
C GLY A 2420 -12.22 119.16 -4.74
N VAL A 2421 -13.25 118.85 -5.51
CA VAL A 2421 -14.53 119.53 -5.39
C VAL A 2421 -15.19 119.23 -4.05
N ARG A 2422 -14.92 118.04 -3.52
CA ARG A 2422 -15.48 117.63 -2.24
C ARG A 2422 -14.96 118.50 -1.10
N ILE A 2423 -15.85 119.21 -0.43
CA ILE A 2423 -17.27 119.18 -0.78
C ILE A 2423 -18.02 118.18 0.10
N PRO A 2424 -17.32 117.59 1.05
CA PRO A 2424 -17.91 116.62 1.97
C PRO A 2424 -17.94 117.15 3.39
N GLN A 2425 -17.74 118.45 3.54
CA GLN A 2425 -17.74 119.09 4.86
C GLN A 2425 -18.05 118.07 5.96
N PRO A 2426 -19.29 118.07 6.42
CA PRO A 2426 -20.30 118.99 5.91
C PRO A 2426 -20.56 120.13 6.89
N LEU A 2427 -20.65 119.79 8.18
CA LEU A 2427 -20.51 118.41 8.61
C LEU A 2427 -21.73 117.49 8.69
N LEU A 2428 -22.51 117.77 9.44
CA LEU A 2428 -23.72 117.02 9.75
C LEU A 2428 -24.27 116.43 8.45
N GLN A 2429 -24.81 114.99 8.75
CA GLN A 2429 -25.14 114.43 7.44
C GLN A 2429 -25.58 115.51 6.48
N GLN A 2430 -24.83 115.69 5.08
CA GLN A 2430 -23.59 114.93 5.17
C GLN A 2430 -23.75 113.44 4.85
N SER A 2431 -24.43 112.62 5.23
CA SER A 2431 -24.47 111.26 4.67
C SER A 2431 -25.28 111.28 3.38
N GLU A 2432 -26.44 111.92 3.48
CA GLU A 2432 -27.38 112.06 2.36
C GLU A 2432 -26.69 112.73 1.18
N GLU A 2433 -26.00 113.81 1.50
CA GLU A 2433 -25.26 114.61 0.52
C GLU A 2433 -24.24 113.74 -0.20
N GLU A 2434 -23.51 112.99 0.61
CA GLU A 2434 -22.47 112.07 0.12
C GLU A 2434 -23.06 111.07 -0.87
N GLU A 2435 -24.19 110.51 -0.47
CA GLU A 2435 -24.93 109.53 -1.26
C GLU A 2435 -25.30 110.13 -2.62
N ARG A 2436 -25.83 111.34 -2.55
CA ARG A 2436 -26.25 112.10 -3.74
C ARG A 2436 -25.07 112.27 -4.70
N ALA A 2437 -23.96 112.66 -4.12
CA ALA A 2437 -22.70 112.88 -4.86
C ALA A 2437 -22.30 111.60 -5.59
N ARG A 2438 -22.35 110.52 -4.85
CA ARG A 2438 -22.00 109.18 -5.35
C ARG A 2438 -22.87 108.83 -6.56
N LEU A 2439 -24.15 109.08 -6.39
CA LEU A 2439 -25.17 108.82 -7.42
C LEU A 2439 -24.83 109.60 -8.69
N THR A 2440 -24.51 110.86 -8.48
CA THR A 2440 -24.15 111.79 -9.57
C THR A 2440 -22.95 111.24 -10.35
N ALA A 2441 -21.96 110.82 -9.58
CA ALA A 2441 -20.71 110.25 -10.11
C ALA A 2441 -21.02 109.04 -10.99
N ILE A 2442 -21.58 108.91 -10.71
CA ILE A 2442 -22.33 108.55 -11.91
C ILE A 2442 -22.17 107.12 -12.43
N ALA A 2450 -17.36 106.02 -22.24
CA ALA A 2450 -17.59 105.53 -23.57
C ALA A 2450 -16.20 105.05 -24.00
N ASP A 2451 -15.22 105.96 -23.85
CA ASP A 2451 -13.82 105.66 -24.16
C ASP A 2451 -12.84 106.44 -23.26
N SER A 2452 -13.29 106.92 -22.10
CA SER A 2452 -12.43 107.76 -21.25
C SER A 2452 -11.64 107.08 -20.12
N LEU A 2453 -12.30 106.16 -19.43
CA LEU A 2453 -11.72 105.42 -18.30
C LEU A 2453 -10.33 104.89 -18.64
N SER A 2454 -10.12 104.59 -19.93
CA SER A 2454 -8.83 104.12 -20.42
C SER A 2454 -7.80 105.25 -20.45
N SER A 2455 -8.27 106.47 -20.69
CA SER A 2455 -7.41 107.65 -20.72
C SER A 2455 -7.11 108.20 -19.32
N TRP A 2456 -7.98 108.03 -18.33
CA TRP A 2456 -7.50 108.61 -17.11
C TRP A 2456 -6.24 107.77 -16.85
N LEU A 2457 -6.43 106.46 -16.98
CA LEU A 2457 -5.41 105.42 -16.79
C LEU A 2457 -4.30 105.34 -17.83
N GLN A 2458 -3.18 104.74 -17.42
CA GLN A 2458 -2.03 104.58 -18.29
C GLN A 2458 -1.55 105.96 -18.69
N LEU A 2459 -1.59 106.89 -17.74
CA LEU A 2459 -1.17 108.25 -18.01
C LEU A 2459 -2.02 108.81 -19.13
N PRO A 2460 -3.34 108.73 -18.96
CA PRO A 2460 -4.23 109.26 -20.00
C PRO A 2460 -3.89 108.62 -21.35
N ARG A 2461 -3.67 107.31 -21.34
CA ARG A 2461 -3.34 106.56 -22.55
C ARG A 2461 -2.04 106.93 -23.30
N GLU A 2462 -0.99 107.26 -22.55
CA GLU A 2462 0.28 107.65 -23.15
C GLU A 2462 1.34 106.62 -22.78
N SER A 2463 2.07 106.16 -23.80
CA SER A 2463 3.11 105.16 -23.56
C SER A 2463 2.44 103.83 -23.29
N ILE A 2464 1.53 103.80 -22.33
CA ILE A 2464 0.83 102.58 -21.99
C ILE A 2464 0.13 101.96 -23.20
N LEU A 2465 -0.49 102.81 -24.03
CA LEU A 2465 -1.17 102.28 -25.22
C LEU A 2465 -0.21 101.65 -26.21
N ASP A 2466 0.99 102.22 -26.32
CA ASP A 2466 2.04 101.69 -27.20
C ASP A 2466 2.66 100.41 -26.65
N TYR A 2467 2.72 100.31 -25.32
CA TYR A 2467 3.24 99.11 -24.65
C TYR A 2467 2.28 97.93 -24.80
N GLU A 2468 0.98 98.23 -24.83
CA GLU A 2468 -0.05 97.21 -25.04
C GLU A 2468 -0.09 96.77 -26.51
N ARG A 2469 0.23 97.70 -27.42
CA ARG A 2469 0.30 97.42 -28.85
C ARG A 2469 1.54 96.61 -29.20
N LEU A 2470 2.63 96.84 -28.47
CA LEU A 2470 3.87 96.10 -28.65
C LEU A 2470 3.77 94.69 -28.08
N GLN A 2471 2.99 94.54 -27.02
CA GLN A 2471 2.73 93.24 -26.40
C GLN A 2471 1.80 92.38 -27.27
N ALA A 2472 0.88 93.05 -27.97
CA ALA A 2472 -0.04 92.38 -28.90
C ALA A 2472 0.68 91.95 -30.17
N LYS A 2473 1.67 92.73 -30.58
CA LYS A 2473 2.50 92.42 -31.75
C LYS A 2473 3.47 91.28 -31.46
N GLU A 2474 3.94 91.20 -30.21
CA GLU A 2474 4.83 90.12 -29.77
C GLU A 2474 4.07 88.81 -29.60
N VAL A 2475 2.81 88.90 -29.21
CA VAL A 2475 1.94 87.74 -29.06
C VAL A 2475 1.54 87.16 -30.42
N ALA A 2476 1.40 88.04 -31.41
CA ALA A 2476 1.09 87.64 -32.78
C ALA A 2476 2.30 87.03 -33.49
N SER A 2477 3.48 87.50 -33.11
CA SER A 2477 4.74 86.99 -33.66
C SER A 2477 5.08 85.61 -33.12
N SER A 2478 4.75 85.38 -31.86
CA SER A 2478 4.93 84.07 -31.22
C SER A 2478 3.88 83.07 -31.70
N THR A 2479 2.75 83.59 -32.19
CA THR A 2479 1.66 82.78 -32.72
C THR A 2479 2.02 82.19 -34.08
N GLU A 2480 2.69 82.98 -34.92
CA GLU A 2480 3.12 82.56 -36.25
C GLU A 2480 4.29 81.58 -36.19
N GLN A 2481 5.12 81.73 -35.17
CA GLN A 2481 6.28 80.85 -34.96
C GLN A 2481 5.86 79.46 -34.51
N LEU A 2482 4.79 79.39 -33.72
CA LEU A 2482 4.25 78.12 -33.23
C LEU A 2482 3.50 77.37 -34.33
N LEU A 2483 2.90 78.12 -35.25
CA LEU A 2483 2.16 77.54 -36.38
C LEU A 2483 3.09 76.97 -37.44
N GLN A 2484 4.25 77.61 -37.62
CA GLN A 2484 5.25 77.18 -38.59
C GLN A 2484 6.01 75.93 -38.12
N GLU A 2485 6.17 75.81 -36.80
CA GLU A 2485 6.86 74.66 -36.20
C GLU A 2485 6.00 73.40 -36.22
N MET A 2486 4.69 73.57 -36.11
CA MET A 2486 3.75 72.45 -36.11
C MET A 2486 3.51 71.94 -37.53
N GLU B 1 16.36 -26.57 13.44
CA GLU B 1 16.09 -27.71 12.51
C GLU B 1 14.61 -27.79 12.13
N PHE B 2 13.75 -27.94 13.14
CA PHE B 2 12.31 -27.95 12.95
C PHE B 2 11.77 -26.53 12.83
N VAL B 3 12.61 -25.55 13.13
CA VAL B 3 12.25 -24.13 13.05
C VAL B 3 12.03 -23.65 11.62
N ILE B 4 12.92 -24.05 10.72
CA ILE B 4 12.82 -23.69 9.30
C ILE B 4 11.77 -24.55 8.59
N GLU B 5 11.56 -25.76 9.09
CA GLU B 5 10.59 -26.70 8.51
C GLU B 5 9.15 -26.32 8.86
N LYS B 6 8.93 -25.88 10.10
CA LYS B 6 7.61 -25.46 10.56
C LYS B 6 7.22 -24.08 10.05
N SER B 7 8.23 -23.25 9.76
CA SER B 7 8.02 -21.91 9.19
C SER B 7 7.48 -21.99 7.76
N LEU B 8 7.92 -23.01 7.03
CA LEU B 8 7.44 -23.26 5.67
C LEU B 8 6.01 -23.81 5.68
N ASN B 9 5.67 -24.53 6.75
CA ASN B 9 4.33 -25.08 6.93
C ASN B 9 3.31 -24.00 7.31
N ARG B 10 3.82 -22.91 7.89
CA ARG B 10 2.98 -21.77 8.26
C ARG B 10 2.47 -21.01 7.04
N ILE B 11 3.37 -20.73 6.10
CA ILE B 11 3.04 -20.02 4.87
C ILE B 11 2.17 -20.86 3.92
N LYS B 12 2.32 -22.18 4.00
CA LYS B 12 1.53 -23.11 3.18
C LYS B 12 0.09 -23.22 3.69
N LYS B 13 -0.10 -23.01 4.98
CA LYS B 13 -1.41 -23.10 5.62
C LYS B 13 -2.12 -21.73 5.71
N PHE B 14 -1.34 -20.67 5.92
CA PHE B 14 -1.88 -19.32 6.06
C PHE B 14 -2.38 -18.75 4.72
N TRP B 15 -1.75 -19.16 3.62
CA TRP B 15 -2.18 -18.76 2.28
C TRP B 15 -3.50 -19.43 1.89
N LYS B 16 -3.74 -20.61 2.48
CA LYS B 16 -4.98 -21.35 2.27
C LYS B 16 -6.15 -20.70 3.01
N GLU B 17 -5.85 -20.02 4.12
CA GLU B 17 -6.85 -19.31 4.91
C GLU B 17 -7.28 -18.01 4.23
N ALA B 18 -6.31 -17.29 3.66
CA ALA B 18 -6.58 -16.06 2.93
C ALA B 18 -7.11 -16.34 1.53
N GLN B 19 -8.04 -17.39 1.13
CA GLN B 19 -7.88 -17.89 -0.24
C GLN B 19 -7.67 -19.40 -0.31
N GLU B 24 -20.38 -24.71 -3.10
CA GLU B 24 -20.36 -24.04 -1.81
C GLU B 24 -21.56 -23.11 -1.66
N HIS B 25 -21.62 -22.03 -2.58
CA HIS B 25 -22.56 -20.97 -2.24
C HIS B 25 -23.77 -20.98 -3.17
N SER B 26 -24.95 -21.19 -2.61
CA SER B 26 -26.18 -21.22 -3.39
C SER B 26 -27.31 -20.43 -2.72
N SER B 27 -27.98 -19.59 -3.50
CA SER B 27 -29.08 -18.77 -3.00
C SER B 27 -30.41 -19.11 -3.69
N GLY B 28 -31.48 -19.10 -2.90
CA GLY B 28 -32.83 -19.41 -3.40
C GLY B 28 -33.93 -18.80 -2.54
N LEU B 29 -35.04 -18.44 -3.19
CA LEU B 29 -36.26 -17.92 -2.53
C LEU B 29 -36.03 -16.71 -1.62
N LYS B 30 -35.23 -15.76 -2.10
CA LYS B 30 -34.94 -14.52 -1.37
C LYS B 30 -34.04 -14.71 -0.15
N LEU B 31 -33.29 -15.82 -0.14
CA LEU B 31 -32.37 -16.14 0.96
C LEU B 31 -31.09 -16.76 0.44
N VAL B 32 -29.99 -16.48 1.11
CA VAL B 32 -28.67 -16.99 0.72
C VAL B 32 -28.05 -17.86 1.82
N ARG B 33 -27.54 -19.02 1.42
CA ARG B 33 -26.91 -19.94 2.36
C ARG B 33 -25.57 -20.46 1.84
N GLU B 34 -24.57 -20.48 2.70
CA GLU B 34 -23.24 -20.95 2.32
C GLU B 34 -22.43 -21.36 3.55
N TRP B 35 -21.42 -22.14 3.44
CA TRP B 35 -20.57 -22.62 4.52
C TRP B 35 -21.28 -23.67 5.36
N ASP B 36 -21.90 -24.76 4.60
CA ASP B 36 -22.62 -25.82 5.28
C ASP B 36 -21.47 -26.76 5.66
N VAL B 37 -21.80 -28.02 5.94
CA VAL B 37 -20.79 -29.01 6.32
C VAL B 37 -19.36 -28.95 5.79
N LEU B 38 -19.21 -28.53 4.53
CA LEU B 38 -17.91 -28.43 3.88
C LEU B 38 -17.05 -27.31 4.45
N GLU B 39 -17.70 -26.20 4.80
CA GLU B 39 -17.03 -25.04 5.40
C GLU B 39 -16.69 -25.29 6.87
N GLN B 40 -17.52 -26.08 7.54
CA GLN B 40 -17.30 -26.45 8.94
C GLN B 40 -16.14 -27.42 9.10
N ALA B 41 -15.96 -28.30 8.11
CA ALA B 41 -14.85 -29.25 8.09
C ALA B 41 -13.53 -28.56 7.74
N CYS B 42 -13.61 -27.51 6.92
CA CYS B 42 -12.45 -26.71 6.55
C CYS B 42 -11.99 -25.83 7.70
N LYS B 43 -12.94 -25.37 8.52
CA LYS B 43 -12.65 -24.56 9.70
C LYS B 43 -12.06 -25.41 10.82
N GLU B 44 -12.47 -26.67 10.89
CA GLU B 44 -11.96 -27.63 11.87
C GLU B 44 -10.55 -28.08 11.52
N ASP B 45 -10.26 -28.16 10.21
CA ASP B 45 -8.95 -28.53 9.71
C ASP B 45 -7.94 -27.38 9.90
N LEU B 46 -8.43 -26.15 9.81
CA LEU B 46 -7.61 -24.96 10.02
C LEU B 46 -7.29 -24.77 11.50
N GLU B 47 -8.22 -25.16 12.37
CA GLU B 47 -8.04 -25.10 13.82
C GLU B 47 -7.08 -26.18 14.31
N GLU B 48 -7.10 -27.33 13.65
CA GLU B 48 -6.20 -28.44 13.95
C GLU B 48 -4.77 -28.14 13.49
N LEU B 49 -4.66 -27.40 12.38
CA LEU B 49 -3.37 -26.97 11.85
C LEU B 49 -2.76 -25.86 12.71
N VAL B 50 -3.61 -25.04 13.30
CA VAL B 50 -3.19 -23.96 14.18
C VAL B 50 -2.69 -24.49 15.52
N SER B 51 -3.29 -25.59 15.98
CA SER B 51 -2.87 -26.26 17.21
C SER B 51 -1.52 -26.97 17.03
N MET B 52 -1.28 -27.45 15.81
CA MET B 52 0.00 -28.08 15.45
C MET B 52 1.08 -27.02 15.17
N LYS B 53 0.64 -25.82 14.80
CA LYS B 53 1.55 -24.70 14.57
C LYS B 53 1.94 -24.01 15.88
N ALA B 54 1.10 -24.17 16.89
CA ALA B 54 1.37 -23.62 18.22
C ALA B 54 2.08 -24.65 19.12
N SER B 55 2.09 -25.90 18.68
CA SER B 55 2.76 -26.98 19.41
C SER B 55 3.29 -28.06 18.45
N ASN B 56 4.62 -28.20 18.33
CA ASN B 56 5.60 -27.37 19.04
C ASN B 56 6.94 -27.38 18.28
N TYR B 57 7.50 -26.22 17.92
CA TYR B 57 6.94 -24.87 18.10
C TYR B 57 6.53 -24.49 19.54
N TYR B 58 7.42 -24.77 20.49
CA TYR B 58 7.16 -24.51 21.90
C TYR B 58 7.69 -23.14 22.34
N LYS B 59 8.93 -22.84 21.96
CA LYS B 59 9.57 -21.58 22.35
C LYS B 59 10.51 -20.97 21.30
N ILE B 60 11.13 -21.83 20.49
CA ILE B 60 12.09 -21.41 19.48
C ILE B 60 11.34 -21.00 18.22
N PHE B 61 10.47 -21.87 17.73
CA PHE B 61 9.62 -21.57 16.58
C PHE B 61 8.39 -20.75 17.00
N GLU B 62 8.19 -20.66 18.32
CA GLU B 62 7.13 -19.82 18.89
C GLU B 62 7.62 -18.39 19.13
N GLN B 63 8.81 -18.09 18.63
CA GLN B 63 9.38 -16.74 18.67
C GLN B 63 9.81 -16.26 17.28
N ASP B 64 9.80 -17.18 16.32
CA ASP B 64 10.21 -16.88 14.94
C ASP B 64 9.17 -16.09 14.15
N CYS B 65 8.02 -16.72 13.89
CA CYS B 65 6.93 -16.07 13.13
C CYS B 65 6.18 -14.96 13.91
N LEU B 66 5.45 -15.28 15.00
CA LEU B 66 5.22 -16.61 15.54
C LEU B 66 3.94 -16.66 16.39
N ASP B 67 4.05 -16.17 17.63
CA ASP B 67 2.95 -16.20 18.60
C ASP B 67 1.83 -15.24 18.24
N LEU B 68 2.22 -14.59 17.45
CA LEU B 68 1.19 -13.58 17.14
C LEU B 68 0.31 -14.06 15.99
N GLU B 69 0.98 -14.52 14.96
CA GLU B 69 0.33 -15.03 13.75
C GLU B 69 -0.61 -16.18 14.10
N SER B 70 -0.10 -17.08 14.91
CA SER B 70 -0.84 -18.26 15.37
C SER B 70 -2.11 -17.82 16.10
N LYS B 71 -1.93 -16.86 16.97
CA LYS B 71 -3.02 -16.30 17.78
C LYS B 71 -4.11 -15.73 16.87
N LEU B 72 -3.66 -14.99 15.88
CA LEU B 72 -4.53 -14.35 14.88
C LEU B 72 -5.37 -15.41 14.17
N THR B 73 -4.67 -16.46 13.76
CA THR B 73 -5.27 -17.60 13.05
C THR B 73 -6.38 -18.22 13.90
N LYS B 74 -6.03 -18.42 15.16
CA LYS B 74 -6.95 -19.01 16.15
C LYS B 74 -8.22 -18.17 16.26
N LEU B 75 -8.00 -16.88 16.36
CA LEU B 75 -9.07 -15.88 16.48
C LEU B 75 -10.01 -15.98 15.28
N SER B 76 -9.39 -16.05 14.11
CA SER B 76 -10.10 -16.15 12.83
C SER B 76 -10.99 -17.39 12.83
N GLU B 77 -10.40 -18.49 13.26
CA GLU B 77 -11.07 -19.79 13.34
C GLU B 77 -12.30 -19.69 14.24
N ILE B 78 -12.09 -19.07 15.37
CA ILE B 78 -13.14 -18.86 16.38
C ILE B 78 -14.31 -18.08 15.76
N GLN B 79 -13.94 -17.03 15.06
CA GLN B 79 -14.90 -16.14 14.39
C GLN B 79 -15.74 -16.95 13.40
N VAL B 80 -15.05 -17.77 12.62
CA VAL B 80 -15.66 -18.62 11.60
C VAL B 80 -16.69 -19.55 12.26
N ASN B 81 -16.26 -20.15 13.36
CA ASN B 81 -17.08 -21.08 14.14
C ASN B 81 -18.36 -20.39 14.59
N TRP B 82 -18.18 -19.19 15.11
CA TRP B 82 -19.28 -18.35 15.60
C TRP B 82 -20.30 -18.10 14.48
N VAL B 83 -19.75 -17.74 13.34
CA VAL B 83 -20.54 -17.45 12.13
C VAL B 83 -21.39 -18.66 11.76
N GLU B 84 -20.76 -19.84 11.76
CA GLU B 84 -21.45 -21.08 11.42
C GLU B 84 -21.68 -21.93 12.66
N VAL B 85 -22.72 -21.59 13.42
CA VAL B 85 -23.60 -20.48 13.07
C VAL B 85 -24.43 -20.87 11.86
N GLN B 86 -23.76 -21.41 10.84
CA GLN B 86 -24.44 -21.84 9.62
C GLN B 86 -25.56 -22.84 9.87
N PHE B 87 -25.29 -23.79 10.77
CA PHE B 87 -26.28 -24.82 11.11
C PHE B 87 -27.52 -24.18 11.74
N TYR B 88 -27.24 -23.29 12.68
CA TYR B 88 -28.27 -22.54 13.41
C TYR B 88 -29.15 -21.76 12.43
N TRP B 89 -28.48 -21.08 11.53
CA TRP B 89 -29.11 -20.26 10.50
C TRP B 89 -30.06 -21.13 9.66
N LEU B 90 -29.54 -22.27 9.26
CA LEU B 90 -30.28 -23.25 8.45
C LEU B 90 -31.56 -23.67 9.17
N ASP B 91 -31.38 -23.98 10.45
CA ASP B 91 -32.47 -24.41 11.33
C ASP B 91 -33.57 -23.34 11.36
N LEU B 92 -33.11 -22.11 11.56
CA LEU B 92 -33.99 -20.94 11.62
C LEU B 92 -34.82 -20.83 10.34
N TYR B 93 -34.11 -20.97 9.24
CA TYR B 93 -34.70 -20.90 7.89
C TYR B 93 -35.82 -21.95 7.75
N GLY B 94 -35.48 -23.15 8.18
CA GLY B 94 -36.39 -24.30 8.14
C GLY B 94 -37.66 -23.98 8.93
N ILE B 95 -37.44 -23.45 10.11
CA ILE B 95 -38.52 -23.07 11.04
C ILE B 95 -39.46 -22.07 10.36
N LEU B 96 -38.84 -21.08 9.74
CA LEU B 96 -39.54 -20.01 9.02
C LEU B 96 -40.43 -20.61 7.94
N GLY B 97 -39.82 -21.51 7.19
CA GLY B 97 -40.49 -22.22 6.08
C GLY B 97 -41.73 -22.94 6.59
N GLU B 98 -41.52 -23.65 7.70
CA GLU B 98 -42.58 -24.43 8.36
C GLU B 98 -43.75 -23.51 8.73
N ASN B 99 -43.38 -22.38 9.32
CA ASN B 99 -44.35 -21.36 9.76
C ASN B 99 -45.19 -20.89 8.57
N LEU B 100 -44.48 -20.61 7.50
CA LEU B 100 -45.09 -20.13 6.24
C LEU B 100 -46.11 -21.15 5.74
N ASP B 101 -45.69 -22.40 5.76
CA ASP B 101 -46.51 -23.53 5.32
C ASP B 101 -47.79 -23.60 6.14
N ILE B 102 -47.61 -23.47 7.43
CA ILE B 102 -48.72 -23.49 8.41
C ILE B 102 -49.73 -22.40 8.08
N GLN B 103 -49.18 -21.22 7.84
CA GLN B 103 -49.97 -20.03 7.51
C GLN B 103 -50.82 -20.29 6.26
N ASN B 104 -51.40 -20.32 7.86
CA ASN B 104 -51.91 -20.07 9.20
C ASN B 104 -50.91 -19.31 10.09
N PHE B 105 -49.67 -19.78 10.12
CA PHE B 105 -48.63 -19.18 10.95
C PHE B 105 -48.06 -17.88 10.37
N LEU B 106 -48.29 -17.68 9.07
CA LEU B 106 -47.90 -16.43 8.41
C LEU B 106 -48.94 -15.33 8.63
N PRO B 107 -50.06 -15.70 9.25
CA PRO B 107 -51.14 -14.76 9.55
C PRO B 107 -51.23 -14.46 11.04
N LEU B 108 -51.21 -15.51 11.87
CA LEU B 108 -51.31 -15.38 13.32
C LEU B 108 -49.96 -15.07 13.96
N GLU B 109 -48.98 -15.95 13.72
CA GLU B 109 -47.62 -15.76 14.22
C GLU B 109 -46.81 -14.88 13.27
N THR B 110 -47.50 -13.95 12.61
CA THR B 110 -46.88 -12.99 11.69
C THR B 110 -45.96 -12.02 12.42
N SER B 111 -46.33 -11.69 13.66
CA SER B 111 -45.51 -10.84 14.52
C SER B 111 -44.23 -11.56 14.95
N LYS B 112 -44.34 -12.88 15.15
CA LYS B 112 -43.19 -13.72 15.48
C LYS B 112 -42.32 -13.95 14.23
N PHE B 113 -42.96 -13.95 13.07
CA PHE B 113 -42.24 -14.15 11.81
C PHE B 113 -41.79 -12.83 11.21
N LYS B 114 -42.23 -11.73 11.81
CA LYS B 114 -41.87 -10.40 11.34
C LYS B 114 -40.66 -9.49 11.17
N SER B 115 -39.95 -9.23 12.26
CA SER B 115 -38.78 -8.37 12.23
C SER B 115 -37.77 -9.48 12.00
N LEU B 116 -37.64 -10.31 12.83
CA LEU B 116 -36.59 -11.30 13.03
C LEU B 116 -36.22 -12.01 11.74
N THR B 117 -36.96 -12.05 10.75
CA THR B 117 -36.69 -12.38 9.35
C THR B 117 -35.94 -11.23 8.67
N SER B 118 -36.47 -10.03 8.82
CA SER B 118 -35.85 -8.84 8.22
C SER B 118 -34.37 -8.75 8.61
N GLU B 119 -34.15 -8.94 9.89
CA GLU B 119 -32.81 -8.90 10.49
C GLU B 119 -31.92 -9.95 9.82
N TYR B 120 -32.47 -11.14 9.70
CA TYR B 120 -31.78 -12.28 9.08
C TYR B 120 -31.37 -11.93 7.65
N LYS B 121 -32.32 -11.36 6.94
CA LYS B 121 -32.13 -10.95 5.54
C LYS B 121 -30.97 -9.96 5.44
N MET B 122 -31.00 -9.00 6.34
CA MET B 122 -29.98 -7.94 6.42
C MET B 122 -28.60 -8.57 6.61
N ILE B 123 -28.55 -9.50 7.55
CA ILE B 123 -27.33 -10.23 7.91
C ILE B 123 -26.77 -10.94 6.66
N THR B 124 -27.67 -11.60 5.97
CA THR B 124 -27.35 -12.36 4.74
C THR B 124 -26.72 -11.41 3.71
N THR B 125 -27.37 -10.28 3.55
CA THR B 125 -26.94 -9.24 2.61
C THR B 125 -25.52 -8.79 2.93
N ARG B 126 -25.31 -8.55 4.21
CA ARG B 126 -24.01 -8.11 4.75
C ARG B 126 -22.93 -9.14 4.40
N ALA B 127 -23.27 -10.38 4.64
CA ALA B 127 -22.38 -11.52 4.39
C ALA B 127 -21.98 -11.55 2.91
N PHE B 128 -22.98 -11.39 2.08
CA PHE B 128 -22.82 -11.38 0.62
C PHE B 128 -21.84 -10.28 0.20
N GLN B 129 -22.06 -9.12 0.78
CA GLN B 129 -21.24 -7.92 0.52
C GLN B 129 -19.78 -8.21 0.88
N LEU B 130 -19.62 -8.81 2.05
CA LEU B 130 -18.30 -9.18 2.57
C LEU B 130 -17.58 -10.12 1.59
N ASP B 131 -18.30 -11.13 1.12
CA ASP B 131 -17.74 -12.09 0.18
C ASP B 131 -16.35 -11.66 -0.28
N THR B 132 -15.41 -11.38 1.00
CA THR B 132 -14.44 -12.40 0.59
C THR B 132 -13.58 -12.86 1.77
N THR B 133 -13.80 -13.90 2.32
CA THR B 133 -13.05 -14.69 3.30
C THR B 133 -12.25 -13.79 4.24
N ILE B 134 -13.15 -12.69 4.66
CA ILE B 134 -12.61 -11.62 5.49
C ILE B 134 -13.17 -11.71 6.92
N GLU B 135 -13.61 -12.78 7.21
CA GLU B 135 -14.17 -12.98 8.54
C GLU B 135 -14.43 -11.63 9.16
N VAL B 136 -14.86 -10.83 8.45
CA VAL B 136 -15.13 -9.47 8.91
C VAL B 136 -15.87 -9.43 10.25
N ILE B 137 -15.49 -8.49 11.10
CA ILE B 137 -16.05 -8.38 12.45
C ILE B 137 -17.53 -8.00 12.57
N HIS B 138 -18.32 -8.93 13.10
CA HIS B 138 -19.77 -8.74 13.32
C HIS B 138 -20.35 -9.64 14.42
N ILE B 139 -19.47 -10.12 15.30
CA ILE B 139 -19.82 -11.10 16.35
C ILE B 139 -21.18 -10.92 17.04
N PRO B 140 -21.62 -9.67 17.15
CA PRO B 140 -22.90 -9.33 17.78
C PRO B 140 -24.11 -9.79 16.96
N ASN B 141 -23.95 -9.77 15.63
CA ASN B 141 -25.01 -10.21 14.71
C ASN B 141 -25.24 -11.72 14.78
N PHE B 142 -24.17 -12.45 15.10
CA PHE B 142 -24.24 -13.90 15.30
C PHE B 142 -24.99 -14.24 16.58
N ASP B 143 -24.80 -13.41 17.61
CA ASP B 143 -25.48 -13.56 18.89
C ASP B 143 -26.94 -13.11 18.80
N THR B 144 -27.20 -12.13 17.94
CA THR B 144 -28.55 -11.62 17.70
C THR B 144 -29.41 -12.62 16.92
N THR B 145 -28.76 -13.38 16.03
CA THR B 145 -29.43 -14.43 15.26
C THR B 145 -29.72 -15.65 16.13
N LEU B 146 -28.85 -15.90 17.11
CA LEU B 146 -29.02 -16.99 18.06
C LEU B 146 -30.12 -16.68 19.07
N LYS B 147 -30.25 -15.40 19.43
CA LYS B 147 -31.29 -14.94 20.36
C LYS B 147 -32.66 -14.94 19.70
N LEU B 148 -32.69 -14.67 18.39
CA LEU B 148 -33.92 -14.70 17.60
C LEU B 148 -34.41 -16.12 17.36
N THR B 149 -33.45 -17.05 17.25
CA THR B 149 -33.76 -18.47 17.08
C THR B 149 -34.26 -19.09 18.39
N ILE B 150 -33.75 -18.58 19.51
CA ILE B 150 -34.18 -19.03 20.84
C ILE B 150 -35.56 -18.50 21.19
N ASP B 151 -35.88 -17.31 20.68
CA ASP B 151 -37.19 -16.70 20.87
C ASP B 151 -38.25 -17.37 20.01
N SER B 152 -37.83 -17.87 18.84
CA SER B 152 -38.71 -18.59 17.93
C SER B 152 -39.02 -19.99 18.46
N LEU B 153 -38.05 -20.59 19.15
CA LEU B 153 -38.20 -21.91 19.76
C LEU B 153 -39.08 -21.85 21.00
N LYS B 154 -39.02 -20.72 21.72
CA LYS B 154 -39.85 -20.50 22.91
C LYS B 154 -41.30 -20.22 22.52
N MET B 155 -41.49 -19.58 21.37
CA MET B 155 -42.83 -19.29 20.84
C MET B 155 -43.49 -20.54 20.27
N ILE B 156 -42.66 -21.45 19.75
CA ILE B 156 -43.13 -22.71 19.21
C ILE B 156 -43.52 -23.69 20.31
N LYS B 157 -42.84 -23.59 21.46
CA LYS B 157 -43.13 -24.43 22.62
C LYS B 157 -44.42 -24.02 23.32
N SER B 158 -44.72 -22.72 23.31
CA SER B 158 -45.94 -22.18 23.89
C SER B 158 -47.17 -22.49 23.02
N SER B 159 -46.95 -22.54 21.70
CA SER B 159 -48.00 -22.87 20.74
C SER B 159 -48.33 -24.36 20.76
N LEU B 160 -47.32 -25.18 20.99
CA LEU B 160 -47.48 -26.64 21.07
C LEU B 160 -48.16 -27.04 22.39
N SER B 161 -47.92 -26.27 23.43
CA SER B 161 -48.55 -26.48 24.73
C SER B 161 -50.02 -26.08 24.71
N THR B 162 -50.34 -25.05 23.92
CA THR B 162 -51.71 -24.59 23.74
C THR B 162 -52.51 -25.55 22.86
N PHE B 163 -51.83 -26.19 21.91
CA PHE B 163 -52.44 -27.19 21.04
C PHE B 163 -52.71 -28.49 21.79
N LEU B 164 -51.83 -28.81 22.74
CA LEU B 164 -51.97 -29.99 23.59
C LEU B 164 -53.05 -29.79 24.66
N GLU B 165 -53.18 -28.55 25.12
CA GLU B 165 -54.22 -28.18 26.09
C GLU B 165 -55.60 -28.18 25.46
N ARG B 166 -55.67 -27.89 24.17
CA ARG B 166 -56.91 -27.96 23.40
C ARG B 166 -57.32 -29.41 23.19
N GLN B 167 -56.42 -30.21 22.64
CA GLN B 167 -56.67 -31.63 22.35
C GLN B 167 -57.14 -32.42 23.57
N ARG B 168 -56.61 -32.05 24.74
CA ARG B 168 -57.95 -32.37 25.24
C ARG B 168 -59.03 -31.85 24.31
N ARG B 169 -59.11 -30.53 24.18
CA ARG B 169 -60.23 -29.60 24.09
C ARG B 169 -60.88 -29.68 22.71
N ASP B 180 -52.78 -25.35 10.89
CA ASP B 180 -53.52 -26.60 11.03
C ASP B 180 -52.70 -27.80 10.54
N ASP B 181 -52.01 -27.62 9.42
CA ASP B 181 -51.17 -28.67 8.83
C ASP B 181 -49.89 -28.88 9.63
N LEU B 182 -49.36 -27.80 10.19
CA LEU B 182 -48.15 -27.85 11.02
C LEU B 182 -48.43 -28.47 12.39
N LEU B 183 -49.63 -28.25 12.90
CA LEU B 183 -50.07 -28.81 14.18
C LEU B 183 -50.35 -30.31 14.06
N LYS B 184 -50.84 -30.72 12.89
CA LYS B 184 -51.12 -32.12 12.61
C LYS B 184 -49.84 -32.93 12.38
N ILE B 185 -48.82 -32.26 11.84
CA ILE B 185 -47.52 -32.88 11.61
C ILE B 185 -46.74 -33.07 12.92
N ILE B 186 -46.96 -32.16 13.86
CA ILE B 186 -46.30 -32.23 15.16
C ILE B 186 -46.76 -33.45 15.96
N GLY B 187 -48.14 -33.67 16.12
CA GLY B 187 -48.74 -34.88 16.68
C GLY B 187 -48.30 -35.39 18.05
N SER B 188 -48.91 -34.89 19.13
CA SER B 188 -50.25 -34.37 18.90
C SER B 188 -50.96 -35.13 17.80
N GLY B 189 -50.76 -36.53 17.99
CA GLY B 189 -51.32 -37.49 17.05
C GLY B 189 -52.45 -38.29 17.68
N LYS B 190 -52.34 -38.51 18.99
CA LYS B 190 -53.35 -39.27 19.72
C LYS B 190 -54.76 -38.86 19.30
N HIS B 191 -54.98 -37.56 19.14
CA HIS B 191 -56.28 -37.04 18.73
C HIS B 191 -56.45 -37.07 17.22
N HIS B 192 -55.35 -36.87 16.50
CA HIS B 192 -55.34 -36.93 15.04
C HIS B 192 -55.47 -38.36 14.53
N ASP B 193 -54.92 -39.31 15.29
CA ASP B 193 -55.02 -40.73 14.97
C ASP B 193 -56.41 -41.27 15.25
N GLN B 194 -57.07 -40.71 16.26
CA GLN B 194 -58.44 -41.08 16.62
C GLN B 194 -59.44 -40.51 15.61
N VAL B 195 -59.14 -39.34 15.07
CA VAL B 195 -59.97 -38.70 14.05
C VAL B 195 -59.84 -39.41 12.69
N SER B 196 -58.65 -39.94 12.42
CA SER B 196 -58.39 -40.70 11.20
C SER B 196 -59.03 -42.08 11.25
N LYS B 197 -59.11 -42.65 12.46
CA LYS B 197 -59.75 -43.94 12.67
C LYS B 197 -61.28 -43.83 12.57
N PHE B 198 -61.80 -42.67 12.99
CA PHE B 198 -63.23 -42.40 12.90
C PHE B 198 -63.66 -42.13 11.45
N MET B 199 -62.76 -41.55 10.67
CA MET B 199 -62.98 -41.30 9.25
C MET B 199 -62.89 -42.58 8.43
N LYS B 200 -62.03 -43.50 8.88
CA LYS B 200 -61.88 -44.81 8.25
C LYS B 200 -63.07 -45.71 8.56
N LYS B 201 -63.64 -45.54 9.75
CA LYS B 201 -64.85 -46.26 10.14
C LYS B 201 -66.08 -45.71 9.44
N MET B 202 -66.02 -44.44 9.05
CA MET B 202 -67.09 -43.79 8.28
C MET B 202 -67.10 -44.28 6.84
N PHE B 203 -65.92 -44.37 6.23
CA PHE B 203 -65.78 -44.84 4.85
C PHE B 203 -66.17 -46.31 4.68
N GLY B 204 -66.01 -47.08 5.75
CA GLY B 204 -66.37 -48.49 5.76
C GLY B 204 -67.89 -48.71 5.82
N SER B 205 -68.56 -47.88 6.62
CA SER B 205 -70.02 -47.96 6.79
C SER B 205 -70.74 -47.27 5.62
N ASP B 214 -75.46 -39.40 12.76
CA ASP B 214 -74.72 -38.35 12.07
C ASP B 214 -74.37 -37.21 13.02
N PHE B 215 -73.34 -36.41 12.87
CA PHE B 215 -72.67 -35.39 13.67
C PHE B 215 -72.40 -34.13 12.84
N ILE B 216 -73.20 -33.09 13.09
CA ILE B 216 -73.11 -31.84 12.33
C ILE B 216 -72.44 -30.73 13.12
N THR B 217 -71.62 -29.93 12.43
CA THR B 217 -70.91 -28.81 13.05
C THR B 217 -70.57 -27.73 12.02
N GLY B 218 -70.71 -26.47 12.45
CA GLY B 218 -70.35 -25.28 11.66
C GLY B 218 -70.97 -25.22 10.25
N VAL B 219 -72.25 -25.29 10.14
CA VAL B 219 -73.01 -25.20 8.91
C VAL B 219 -72.85 -26.41 8.02
N ARG B 220 -72.24 -27.45 8.57
CA ARG B 220 -72.02 -28.70 7.83
C ARG B 220 -72.37 -29.92 8.66
N SER B 221 -72.54 -31.06 8.00
CA SER B 221 -72.88 -32.30 8.69
C SER B 221 -72.27 -33.51 7.98
N VAL B 222 -71.53 -34.32 8.73
CA VAL B 222 -70.90 -35.50 8.17
C VAL B 222 -71.33 -36.76 8.92
N GLU B 223 -70.61 -37.86 8.68
CA GLU B 223 -70.93 -39.12 9.33
C GLU B 223 -70.62 -40.30 8.42
N ALA B 241 -58.54 -22.72 18.80
CA ALA B 241 -59.83 -22.14 19.12
C ALA B 241 -60.97 -22.85 18.40
N GLN B 242 -60.60 -23.76 17.51
CA GLN B 242 -61.59 -24.52 16.74
C GLN B 242 -61.60 -25.98 17.16
N GLU B 243 -60.64 -26.37 17.98
CA GLU B 243 -60.53 -27.75 18.46
C GLU B 243 -61.58 -28.06 19.51
N TRP B 244 -61.96 -27.04 20.30
CA TRP B 244 -62.98 -27.17 21.32
C TRP B 244 -64.39 -27.29 20.71
N LEU B 245 -64.59 -26.63 19.57
CA LEU B 245 -65.84 -26.70 18.83
C LEU B 245 -65.98 -28.05 18.12
N ASN B 246 -64.85 -28.61 17.69
CA ASN B 246 -64.82 -29.93 17.04
C ASN B 246 -65.04 -31.06 18.05
N ILE B 247 -64.55 -30.85 19.27
CA ILE B 247 -64.72 -31.81 20.37
C ILE B 247 -66.16 -31.82 20.88
N LEU B 248 -66.80 -30.65 20.84
CA LEU B 248 -68.20 -30.50 21.26
C LEU B 248 -69.15 -31.10 20.22
N ASP B 249 -68.75 -31.03 18.95
CA ASP B 249 -69.51 -31.61 17.86
C ASP B 249 -69.39 -33.14 17.83
N THR B 250 -68.23 -33.64 18.26
CA THR B 250 -67.99 -35.08 18.37
C THR B 250 -68.73 -35.68 19.56
N GLU B 251 -68.88 -34.90 20.63
CA GLU B 251 -69.61 -35.31 21.81
C GLU B 251 -71.13 -35.30 21.56
N ILE B 252 -71.58 -34.39 20.69
CA ILE B 252 -72.98 -34.31 20.30
C ILE B 252 -73.37 -35.45 19.37
N LYS B 253 -72.42 -35.88 18.54
CA LYS B 253 -72.62 -37.00 17.62
C LYS B 253 -72.63 -38.33 18.36
N LEU B 254 -71.84 -38.42 19.44
CA LEU B 254 -71.78 -39.62 20.27
C LEU B 254 -73.04 -39.76 21.13
N SER B 255 -73.62 -38.63 21.53
CA SER B 255 -74.85 -38.59 22.30
C SER B 255 -76.06 -38.92 21.43
N VAL B 256 -75.98 -38.55 20.14
CA VAL B 256 -77.03 -38.83 19.17
C VAL B 256 -77.04 -40.31 18.77
N PHE B 257 -75.86 -40.93 18.77
CA PHE B 257 -75.71 -42.35 18.44
C PHE B 257 -76.24 -43.24 19.55
N THR B 258 -76.07 -42.80 20.80
CA THR B 258 -76.56 -43.53 21.97
C THR B 258 -78.08 -43.43 22.10
N GLN B 259 -78.63 -42.29 21.68
CA GLN B 259 -80.07 -42.06 21.71
C GLN B 259 -80.79 -42.85 20.60
N PHE B 260 -80.12 -42.97 19.45
CA PHE B 260 -80.65 -43.73 18.32
C PHE B 260 -80.60 -45.23 18.58
N ARG B 261 -79.60 -45.67 19.34
CA ARG B 261 -79.46 -47.06 19.74
C ARG B 261 -80.52 -47.45 20.78
N ASP B 262 -80.86 -46.50 21.63
CA ASP B 262 -81.90 -46.70 22.65
C ASP B 262 -83.30 -46.71 22.03
N CYS B 263 -83.47 -45.94 20.96
CA CYS B 263 -84.73 -45.88 20.21
C CYS B 263 -84.93 -47.15 19.39
N LEU B 264 -83.82 -47.72 18.90
CA LEU B 264 -83.85 -48.97 18.14
C LEU B 264 -84.06 -50.18 19.06
N GLY B 265 -83.53 -50.08 20.28
CA GLY B 265 -83.70 -51.13 21.29
C GLY B 265 -85.13 -51.16 21.81
N GLN B 266 -85.78 -50.00 21.83
CA GLN B 266 -87.18 -49.89 22.20
C GLN B 266 -88.08 -50.50 21.11
N LEU B 267 -87.93 -50.02 19.89
CA LEU B 267 -88.72 -50.52 18.77
C LEU B 267 -88.18 -51.85 18.26
N LYS B 268 -87.12 -52.32 18.91
CA LYS B 268 -86.51 -53.60 18.57
C LYS B 268 -86.93 -54.61 19.62
N ASP B 269 -87.25 -54.13 20.81
CA ASP B 269 -87.68 -54.99 21.91
C ASP B 269 -88.65 -56.16 21.80
N GLY B 270 -89.77 -55.55 20.80
CA GLY B 270 -90.03 -54.11 20.79
C GLY B 270 -91.53 -54.35 20.71
N THR B 271 -92.09 -55.47 20.14
CA THR B 271 -91.07 -55.70 19.13
C THR B 271 -91.19 -55.54 17.62
N ASP B 272 -89.95 -55.79 16.73
CA ASP B 272 -88.77 -55.76 17.59
C ASP B 272 -88.26 -56.98 16.85
N ILE B 273 -87.42 -57.46 16.50
CA ILE B 273 -86.26 -56.63 16.80
C ILE B 273 -86.03 -56.87 15.32
N GLU B 274 -85.45 -58.01 14.99
CA GLU B 274 -85.17 -58.35 13.59
C GLU B 274 -85.19 -57.12 12.70
N VAL B 275 -86.38 -56.73 12.28
CA VAL B 275 -86.55 -55.55 11.42
C VAL B 275 -86.00 -54.29 12.07
N VAL B 276 -86.12 -54.22 13.40
CA VAL B 276 -85.61 -53.09 14.17
C VAL B 276 -84.09 -53.12 14.29
N VAL B 277 -83.52 -54.32 14.29
CA VAL B 277 -82.06 -54.51 14.36
C VAL B 277 -81.39 -54.18 13.03
N SER B 278 -82.12 -54.41 11.93
CA SER B 278 -81.62 -54.13 10.58
C SER B 278 -81.66 -52.63 10.27
N LYS B 279 -82.65 -51.93 10.84
CA LYS B 279 -82.82 -50.50 10.64
C LYS B 279 -81.83 -49.68 11.48
N TYR B 280 -81.61 -50.12 12.71
CA TYR B 280 -80.68 -49.45 13.62
C TYR B 280 -79.39 -50.27 13.81
N ILE B 281 -78.84 -50.74 12.69
CA ILE B 281 -77.64 -51.60 12.68
C ILE B 281 -76.43 -50.91 13.30
N PHE B 282 -76.16 -51.24 14.55
CA PHE B 282 -75.03 -50.65 15.30
C PHE B 282 -74.71 -51.63 16.44
N GLN B 283 -74.11 -51.12 17.51
CA GLN B 283 -73.68 -51.95 18.65
C GLN B 283 -74.49 -51.86 19.95
N ALA B 284 -75.39 -50.88 20.02
CA ALA B 284 -76.23 -50.68 21.21
C ALA B 284 -77.27 -51.79 21.39
N ILE B 285 -77.63 -52.43 20.27
CA ILE B 285 -78.59 -53.54 20.28
C ILE B 285 -77.98 -54.81 20.88
N LEU B 286 -76.66 -54.94 20.76
CA LEU B 286 -75.93 -56.09 21.31
C LEU B 286 -75.89 -56.07 22.83
N LEU B 287 -75.84 -54.86 23.41
CA LEU B 287 -75.88 -54.68 24.85
C LEU B 287 -77.27 -54.93 25.42
N SER B 288 -78.30 -54.62 24.61
CA SER B 288 -79.69 -54.87 24.97
C SER B 288 -80.04 -56.36 24.86
N ALA B 289 -79.39 -57.05 23.92
CA ALA B 289 -79.57 -58.49 23.75
C ALA B 289 -78.88 -59.27 24.86
N GLN B 290 -77.77 -58.74 25.36
CA GLN B 290 -77.03 -59.34 26.48
C GLN B 290 -77.77 -59.15 27.80
N VAL B 291 -78.48 -58.02 27.92
CA VAL B 291 -79.29 -57.73 29.10
C VAL B 291 -80.57 -58.57 29.13
N MET B 292 -81.11 -58.87 27.95
CA MET B 292 -82.29 -59.71 27.80
C MET B 292 -81.96 -61.18 28.08
N TRP B 293 -80.74 -61.59 27.73
CA TRP B 293 -80.26 -62.94 27.97
C TRP B 293 -79.95 -63.17 29.45
N THR B 294 -79.49 -62.11 30.12
CA THR B 294 -79.21 -62.14 31.56
C THR B 294 -80.50 -62.16 32.38
N GLU B 295 -81.53 -61.51 31.86
CA GLU B 295 -82.85 -61.49 32.51
C GLU B 295 -83.57 -62.82 32.34
N LEU B 296 -83.32 -63.50 31.22
CA LEU B 296 -83.89 -64.82 30.95
C LEU B 296 -83.22 -65.90 31.79
N VAL B 297 -81.92 -65.71 32.07
CA VAL B 297 -81.15 -66.63 32.91
C VAL B 297 -81.52 -66.48 34.38
N GLU B 298 -81.88 -65.28 34.79
CA GLU B 298 -82.31 -65.00 36.15
C GLU B 298 -83.71 -65.54 36.44
N LYS B 299 -84.55 -65.55 35.39
CA LYS B 299 -85.91 -66.07 35.50
C LYS B 299 -85.92 -67.61 35.54
N CYS B 300 -84.95 -68.22 34.85
CA CYS B 300 -84.84 -69.68 34.80
C CYS B 300 -84.22 -70.23 36.08
N LYS B 308 -87.00 -72.17 27.24
CA LYS B 308 -85.66 -71.59 27.11
C LYS B 308 -84.90 -72.21 25.93
N TYR B 309 -85.00 -73.52 25.77
CA TYR B 309 -84.35 -74.25 24.69
C TYR B 309 -85.03 -74.03 23.35
N TRP B 310 -86.37 -73.89 23.39
CA TRP B 310 -87.16 -73.64 22.19
C TRP B 310 -86.99 -72.22 21.68
N LYS B 311 -86.78 -71.28 22.62
CA LYS B 311 -86.56 -69.87 22.29
C LYS B 311 -85.16 -69.65 21.71
N GLU B 312 -84.20 -70.44 22.17
CA GLU B 312 -82.82 -70.39 21.67
C GLU B 312 -82.71 -70.98 20.27
N VAL B 313 -83.53 -72.00 19.99
CA VAL B 313 -83.59 -72.64 18.68
C VAL B 313 -84.28 -71.75 17.65
N ASP B 314 -85.24 -70.96 18.11
CA ASP B 314 -85.96 -70.00 17.27
C ASP B 314 -85.08 -68.79 16.93
N MET B 315 -84.21 -68.42 17.87
CA MET B 315 -83.26 -67.33 17.67
C MET B 315 -82.14 -67.73 16.73
N LYS B 316 -81.76 -69.01 16.76
CA LYS B 316 -80.74 -69.56 15.88
C LYS B 316 -81.26 -69.72 14.44
N ILE B 317 -82.56 -70.00 14.32
CA ILE B 317 -83.22 -70.12 13.03
C ILE B 317 -83.43 -68.76 12.37
N LYS B 318 -83.65 -67.74 13.20
CA LYS B 318 -83.81 -66.36 12.73
C LYS B 318 -82.47 -65.76 12.30
N GLY B 319 -81.40 -66.17 12.96
CA GLY B 319 -80.04 -65.73 12.63
C GLY B 319 -79.54 -66.40 11.34
N LEU B 320 -79.99 -67.63 11.11
CA LEU B 320 -79.65 -68.38 9.89
C LEU B 320 -80.41 -67.84 8.69
N LEU B 321 -81.62 -67.35 8.92
CA LEU B 321 -82.46 -66.75 7.88
C LEU B 321 -81.94 -65.36 7.49
N ASP B 322 -81.37 -64.65 8.46
CA ASP B 322 -80.79 -63.33 8.23
C ASP B 322 -79.46 -63.43 7.48
N LYS B 323 -78.73 -64.52 7.72
CA LYS B 323 -77.46 -64.78 7.05
C LYS B 323 -77.68 -65.23 5.59
N LEU B 324 -78.81 -65.90 5.36
CA LEU B 324 -79.18 -66.36 4.02
C LEU B 324 -79.65 -65.22 3.13
N ASN B 325 -80.24 -64.20 3.75
CA ASN B 325 -80.73 -63.01 3.04
C ASN B 325 -79.59 -62.09 2.61
N LYS B 326 -78.57 -61.99 3.45
CA LYS B 326 -77.42 -61.14 3.15
C LYS B 326 -76.54 -61.76 2.07
N SER B 328 -75.19 -54.93 1.92
CA SER B 328 -74.90 -55.37 3.27
C SER B 328 -74.74 -54.19 4.22
N ASP B 329 -73.58 -53.55 4.19
CA ASP B 329 -72.52 -53.97 3.28
C ASP B 329 -71.41 -54.71 4.01
N ASN B 330 -70.55 -53.94 4.70
CA ASN B 330 -69.45 -54.53 5.45
C ASN B 330 -69.68 -54.41 6.95
N VAL B 331 -70.31 -53.32 7.37
CA VAL B 331 -70.67 -53.08 8.76
C VAL B 331 -71.89 -53.91 9.17
N LYS B 332 -72.78 -54.15 8.20
CA LYS B 332 -73.97 -54.97 8.42
C LYS B 332 -73.63 -56.45 8.57
N LYS B 333 -72.59 -56.88 7.87
CA LYS B 333 -72.09 -58.25 7.95
C LYS B 333 -71.33 -58.48 9.27
N LYS B 334 -70.68 -57.44 9.76
CA LYS B 334 -69.96 -57.49 11.03
C LYS B 334 -70.91 -57.47 12.22
N ILE B 335 -72.04 -56.78 12.06
CA ILE B 335 -73.08 -56.72 13.09
C ILE B 335 -73.86 -58.03 13.17
N GLU B 336 -74.01 -58.70 12.03
CA GLU B 336 -74.68 -59.99 11.96
C GLU B 336 -73.80 -61.10 12.54
N ALA B 337 -72.49 -60.96 12.38
CA ALA B 337 -71.51 -61.90 12.94
C ALA B 337 -71.39 -61.73 14.46
N LEU B 338 -71.56 -60.50 14.93
CA LEU B 338 -71.53 -60.20 16.36
C LEU B 338 -72.80 -60.68 17.06
N LEU B 339 -73.93 -60.66 16.34
CA LEU B 339 -75.20 -61.15 16.84
C LEU B 339 -75.23 -62.68 16.89
N VAL B 340 -74.52 -63.31 15.95
CA VAL B 340 -74.40 -64.76 15.90
C VAL B 340 -73.49 -65.28 17.00
N GLU B 341 -72.48 -64.49 17.35
CA GLU B 341 -71.54 -64.83 18.43
C GLU B 341 -72.19 -64.66 19.81
N TYR B 342 -73.10 -63.69 19.91
CA TYR B 342 -73.84 -63.43 21.14
C TYR B 342 -74.90 -64.51 21.39
N LEU B 343 -75.46 -65.03 20.29
CA LEU B 343 -76.45 -66.11 20.35
C LEU B 343 -75.79 -67.45 20.68
N HIS B 344 -74.55 -67.62 20.24
CA HIS B 344 -73.77 -68.82 20.51
C HIS B 344 -73.29 -68.87 21.96
N PHE B 345 -73.04 -67.68 22.54
CA PHE B 345 -72.60 -67.56 23.92
C PHE B 345 -73.74 -67.84 24.91
N ASN B 346 -74.96 -67.46 24.52
CA ASN B 346 -76.15 -67.70 25.33
C ASN B 346 -76.57 -69.17 25.30
N ASN B 347 -76.32 -69.82 24.16
CA ASN B 347 -76.63 -71.24 23.99
C ASN B 347 -75.63 -72.12 24.74
N VAL B 348 -74.38 -71.68 24.79
CA VAL B 348 -73.31 -72.39 25.50
C VAL B 348 -73.47 -72.25 27.02
N ILE B 349 -74.01 -71.11 27.44
CA ILE B 349 -74.29 -70.86 28.85
C ILE B 349 -75.48 -71.69 29.34
N GLY B 350 -76.45 -71.90 28.44
CA GLY B 350 -77.62 -72.73 28.74
C GLY B 350 -77.27 -74.21 28.76
N GLN B 351 -76.30 -74.61 27.95
CA GLN B 351 -75.80 -75.98 27.91
C GLN B 351 -74.95 -76.29 29.14
N ARG B 362 -77.84 -76.01 40.72
CA ARG B 362 -76.54 -75.59 41.26
C ARG B 362 -75.46 -75.56 40.18
N LEU B 363 -75.60 -76.44 39.18
CA LEU B 363 -74.71 -76.47 38.03
C LEU B 363 -74.92 -75.27 37.13
N LEU B 364 -76.18 -74.83 37.02
CA LEU B 364 -76.54 -73.64 36.24
C LEU B 364 -76.17 -72.36 36.98
N TRP B 365 -76.21 -72.41 38.31
CA TRP B 365 -75.84 -71.27 39.16
C TRP B 365 -74.34 -71.03 39.15
N ALA B 366 -73.56 -72.12 39.03
CA ALA B 366 -72.11 -72.05 38.93
C ALA B 366 -71.67 -71.54 37.56
N LYS B 367 -72.45 -71.87 36.53
CA LYS B 367 -72.19 -71.41 35.16
C LYS B 367 -72.55 -69.93 34.99
N VAL B 368 -73.57 -69.48 35.72
CA VAL B 368 -73.99 -68.08 35.70
C VAL B 368 -73.01 -67.20 36.46
N GLN B 369 -72.41 -67.75 37.51
CA GLN B 369 -71.40 -67.06 38.31
C GLN B 369 -70.07 -66.95 37.55
N LYS B 370 -69.78 -67.95 36.73
CA LYS B 370 -68.59 -67.95 35.88
C LYS B 370 -68.73 -66.98 34.71
N PHE B 371 -69.96 -66.83 34.22
CA PHE B 371 -70.27 -65.89 33.14
C PHE B 371 -70.23 -64.44 33.63
N TYR B 372 -70.61 -64.24 34.89
CA TYR B 372 -70.62 -62.91 35.48
C TYR B 372 -69.43 -62.08 35.00
N LEU B 381 -69.88 -56.72 40.69
CA LEU B 381 -68.67 -56.14 40.12
C LEU B 381 -68.99 -55.35 38.86
N ASN B 382 -70.28 -55.15 38.60
CA ASN B 382 -70.71 -54.42 37.41
C ASN B 382 -69.94 -53.12 37.26
N SER B 383 -69.78 -52.68 36.01
CA SER B 383 -69.07 -51.44 35.72
C SER B 383 -69.76 -50.65 34.62
N VAL B 384 -70.39 -49.55 35.00
CA VAL B 384 -71.10 -48.70 34.05
C VAL B 384 -70.21 -47.52 33.64
N PHE B 385 -70.84 -46.46 33.14
CA PHE B 385 -70.11 -45.28 32.71
C PHE B 385 -70.75 -44.70 31.46
N ILE B 386 -70.89 -43.38 31.42
CA ILE B 386 -71.49 -42.70 30.28
C ILE B 386 -73.01 -42.87 30.26
N SER B 387 -73.62 -42.75 31.44
CA SER B 387 -75.06 -42.90 31.56
C SER B 387 -75.53 -44.32 31.30
N GLN B 388 -74.57 -45.24 31.25
CA GLN B 388 -74.88 -46.65 31.02
C GLN B 388 -74.10 -47.55 31.97
N SER B 389 -74.54 -48.81 32.09
CA SER B 389 -73.88 -49.76 32.97
C SER B 389 -73.99 -51.18 32.41
N GLY B 390 -72.84 -51.84 32.27
CA GLY B 390 -72.82 -53.20 31.75
C GLY B 390 -72.15 -54.15 32.73
N TYR B 391 -72.09 -55.50 32.37
CA TYR B 391 -71.15 -56.35 33.10
C TYR B 391 -70.62 -57.66 32.54
N LEU B 411 -71.36 -58.76 33.19
CA LEU B 411 -71.09 -60.15 32.81
C LEU B 411 -70.00 -61.10 32.36
N LEU B 412 -68.80 -60.93 32.90
CA LEU B 412 -67.67 -61.78 32.57
C LEU B 412 -66.87 -60.90 31.63
N LEU B 413 -64.50 -71.49 25.12
CA LEU B 413 -63.23 -71.42 25.84
C LEU B 413 -62.49 -70.13 25.51
N ILE B 414 -62.52 -69.74 24.24
CA ILE B 414 -61.85 -68.53 23.79
C ILE B 414 -62.45 -67.29 24.46
N GLY B 415 -63.78 -67.29 24.59
CA GLY B 415 -64.48 -66.18 25.21
C GLY B 415 -64.20 -66.12 26.71
N PHE B 416 -64.15 -67.29 27.34
CA PHE B 416 -63.89 -67.37 28.77
C PHE B 416 -62.48 -66.89 29.10
N ALA B 417 -61.53 -67.25 28.25
CA ALA B 417 -60.14 -66.84 28.45
C ALA B 417 -59.96 -65.35 28.23
N THR B 418 -60.74 -64.79 27.31
CA THR B 418 -60.67 -63.37 27.00
C THR B 418 -61.42 -62.56 28.05
N LEU B 419 -62.75 -62.69 28.05
CA LEU B 419 -63.59 -61.96 28.99
C LEU B 419 -62.98 -62.01 30.39
N THR B 420 -62.16 -63.03 30.63
CA THR B 420 -61.51 -63.20 31.93
C THR B 420 -60.26 -62.35 32.04
N ASP B 421 -59.51 -62.26 30.95
CA ASP B 421 -58.28 -61.47 30.93
C ASP B 421 -58.55 -60.01 31.28
N SER B 422 -59.59 -59.44 30.68
CA SER B 422 -59.95 -58.05 30.92
C SER B 422 -60.55 -57.86 32.31
N LEU B 423 -61.11 -58.94 32.86
CA LEU B 423 -61.72 -58.89 34.18
C LEU B 423 -60.66 -58.93 35.28
N HIS B 424 -59.56 -59.62 35.00
CA HIS B 424 -58.47 -59.75 35.97
C HIS B 424 -57.70 -58.44 36.11
N GLN B 425 -57.34 -57.85 34.97
CA GLN B 425 -56.60 -56.60 34.96
C GLN B 425 -57.55 -55.40 34.96
N LYS B 426 -58.54 -55.40 35.71
CA LYS B 426 -59.53 -54.34 35.77
C LYS B 426 -58.86 -52.99 36.00
N TYR B 427 -57.72 -53.45 36.14
CA TYR B 427 -56.94 -52.23 36.33
C TYR B 427 -55.45 -52.53 36.36
N GLY B 428 -54.82 -51.74 35.29
CA GLY B 428 -53.38 -51.94 35.23
C GLY B 428 -52.74 -53.26 34.83
N GLY B 429 -53.38 -53.70 33.82
CA GLY B 429 -52.89 -55.00 33.40
C GLY B 429 -51.60 -55.21 32.61
N CYS B 430 -50.95 -56.35 32.85
CA CYS B 430 -49.73 -56.72 32.14
C CYS B 430 -49.94 -58.06 31.43
N PHE B 431 -50.06 -58.02 30.10
CA PHE B 431 -50.26 -59.23 29.32
C PHE B 431 -48.93 -59.88 28.93
N PHE B 432 -48.75 -61.13 29.31
CA PHE B 432 -47.52 -61.85 29.00
C PHE B 432 -47.81 -63.13 28.22
N GLY B 433 -47.20 -63.39 27.00
CA GLY B 433 -47.37 -64.57 26.18
C GLY B 433 -46.57 -64.52 24.90
N PRO B 434 -46.40 -65.69 24.25
CA PRO B 434 -45.65 -65.81 22.99
C PRO B 434 -46.27 -64.97 21.89
N ALA B 435 -45.49 -64.68 20.85
CA ALA B 435 -45.99 -63.93 19.70
C ALA B 435 -47.04 -64.77 18.99
N GLY B 436 -48.14 -64.14 18.61
CA GLY B 436 -49.22 -64.83 17.91
C GLY B 436 -50.05 -65.69 18.84
N THR B 437 -50.30 -65.13 19.93
CA THR B 437 -51.08 -65.85 20.92
C THR B 437 -52.47 -65.26 21.06
N GLY B 438 -52.91 -64.36 20.55
CA GLY B 438 -53.91 -63.33 20.76
C GLY B 438 -53.39 -62.12 21.53
N LYS B 439 -52.59 -61.80 21.90
CA LYS B 439 -52.45 -60.57 22.69
C LYS B 439 -52.97 -59.35 21.94
N THR B 440 -52.81 -58.95 21.02
CA THR B 440 -53.30 -57.78 20.30
C THR B 440 -54.80 -57.88 20.02
N GLU B 441 -55.20 -59.14 19.98
CA GLU B 441 -56.61 -59.34 19.70
C GLU B 441 -57.47 -59.12 20.94
N THR B 442 -57.08 -59.75 22.04
CA THR B 442 -57.77 -59.60 23.31
C THR B 442 -57.98 -58.13 23.65
N VAL B 443 -56.90 -57.35 23.53
CA VAL B 443 -56.95 -55.92 23.82
C VAL B 443 -57.95 -55.20 22.94
N LYS B 444 -57.82 -55.39 21.63
CA LYS B 444 -58.71 -54.76 20.66
C LYS B 444 -60.16 -55.16 20.93
N ALA B 445 -60.37 -56.42 21.29
CA ALA B 445 -61.71 -56.96 21.47
C ALA B 445 -62.44 -56.31 22.65
N PHE B 446 -61.85 -56.39 23.84
CA PHE B 446 -62.49 -55.83 25.02
C PHE B 446 -62.70 -54.32 24.91
N GLY B 447 -61.94 -53.70 24.04
CA GLY B 447 -62.20 -52.30 23.72
C GLY B 447 -62.93 -52.15 22.39
N GLN B 448 -64.12 -52.73 22.28
CA GLN B 448 -64.91 -52.63 21.06
C GLN B 448 -66.25 -51.98 21.32
N ASN B 449 -66.96 -52.43 22.32
CA ASN B 449 -68.25 -51.87 22.71
C ASN B 449 -68.14 -50.45 23.26
N LEU B 450 -67.35 -50.04 23.98
CA LEU B 450 -67.37 -48.95 24.94
C LEU B 450 -67.22 -47.59 24.25
N GLY B 451 -66.38 -46.95 23.66
CA GLY B 451 -65.95 -45.77 22.92
C GLY B 451 -65.03 -46.16 21.76
N ARG B 452 -64.24 -44.16 24.47
CA ARG B 452 -63.39 -44.57 23.35
C ARG B 452 -63.73 -43.80 22.09
N VAL B 453 -63.06 -45.39 21.80
CA VAL B 453 -61.95 -46.15 21.26
C VAL B 453 -61.10 -46.64 20.09
N VAL B 454 -60.33 -47.38 21.24
CA VAL B 454 -59.17 -48.25 21.44
C VAL B 454 -57.80 -48.49 20.83
N VAL B 455 -56.99 -47.35 20.89
CA VAL B 455 -55.64 -47.38 20.35
C VAL B 455 -54.42 -48.26 20.65
N VAL B 456 -53.63 -48.55 19.62
CA VAL B 456 -52.43 -49.34 19.76
C VAL B 456 -51.18 -48.47 19.72
N PHE B 457 -50.11 -48.95 20.35
CA PHE B 457 -48.83 -48.27 20.33
C PHE B 457 -47.71 -49.29 20.54
N ASN B 458 -46.90 -49.84 19.32
CA ASN B 458 -46.00 -50.88 18.82
C ASN B 458 -44.55 -50.52 18.56
N CYS B 459 -44.22 -50.00 17.31
CA CYS B 459 -42.93 -49.48 16.89
C CYS B 459 -41.81 -50.52 16.72
N ASP B 460 -41.57 -51.22 17.86
CA ASP B 460 -40.59 -52.30 17.96
C ASP B 460 -39.19 -51.68 17.91
N ASP B 461 -39.21 -51.00 16.56
CA ASP B 461 -38.01 -50.19 16.57
C ASP B 461 -38.44 -48.95 15.78
N SER B 462 -38.61 -49.17 14.44
CA SER B 462 -38.94 -48.24 13.39
C SER B 462 -40.24 -48.22 14.19
N PHE B 463 -39.94 -47.54 15.53
CA PHE B 463 -40.78 -46.68 16.36
C PHE B 463 -39.92 -45.94 17.37
N ASP B 464 -40.31 -45.25 18.34
CA ASP B 464 -39.79 -44.30 19.31
C ASP B 464 -38.34 -44.56 19.74
N TYR B 465 -37.78 -43.21 19.61
CA TYR B 465 -38.55 -42.48 20.62
C TYR B 465 -39.42 -41.25 20.81
N GLN B 466 -38.83 -40.05 20.10
CA GLN B 466 -39.48 -38.75 20.25
C GLN B 466 -40.98 -38.86 20.00
N VAL B 467 -41.35 -39.68 19.01
CA VAL B 467 -42.75 -39.87 18.67
C VAL B 467 -43.47 -40.67 19.74
N LEU B 468 -42.79 -41.68 20.28
CA LEU B 468 -43.35 -42.52 21.33
C LEU B 468 -43.60 -41.71 22.60
N SER B 469 -42.66 -40.83 22.93
CA SER B 469 -42.78 -39.99 24.12
C SER B 469 -43.89 -38.96 23.96
N ARG B 470 -44.09 -38.49 22.74
CA ARG B 470 -45.13 -37.50 22.45
C ARG B 470 -46.50 -38.17 22.34
N LEU B 471 -46.69 -38.94 21.29
CA LEU B 471 -47.95 -39.64 21.08
C LEU B 471 -48.45 -40.26 22.38
N LEU B 472 -47.53 -40.51 23.29
CA LEU B 472 -47.87 -41.09 24.59
C LEU B 472 -48.37 -40.04 25.57
N VAL B 473 -47.73 -38.88 25.54
CA VAL B 473 -48.11 -37.78 26.43
C VAL B 473 -49.57 -37.39 26.24
N GLY B 474 -49.98 -37.26 24.99
CA GLY B 474 -51.36 -36.89 24.67
C GLY B 474 -52.33 -38.02 24.97
N ILE B 475 -51.83 -39.24 24.96
CA ILE B 475 -52.64 -40.42 25.22
C ILE B 475 -52.90 -40.60 26.72
N THR B 476 -51.94 -40.18 27.53
CA THR B 476 -52.06 -40.29 28.98
C THR B 476 -53.06 -39.27 29.53
N GLN B 477 -52.91 -38.02 29.10
CA GLN B 477 -53.79 -36.94 29.55
C GLN B 477 -55.01 -36.83 28.63
N ILE B 478 -55.35 -37.99 28.08
CA ILE B 478 -56.45 -38.23 27.16
C ILE B 478 -57.37 -39.26 27.78
N GLY B 479 -56.78 -40.19 28.52
CA GLY B 479 -57.55 -41.23 29.17
C GLY B 479 -57.01 -42.62 28.84
N ALA B 480 -57.91 -43.55 28.56
CA ALA B 480 -57.52 -44.92 28.22
C ALA B 480 -58.50 -45.55 27.23
N TRP B 481 -58.36 -46.85 27.02
CA TRP B 481 -57.38 -47.50 27.87
C TRP B 481 -55.96 -47.22 27.37
N GLY B 482 -55.65 -48.15 26.01
CA GLY B 482 -54.37 -48.03 25.32
C GLY B 482 -53.52 -49.28 25.45
N CYS B 483 -53.20 -49.90 24.31
CA CYS B 483 -52.39 -51.12 24.30
C CYS B 483 -50.97 -50.86 23.84
N PHE B 484 -49.99 -51.18 24.69
CA PHE B 484 -48.61 -51.33 24.21
C PHE B 484 -48.17 -52.79 24.38
N ASP B 485 -47.93 -53.42 23.09
CA ASP B 485 -47.53 -54.82 23.12
C ASP B 485 -46.11 -55.05 23.66
N GLU B 486 -45.25 -54.30 23.41
CA GLU B 486 -45.56 -53.22 22.49
C GLU B 486 -46.09 -53.76 21.15
N PHE B 487 -45.41 -54.58 20.94
CA PHE B 487 -44.09 -55.22 20.87
C PHE B 487 -43.07 -54.73 21.89
N ASN B 488 -43.84 -54.92 23.26
CA ASN B 488 -43.30 -54.31 24.48
C ASN B 488 -41.84 -54.67 24.71
N ARG B 489 -41.42 -55.82 24.19
CA ARG B 489 -40.05 -56.31 24.35
C ARG B 489 -39.13 -55.84 23.22
N LEU B 490 -39.62 -54.92 22.39
CA LEU B 490 -38.86 -54.39 21.26
C LEU B 490 -38.29 -52.99 21.54
N ASP B 491 -38.83 -52.34 22.57
CA ASP B 491 -38.42 -50.99 22.95
C ASP B 491 -37.05 -50.97 23.62
N GLU B 492 -36.39 -49.81 23.60
CA GLU B 492 -35.06 -49.64 24.18
C GLU B 492 -35.13 -49.39 25.69
N LYS B 493 -33.96 -49.19 26.30
CA LYS B 493 -33.88 -48.95 27.73
C LYS B 493 -34.54 -47.62 28.09
N VAL B 494 -34.34 -46.62 27.26
CA VAL B 494 -34.92 -45.30 27.48
C VAL B 494 -36.43 -45.36 27.44
N LEU B 495 -36.98 -46.15 26.52
CA LEU B 495 -38.41 -46.30 26.38
C LEU B 495 -39.00 -47.07 27.55
N SER B 496 -38.28 -48.11 27.99
CA SER B 496 -38.73 -48.92 29.10
C SER B 496 -38.77 -48.11 30.40
N ALA B 497 -37.76 -47.26 30.59
CA ALA B 497 -37.69 -46.42 31.78
C ALA B 497 -38.78 -45.36 31.78
N VAL B 498 -39.13 -44.88 30.59
CA VAL B 498 -40.15 -43.85 30.44
C VAL B 498 -41.55 -44.47 30.54
N SER B 499 -41.91 -45.25 29.52
CA SER B 499 -43.21 -45.89 29.48
C SER B 499 -43.55 -46.50 30.84
N ALA B 500 -42.52 -46.78 31.63
CA ALA B 500 -42.70 -47.35 32.96
C ALA B 500 -43.02 -46.28 33.99
N ASN B 501 -42.35 -45.13 33.87
CA ASN B 501 -42.55 -44.03 34.80
C ASN B 501 -44.02 -43.58 34.82
N ILE B 502 -44.61 -43.44 33.64
CA ILE B 502 -46.00 -43.01 33.51
C ILE B 502 -46.96 -44.12 33.94
N GLN B 503 -46.49 -45.36 33.87
CA GLN B 503 -47.31 -46.51 34.24
C GLN B 503 -47.36 -46.67 35.76
N GLN B 504 -46.28 -46.29 36.43
CA GLN B 504 -46.20 -46.39 37.88
C GLN B 504 -47.08 -45.35 38.56
N ILE B 505 -46.95 -44.10 38.11
CA ILE B 505 -47.73 -42.99 38.67
C ILE B 505 -49.06 -42.83 37.94
N GLN B 506 -49.50 -43.98 37.44
CA GLN B 506 -50.73 -44.18 36.68
C GLN B 506 -51.59 -45.18 37.43
N ASN B 507 -50.94 -46.13 38.08
CA ASN B 507 -51.66 -47.14 38.83
C ASN B 507 -51.65 -46.81 40.31
N GLY B 508 -50.51 -46.36 40.84
CA GLY B 508 -50.40 -46.01 42.26
C GLY B 508 -50.92 -44.60 42.51
N LEU B 509 -50.76 -43.89 41.58
CA LEU B 509 -51.09 -42.64 41.80
C LEU B 509 -52.15 -42.62 41.13
N GLN B 510 -52.44 -43.49 40.14
CA GLN B 510 -53.56 -43.45 39.31
C GLN B 510 -54.51 -42.96 40.24
N VAL B 511 -54.45 -43.29 41.64
CA VAL B 511 -55.43 -42.76 42.54
C VAL B 511 -54.91 -41.58 43.32
N GLY B 512 -53.59 -41.46 43.40
CA GLY B 512 -52.96 -40.37 44.13
C GLY B 512 -53.43 -39.02 43.59
N LYS B 513 -53.19 -37.95 44.33
CA LYS B 513 -53.60 -36.61 43.88
C LYS B 513 -52.47 -35.75 43.29
N SER B 514 -52.86 -34.62 42.64
CA SER B 514 -51.98 -33.83 41.75
C SER B 514 -51.66 -34.32 40.33
N HIS B 515 -51.77 -35.21 39.89
CA HIS B 515 -51.47 -35.44 38.46
C HIS B 515 -50.19 -34.85 37.82
N ILE B 516 -49.02 -35.03 38.27
CA ILE B 516 -47.79 -34.48 37.69
C ILE B 516 -46.81 -35.55 37.19
N THR B 517 -46.27 -35.39 35.99
CA THR B 517 -45.34 -36.40 35.48
C THR B 517 -44.10 -35.70 34.94
N LEU B 518 -43.14 -35.44 35.82
CA LEU B 518 -41.90 -34.78 35.43
C LEU B 518 -40.79 -35.74 35.02
N LEU B 519 -40.91 -36.34 33.85
CA LEU B 519 -39.90 -37.28 33.37
C LEU B 519 -39.15 -36.73 32.15
N GLU B 520 -37.84 -36.94 32.14
CA GLU B 520 -36.95 -36.55 31.04
C GLU B 520 -37.02 -35.07 30.63
N GLU B 521 -37.03 -34.20 31.64
CA GLU B 521 -37.06 -32.76 31.42
C GLU B 521 -38.40 -32.20 30.93
N GLU B 522 -39.39 -33.00 31.53
CA GLU B 522 -40.70 -32.60 31.22
C GLU B 522 -41.73 -33.05 32.33
N THR B 523 -42.67 -32.18 32.66
CA THR B 523 -43.72 -32.48 33.67
C THR B 523 -45.03 -32.72 33.00
N PRO B 524 -45.85 -33.61 33.59
CA PRO B 524 -47.15 -33.92 33.01
C PRO B 524 -48.15 -34.32 34.08
N LEU B 525 -49.47 -34.26 33.47
CA LEU B 525 -50.53 -34.56 34.39
C LEU B 525 -51.96 -35.14 34.56
N SER B 526 -52.64 -35.19 33.60
CA SER B 526 -53.99 -34.98 33.08
C SER B 526 -54.84 -36.26 33.09
N PRO B 527 -56.00 -36.36 33.71
CA PRO B 527 -56.63 -37.72 33.85
C PRO B 527 -56.85 -38.65 32.59
N HIS B 528 -56.54 -39.92 32.89
CA HIS B 528 -56.47 -40.95 31.84
C HIS B 528 -57.05 -42.35 32.14
N THR B 529 -57.17 -43.01 31.33
CA THR B 529 -57.73 -44.37 31.32
C THR B 529 -56.74 -45.51 31.65
N ALA B 530 -57.59 -46.72 30.98
CA ALA B 530 -56.88 -47.98 31.28
C ALA B 530 -55.77 -48.39 30.31
N VAL B 531 -54.79 -49.13 30.83
CA VAL B 531 -53.55 -49.45 30.12
C VAL B 531 -53.27 -50.94 30.11
N PHE B 532 -53.12 -51.51 28.92
CA PHE B 532 -52.74 -52.91 28.78
C PHE B 532 -51.39 -53.00 28.06
N ILE B 533 -50.45 -53.73 28.65
CA ILE B 533 -49.11 -53.82 28.09
C ILE B 533 -48.71 -55.27 27.79
N THR B 534 -48.65 -55.58 26.54
CA THR B 534 -48.32 -56.93 26.14
C THR B 534 -46.85 -57.14 25.85
N LEU B 535 -46.31 -58.32 25.86
CA LEU B 535 -44.93 -58.64 25.57
C LEU B 535 -44.70 -60.14 25.57
N LEU B 545 -39.66 -57.90 31.15
CA LEU B 545 -40.46 -56.83 31.71
C LEU B 545 -39.86 -56.30 33.02
N PRO B 546 -39.80 -54.97 33.14
CA PRO B 546 -39.24 -54.33 34.32
C PRO B 546 -40.17 -54.50 35.52
N GLU B 547 -39.59 -54.63 36.72
CA GLU B 547 -40.33 -54.85 37.97
C GLU B 547 -41.42 -53.80 38.20
N ASN B 548 -41.08 -52.53 38.00
CA ASN B 548 -42.00 -51.43 38.27
C ASN B 548 -43.19 -51.45 37.32
N LEU B 549 -43.03 -52.09 36.17
CA LEU B 549 -44.11 -52.20 35.19
C LEU B 549 -45.07 -53.32 35.56
N LYS B 550 -44.51 -54.49 35.88
CA LYS B 550 -45.32 -55.64 36.27
C LYS B 550 -46.13 -55.36 37.54
N LYS B 551 -45.57 -54.47 38.36
CA LYS B 551 -46.10 -54.12 39.66
C LYS B 551 -47.46 -53.45 39.48
N SER B 552 -47.81 -53.13 38.25
CA SER B 552 -49.04 -52.41 37.98
C SER B 552 -50.27 -53.33 37.94
N PHE B 553 -50.60 -53.93 39.08
CA PHE B 553 -51.79 -54.82 39.22
C PHE B 553 -51.84 -56.36 38.92
N ARG B 554 -50.77 -56.84 38.49
CA ARG B 554 -50.69 -58.33 38.36
C ARG B 554 -50.73 -58.92 36.93
N GLU B 555 -50.51 -60.17 36.56
CA GLU B 555 -49.94 -60.58 35.25
C GLU B 555 -50.57 -61.87 34.72
N PHE B 556 -51.03 -61.53 33.46
CA PHE B 556 -51.75 -62.55 32.72
C PHE B 556 -50.81 -63.35 31.81
N SER B 557 -50.90 -64.68 31.88
CA SER B 557 -50.07 -65.54 31.06
C SER B 557 -50.88 -66.21 29.95
N MET B 558 -50.45 -66.16 28.76
CA MET B 558 -51.31 -66.70 27.71
C MET B 558 -50.71 -67.93 27.07
N LYS B 559 -51.68 -68.72 26.67
CA LYS B 559 -51.13 -69.85 25.95
C LYS B 559 -52.43 -70.57 25.59
N SER B 560 -52.42 -71.25 24.44
CA SER B 560 -53.55 -72.07 24.05
C SER B 560 -53.59 -72.27 22.54
N GLN B 562 -58.08 -77.65 22.43
CA GLN B 562 -59.51 -77.99 22.54
C GLN B 562 -60.37 -76.78 22.21
N SER B 563 -59.99 -75.66 22.81
CA SER B 563 -60.68 -74.38 22.64
C SER B 563 -60.69 -74.00 21.16
N GLY B 564 -59.51 -74.12 20.56
CA GLY B 564 -59.30 -73.81 19.13
C GLY B 564 -60.25 -74.65 18.27
N THR B 565 -60.28 -75.93 18.58
CA THR B 565 -61.12 -76.91 17.88
C THR B 565 -62.59 -76.49 17.96
N ILE B 566 -62.99 -76.13 19.16
CA ILE B 566 -64.36 -75.69 19.44
C ILE B 566 -64.72 -74.48 18.58
N ALA B 567 -63.79 -73.55 18.55
CA ALA B 567 -63.93 -72.31 17.78
C ALA B 567 -64.15 -72.63 16.30
N GLU B 568 -63.30 -73.53 15.82
CA GLU B 568 -63.34 -73.98 14.42
C GLU B 568 -64.72 -74.57 14.09
N MET B 569 -65.18 -75.40 15.00
CA MET B 569 -66.48 -76.07 14.88
C MET B 569 -67.59 -75.04 14.76
N ILE B 570 -67.52 -74.06 15.64
CA ILE B 570 -68.49 -72.96 15.70
C ILE B 570 -68.53 -72.23 14.37
N LEU B 571 -67.33 -71.94 13.87
CA LEU B 571 -67.15 -71.23 12.59
C LEU B 571 -67.83 -72.01 11.46
N GLN B 572 -67.57 -73.30 11.47
CA GLN B 572 -68.11 -74.24 10.47
C GLN B 572 -69.64 -74.19 10.49
N ILE B 573 -70.17 -74.24 11.69
CA ILE B 573 -71.61 -74.20 11.95
C ILE B 573 -72.21 -72.93 11.36
N MET B 574 -71.54 -71.83 11.64
CA MET B 574 -71.95 -70.50 11.18
C MET B 574 -72.01 -70.48 9.65
N GLY B 575 -70.87 -70.78 9.03
CA GLY B 575 -70.64 -70.48 7.62
C GLY B 575 -71.49 -71.24 6.59
N PHE B 576 -71.60 -72.56 6.78
CA PHE B 576 -72.37 -73.39 5.88
C PHE B 576 -73.74 -73.73 6.48
N GLU B 577 -73.73 -74.46 7.58
CA GLU B 577 -74.96 -74.86 8.26
C GLU B 577 -75.70 -75.93 9.04
N ASP B 578 -74.97 -76.74 9.78
CA ASP B 578 -75.55 -77.81 10.59
C ASP B 578 -75.97 -77.69 12.05
N SER B 579 -74.83 -76.95 13.05
CA SER B 579 -73.59 -77.52 12.55
C SER B 579 -72.67 -77.56 13.75
N LYS B 580 -73.40 -76.90 14.87
CA LYS B 580 -72.80 -76.87 16.18
C LYS B 580 -72.50 -78.31 16.54
N SER B 581 -73.15 -79.23 15.82
CA SER B 581 -72.92 -80.62 16.04
C SER B 581 -71.80 -80.76 15.02
N LEU B 582 -71.91 -80.11 13.87
CA LEU B 582 -70.79 -80.24 12.95
C LEU B 582 -69.49 -79.85 13.66
N ALA B 583 -69.55 -78.79 14.46
CA ALA B 583 -68.37 -78.30 15.16
C ALA B 583 -67.87 -79.37 16.10
N SER B 584 -68.78 -80.04 16.80
CA SER B 584 -68.34 -81.08 17.71
C SER B 584 -67.66 -82.22 16.93
N LYS B 585 -68.27 -82.66 15.84
CA LYS B 585 -67.70 -83.76 15.03
C LYS B 585 -66.40 -83.55 14.23
N ILE B 586 -66.31 -82.36 13.63
CA ILE B 586 -65.24 -81.88 12.74
C ILE B 586 -63.90 -81.91 13.48
N VAL B 587 -63.93 -81.40 14.69
CA VAL B 587 -62.76 -81.34 15.58
C VAL B 587 -62.19 -82.75 15.79
N HIS B 588 -63.10 -83.65 16.09
CA HIS B 588 -62.77 -85.07 16.33
C HIS B 588 -62.06 -85.66 15.12
N PHE B 589 -62.63 -85.40 13.94
CA PHE B 589 -62.10 -85.89 12.68
C PHE B 589 -60.72 -85.35 12.34
N LEU B 590 -60.61 -84.03 12.19
CA LEU B 590 -59.33 -83.43 11.87
C LEU B 590 -58.35 -83.70 12.99
N GLU B 591 -58.82 -83.56 14.23
CA GLU B 591 -58.00 -83.80 15.41
C GLU B 591 -57.59 -85.26 15.42
N LEU B 592 -58.53 -86.11 15.01
CA LEU B 592 -58.28 -87.54 14.97
C LEU B 592 -57.14 -87.85 14.01
N LEU B 593 -57.14 -87.25 12.82
CA LEU B 593 -56.09 -87.46 11.82
C LEU B 593 -54.77 -86.91 12.34
N SER B 594 -54.92 -85.80 13.05
CA SER B 594 -53.79 -85.09 13.59
C SER B 594 -53.02 -86.04 14.47
N SER B 595 -53.79 -86.83 15.30
CA SER B 595 -53.45 -87.94 16.30
C SER B 595 -52.89 -89.16 15.57
N LYS B 596 -53.66 -89.54 14.54
CA LYS B 596 -53.42 -90.68 13.62
C LYS B 596 -52.20 -90.53 12.68
N CYS B 597 -51.63 -89.34 12.62
CA CYS B 597 -50.44 -89.09 11.81
C CYS B 597 -49.29 -88.59 12.67
N SER B 598 -48.46 -89.44 11.97
CA SER B 598 -47.80 -90.43 11.13
C SER B 598 -47.75 -90.63 9.61
N SER B 599 -47.00 -89.92 8.76
CA SER B 599 -45.97 -90.87 9.15
C SER B 599 -44.45 -90.84 9.34
N MET B 600 -43.93 -89.99 9.48
CA MET B 600 -42.87 -89.19 8.92
C MET B 600 -42.88 -88.01 9.89
N ASN B 601 -41.93 -87.11 9.80
CA ASN B 601 -41.88 -86.01 10.74
C ASN B 601 -42.22 -84.88 9.76
N HIS B 602 -43.46 -84.45 9.82
CA HIS B 602 -43.99 -83.38 8.98
C HIS B 602 -44.63 -82.37 9.92
N TYR B 603 -44.78 -81.15 9.42
CA TYR B 603 -45.24 -80.02 10.21
C TYR B 603 -46.41 -79.34 9.50
N HIS B 604 -47.14 -78.26 10.17
CA HIS B 604 -48.34 -77.71 9.55
C HIS B 604 -49.59 -78.51 9.87
N PHE B 605 -49.48 -79.59 11.03
CA PHE B 605 -50.64 -80.35 11.49
C PHE B 605 -51.63 -79.32 12.02
N GLY B 606 -51.11 -78.32 12.72
CA GLY B 606 -51.83 -77.07 12.92
C GLY B 606 -53.27 -77.34 13.36
N LEU B 607 -53.70 -78.04 14.19
CA LEU B 607 -55.10 -78.35 14.44
C LEU B 607 -55.99 -77.14 14.15
N ARG B 608 -55.45 -75.95 14.36
CA ARG B 608 -56.19 -74.71 14.11
C ARG B 608 -55.97 -74.21 12.70
N THR B 609 -54.76 -74.40 12.18
CA THR B 609 -54.42 -73.95 10.82
C THR B 609 -55.27 -74.70 9.80
N LEU B 610 -55.34 -76.00 9.99
CA LEU B 610 -56.10 -76.91 9.13
C LEU B 610 -57.57 -76.48 9.10
N LYS B 611 -58.08 -76.23 10.29
CA LYS B 611 -59.47 -75.80 10.49
C LYS B 611 -59.75 -74.52 9.71
N GLY B 612 -58.82 -73.59 9.86
CA GLY B 612 -58.89 -72.28 9.19
C GLY B 612 -58.96 -72.47 7.67
N VAL B 613 -58.08 -73.33 7.19
CA VAL B 613 -57.99 -73.65 5.76
C VAL B 613 -59.33 -74.18 5.26
N LEU B 614 -59.87 -75.10 6.03
CA LEU B 614 -61.16 -75.75 5.74
C LEU B 614 -62.26 -74.69 5.60
N ARG B 615 -62.26 -73.80 6.58
CA ARG B 615 -63.23 -72.69 6.65
C ARG B 615 -63.15 -71.84 5.38
N ASN B 616 -61.92 -71.52 5.03
CA ASN B 616 -61.61 -70.71 3.84
C ASN B 616 -62.18 -71.37 2.58
N CYS B 617 -61.93 -72.67 2.50
CA CYS B 617 -62.38 -73.50 1.37
C CYS B 617 -63.90 -73.43 1.26
N SER B 618 -64.53 -73.60 2.40
CA SER B 618 -66.00 -73.56 2.52
C SER B 618 -66.53 -72.23 1.99
N PRO B 619 -65.89 -71.18 2.44
CA PRO B 619 -66.24 -69.79 2.07
C PRO B 619 -66.17 -69.64 0.55
N LEU B 620 -65.07 -70.14 0.01
CA LEU B 620 -64.80 -70.09 -1.44
C LEU B 620 -65.94 -70.79 -2.21
N ILE B 621 -66.38 -71.83 -2.01
CA ILE B 621 -67.43 -72.77 -2.36
C ILE B 621 -68.69 -72.52 -1.53
N SER B 622 -70.00 -73.30 -1.33
CA SER B 622 -69.30 -74.55 -1.61
C SER B 622 -70.21 -75.54 -2.33
N GLU B 623 -71.03 -75.69 -0.95
CA GLU B 623 -72.19 -76.54 -1.20
C GLU B 623 -72.67 -76.21 -2.61
N PHE B 624 -72.52 -77.40 -3.85
CA PHE B 624 -71.54 -78.29 -3.25
C PHE B 624 -72.17 -79.14 -2.15
N GLY B 625 -73.33 -79.89 -1.66
CA GLY B 625 -73.66 -80.36 -0.32
C GLY B 625 -72.33 -81.01 0.17
N GLU B 626 -71.57 -80.34 1.17
CA GLU B 626 -70.22 -80.56 1.78
C GLU B 626 -69.90 -79.93 3.19
N GLY B 627 -68.75 -79.65 3.65
CA GLY B 627 -67.87 -79.75 4.82
C GLY B 627 -67.13 -81.09 4.79
N GLU B 628 -67.26 -82.16 3.67
CA GLU B 628 -66.66 -83.50 3.56
C GLU B 628 -65.64 -83.25 2.44
N LYS B 629 -66.13 -82.57 1.42
CA LYS B 629 -65.32 -82.22 0.23
C LYS B 629 -64.10 -81.41 0.66
N THR B 630 -64.37 -80.43 1.50
CA THR B 630 -63.34 -79.53 2.03
C THR B 630 -62.26 -80.33 2.77
N VAL B 631 -62.74 -81.24 3.59
CA VAL B 631 -61.88 -82.12 4.39
C VAL B 631 -60.96 -82.94 3.48
N VAL B 632 -61.58 -83.48 2.44
CA VAL B 632 -60.89 -84.30 1.44
C VAL B 632 -59.77 -83.48 0.79
N GLU B 633 -60.12 -82.27 0.41
CA GLU B 633 -59.20 -81.32 -0.22
C GLU B 633 -57.99 -81.07 0.68
N SER B 634 -58.30 -80.83 1.93
CA SER B 634 -57.29 -80.56 2.97
C SER B 634 -56.32 -81.74 3.07
N LEU B 635 -56.90 -82.92 3.10
CA LEU B 635 -56.16 -84.18 3.19
C LEU B 635 -55.18 -84.29 2.01
N LYS B 636 -55.72 -84.01 0.84
CA LYS B 636 -54.97 -84.07 -0.42
C LYS B 636 -53.77 -83.13 -0.35
N ARG B 637 -54.05 -81.93 0.12
CA ARG B 637 -53.04 -80.87 0.27
C ARG B 637 -51.91 -81.35 1.19
N VAL B 638 -52.32 -81.93 2.30
CA VAL B 638 -51.41 -82.47 3.31
C VAL B 638 -50.48 -83.52 2.68
N ILE B 639 -51.02 -84.44 1.82
CA ILE B 639 -50.25 -85.48 1.15
C ILE B 639 -49.30 -84.91 0.12
N LEU B 640 -48.51 -85.12 0.65
CA LEU B 640 -48.05 -86.24 1.46
C LEU B 640 -47.58 -87.53 0.78
N PRO B 641 -46.95 -88.03 -0.18
CA PRO B 641 -46.98 -89.48 -0.34
C PRO B 641 -46.84 -90.35 0.90
N SER B 642 -47.61 -91.40 0.94
CA SER B 642 -47.77 -92.37 2.01
C SER B 642 -48.30 -92.80 3.38
N LEU B 643 -49.17 -92.81 4.09
CA LEU B 643 -50.17 -92.56 5.13
C LEU B 643 -49.83 -93.41 6.36
N GLY B 644 -50.44 -93.21 7.40
CA GLY B 644 -51.82 -93.47 7.01
C GLY B 644 -52.32 -92.04 6.90
N ASP B 645 -51.51 -91.18 6.29
CA ASP B 645 -51.88 -89.78 6.12
C ASP B 645 -52.98 -89.63 5.08
N THR B 646 -52.83 -90.29 3.95
CA THR B 646 -53.81 -90.22 2.88
C THR B 646 -54.88 -91.32 3.00
N ASP B 647 -54.44 -92.52 3.39
CA ASP B 647 -55.38 -93.64 3.53
C ASP B 647 -56.35 -93.62 4.74
N GLU B 648 -55.81 -93.19 5.88
CA GLU B 648 -56.49 -93.11 7.15
C GLU B 648 -57.89 -92.54 7.01
N LEU B 649 -58.06 -91.50 6.21
CA LEU B 649 -59.43 -90.93 6.06
C LEU B 649 -60.59 -91.70 5.34
N VAL B 650 -60.22 -92.37 4.26
CA VAL B 650 -61.00 -93.11 3.25
C VAL B 650 -61.92 -94.12 3.93
N PHE B 651 -61.32 -94.85 4.86
CA PHE B 651 -62.02 -95.89 5.63
C PHE B 651 -63.22 -95.27 6.37
N LYS B 652 -62.93 -94.15 7.00
CA LYS B 652 -63.94 -93.39 7.77
C LYS B 652 -65.11 -93.01 6.86
N ASP B 653 -64.75 -92.50 5.70
CA ASP B 653 -65.72 -92.07 4.69
C ASP B 653 -66.63 -93.23 4.30
N GLU B 654 -65.98 -94.36 4.05
CA GLU B 654 -66.66 -95.61 3.66
C GLU B 654 -67.68 -96.00 4.74
N LEU B 655 -67.21 -95.94 5.96
CA LEU B 655 -68.02 -96.29 7.14
C LEU B 655 -69.27 -95.40 7.19
N SER B 656 -69.36 -94.30 7.39
CA SER B 656 -69.38 -93.00 8.07
C SER B 656 -70.59 -92.18 7.62
N LYS B 657 -70.78 -92.17 6.31
CA LYS B 657 -71.88 -91.45 5.66
C LYS B 657 -73.22 -91.95 6.20
N SER B 668 -63.72 -81.13 -16.69
CA SER B 668 -62.47 -81.33 -15.90
C SER B 668 -61.69 -82.56 -16.37
N LYS B 669 -62.42 -83.63 -16.70
CA LYS B 669 -61.81 -84.87 -17.17
C LYS B 669 -61.33 -84.75 -18.62
N ALA B 670 -62.05 -83.97 -19.41
CA ALA B 670 -61.70 -83.72 -20.82
C ALA B 670 -60.51 -82.77 -20.94
N ILE B 671 -60.42 -81.83 -19.99
CA ILE B 671 -59.31 -80.88 -19.95
C ILE B 671 -58.01 -81.53 -19.49
N VAL B 672 -58.14 -82.52 -18.60
CA VAL B 672 -56.99 -83.28 -18.09
C VAL B 672 -56.46 -84.25 -19.15
N GLN B 673 -57.36 -84.77 -19.99
CA GLN B 673 -57.00 -85.66 -21.08
C GLN B 673 -56.33 -84.90 -22.22
N CYS B 674 -56.73 -83.65 -22.42
CA CYS B 674 -56.14 -82.77 -23.43
C CYS B 674 -54.75 -82.29 -23.01
N LEU B 675 -54.56 -82.13 -21.70
CA LEU B 675 -53.26 -81.74 -21.14
C LEU B 675 -52.25 -82.88 -21.20
N LYS B 676 -52.74 -84.11 -21.05
CA LYS B 676 -51.90 -85.31 -21.13
C LYS B 676 -51.48 -85.60 -22.57
N ASP B 677 -52.34 -85.25 -23.53
CA ASP B 677 -52.06 -85.42 -24.95
C ASP B 677 -51.06 -84.38 -25.46
N ALA B 678 -51.09 -83.20 -24.85
CA ALA B 678 -50.18 -82.12 -25.20
C ALA B 678 -48.77 -82.36 -24.66
N GLY B 679 -48.69 -83.02 -23.49
CA GLY B 679 -47.41 -83.32 -22.85
C GLY B 679 -46.72 -84.51 -23.52
N GLU B 688 -50.24 -94.19 -13.52
CA GLU B 688 -50.85 -93.30 -12.52
C GLU B 688 -50.27 -91.89 -12.54
N GLU B 689 -49.02 -91.74 -12.99
CA GLU B 689 -48.36 -90.45 -12.94
C GLU B 689 -49.04 -89.24 -13.56
N PHE B 690 -49.46 -89.32 -14.81
CA PHE B 690 -50.10 -88.14 -15.40
C PHE B 690 -51.46 -87.90 -14.75
N LEU B 691 -52.27 -88.96 -14.55
CA LEU B 691 -53.58 -88.82 -13.92
C LEU B 691 -53.44 -88.20 -12.53
N LYS B 692 -52.46 -88.66 -11.77
CA LYS B 692 -52.22 -88.10 -10.44
C LYS B 692 -51.83 -86.64 -10.56
N LYS B 693 -50.84 -86.37 -11.41
CA LYS B 693 -50.37 -85.00 -11.59
C LYS B 693 -51.51 -84.06 -11.99
N CYS B 694 -52.38 -84.50 -12.90
CA CYS B 694 -53.49 -83.64 -13.32
C CYS B 694 -54.46 -83.35 -12.21
N MET B 695 -54.76 -84.40 -11.44
CA MET B 695 -55.67 -84.29 -10.33
C MET B 695 -55.15 -83.25 -9.33
N GLN B 696 -53.85 -83.31 -9.05
CA GLN B 696 -53.26 -82.39 -8.10
C GLN B 696 -53.21 -80.95 -8.61
N PHE B 697 -52.89 -80.79 -9.89
CA PHE B 697 -52.82 -79.47 -10.49
C PHE B 697 -54.19 -78.80 -10.36
N TYR B 698 -55.24 -79.54 -10.71
CA TYR B 698 -56.60 -79.06 -10.63
C TYR B 698 -56.92 -78.67 -9.18
N TYR B 699 -56.64 -79.58 -8.25
CA TYR B 699 -56.89 -79.34 -6.83
C TYR B 699 -56.22 -78.09 -6.28
N MET B 700 -54.91 -77.98 -6.45
CA MET B 700 -54.19 -76.81 -5.94
C MET B 700 -54.47 -75.54 -6.72
N GLN B 701 -54.90 -75.69 -7.97
CA GLN B 701 -55.20 -74.53 -8.79
C GLN B 701 -56.45 -73.84 -8.23
N LYS B 702 -57.46 -74.62 -7.91
CA LYS B 702 -58.70 -74.10 -7.35
C LYS B 702 -58.18 -73.44 -6.08
N THR B 703 -58.51 -72.09 -5.78
CA THR B 703 -58.29 -71.28 -4.59
C THR B 703 -56.80 -71.22 -4.29
N GLN B 704 -56.64 -69.75 -4.78
CA GLN B 704 -55.31 -69.23 -4.53
C GLN B 704 -54.80 -69.27 -3.11
N GLN B 705 -53.92 -70.24 -2.84
CA GLN B 705 -53.32 -70.43 -1.55
C GLN B 705 -52.01 -71.19 -1.76
N ALA B 706 -51.10 -71.11 -0.79
CA ALA B 706 -49.84 -71.80 -0.92
C ALA B 706 -50.04 -73.31 -0.98
N LEU B 707 -49.36 -73.96 -1.91
CA LEU B 707 -49.33 -75.41 -2.00
C LEU B 707 -47.87 -75.82 -1.92
N ILE B 708 -47.54 -76.79 -1.07
CA ILE B 708 -46.14 -77.07 -0.84
C ILE B 708 -45.77 -78.39 -1.50
N LEU B 709 -45.01 -78.32 -2.60
CA LEU B 709 -44.59 -79.52 -3.32
C LEU B 709 -43.28 -80.07 -2.77
N VAL B 710 -43.30 -81.33 -2.34
CA VAL B 710 -42.12 -81.97 -1.78
C VAL B 710 -41.76 -83.24 -2.56
N GLY B 711 -40.65 -83.18 -3.29
CA GLY B 711 -40.19 -84.32 -4.06
C GLY B 711 -38.78 -84.14 -4.58
N LYS B 712 -38.16 -85.25 -5.02
CA LYS B 712 -36.80 -85.25 -5.57
C LYS B 712 -36.69 -84.37 -6.81
N ALA B 713 -35.47 -83.97 -7.14
CA ALA B 713 -35.23 -83.19 -8.34
C ALA B 713 -35.55 -84.03 -9.57
N GLY B 714 -36.26 -83.42 -10.53
CA GLY B 714 -36.62 -84.12 -11.74
C GLY B 714 -37.77 -85.08 -11.53
N CYS B 715 -38.70 -84.71 -10.65
CA CYS B 715 -39.85 -85.55 -10.35
C CYS B 715 -41.11 -85.00 -11.01
N GLY B 716 -41.54 -83.82 -10.56
CA GLY B 716 -42.73 -83.18 -11.10
C GLY B 716 -42.87 -81.74 -10.58
N LYS B 717 -42.39 -81.50 -9.37
CA LYS B 717 -42.46 -80.18 -8.77
C LYS B 717 -42.67 -79.10 -9.83
N THR B 718 -41.77 -79.04 -10.81
CA THR B 718 -41.87 -78.07 -11.87
C THR B 718 -42.62 -78.41 -13.15
N ALA B 719 -42.29 -79.51 -13.79
CA ALA B 719 -43.01 -79.84 -15.02
C ALA B 719 -44.45 -80.21 -14.72
N THR B 720 -44.68 -81.04 -13.68
CA THR B 720 -46.05 -81.44 -13.31
C THR B 720 -46.90 -80.20 -12.99
N TRP B 721 -46.31 -79.25 -12.26
CA TRP B 721 -47.04 -78.02 -11.94
C TRP B 721 -47.33 -77.25 -13.23
N LYS B 722 -46.30 -77.05 -14.03
CA LYS B 722 -46.45 -76.31 -15.26
C LYS B 722 -47.53 -76.93 -16.16
N THR B 723 -47.55 -78.26 -16.27
CA THR B 723 -48.54 -78.91 -17.12
C THR B 723 -49.95 -78.70 -16.60
N VAL B 724 -50.09 -78.84 -15.29
CA VAL B 724 -51.37 -78.66 -14.63
C VAL B 724 -51.92 -77.26 -14.93
N ILE B 725 -51.06 -76.26 -14.83
CA ILE B 725 -51.48 -74.89 -15.07
C ILE B 725 -51.83 -74.61 -16.53
N ASP B 726 -51.03 -75.15 -17.43
CA ASP B 726 -51.27 -74.96 -18.86
C ASP B 726 -52.67 -75.51 -19.20
N ALA B 727 -52.94 -76.71 -18.72
CA ALA B 727 -54.23 -77.35 -18.94
C ALA B 727 -55.35 -76.47 -18.36
N MET B 728 -55.18 -76.06 -17.11
CA MET B 728 -56.17 -75.22 -16.44
C MET B 728 -56.49 -73.92 -17.19
N ALA B 729 -55.47 -73.12 -17.49
CA ALA B 729 -55.69 -71.86 -18.17
C ALA B 729 -56.07 -72.03 -19.64
N ILE B 730 -55.73 -73.17 -20.21
CA ILE B 730 -56.07 -73.43 -21.60
C ILE B 730 -57.58 -73.60 -21.72
N PHE B 731 -58.15 -74.38 -20.81
CA PHE B 731 -59.58 -74.64 -20.81
C PHE B 731 -60.37 -73.39 -21.24
N ASP B 732 -59.87 -72.22 -20.84
CA ASP B 732 -60.51 -70.96 -21.19
C ASP B 732 -59.86 -69.99 -20.19
N GLY B 733 -59.31 -68.90 -20.71
CA GLY B 733 -58.66 -67.90 -19.88
C GLY B 733 -57.28 -68.21 -19.31
N HIS B 734 -56.38 -68.68 -20.17
CA HIS B 734 -55.03 -69.01 -19.74
C HIS B 734 -54.57 -68.09 -18.62
N ALA B 735 -54.24 -68.69 -17.47
CA ALA B 735 -53.79 -67.94 -16.32
C ALA B 735 -52.26 -67.91 -16.23
N ASN B 736 -51.67 -69.09 -16.25
CA ASN B 736 -50.22 -69.24 -16.11
C ASN B 736 -49.46 -68.28 -17.01
N VAL B 737 -48.23 -67.96 -16.61
CA VAL B 737 -47.66 -68.48 -15.37
C VAL B 737 -46.42 -67.68 -14.99
N VAL B 738 -45.77 -68.06 -13.89
CA VAL B 738 -44.58 -67.32 -13.46
C VAL B 738 -43.49 -68.36 -13.22
N TYR B 739 -42.46 -68.20 -13.01
CA TYR B 739 -41.50 -68.97 -12.22
C TYR B 739 -40.54 -68.05 -11.48
N VAL B 740 -40.01 -68.53 -10.35
CA VAL B 740 -39.09 -67.74 -9.55
C VAL B 740 -37.84 -68.53 -9.18
N ILE B 741 -37.33 -67.95 -8.74
CA ILE B 741 -36.84 -67.80 -7.38
C ILE B 741 -36.04 -69.02 -6.96
N ASP B 742 -35.99 -69.83 -7.98
CA ASP B 742 -35.24 -71.07 -7.82
C ASP B 742 -33.75 -70.79 -7.63
N THR B 743 -33.17 -70.01 -8.53
CA THR B 743 -31.76 -69.67 -8.46
C THR B 743 -31.41 -69.06 -7.10
N LYS B 744 -30.25 -69.46 -6.57
CA LYS B 744 -29.81 -68.96 -5.28
C LYS B 744 -29.09 -67.62 -5.43
N VAL B 745 -29.65 -66.56 -4.71
CA VAL B 745 -28.86 -65.33 -4.80
C VAL B 745 -29.84 -64.19 -4.51
N LEU B 746 -29.70 -63.05 -4.25
CA LEU B 746 -30.65 -62.04 -3.80
C LEU B 746 -30.76 -61.06 -4.95
N THR B 747 -31.33 -61.52 -6.07
CA THR B 747 -31.53 -60.64 -7.20
C THR B 747 -32.51 -59.54 -6.80
N LYS B 748 -33.55 -59.92 -6.08
CA LYS B 748 -34.53 -58.96 -5.57
C LYS B 748 -34.89 -59.21 -4.11
N GLU B 749 -33.94 -58.97 -3.21
CA GLU B 749 -34.21 -59.11 -1.77
C GLU B 749 -35.27 -58.09 -1.39
N SER B 750 -35.12 -56.90 -1.97
CA SER B 750 -36.05 -55.77 -1.78
C SER B 750 -36.19 -54.76 -2.92
N LEU B 751 -35.82 -55.15 -4.14
CA LEU B 751 -35.96 -54.23 -5.27
C LEU B 751 -36.47 -54.96 -6.49
N TYR B 752 -36.10 -56.23 -6.58
CA TYR B 752 -36.46 -57.12 -7.68
C TYR B 752 -37.83 -57.79 -7.49
N GLY B 753 -38.22 -58.07 -6.25
CA GLY B 753 -39.50 -58.72 -6.04
C GLY B 753 -40.62 -57.76 -6.41
N SER B 754 -40.26 -56.60 -5.64
CA SER B 754 -40.98 -55.39 -5.68
C SER B 754 -40.04 -54.29 -5.07
N MET B 755 -40.55 -52.97 -5.63
CA MET B 755 -39.80 -51.81 -5.28
C MET B 755 -38.30 -52.02 -5.75
N LEU B 756 -37.05 -52.12 -4.70
CA LEU B 756 -35.52 -52.02 -5.09
C LEU B 756 -34.41 -51.03 -5.44
N LYS B 757 -34.29 -49.77 -4.88
CA LYS B 757 -33.16 -48.88 -5.08
C LYS B 757 -31.79 -48.83 -4.41
N ALA B 758 -30.85 -48.12 -5.03
CA ALA B 758 -29.48 -47.98 -4.49
C ALA B 758 -29.21 -46.91 -3.37
N THR B 759 -29.54 -46.31 -4.54
CA THR B 759 -29.64 -44.87 -4.82
C THR B 759 -30.54 -44.17 -3.79
N LEU B 760 -30.22 -42.93 -3.50
CA LEU B 760 -31.01 -42.17 -2.56
C LEU B 760 -31.95 -41.22 -3.30
N GLU B 761 -33.23 -41.66 -3.14
CA GLU B 761 -34.23 -40.87 -3.68
C GLU B 761 -34.34 -41.28 -5.25
N TRP B 762 -33.87 -42.51 -5.49
CA TRP B 762 -33.81 -43.09 -6.83
C TRP B 762 -35.14 -43.32 -7.54
N ARG B 763 -36.13 -43.84 -6.83
CA ARG B 763 -37.45 -44.10 -7.43
C ARG B 763 -38.25 -45.05 -8.34
N ASP B 764 -37.84 -46.32 -8.39
CA ASP B 764 -37.86 -47.33 -9.45
C ASP B 764 -39.10 -48.23 -9.32
N GLY B 765 -39.53 -48.85 -10.42
CA GLY B 765 -40.69 -49.73 -10.36
C GLY B 765 -40.22 -51.15 -10.15
N LEU B 766 -40.76 -51.82 -9.15
CA LEU B 766 -40.39 -53.20 -8.85
C LEU B 766 -41.18 -54.17 -9.73
N PHE B 767 -41.03 -55.46 -9.47
CA PHE B 767 -41.76 -56.44 -10.25
C PHE B 767 -43.24 -56.26 -10.06
N THR B 768 -43.50 -56.42 -8.67
CA THR B 768 -44.91 -56.29 -8.30
C THR B 768 -45.56 -55.26 -9.22
N SER B 769 -44.77 -54.27 -9.63
CA SER B 769 -45.22 -53.21 -10.53
C SER B 769 -45.54 -53.74 -11.93
N ILE B 770 -44.77 -54.74 -12.37
CA ILE B 770 -44.98 -55.38 -13.65
C ILE B 770 -46.29 -56.17 -13.68
N LEU B 771 -46.64 -56.76 -12.54
CA LEU B 771 -47.92 -57.46 -12.38
C LEU B 771 -49.08 -56.47 -12.25
N ARG B 772 -48.81 -55.32 -11.67
CA ARG B 772 -49.80 -54.26 -11.52
C ARG B 772 -50.09 -53.54 -12.85
N ARG B 773 -49.04 -53.41 -13.67
CA ARG B 773 -49.16 -52.79 -14.99
C ARG B 773 -49.87 -53.70 -15.99
N VAL B 774 -49.72 -55.01 -15.81
CA VAL B 774 -50.36 -56.01 -16.65
C VAL B 774 -51.87 -56.09 -16.37
N ASN B 775 -52.24 -55.88 -15.11
CA ASN B 775 -53.64 -55.89 -14.70
C ASN B 775 -54.36 -54.58 -15.06
N ASP B 776 -53.69 -53.52 -15.09
CA ASP B 776 -54.16 -52.16 -15.31
C ASP B 776 -54.24 -51.79 -16.80
N ASP B 777 -53.53 -52.33 -17.61
CA ASP B 777 -53.47 -52.26 -19.07
C ASP B 777 -54.55 -53.13 -19.69
N ILE B 778 -54.31 -53.45 -21.00
CA ILE B 778 -55.35 -54.15 -21.75
C ILE B 778 -55.42 -55.48 -21.00
N THR B 779 -56.15 -55.32 -19.79
CA THR B 779 -56.33 -56.49 -18.95
C THR B 779 -57.27 -57.39 -19.74
N GLY B 780 -56.71 -58.28 -20.55
CA GLY B 780 -57.50 -59.20 -21.35
C GLY B 780 -58.09 -60.32 -20.50
N THR B 781 -59.39 -60.56 -20.66
CA THR B 781 -60.07 -61.60 -19.90
C THR B 781 -61.35 -62.04 -20.61
N PHE B 782 -61.63 -63.34 -20.55
CA PHE B 782 -60.77 -64.27 -19.84
C PHE B 782 -59.53 -64.62 -20.66
N LYS B 783 -58.39 -64.71 -19.99
CA LYS B 783 -58.33 -64.51 -18.55
C LYS B 783 -56.93 -64.07 -18.11
N ASN B 784 -56.86 -63.37 -16.98
CA ASN B 784 -55.59 -62.90 -16.46
C ASN B 784 -54.91 -63.98 -15.62
N SER B 785 -54.60 -64.65 -16.13
CA SER B 785 -53.93 -65.76 -15.45
C SER B 785 -53.01 -65.35 -14.30
N ARG B 786 -53.10 -66.39 -13.31
CA ARG B 786 -52.56 -65.92 -12.03
C ARG B 786 -52.06 -67.14 -11.29
N ILE B 787 -50.79 -67.47 -11.50
CA ILE B 787 -50.17 -68.63 -10.85
C ILE B 787 -48.67 -68.43 -10.70
N TRP B 788 -48.19 -68.47 -9.46
CA TRP B 788 -46.77 -68.29 -9.18
C TRP B 788 -46.16 -69.56 -8.58
N VAL B 789 -45.12 -70.08 -9.24
CA VAL B 789 -44.39 -71.22 -8.71
C VAL B 789 -42.95 -70.81 -8.43
N VAL B 790 -42.47 -71.09 -7.22
CA VAL B 790 -41.12 -70.67 -6.83
C VAL B 790 -40.26 -71.85 -6.41
N PHE B 791 -39.27 -72.17 -7.22
CA PHE B 791 -38.37 -73.28 -6.96
C PHE B 791 -37.08 -72.88 -6.30
N ASP B 792 -36.48 -73.81 -5.56
CA ASP B 792 -35.24 -73.55 -4.86
C ASP B 792 -34.41 -74.79 -4.64
N SER B 793 -33.29 -74.63 -3.94
CA SER B 793 -33.08 -73.39 -3.18
C SER B 793 -33.00 -72.15 -4.06
N ASP B 794 -33.78 -71.14 -3.68
CA ASP B 794 -33.74 -69.82 -4.31
C ASP B 794 -34.38 -68.79 -3.39
N LEU B 795 -34.39 -67.66 -3.63
CA LEU B 795 -34.80 -66.42 -2.97
C LEU B 795 -34.11 -66.15 -1.63
N ASP B 796 -35.42 -65.51 -0.83
CA ASP B 796 -35.32 -65.16 0.58
C ASP B 796 -36.71 -65.24 1.23
N PRO B 797 -36.22 -65.47 2.36
CA PRO B 797 -37.50 -65.55 3.03
C PRO B 797 -38.31 -64.34 2.59
N GLU B 798 -37.36 -63.19 2.04
CA GLU B 798 -38.10 -62.01 1.61
C GLU B 798 -38.73 -62.69 0.40
N TYR B 799 -39.59 -63.69 0.63
CA TYR B 799 -40.80 -64.13 -0.06
C TYR B 799 -41.94 -64.27 0.95
N VAL B 800 -41.61 -64.78 2.13
CA VAL B 800 -42.60 -64.97 3.18
C VAL B 800 -43.15 -63.62 3.66
N GLU B 801 -42.26 -62.64 3.79
CA GLU B 801 -42.66 -61.31 4.22
C GLU B 801 -43.51 -60.60 3.17
N ALA B 802 -43.23 -60.88 1.90
CA ALA B 802 -43.96 -60.27 0.80
C ALA B 802 -45.29 -60.99 0.59
N MET B 803 -45.22 -62.22 0.11
CA MET B 803 -46.42 -63.02 -0.14
C MET B 803 -47.41 -62.87 1.02
N ASN B 804 -46.88 -62.53 2.19
CA ASN B 804 -47.70 -62.35 3.38
C ASN B 804 -48.61 -61.12 3.26
N SER B 805 -48.02 -60.00 2.89
CA SER B 805 -48.76 -58.76 2.73
C SER B 805 -50.01 -58.96 1.86
N VAL B 806 -49.90 -59.86 0.89
CA VAL B 806 -51.01 -60.15 -0.01
C VAL B 806 -52.44 -60.08 0.49
N LEU B 807 -53.31 -59.45 -0.31
CA LEU B 807 -52.90 -58.89 -1.59
C LEU B 807 -52.25 -57.52 -1.76
N ASP B 808 -51.98 -56.86 -0.64
CA ASP B 808 -51.35 -55.55 -0.67
C ASP B 808 -49.89 -55.65 -0.26
N ASP B 809 -49.31 -54.52 0.14
CA ASP B 809 -47.92 -54.48 0.57
C ASP B 809 -47.56 -53.14 1.20
N ASN B 810 -46.52 -53.14 2.03
CA ASN B 810 -46.08 -51.91 2.69
C ASN B 810 -44.68 -52.08 3.27
N LYS B 811 -43.77 -51.22 2.85
CA LYS B 811 -42.39 -51.26 3.33
C LYS B 811 -41.62 -50.01 2.93
N GLY B 818 -42.08 -47.26 3.39
CA GLY B 818 -43.00 -46.14 3.43
C GLY B 818 -43.96 -46.13 2.27
N GLU B 819 -44.45 -47.31 1.90
CA GLU B 819 -45.38 -47.44 0.79
C GLU B 819 -46.30 -48.64 0.98
N ARG B 820 -47.18 -48.88 0.00
CA ARG B 820 -48.11 -50.00 0.06
C ARG B 820 -49.04 -49.99 -1.15
N LEU B 821 -49.76 -51.10 -1.33
CA LEU B 821 -50.70 -51.23 -2.45
C LEU B 821 -51.69 -52.36 -2.20
N PRO B 822 -52.34 -52.80 -3.27
CA PRO B 822 -53.32 -53.88 -3.19
C PRO B 822 -53.94 -54.13 -4.56
N ILE B 823 -54.31 -55.31 -4.74
CA ILE B 823 -55.09 -55.88 -5.84
C ILE B 823 -55.82 -57.18 -5.55
N PRO B 824 -55.87 -57.69 -7.02
CA PRO B 824 -56.53 -58.98 -7.18
C PRO B 824 -55.80 -59.77 -8.26
N PRO B 825 -56.11 -61.21 -8.38
CA PRO B 825 -55.49 -62.09 -9.37
C PRO B 825 -56.55 -63.13 -9.74
N ASN B 826 -56.80 -63.92 -8.81
CA ASN B 826 -56.06 -64.00 -7.54
C ASN B 826 -54.68 -64.65 -7.58
N PHE B 827 -54.65 -65.89 -8.07
CA PHE B 827 -53.39 -66.62 -8.19
C PHE B 827 -52.55 -67.32 -7.12
N ARG B 828 -52.72 -68.53 -6.86
CA ARG B 828 -51.95 -69.24 -5.83
C ARG B 828 -50.44 -69.41 -5.82
N ILE B 829 -49.91 -69.83 -4.69
CA ILE B 829 -48.47 -70.03 -4.54
C ILE B 829 -48.11 -71.50 -4.44
N LEU B 830 -47.24 -71.96 -5.35
CA LEU B 830 -46.73 -73.32 -5.30
C LEU B 830 -45.22 -73.30 -5.09
N PHE B 831 -44.79 -74.02 -4.07
CA PHE B 831 -43.50 -73.83 -3.41
C PHE B 831 -42.28 -74.22 -4.24
N GLU B 832 -41.10 -73.74 -3.85
CA GLU B 832 -39.88 -74.08 -4.58
C GLU B 832 -39.25 -75.39 -4.08
N THR B 833 -39.07 -76.41 -5.30
CA THR B 833 -38.59 -77.69 -4.76
C THR B 833 -37.61 -77.41 -3.61
N ASP B 834 -37.73 -77.65 -2.47
CA ASP B 834 -36.67 -77.66 -1.46
C ASP B 834 -37.34 -77.95 -0.12
N ASN B 835 -36.64 -78.60 0.81
CA ASN B 835 -37.21 -78.75 2.14
C ASN B 835 -36.16 -78.44 3.20
N LEU B 836 -36.27 -77.49 4.17
CA LEU B 836 -35.60 -76.80 5.15
C LEU B 836 -36.26 -76.05 6.16
N ASP B 837 -35.48 -75.35 6.47
CA ASP B 837 -35.86 -74.39 7.48
C ASP B 837 -36.82 -73.55 6.73
N HIS B 838 -36.33 -73.25 5.74
CA HIS B 838 -37.28 -72.39 4.78
C HIS B 838 -38.51 -73.00 4.54
N THR B 839 -38.44 -74.40 4.67
CA THR B 839 -39.75 -74.99 4.42
C THR B 839 -40.51 -74.91 5.72
N THR B 840 -39.77 -74.99 6.83
CA THR B 840 -40.35 -74.90 8.15
C THR B 840 -40.74 -73.46 8.40
N PRO B 841 -40.11 -72.55 7.65
CA PRO B 841 -40.41 -71.13 7.79
C PRO B 841 -41.75 -70.78 7.15
N ALA B 842 -41.91 -71.19 5.92
CA ALA B 842 -43.12 -70.93 5.20
C ALA B 842 -44.22 -71.78 5.76
N THR B 843 -44.03 -73.08 5.83
CA THR B 843 -45.07 -74.03 6.35
C THR B 843 -45.60 -73.70 7.81
N ILE B 844 -44.67 -73.01 8.46
CA ILE B 844 -44.87 -72.41 9.65
C ILE B 844 -45.89 -71.15 9.58
N THR B 845 -45.78 -70.34 8.54
CA THR B 845 -46.97 -69.95 7.78
C THR B 845 -47.14 -70.87 6.52
N ARG B 846 -48.49 -71.44 6.52
CA ARG B 846 -48.87 -72.50 5.58
C ARG B 846 -48.36 -73.85 6.09
N CYS B 847 -48.14 -75.01 5.07
CA CYS B 847 -48.96 -74.99 3.85
C CYS B 847 -49.42 -76.41 3.51
N GLY B 848 -50.41 -76.54 2.61
CA GLY B 848 -50.89 -77.86 2.17
C GLY B 848 -49.74 -78.56 1.48
N LEU B 849 -49.61 -79.89 1.67
CA LEU B 849 -48.32 -80.50 1.39
C LEU B 849 -48.43 -81.67 0.42
N LEU B 850 -47.82 -81.53 -0.75
CA LEU B 850 -47.87 -82.57 -1.78
C LEU B 850 -46.52 -83.25 -1.95
N TRP B 851 -46.51 -84.58 -1.96
CA TRP B 851 -45.28 -85.35 -2.13
C TRP B 851 -45.21 -86.00 -3.50
N PHE B 852 -44.05 -85.90 -4.14
CA PHE B 852 -43.84 -86.50 -5.45
C PHE B 852 -42.85 -87.65 -5.40
N SER B 860 -39.98 -93.96 -17.42
CA SER B 860 -38.68 -93.74 -18.07
C SER B 860 -38.76 -93.93 -19.58
N SER B 861 -39.61 -94.87 -20.01
CA SER B 861 -39.82 -95.14 -21.43
C SER B 861 -40.66 -94.04 -22.08
N LYS B 862 -41.57 -93.45 -21.31
CA LYS B 862 -42.41 -92.35 -21.79
C LYS B 862 -41.62 -91.05 -21.90
N ILE B 863 -40.64 -90.88 -21.01
CA ILE B 863 -39.76 -89.70 -21.03
C ILE B 863 -38.76 -89.77 -22.18
N ASP B 864 -38.34 -90.99 -22.52
CA ASP B 864 -37.43 -91.22 -23.63
C ASP B 864 -38.13 -91.04 -24.99
N HIS B 865 -39.42 -91.38 -25.02
CA HIS B 865 -40.24 -91.21 -26.21
C HIS B 865 -40.58 -89.74 -26.46
N LEU B 866 -40.73 -88.99 -25.37
CA LEU B 866 -41.01 -87.56 -25.44
C LEU B 866 -39.77 -86.77 -25.87
N LEU B 867 -38.59 -87.26 -25.47
CA LEU B 867 -37.32 -86.66 -25.85
C LEU B 867 -36.98 -86.95 -27.31
N ASN B 868 -37.41 -88.12 -27.79
CA ASN B 868 -37.22 -88.51 -29.18
C ASN B 868 -38.14 -87.72 -30.12
N LYS B 869 -39.33 -87.38 -29.62
CA LYS B 869 -40.28 -86.57 -30.36
C LYS B 869 -39.85 -85.10 -30.42
N SER B 870 -39.18 -84.65 -29.36
CA SER B 870 -38.65 -83.29 -29.28
C SER B 870 -37.42 -83.12 -30.18
N TYR B 871 -36.62 -84.19 -30.28
CA TYR B 871 -35.44 -84.21 -31.15
C TYR B 871 -35.84 -84.29 -32.63
N GLU B 872 -36.96 -84.96 -32.90
CA GLU B 872 -37.51 -85.05 -34.25
C GLU B 872 -38.14 -83.73 -34.68
N ALA B 873 -38.70 -83.01 -33.72
CA ALA B 873 -39.32 -81.71 -33.96
C ALA B 873 -38.29 -80.63 -34.28
N LEU B 874 -37.10 -80.76 -33.71
CA LEU B 874 -35.98 -79.85 -33.97
C LEU B 874 -35.43 -80.04 -35.39
N ASP B 875 -35.24 -81.38 -35.67
CA ASP B 875 -34.64 -81.70 -36.95
C ASP B 875 -35.56 -81.18 -37.91
N ASN B 876 -36.86 -81.41 -37.70
CA ASN B 876 -37.79 -80.95 -38.71
C ASN B 876 -37.33 -81.59 -40.02
N LYS B 877 -36.95 -80.71 -41.21
CA LYS B 877 -36.36 -81.17 -42.63
C LYS B 877 -37.59 -81.59 -43.46
N LEU B 878 -38.96 -81.58 -42.80
CA LEU B 878 -40.14 -81.79 -43.64
C LEU B 878 -40.37 -83.22 -44.15
N SER B 879 -39.65 -84.22 -43.64
CA SER B 879 -39.93 -85.60 -44.14
C SER B 879 -40.31 -86.78 -43.18
N MET B 880 -40.75 -87.90 -43.77
CA MET B 880 -41.15 -89.17 -43.11
C MET B 880 -40.11 -90.30 -43.07
N PHE B 881 -39.29 -90.44 -44.10
CA PHE B 881 -38.26 -91.51 -44.14
C PHE B 881 -37.17 -91.34 -43.08
N GLU B 882 -36.88 -90.10 -42.71
CA GLU B 882 -35.98 -89.79 -41.61
C GLU B 882 -36.65 -90.08 -40.27
N LEU B 883 -37.97 -89.95 -40.25
CA LEU B 883 -38.78 -90.30 -39.08
C LEU B 883 -38.98 -91.82 -38.99
N ASP B 884 -38.84 -92.49 -40.14
CA ASP B 884 -38.89 -93.96 -40.19
C ASP B 884 -37.63 -94.57 -39.59
N LYS B 885 -36.50 -93.87 -39.75
CA LYS B 885 -35.24 -94.25 -39.13
C LYS B 885 -35.25 -93.93 -37.64
N LEU B 886 -35.98 -92.88 -37.27
CA LEU B 886 -36.15 -92.48 -35.88
C LEU B 886 -37.06 -93.45 -35.12
N LYS B 887 -38.04 -94.00 -35.83
CA LYS B 887 -38.96 -95.00 -35.27
C LYS B 887 -38.27 -96.35 -35.10
N ASP B 888 -37.32 -96.64 -36.00
CA ASP B 888 -36.54 -97.88 -35.94
C ASP B 888 -35.49 -97.82 -34.83
N LEU B 889 -34.97 -96.62 -34.57
CA LEU B 889 -33.99 -96.39 -33.51
C LEU B 889 -34.67 -96.42 -32.13
N ILE B 890 -35.92 -95.99 -32.08
CA ILE B 890 -36.67 -95.96 -30.83
C ILE B 890 -37.59 -97.18 -30.71
N SER B 891 -36.99 -98.37 -30.71
CA SER B 891 -37.74 -99.62 -30.60
C SER B 891 -37.32 -100.41 -29.37
N ASP B 892 -37.75 -101.72 -29.36
CA ASP B 892 -37.39 -102.56 -28.23
C ASP B 892 -36.17 -102.34 -27.34
N SER B 893 -36.36 -101.75 -26.19
CA SER B 893 -35.27 -101.53 -25.24
C SER B 893 -35.74 -101.42 -23.80
N PHE B 894 -37.01 -101.73 -23.58
CA PHE B 894 -37.60 -101.66 -22.23
C PHE B 894 -36.77 -102.50 -21.25
N ASP B 895 -36.47 -103.70 -21.71
CA ASP B 895 -35.68 -104.68 -20.94
C ASP B 895 -34.32 -104.08 -20.57
N MET B 896 -33.71 -103.50 -21.59
CA MET B 896 -32.39 -102.86 -21.47
C MET B 896 -32.44 -101.77 -20.39
N ALA B 897 -33.47 -100.96 -20.50
CA ALA B 897 -33.72 -99.84 -19.57
C ALA B 897 -33.81 -100.36 -18.14
N SER B 898 -34.58 -101.42 -18.00
CA SER B 898 -34.81 -102.07 -16.70
C SER B 898 -33.47 -102.52 -16.10
N LEU B 899 -32.69 -103.16 -16.95
CA LEU B 899 -31.37 -103.67 -16.58
C LEU B 899 -30.49 -102.54 -16.07
N THR B 900 -30.50 -101.46 -16.82
CA THR B 900 -29.73 -100.25 -16.50
C THR B 900 -30.12 -99.73 -15.12
N ASN B 901 -31.42 -99.66 -14.91
CA ASN B 901 -32.01 -99.20 -13.65
C ASN B 901 -31.50 -100.06 -12.48
N ILE B 902 -31.55 -101.36 -12.71
CA ILE B 902 -31.11 -102.36 -11.73
C ILE B 902 -29.65 -102.11 -11.35
N PHE B 903 -28.85 -101.92 -12.38
CA PHE B 903 -27.41 -101.67 -12.25
C PHE B 903 -27.17 -100.44 -11.37
N THR B 904 -27.92 -99.40 -11.70
CA THR B 904 -27.85 -98.11 -10.99
C THR B 904 -28.15 -98.32 -9.50
N CYS B 905 -29.21 -99.07 -9.26
CA CYS B 905 -29.67 -99.39 -7.91
C CYS B 905 -28.55 -100.09 -7.13
N SER B 906 -27.96 -101.07 -7.80
CA SER B 906 -26.86 -101.87 -7.23
C SER B 906 -25.71 -100.96 -6.83
N ASN B 907 -25.37 -100.06 -7.74
CA ASN B 907 -24.28 -99.10 -7.55
C ASN B 907 -24.55 -98.25 -6.30
N VAL B 915 -32.21 -88.75 -8.99
CA VAL B 915 -30.97 -88.24 -9.55
C VAL B 915 -30.71 -88.79 -10.95
N ARG B 916 -31.16 -90.01 -11.19
CA ARG B 916 -31.04 -90.66 -12.49
C ARG B 916 -32.02 -90.07 -13.51
N THR B 917 -32.43 -89.19 -13.34
CA THR B 917 -33.47 -89.70 -14.22
C THR B 917 -33.60 -88.78 -15.43
N PHE B 918 -33.49 -87.48 -15.18
CA PHE B 918 -33.62 -86.47 -16.24
C PHE B 918 -32.29 -86.45 -16.99
N ASN B 919 -31.25 -86.23 -16.20
CA ASN B 919 -29.76 -86.21 -16.56
C ASN B 919 -29.43 -87.36 -17.43
N LYS B 920 -29.99 -88.45 -17.08
CA LYS B 920 -29.79 -89.63 -17.93
C LYS B 920 -30.59 -89.53 -19.22
N LEU B 921 -31.76 -88.89 -19.15
CA LEU B 921 -32.62 -88.68 -20.31
C LEU B 921 -32.06 -87.59 -21.23
N GLU B 922 -31.40 -86.59 -20.63
CA GLU B 922 -30.75 -85.51 -21.38
C GLU B 922 -29.48 -85.99 -22.06
N THR B 923 -28.80 -86.93 -21.41
CA THR B 923 -27.58 -87.54 -21.96
C THR B 923 -27.90 -88.51 -23.09
N ALA B 924 -29.06 -89.15 -23.00
CA ALA B 924 -29.51 -90.09 -24.03
C ALA B 924 -29.98 -89.38 -25.30
N VAL B 925 -30.58 -88.20 -25.13
CA VAL B 925 -31.07 -87.39 -26.25
C VAL B 925 -29.92 -86.77 -27.05
N GLN B 926 -28.86 -86.37 -26.34
CA GLN B 926 -27.68 -85.79 -26.98
C GLN B 926 -26.84 -86.85 -27.69
N LEU B 927 -26.83 -88.07 -27.13
CA LEU B 927 -26.09 -89.19 -27.70
C LEU B 927 -26.78 -89.78 -28.92
N ALA B 928 -28.11 -89.79 -28.90
CA ALA B 928 -28.92 -90.29 -30.01
C ALA B 928 -28.85 -89.37 -31.22
N VAL B 929 -28.78 -88.07 -30.96
CA VAL B 929 -28.68 -87.05 -32.02
C VAL B 929 -27.28 -87.06 -32.65
N HIS B 930 -26.25 -87.29 -31.86
CA HIS B 930 -24.90 -87.32 -32.41
C HIS B 930 -24.87 -88.61 -33.22
N LEU B 931 -25.42 -89.64 -32.58
CA LEU B 931 -25.51 -90.98 -33.14
C LEU B 931 -26.40 -91.02 -34.37
N ILE B 932 -27.52 -90.31 -34.32
CA ILE B 932 -28.42 -90.29 -35.46
C ILE B 932 -27.71 -89.70 -36.66
N SER B 933 -26.98 -88.61 -36.42
CA SER B 933 -26.24 -87.95 -37.49
C SER B 933 -25.19 -88.89 -38.06
N SER B 934 -24.51 -89.60 -37.16
CA SER B 934 -23.48 -90.53 -37.61
C SER B 934 -24.09 -91.63 -38.48
N TYR B 935 -25.25 -92.09 -38.06
CA TYR B 935 -25.96 -93.13 -38.78
C TYR B 935 -26.36 -92.63 -40.16
N ARG B 936 -26.82 -91.39 -40.23
CA ARG B 936 -27.23 -90.82 -41.49
C ARG B 936 -26.03 -90.74 -42.42
N GLN B 937 -24.89 -90.34 -41.85
CA GLN B 937 -23.67 -90.23 -42.65
C GLN B 937 -23.28 -91.60 -43.20
N TRP B 938 -23.39 -92.62 -42.34
CA TRP B 938 -23.04 -93.98 -42.75
C TRP B 938 -23.95 -94.44 -43.87
N PHE B 939 -25.41 -93.54 -43.84
CA PHE B 939 -26.38 -94.00 -44.84
C PHE B 939 -25.70 -94.87 -45.90
N GLN B 940 -25.58 -94.64 -47.10
CA GLN B 940 -25.02 -95.28 -48.28
C GLN B 940 -26.01 -96.41 -47.99
N ASN B 941 -25.48 -97.59 -47.69
CA ASN B 941 -26.30 -98.75 -47.37
C ASN B 941 -27.62 -98.81 -46.60
N LEU B 942 -27.70 -97.98 -45.57
CA LEU B 942 -28.64 -98.19 -44.48
C LEU B 942 -27.97 -99.23 -43.60
N ASP B 943 -26.66 -99.35 -43.79
CA ASP B 943 -25.87 -100.49 -43.34
C ASP B 943 -26.33 -101.74 -44.08
N ASP B 944 -26.66 -102.79 -43.35
CA ASP B 944 -26.89 -104.11 -43.92
C ASP B 944 -28.40 -104.27 -44.05
N LYS B 945 -29.13 -103.19 -43.78
CA LYS B 945 -30.56 -103.25 -43.59
C LYS B 945 -30.71 -103.64 -42.13
N SER B 946 -29.79 -103.93 -41.46
CA SER B 946 -29.57 -104.08 -40.03
C SER B 946 -28.12 -103.96 -39.56
N LEU B 947 -27.22 -103.49 -40.06
CA LEU B 947 -25.88 -103.32 -39.52
C LEU B 947 -25.52 -102.00 -38.85
N LYS B 948 -25.79 -100.90 -39.55
CA LYS B 948 -25.51 -99.57 -39.02
C LYS B 948 -26.41 -99.30 -37.83
N ASP B 949 -27.63 -99.81 -37.89
CA ASP B 949 -28.56 -99.60 -36.80
C ASP B 949 -28.00 -100.25 -35.55
N VAL B 950 -27.45 -101.45 -35.70
CA VAL B 950 -26.86 -102.19 -34.60
C VAL B 950 -25.68 -101.43 -34.04
N ILE B 951 -24.87 -100.86 -34.91
CA ILE B 951 -23.70 -100.10 -34.49
C ILE B 951 -24.14 -98.88 -33.68
N THR B 952 -25.19 -98.20 -34.14
CA THR B 952 -25.70 -97.03 -33.44
C THR B 952 -26.21 -97.47 -32.08
N LEU B 953 -26.88 -98.62 -32.09
CA LEU B 953 -27.44 -99.23 -30.91
C LEU B 953 -26.33 -99.58 -29.96
N LEU B 954 -25.21 -100.09 -30.47
CA LEU B 954 -24.14 -100.42 -29.53
C LEU B 954 -23.44 -99.17 -29.03
N ILE B 955 -23.32 -98.17 -29.90
CA ILE B 955 -22.71 -96.88 -29.56
C ILE B 955 -23.60 -96.08 -28.60
N LYS B 956 -24.92 -96.25 -28.77
CA LYS B 956 -25.90 -95.61 -27.88
C LYS B 956 -25.96 -96.30 -26.53
N ARG B 957 -25.73 -97.61 -26.53
CA ARG B 957 -25.72 -98.41 -25.30
C ARG B 957 -24.44 -98.17 -24.48
N SER B 958 -23.44 -97.60 -25.15
CA SER B 958 -22.22 -97.16 -24.48
C SER B 958 -22.35 -95.67 -23.81
N LEU B 959 -23.32 -94.71 -24.30
CA LEU B 959 -23.54 -93.28 -23.73
C LEU B 959 -24.07 -93.30 -22.32
N LEU B 960 -24.93 -94.37 -22.16
CA LEU B 960 -25.53 -94.64 -20.88
C LEU B 960 -24.47 -94.87 -19.96
N TYR B 961 -23.49 -95.58 -20.51
CA TYR B 961 -22.40 -95.92 -19.74
C TYR B 961 -21.70 -94.56 -19.23
N ALA B 962 -21.55 -93.59 -20.07
CA ALA B 962 -20.88 -92.30 -19.69
C ALA B 962 -21.65 -91.56 -18.57
N LEU B 963 -22.95 -91.62 -18.65
CA LEU B 963 -23.77 -91.01 -17.61
C LEU B 963 -23.61 -91.67 -16.30
N ALA B 964 -23.55 -93.00 -16.36
CA ALA B 964 -23.38 -93.82 -15.16
C ALA B 964 -22.06 -93.50 -14.46
N GLY B 965 -20.98 -93.54 -15.22
CA GLY B 965 -19.65 -93.26 -14.68
C GLY B 965 -19.34 -94.15 -13.49
N ASP B 966 -18.06 -94.40 -13.25
CA ASP B 966 -17.00 -93.85 -14.11
C ASP B 966 -15.75 -93.54 -13.30
N SER B 967 -15.95 -93.02 -12.08
CA SER B 967 -14.84 -92.67 -11.21
C SER B 967 -13.58 -93.43 -11.59
N THR B 968 -13.16 -94.36 -10.72
CA THR B 968 -11.97 -95.16 -10.97
C THR B 968 -12.33 -96.62 -11.17
N GLY B 969 -12.83 -97.26 -10.11
CA GLY B 969 -13.21 -98.66 -10.18
C GLY B 969 -14.24 -98.91 -11.28
N GLU B 970 -15.11 -97.92 -11.50
CA GLU B 970 -16.14 -98.02 -12.51
C GLU B 970 -15.83 -98.24 -14.00
N SER B 971 -14.77 -97.67 -14.59
CA SER B 971 -14.74 -97.91 -16.03
C SER B 971 -14.82 -99.40 -16.35
N GLN B 972 -14.26 -100.22 -15.47
CA GLN B 972 -14.31 -101.68 -15.61
C GLN B 972 -15.70 -102.22 -15.29
N ARG B 973 -16.39 -101.56 -14.36
CA ARG B 973 -17.76 -101.92 -14.00
C ARG B 973 -18.75 -101.49 -15.07
N ALA B 974 -18.43 -100.40 -15.77
CA ALA B 974 -19.25 -99.89 -16.87
C ALA B 974 -19.11 -100.77 -18.12
N PHE B 975 -17.90 -101.27 -18.34
CA PHE B 975 -17.65 -102.11 -19.51
C PHE B 975 -18.21 -103.51 -19.33
N ILE B 976 -17.88 -104.14 -18.21
CA ILE B 976 -18.36 -105.48 -17.92
C ILE B 976 -19.86 -105.51 -17.68
N GLN B 977 -20.31 -104.61 -16.81
CA GLN B 977 -21.73 -104.51 -16.48
C GLN B 977 -22.49 -104.01 -17.68
N THR B 978 -21.90 -103.04 -18.37
CA THR B 978 -22.53 -102.49 -19.57
C THR B 978 -22.60 -103.63 -20.58
N ILE B 979 -21.58 -104.46 -20.68
CA ILE B 979 -21.67 -105.63 -21.59
C ILE B 979 -22.74 -106.70 -21.19
N ASN B 980 -22.60 -107.15 -19.95
CA ASN B 980 -23.12 -108.44 -19.52
C ASN B 980 -24.62 -108.49 -19.44
N THR B 981 -25.15 -107.68 -18.55
CA THR B 981 -26.59 -107.62 -18.39
C THR B 981 -27.19 -107.16 -19.71
N TYR B 982 -26.42 -107.11 -20.80
CA TYR B 982 -27.09 -106.63 -22.00
C TYR B 982 -26.56 -107.91 -22.64
N PHE B 983 -26.85 -108.19 -23.84
CA PHE B 983 -27.30 -109.02 -24.95
C PHE B 983 -28.68 -109.58 -24.62
N GLY B 984 -28.64 -111.20 -24.46
CA GLY B 984 -30.00 -111.68 -24.25
C GLY B 984 -31.00 -112.04 -25.34
N HIS B 985 -30.74 -112.04 -26.56
CA HIS B 985 -29.51 -111.40 -27.02
C HIS B 985 -27.98 -111.38 -26.94
N ASP B 986 -27.39 -112.52 -26.62
CA ASP B 986 -25.94 -112.66 -26.56
C ASP B 986 -25.29 -112.41 -27.92
N SER B 987 -25.98 -112.79 -28.99
CA SER B 987 -25.51 -112.58 -30.36
C SER B 987 -25.62 -111.12 -30.77
N GLN B 988 -26.64 -110.43 -30.24
CA GLN B 988 -26.84 -109.01 -30.50
C GLN B 988 -25.82 -108.14 -29.77
N GLU B 989 -25.39 -108.61 -28.58
CA GLU B 989 -24.38 -107.92 -27.79
C GLU B 989 -22.97 -108.11 -28.37
N LEU B 990 -22.75 -109.26 -29.00
CA LEU B 990 -21.48 -109.57 -29.64
C LEU B 990 -21.28 -108.79 -30.94
N SER B 991 -22.38 -108.56 -31.66
CA SER B 991 -22.37 -107.78 -32.90
C SER B 991 -22.24 -106.28 -32.62
N ASP B 992 -22.72 -105.86 -31.47
CA ASP B 992 -22.67 -104.45 -31.08
C ASP B 992 -21.29 -104.07 -30.58
N ASP B 1001 -14.53 -102.60 -25.45
CA ASP B 1001 -15.24 -102.09 -26.61
C ASP B 1001 -15.16 -100.57 -26.68
N LYS B 1002 -14.28 -99.99 -25.86
CA LYS B 1002 -14.10 -98.54 -25.83
C LYS B 1002 -12.77 -98.14 -26.44
N LEU B 1003 -12.07 -99.15 -27.10
CA LEU B 1003 -10.69 -98.88 -27.48
C LEU B 1003 -10.48 -97.91 -28.64
N SER B 1004 -10.91 -98.39 -29.85
CA SER B 1004 -10.92 -99.84 -30.07
C SER B 1004 -10.57 -100.17 -31.51
N PHE B 1005 -10.74 -99.20 -32.41
CA PHE B 1005 -10.43 -99.40 -33.82
C PHE B 1005 -8.94 -99.22 -34.09
N SER B 1006 -8.28 -98.41 -33.27
CA SER B 1006 -6.86 -98.17 -33.42
C SER B 1006 -6.09 -98.67 -32.21
N SER B 1007 -5.07 -99.50 -32.46
CA SER B 1007 -4.25 -100.06 -31.38
C SER B 1007 -3.91 -99.00 -30.34
N PHE B 1008 -4.14 -97.74 -30.68
CA PHE B 1008 -3.68 -96.61 -29.88
C PHE B 1008 -4.80 -95.90 -29.12
N CYS B 1009 -5.70 -95.14 -29.81
CA CYS B 1009 -5.57 -94.97 -31.25
C CYS B 1009 -5.88 -94.05 -32.43
N SER B 1010 -5.98 -92.64 -31.84
CA SER B 1010 -5.04 -92.11 -30.85
C SER B 1010 -3.86 -92.38 -31.77
N GLU B 1011 -3.91 -92.78 -32.88
CA GLU B 1011 -2.81 -93.09 -33.78
C GLU B 1011 -1.84 -91.92 -33.91
N ILE B 1012 -0.75 -92.07 -34.50
CA ILE B 1012 0.23 -91.00 -34.58
C ILE B 1012 0.15 -90.49 -33.14
N PRO B 1013 0.05 -89.17 -32.95
CA PRO B 1013 -0.58 -87.96 -32.43
C PRO B 1013 -0.22 -86.82 -33.38
N SER B 1014 0.16 -87.13 -34.58
CA SER B 1014 0.52 -86.12 -35.57
C SER B 1014 0.92 -84.81 -34.90
N VAL B 1015 2.17 -84.71 -34.48
CA VAL B 1015 3.13 -85.80 -34.66
C VAL B 1015 4.03 -86.19 -33.49
N SER B 1016 5.08 -85.41 -33.28
CA SER B 1016 5.37 -84.25 -34.13
C SER B 1016 6.71 -83.78 -33.61
N LEU B 1017 7.27 -82.76 -34.25
CA LEU B 1017 8.44 -82.04 -33.75
C LEU B 1017 8.35 -81.86 -32.24
N GLU B 1018 8.22 -80.61 -31.81
CA GLU B 1018 8.13 -80.30 -30.39
C GLU B 1018 7.97 -78.79 -30.17
N ALA B 1019 7.46 -78.41 -29.00
CA ALA B 1019 7.27 -77.02 -28.66
C ALA B 1019 8.12 -76.61 -27.47
N HIS B 1020 8.12 -75.32 -27.15
CA HIS B 1020 8.90 -74.80 -26.04
C HIS B 1020 8.03 -74.67 -24.78
N GLU B 1021 8.68 -74.40 -23.65
CA GLU B 1021 7.98 -74.25 -22.38
C GLU B 1021 6.61 -73.60 -22.58
N VAL B 1022 6.61 -72.41 -23.15
CA VAL B 1022 5.36 -71.68 -23.40
C VAL B 1022 4.28 -72.61 -23.96
N MET B 1023 4.69 -73.55 -24.79
CA MET B 1023 3.76 -74.50 -25.39
C MET B 1023 3.25 -75.50 -24.36
N ARG B 1024 4.08 -75.79 -23.36
CA ARG B 1024 3.72 -76.74 -22.31
C ARG B 1024 2.54 -76.22 -21.49
N PRO B 1025 2.44 -74.90 -21.37
CA PRO B 1025 1.36 -74.28 -20.62
C PRO B 1025 0.19 -73.87 -21.49
N ASP B 1026 0.30 -72.69 -22.12
CA ASP B 1026 -0.74 -72.17 -22.99
C ASP B 1026 -1.07 -73.19 -24.08
N ILE B 1027 -0.11 -74.06 -24.38
CA ILE B 1027 -0.30 -75.09 -25.40
C ILE B 1027 -0.62 -76.44 -24.76
N VAL B 1028 -1.28 -76.42 -23.62
CA VAL B 1028 -1.64 -77.64 -22.91
C VAL B 1028 -1.47 -78.86 -23.81
N ILE B 1029 -0.70 -79.84 -23.34
CA ILE B 1029 -0.46 -81.06 -24.10
C ILE B 1029 -1.06 -82.28 -23.41
N PRO B 1030 -0.87 -83.45 -24.00
CA PRO B 1030 -1.40 -84.69 -23.44
C PRO B 1030 -2.31 -85.39 -24.43
N THR B 1031 -2.60 -86.74 -24.66
CA THR B 1031 -4.04 -86.99 -24.56
C THR B 1031 -4.30 -88.44 -24.97
N ILE B 1032 -5.35 -89.04 -24.71
CA ILE B 1032 -5.60 -90.42 -24.29
C ILE B 1032 -6.88 -90.17 -23.52
N ASP B 1033 -7.77 -91.17 -23.53
CA ASP B 1033 -9.04 -91.07 -22.83
C ASP B 1033 -9.66 -89.69 -22.97
N THR B 1034 -9.27 -88.72 -21.90
CA THR B 1034 -10.11 -87.56 -21.92
C THR B 1034 -10.55 -87.27 -23.32
N ILE B 1035 -9.69 -87.44 -24.30
CA ILE B 1035 -10.01 -87.01 -25.63
C ILE B 1035 -11.26 -87.70 -26.07
N LYS B 1036 -11.41 -88.99 -25.70
CA LYS B 1036 -12.58 -89.72 -26.11
C LYS B 1036 -13.82 -89.12 -25.52
N HIS B 1037 -13.75 -88.61 -24.27
CA HIS B 1037 -14.92 -88.02 -23.67
C HIS B 1037 -15.38 -86.78 -24.39
N GLU B 1038 -14.44 -85.90 -24.80
CA GLU B 1038 -14.80 -84.60 -25.29
C GLU B 1038 -15.74 -84.63 -26.46
N LYS B 1039 -15.49 -85.49 -27.46
CA LYS B 1039 -16.32 -85.50 -28.62
C LYS B 1039 -17.73 -85.87 -28.26
N ILE B 1040 -17.92 -86.87 -27.38
CA ILE B 1040 -19.25 -87.31 -27.06
C ILE B 1040 -20.02 -86.23 -26.37
N PHE B 1041 -19.40 -85.56 -25.39
CA PHE B 1041 -20.01 -84.54 -24.58
C PHE B 1041 -20.33 -83.30 -25.36
N TYR B 1042 -19.48 -82.95 -26.35
CA TYR B 1042 -19.50 -81.70 -27.04
C TYR B 1042 -20.83 -81.41 -27.70
N ASP B 1043 -21.45 -82.42 -28.33
CA ASP B 1043 -22.64 -82.20 -29.10
C ASP B 1043 -23.77 -81.71 -28.26
N LEU B 1044 -23.88 -82.19 -27.00
CA LEU B 1044 -25.04 -81.87 -26.20
C LEU B 1044 -24.99 -80.47 -25.66
N LEU B 1045 -26.00 -79.81 -25.47
CA LEU B 1045 -26.19 -78.52 -24.88
C LEU B 1045 -26.01 -78.58 -23.39
N ASN B 1046 -26.43 -79.68 -22.77
CA ASN B 1046 -26.49 -79.79 -21.34
C ASN B 1046 -25.16 -79.50 -20.72
N SER B 1047 -25.18 -78.85 -19.56
CA SER B 1047 -23.96 -78.51 -18.85
C SER B 1047 -23.45 -79.64 -17.96
N LYS B 1048 -22.17 -79.98 -18.13
CA LYS B 1048 -21.54 -81.04 -17.35
C LYS B 1048 -20.46 -80.40 -16.47
N ARG B 1049 -20.47 -80.70 -15.18
CA ARG B 1049 -19.49 -80.16 -14.22
C ARG B 1049 -18.47 -81.22 -13.84
N GLY B 1050 -17.17 -80.90 -13.95
CA GLY B 1050 -16.09 -81.82 -13.61
C GLY B 1050 -15.45 -81.49 -12.24
N ILE B 1051 -15.37 -82.49 -11.37
CA ILE B 1051 -14.78 -82.30 -10.03
C ILE B 1051 -13.35 -82.84 -9.94
N ILE B 1052 -12.41 -81.96 -9.57
CA ILE B 1052 -11.03 -82.35 -9.46
C ILE B 1052 -10.33 -81.35 -8.59
N LEU B 1053 -9.19 -81.75 -8.11
CA LEU B 1053 -8.39 -80.88 -7.29
C LEU B 1053 -7.76 -79.86 -8.18
N CYS B 1054 -7.17 -78.82 -7.60
CA CYS B 1054 -6.52 -77.77 -8.37
C CYS B 1054 -5.43 -78.35 -9.28
N GLY B 1055 -5.34 -77.82 -10.50
CA GLY B 1055 -4.37 -78.28 -11.46
C GLY B 1055 -4.35 -79.67 -12.05
N PRO B 1056 -5.30 -79.92 -12.95
CA PRO B 1056 -5.44 -81.22 -13.61
C PRO B 1056 -5.45 -81.22 -15.13
N PRO B 1057 -6.19 -80.27 -15.70
CA PRO B 1057 -6.30 -80.15 -17.13
C PRO B 1057 -7.69 -79.73 -17.59
N GLY B 1058 -8.48 -79.21 -16.67
CA GLY B 1058 -9.86 -78.80 -16.97
C GLY B 1058 -9.83 -77.71 -18.03
N SER B 1059 -9.12 -76.63 -17.72
CA SER B 1059 -9.03 -75.50 -18.63
C SER B 1059 -8.37 -75.89 -19.96
N GLY B 1060 -7.26 -76.63 -19.88
CA GLY B 1060 -6.54 -77.05 -21.09
C GLY B 1060 -7.44 -77.86 -22.02
N LYS B 1061 -8.14 -78.84 -21.47
CA LYS B 1061 -9.08 -79.66 -22.23
C LYS B 1061 -10.03 -78.78 -23.03
N THR B 1062 -10.61 -77.80 -22.35
CA THR B 1062 -11.57 -76.89 -22.99
C THR B 1062 -10.93 -76.13 -24.15
N MET B 1063 -9.80 -75.50 -23.88
CA MET B 1063 -9.07 -74.74 -24.89
C MET B 1063 -8.71 -75.63 -26.08
N ILE B 1064 -8.31 -76.86 -25.78
CA ILE B 1064 -7.84 -77.80 -26.79
C ILE B 1064 -8.93 -78.18 -27.78
N MET B 1065 -10.03 -78.74 -27.28
CA MET B 1065 -11.11 -79.18 -28.14
C MET B 1065 -11.72 -78.04 -28.94
N ASN B 1066 -11.48 -76.81 -28.50
CA ASN B 1066 -11.91 -75.63 -29.24
C ASN B 1066 -10.97 -75.41 -30.41
N ASN B 1067 -9.68 -75.66 -30.18
CA ASN B 1067 -8.68 -75.50 -31.22
C ASN B 1067 -8.84 -76.53 -32.33
N ALA B 1068 -8.84 -77.68 -32.06
CA ALA B 1068 -9.02 -78.76 -33.02
C ALA B 1068 -10.26 -78.56 -33.89
N LEU B 1069 -11.36 -77.64 -33.92
CA LEU B 1069 -11.34 -76.89 -32.65
C LEU B 1069 -12.66 -76.99 -31.86
N ARG B 1070 -13.60 -76.61 -31.76
CA ARG B 1070 -14.86 -76.61 -31.01
C ARG B 1070 -15.49 -75.22 -30.92
N ASN B 1071 -16.49 -75.08 -30.05
CA ASN B 1071 -17.18 -73.78 -29.88
C ASN B 1071 -18.19 -73.78 -28.73
N SER B 1072 -19.03 -72.75 -28.70
CA SER B 1072 -18.99 -71.71 -29.72
C SER B 1072 -17.64 -71.01 -29.73
N SER B 1073 -17.27 -70.22 -28.86
CA SER B 1073 -15.89 -69.76 -28.69
C SER B 1073 -15.75 -69.74 -27.17
N LEU B 1074 -14.40 -69.15 -26.49
CA LEU B 1074 -14.74 -69.18 -25.07
C LEU B 1074 -14.45 -68.09 -24.05
N TYR B 1075 -15.02 -68.24 -22.85
CA TYR B 1075 -14.81 -67.28 -21.78
C TYR B 1075 -14.69 -67.95 -20.41
N ASP B 1076 -13.79 -67.44 -19.57
CA ASP B 1076 -13.59 -67.97 -18.23
C ASP B 1076 -14.22 -67.05 -17.19
N VAL B 1077 -14.59 -67.62 -16.05
CA VAL B 1077 -15.12 -66.85 -14.94
C VAL B 1077 -14.85 -67.61 -13.64
N VAL B 1078 -14.77 -66.88 -12.53
CA VAL B 1078 -14.48 -67.51 -11.25
C VAL B 1078 -15.69 -67.48 -10.33
N GLY B 1079 -13.11 -68.47 -9.86
CA GLY B 1079 -12.85 -69.44 -8.74
C GLY B 1079 -13.25 -69.35 -7.22
N ILE B 1080 -14.55 -69.47 -6.92
CA ILE B 1080 -15.02 -69.39 -5.54
C ILE B 1080 -14.61 -68.06 -4.91
N ASN B 1081 -13.98 -68.10 -3.73
CA ASN B 1081 -13.61 -66.86 -3.08
C ASN B 1081 -14.86 -66.05 -2.74
N PHE B 1082 -15.82 -66.54 -2.25
CA PHE B 1082 -17.03 -65.89 -1.76
C PHE B 1082 -18.47 -66.13 -2.13
N SER B 1083 -18.77 -66.87 -3.34
CA SER B 1083 -20.11 -67.18 -3.80
C SER B 1083 -21.03 -66.02 -4.14
N LYS B 1084 -20.69 -64.80 -4.02
CA LYS B 1084 -21.44 -63.71 -4.65
C LYS B 1084 -20.77 -63.80 -6.00
N ASP B 1085 -21.28 -63.02 -6.68
CA ASP B 1085 -22.29 -63.06 -7.73
C ASP B 1085 -21.93 -62.06 -8.82
N THR B 1086 -21.89 -60.79 -8.32
CA THR B 1086 -21.73 -59.63 -9.20
C THR B 1086 -20.55 -59.76 -10.15
N THR B 1087 -19.44 -60.29 -9.64
CA THR B 1087 -18.24 -60.48 -10.44
C THR B 1087 -18.48 -61.49 -11.54
N THR B 1088 -19.20 -62.57 -11.21
CA THR B 1088 -19.50 -63.62 -12.18
C THR B 1088 -20.47 -63.12 -13.25
N GLU B 1089 -21.36 -62.22 -12.86
CA GLU B 1089 -22.35 -61.68 -13.79
C GLU B 1089 -21.73 -60.57 -14.65
N HIS B 1090 -21.40 -59.45 -14.01
CA HIS B 1090 -20.80 -58.33 -14.71
C HIS B 1090 -19.71 -58.81 -15.65
N ILE B 1091 -19.15 -59.98 -15.36
CA ILE B 1091 -18.09 -60.55 -16.18
C ILE B 1091 -18.67 -61.29 -17.39
N LEU B 1092 -19.77 -61.98 -17.18
CA LEU B 1092 -20.43 -62.73 -18.25
C LEU B 1092 -20.81 -61.82 -19.42
N SER B 1093 -21.40 -60.67 -19.10
CA SER B 1093 -21.81 -59.71 -20.11
C SER B 1093 -20.61 -59.01 -20.75
N ALA B 1094 -19.51 -58.96 -20.01
CA ALA B 1094 -18.29 -58.32 -20.49
C ALA B 1094 -17.54 -59.22 -21.48
N LEU B 1095 -17.65 -60.53 -21.27
CA LEU B 1095 -16.98 -61.49 -22.12
C LEU B 1095 -17.66 -61.58 -23.48
N HIS B 1096 -18.99 -61.72 -23.47
CA HIS B 1096 -19.75 -61.82 -24.70
C HIS B 1096 -20.17 -60.45 -25.19
N ARG B 1097 -19.52 -59.24 -24.86
CA ARG B 1097 -19.82 -57.89 -25.28
C ARG B 1097 -21.28 -57.55 -25.11
N HIS B 1098 -21.69 -56.99 -25.95
CA HIS B 1098 -23.10 -56.65 -25.92
C HIS B 1098 -23.60 -57.54 -27.05
N THR B 1099 -22.78 -57.70 -28.09
CA THR B 1099 -23.18 -58.40 -29.29
C THR B 1099 -23.40 -59.87 -28.99
N ASN B 1100 -22.47 -60.09 -28.35
CA ASN B 1100 -22.57 -61.49 -27.96
C ASN B 1100 -23.85 -61.71 -27.17
N TYR B 1101 -24.16 -60.76 -26.29
CA TYR B 1101 -25.37 -60.85 -25.49
C TYR B 1101 -26.60 -60.81 -26.39
N VAL B 1102 -26.54 -59.95 -27.40
CA VAL B 1102 -27.64 -59.83 -28.36
C VAL B 1102 -27.84 -61.13 -29.12
N ILE B 1116 -21.05 -69.87 -27.78
CA ILE B 1116 -19.89 -70.67 -27.50
C ILE B 1116 -20.04 -71.10 -26.07
N LYS B 1117 -18.93 -71.41 -25.38
CA LYS B 1117 -19.05 -71.96 -24.07
C LYS B 1117 -18.47 -71.08 -23.00
N ASN B 1118 -19.23 -71.01 -21.88
CA ASN B 1118 -18.79 -70.27 -20.73
C ASN B 1118 -18.27 -71.26 -19.75
N LEU B 1119 -17.01 -71.07 -19.31
CA LEU B 1119 -16.38 -71.96 -18.38
C LEU B 1119 -16.32 -71.25 -17.06
N VAL B 1120 -16.98 -71.80 -16.03
CA VAL B 1120 -16.97 -71.13 -14.76
C VAL B 1120 -16.15 -71.92 -13.81
N LEU B 1121 -14.92 -71.46 -13.55
CA LEU B 1121 -14.10 -72.23 -12.66
C LEU B 1121 -14.51 -71.93 -11.26
N PHE B 1122 -14.46 -72.95 -10.41
CA PHE B 1122 -14.82 -72.80 -9.01
C PHE B 1122 -15.82 -71.98 -8.21
N CYS B 1123 -17.09 -72.27 -8.34
CA CYS B 1123 -18.14 -71.58 -7.60
C CYS B 1123 -18.73 -72.49 -6.54
N VAL B 1139 -22.81 -70.10 -5.46
CA VAL B 1139 -23.36 -71.33 -6.02
C VAL B 1139 -24.86 -71.25 -6.24
N VAL B 1140 -25.52 -70.40 -5.46
CA VAL B 1140 -26.97 -70.24 -5.51
C VAL B 1140 -27.42 -69.41 -6.72
N LEU B 1141 -26.73 -68.31 -6.98
CA LEU B 1141 -27.00 -67.46 -8.14
C LEU B 1141 -26.53 -68.12 -9.44
N PHE B 1142 -25.54 -69.01 -9.32
CA PHE B 1142 -25.04 -69.79 -10.44
C PHE B 1142 -26.01 -70.90 -10.82
N LEU B 1143 -26.71 -71.44 -9.83
CA LEU B 1143 -27.74 -72.46 -10.05
C LEU B 1143 -29.00 -71.85 -10.66
N ARG B 1144 -29.18 -70.55 -10.44
CA ARG B 1144 -30.29 -69.80 -11.01
C ARG B 1144 -30.17 -69.67 -12.52
N GLN B 1145 -29.04 -69.11 -12.97
CA GLN B 1145 -28.78 -68.86 -14.40
C GLN B 1145 -28.53 -70.12 -15.21
N LEU B 1146 -28.25 -71.23 -14.52
CA LEU B 1146 -27.98 -72.51 -15.15
C LEU B 1146 -29.21 -73.10 -15.85
N MET B 1147 -30.39 -72.83 -15.29
CA MET B 1147 -31.64 -73.36 -15.84
C MET B 1147 -32.63 -72.26 -16.26
N GLU B 1148 -32.16 -71.02 -16.33
CA GLU B 1148 -33.06 -69.89 -16.56
C GLU B 1148 -32.59 -68.84 -17.56
N LYS B 1149 -33.56 -68.04 -18.02
CA LYS B 1149 -33.33 -66.75 -18.69
C LYS B 1149 -34.21 -65.83 -17.79
N GLN B 1150 -33.74 -64.63 -17.51
CA GLN B 1150 -34.49 -63.66 -16.72
C GLN B 1150 -34.03 -62.24 -17.06
N GLY B 1151 -34.29 -61.31 -16.14
CA GLY B 1151 -33.88 -59.92 -16.33
C GLY B 1151 -32.78 -59.54 -15.35
N PHE B 1152 -32.09 -58.44 -15.61
CA PHE B 1152 -30.98 -57.99 -14.71
C PHE B 1152 -31.34 -57.63 -13.24
N TRP B 1153 -30.34 -57.42 -12.36
CA TRP B 1153 -30.71 -57.22 -10.96
C TRP B 1153 -31.41 -55.89 -10.70
N LYS B 1154 -31.00 -54.86 -11.43
CA LYS B 1154 -31.58 -53.52 -11.30
C LYS B 1154 -32.80 -53.33 -12.20
N THR B 1155 -32.94 -54.19 -13.21
CA THR B 1155 -34.03 -54.10 -14.18
C THR B 1155 -35.16 -55.09 -13.88
N PRO B 1156 -36.25 -54.98 -14.62
CA PRO B 1156 -37.41 -55.85 -14.47
C PRO B 1156 -37.81 -56.51 -15.79
N GLU B 1157 -36.88 -56.38 -16.75
CA GLU B 1157 -36.93 -56.91 -18.12
C GLU B 1157 -36.55 -58.39 -18.23
N ASN B 1158 -36.76 -58.95 -19.42
CA ASN B 1158 -36.54 -60.38 -19.65
C ASN B 1158 -35.31 -60.63 -20.52
N LYS B 1159 -34.54 -61.65 -20.18
CA LYS B 1159 -33.34 -61.99 -20.93
C LYS B 1159 -33.15 -63.50 -21.04
N TRP B 1160 -32.44 -63.96 -22.06
CA TRP B 1160 -31.97 -65.34 -22.10
C TRP B 1160 -31.28 -65.22 -23.46
N VAL B 1161 -30.33 -65.79 -23.84
CA VAL B 1161 -29.75 -65.74 -25.17
C VAL B 1161 -29.36 -67.20 -25.35
N THR B 1162 -28.64 -67.73 -24.36
CA THR B 1162 -28.19 -69.13 -24.42
C THR B 1162 -26.72 -69.24 -24.01
N ILE B 1163 -26.24 -70.48 -23.93
CA ILE B 1163 -24.87 -70.72 -23.55
C ILE B 1163 -24.68 -72.19 -23.39
N GLU B 1164 -23.43 -72.65 -23.56
CA GLU B 1164 -23.08 -74.02 -23.27
C GLU B 1164 -22.42 -73.88 -21.94
N ARG B 1165 -22.82 -74.24 -20.85
CA ARG B 1165 -22.15 -73.84 -19.65
C ARG B 1165 -21.40 -75.01 -19.09
N ILE B 1166 -20.10 -74.79 -18.83
CA ILE B 1166 -19.26 -75.81 -18.26
C ILE B 1166 -18.76 -75.28 -16.96
N HIS B 1167 -18.71 -76.14 -15.93
CA HIS B 1167 -18.30 -75.65 -14.65
C HIS B 1167 -17.29 -76.59 -14.09
N ILE B 1168 -16.48 -76.08 -13.13
CA ILE B 1168 -15.49 -76.91 -12.52
C ILE B 1168 -15.49 -76.61 -11.05
N VAL B 1169 -15.12 -77.60 -10.25
CA VAL B 1169 -15.07 -77.43 -8.80
C VAL B 1169 -13.83 -78.09 -8.21
N GLY B 1170 -13.43 -77.62 -7.02
CA GLY B 1170 -12.26 -78.17 -6.35
C GLY B 1170 -12.10 -79.66 -6.64
N ALA B 1171 -12.59 -80.49 -5.72
CA ALA B 1171 -12.50 -81.94 -5.87
C ALA B 1171 -13.89 -82.58 -5.88
N CYS B 1172 -13.94 -83.86 -5.55
CA CYS B 1172 -15.20 -84.59 -5.52
C CYS B 1172 -15.68 -84.82 -4.09
N ASN B 1173 -16.80 -84.19 -3.74
CA ASN B 1173 -17.37 -84.31 -2.41
C ASN B 1173 -16.27 -84.48 -1.36
N PRO B 1174 -16.01 -85.75 -0.97
CA PRO B 1174 -15.06 -86.01 0.10
C PRO B 1174 -13.87 -85.08 0.25
N PRO B 1175 -12.97 -85.04 -0.65
CA PRO B 1175 -11.81 -84.16 -0.59
C PRO B 1175 -12.33 -82.72 -0.53
N THR B 1176 -11.76 -81.92 0.38
CA THR B 1176 -12.17 -80.53 0.53
C THR B 1176 -13.66 -80.40 0.80
N ASP B 1177 -14.27 -81.47 1.28
CA ASP B 1177 -15.70 -81.47 1.58
C ASP B 1177 -16.32 -80.11 1.28
N PRO B 1178 -15.92 -79.22 1.78
CA PRO B 1178 -16.42 -77.85 1.82
C PRO B 1178 -17.17 -77.26 0.63
N GLY B 1179 -16.57 -77.86 -0.52
CA GLY B 1179 -17.06 -77.54 -1.86
C GLY B 1179 -17.83 -78.79 -2.25
N ARG B 1180 -19.02 -78.61 -2.83
CA ARG B 1180 -19.85 -79.73 -3.26
C ARG B 1180 -21.27 -79.58 -2.74
N ILE B 1181 -22.24 -79.79 -3.62
CA ILE B 1181 -23.65 -79.69 -3.26
C ILE B 1181 -24.50 -80.69 -4.05
N PRO B 1182 -25.26 -81.50 -3.32
CA PRO B 1182 -26.12 -82.50 -3.94
C PRO B 1182 -27.36 -81.86 -4.56
N MET B 1183 -27.84 -80.81 -3.93
CA MET B 1183 -29.02 -80.10 -4.42
C MET B 1183 -28.77 -79.50 -5.79
N SER B 1184 -27.76 -78.64 -5.89
CA SER B 1184 -27.41 -78.00 -7.15
C SER B 1184 -26.59 -78.92 -8.03
N GLU B 1185 -26.50 -80.18 -7.64
CA GLU B 1185 -25.73 -81.17 -8.39
C GLU B 1185 -26.61 -81.91 -9.39
N ARG B 1186 -27.91 -81.94 -9.10
CA ARG B 1186 -28.85 -82.61 -9.97
C ARG B 1186 -29.06 -81.80 -11.20
N PHE B 1187 -29.45 -80.58 -11.14
CA PHE B 1187 -29.57 -79.76 -12.31
C PHE B 1187 -28.23 -79.31 -12.79
N THR B 1188 -27.31 -78.95 -11.88
CA THR B 1188 -26.00 -78.47 -12.22
C THR B 1188 -25.18 -79.56 -12.87
N ARG B 1189 -25.42 -80.79 -12.41
CA ARG B 1189 -24.82 -82.08 -12.62
C ARG B 1189 -24.99 -82.77 -13.94
N HIS B 1190 -25.94 -82.30 -14.76
CA HIS B 1190 -26.24 -82.90 -16.05
C HIS B 1190 -25.23 -83.98 -16.38
N ALA B 1191 -24.11 -83.55 -16.92
CA ALA B 1191 -23.04 -84.44 -17.28
C ALA B 1191 -21.96 -84.19 -16.27
N ALA B 1192 -21.28 -85.25 -15.81
CA ALA B 1192 -20.25 -85.05 -14.82
C ALA B 1192 -19.04 -85.82 -15.22
N ILE B 1193 -17.93 -85.76 -15.67
CA ILE B 1193 -16.68 -86.33 -16.05
C ILE B 1193 -15.63 -85.73 -15.18
N TYR B 1198 -3.25 -92.50 -13.20
CA TYR B 1198 -2.08 -92.52 -14.07
C TYR B 1198 -1.44 -93.91 -14.10
N PRO B 1199 0.03 -94.52 -14.25
CA PRO B 1199 1.14 -93.58 -14.32
C PRO B 1199 1.85 -93.63 -15.68
N SER B 1200 1.34 -94.49 -16.58
CA SER B 1200 1.90 -94.67 -17.92
C SER B 1200 1.78 -93.41 -18.78
N GLY B 1201 0.70 -92.65 -18.57
CA GLY B 1201 0.50 -91.39 -19.28
C GLY B 1201 1.41 -90.29 -18.72
N LYS B 1202 1.68 -90.36 -17.42
CA LYS B 1202 2.56 -89.40 -16.75
C LYS B 1202 4.03 -89.66 -17.07
N SER B 1203 4.38 -90.94 -17.26
CA SER B 1203 5.74 -91.34 -17.63
C SER B 1203 6.06 -90.97 -19.07
N LEU B 1204 5.06 -91.03 -19.94
CA LEU B 1204 5.18 -90.67 -21.35
C LEU B 1204 5.25 -89.15 -21.53
N SER B 1205 4.56 -88.42 -20.65
CA SER B 1205 4.56 -86.96 -20.67
C SER B 1205 5.89 -86.39 -20.18
N GLN B 1206 6.53 -87.09 -19.25
CA GLN B 1206 7.84 -86.71 -18.74
C GLN B 1206 8.94 -87.01 -19.78
N ILE B 1207 8.76 -88.10 -20.52
CA ILE B 1207 9.70 -88.51 -21.56
C ILE B 1207 9.73 -87.53 -22.74
N TYR B 1208 8.58 -86.94 -23.03
CA TYR B 1208 8.46 -85.93 -24.09
C TYR B 1208 9.07 -84.60 -23.66
N GLU B 1209 9.02 -84.31 -22.36
CA GLU B 1209 9.59 -83.09 -21.80
C GLU B 1209 11.11 -83.14 -21.75
N ILE B 1210 11.65 -84.34 -21.53
CA ILE B 1210 13.09 -84.56 -21.47
C ILE B 1210 13.72 -84.57 -22.87
N TYR B 1211 12.96 -85.04 -23.86
CA TYR B 1211 13.44 -85.10 -25.23
C TYR B 1211 13.24 -83.76 -25.94
N TYR B 1212 14.37 -82.62 -25.89
CA TYR B 1212 14.32 -81.34 -26.61
C TYR B 1212 15.72 -80.97 -27.06
N LYS B 1213 16.58 -80.65 -26.09
CA LYS B 1213 17.96 -80.26 -26.38
C LYS B 1213 18.63 -81.23 -27.35
N ALA B 1214 19.50 -82.09 -26.82
CA ALA B 1214 20.21 -83.06 -27.64
C ALA B 1214 20.20 -84.30 -26.75
N ILE B 1215 20.59 -84.12 -25.49
CA ILE B 1215 21.21 -85.04 -24.54
C ILE B 1215 22.12 -86.04 -25.24
N PHE B 1216 23.36 -86.53 -24.91
CA PHE B 1216 24.46 -87.25 -25.54
C PHE B 1216 24.13 -88.73 -25.76
N LYS B 1217 22.54 -88.45 -25.75
CA LYS B 1217 21.90 -89.75 -25.87
C LYS B 1217 20.67 -89.87 -24.96
N LEU B 1218 20.68 -89.59 -23.71
CA LEU B 1218 19.51 -89.69 -22.86
C LEU B 1218 18.69 -88.50 -23.35
N VAL B 1219 17.67 -88.14 -22.60
CA VAL B 1219 17.33 -88.87 -21.39
C VAL B 1219 16.04 -89.54 -20.95
N PRO B 1220 15.47 -90.36 -21.81
CA PRO B 1220 14.20 -91.03 -21.49
C PRO B 1220 14.27 -91.73 -20.13
N GLU B 1221 15.46 -92.20 -19.75
CA GLU B 1221 15.68 -92.87 -18.48
C GLU B 1221 15.66 -91.90 -17.30
N PHE B 1222 16.21 -90.70 -17.52
CA PHE B 1222 16.22 -89.65 -16.52
C PHE B 1222 14.84 -89.04 -16.33
N ARG B 1223 14.04 -89.06 -17.41
CA ARG B 1223 12.67 -88.57 -17.38
C ARG B 1223 11.74 -89.53 -16.65
N SER B 1224 12.01 -90.83 -16.78
CA SER B 1224 11.27 -91.87 -16.08
C SER B 1224 11.56 -91.86 -14.58
N TYR B 1225 12.80 -91.48 -14.23
CA TYR B 1225 13.21 -91.35 -12.84
C TYR B 1225 12.60 -90.10 -12.20
N THR B 1226 12.39 -89.07 -13.01
CA THR B 1226 11.74 -87.83 -12.56
C THR B 1226 10.24 -88.02 -12.35
N GLU B 1227 9.64 -88.89 -13.18
CA GLU B 1227 8.23 -89.23 -13.06
C GLU B 1227 7.98 -90.16 -11.87
N PRO B 1228 8.95 -91.01 -11.56
CA PRO B 1228 8.88 -91.90 -10.41
C PRO B 1228 9.06 -91.14 -9.10
N PHE B 1229 9.87 -90.09 -9.13
CA PHE B 1229 10.08 -89.22 -7.98
C PHE B 1229 8.88 -88.33 -7.71
N ALA B 1230 8.19 -87.94 -8.79
CA ALA B 1230 6.97 -87.14 -8.70
C ALA B 1230 5.80 -87.98 -8.20
N ARG B 1231 5.83 -89.28 -8.53
CA ARG B 1231 4.84 -90.23 -8.04
C ARG B 1231 5.12 -90.62 -6.59
N ALA B 1232 6.37 -90.46 -6.17
CA ALA B 1232 6.77 -90.72 -4.78
C ALA B 1232 6.67 -89.46 -3.93
N SER B 1233 6.49 -88.31 -4.58
CA SER B 1233 6.28 -87.03 -3.89
C SER B 1233 4.93 -87.03 -3.17
N VAL B 1234 3.83 -87.51 -3.81
CA VAL B 1234 2.36 -87.53 -3.77
C VAL B 1234 1.88 -88.04 -2.40
N HIS B 1235 2.51 -89.12 -1.99
CA HIS B 1235 2.20 -89.77 -0.70
C HIS B 1235 2.40 -88.78 0.45
N LEU B 1236 3.52 -88.10 0.38
CA LEU B 1236 3.92 -87.09 1.38
C LEU B 1236 2.85 -86.00 1.47
N TYR B 1237 2.46 -85.54 0.29
CA TYR B 1237 1.44 -84.49 0.15
C TYR B 1237 0.13 -84.93 0.82
N ASN B 1238 -0.24 -86.15 0.51
CA ASN B 1238 -1.46 -86.77 1.05
C ASN B 1238 -1.42 -86.78 2.58
N GLU B 1239 -0.27 -87.20 3.09
CA GLU B 1239 -0.02 -87.29 4.53
C GLU B 1239 -0.20 -85.91 5.17
N CYS B 1240 0.36 -84.75 4.58
CA CYS B 1240 0.72 -83.35 4.83
C CYS B 1240 -0.53 -82.55 5.20
N LYS B 1241 -1.59 -82.73 4.42
CA LYS B 1241 -2.85 -82.04 4.67
C LYS B 1241 -3.14 -81.93 6.17
N ALA B 1242 -3.34 -83.07 6.80
CA ALA B 1242 -3.62 -83.12 8.23
C ALA B 1242 -2.51 -82.45 9.03
N ARG B 1243 -1.27 -82.68 8.62
CA ARG B 1243 -0.12 -82.09 9.29
C ARG B 1243 0.50 -80.72 9.04
N TYR B 1244 1.23 -80.60 7.94
CA TYR B 1244 1.87 -79.33 7.58
C TYR B 1244 0.79 -78.72 6.70
N SER B 1245 0.02 -79.33 6.10
CA SER B 1245 -1.19 -78.98 5.35
C SER B 1245 -0.92 -77.86 4.35
N THR B 1246 -0.17 -78.00 3.30
CA THR B 1246 0.13 -79.29 2.66
C THR B 1246 -1.13 -80.03 2.23
N GLY B 1247 -1.10 -81.56 2.49
CA GLY B 1247 -2.18 -82.31 1.83
C GLY B 1247 -2.13 -81.63 0.47
N LEU B 1248 -3.32 -81.06 0.13
CA LEU B 1248 -3.45 -80.30 -1.11
C LEU B 1248 -2.21 -79.55 -1.55
N GLN B 1249 -1.56 -78.87 -0.61
CA GLN B 1249 -0.35 -78.11 -0.91
C GLN B 1249 0.76 -79.02 -1.42
N SER B 1250 0.83 -80.23 -0.86
CA SER B 1250 1.85 -81.19 -1.26
C SER B 1250 1.29 -82.24 -2.21
N HIS B 1251 0.04 -82.03 -2.64
CA HIS B 1251 -0.62 -82.96 -3.56
C HIS B 1251 -0.88 -82.30 -4.90
N TYR B 1252 -0.99 -80.97 -4.91
CA TYR B 1252 -1.25 -80.23 -6.13
C TYR B 1252 -0.01 -79.78 -6.92
N LEU B 1253 0.19 -80.56 -8.06
CA LEU B 1253 -0.26 -81.93 -8.08
C LEU B 1253 0.41 -82.73 -9.20
N PHE B 1254 0.26 -84.27 -9.25
CA PHE B 1254 1.51 -84.75 -9.82
C PHE B 1254 1.85 -84.02 -11.11
N SER B 1255 0.78 -83.23 -11.53
CA SER B 1255 0.83 -82.46 -12.78
C SER B 1255 1.63 -81.17 -12.60
N PRO B 1256 1.31 -80.49 -11.51
CA PRO B 1256 1.95 -79.22 -11.14
C PRO B 1256 3.46 -79.44 -10.98
N ARG B 1257 3.79 -80.50 -10.27
CA ARG B 1257 5.18 -80.89 -10.00
C ARG B 1257 5.93 -81.09 -11.32
N GLU B 1258 5.27 -81.83 -12.21
CA GLU B 1258 5.82 -82.15 -13.53
C GLU B 1258 6.12 -80.86 -14.30
N LEU B 1259 5.15 -79.97 -14.26
CA LEU B 1259 5.24 -78.65 -14.93
C LEU B 1259 6.46 -77.88 -14.42
N THR B 1260 6.59 -77.89 -13.10
CA THR B 1260 7.68 -77.21 -12.39
C THR B 1260 9.02 -77.75 -12.87
N ARG B 1261 9.08 -79.07 -12.93
CA ARG B 1261 10.28 -79.80 -13.37
C ARG B 1261 10.67 -79.37 -14.79
N LEU B 1262 9.66 -79.34 -15.63
CA LEU B 1262 9.81 -78.96 -17.05
C LEU B 1262 10.40 -77.55 -17.14
N VAL B 1263 9.83 -76.67 -16.35
CA VAL B 1263 10.25 -75.25 -16.28
C VAL B 1263 11.72 -75.16 -15.90
N ARG B 1264 12.07 -75.93 -14.88
CA ARG B 1264 13.44 -75.99 -14.36
C ARG B 1264 14.40 -76.42 -15.46
N GLY B 1265 13.99 -77.46 -16.16
CA GLY B 1265 14.77 -78.04 -17.28
C GLY B 1265 15.03 -76.97 -18.34
N VAL B 1266 13.96 -76.27 -18.66
CA VAL B 1266 13.99 -75.19 -19.67
C VAL B 1266 15.00 -74.13 -19.27
N TYR B 1267 14.92 -73.75 -18.00
CA TYR B 1267 15.80 -72.74 -17.41
C TYR B 1267 17.26 -73.17 -17.55
N THR B 1268 17.50 -74.43 -17.21
CA THR B 1268 18.83 -75.04 -17.28
C THR B 1268 19.37 -74.95 -18.71
N ALA B 1269 18.51 -75.31 -19.64
CA ALA B 1269 18.84 -75.30 -21.07
C ALA B 1269 19.26 -73.89 -21.50
N ILE B 1270 18.64 -72.79 -20.73
CA ILE B 1270 18.77 -71.51 -21.42
C ILE B 1270 20.09 -70.82 -21.07
N ASN B 1271 20.35 -70.21 -20.07
CA ASN B 1271 21.56 -69.91 -19.32
C ASN B 1271 22.67 -69.40 -20.24
N THR B 1272 23.72 -70.05 -19.80
CA THR B 1272 24.89 -70.02 -20.68
C THR B 1272 25.46 -71.41 -20.90
N GLY B 1273 26.71 -71.47 -21.34
CA GLY B 1273 27.37 -72.74 -21.60
C GLY B 1273 28.07 -73.26 -20.35
N PRO B 1274 27.32 -73.97 -19.51
CA PRO B 1274 27.86 -74.53 -18.28
C PRO B 1274 27.80 -76.05 -18.29
N ARG B 1275 28.52 -76.74 -17.81
CA ARG B 1275 28.77 -78.14 -17.50
C ARG B 1275 28.53 -79.03 -18.71
N GLN B 1276 27.95 -80.03 -18.76
CA GLN B 1276 27.53 -80.75 -19.96
C GLN B 1276 26.33 -81.65 -19.67
N THR B 1277 25.64 -81.37 -18.58
CA THR B 1277 24.47 -82.16 -18.19
C THR B 1277 24.22 -83.55 -17.62
N LEU B 1278 25.16 -84.54 -17.55
CA LEU B 1278 25.02 -85.89 -16.99
C LEU B 1278 25.01 -85.54 -15.52
N ARG B 1279 25.80 -84.55 -15.14
CA ARG B 1279 25.87 -84.11 -13.74
C ARG B 1279 25.19 -82.77 -13.52
N SER B 1280 25.26 -81.90 -14.52
CA SER B 1280 24.61 -80.59 -14.48
C SER B 1280 23.10 -80.70 -14.65
N LEU B 1281 22.66 -81.69 -15.42
CA LEU B 1281 21.24 -81.94 -15.65
C LEU B 1281 20.58 -82.58 -14.41
N ILE B 1282 21.36 -83.39 -13.70
CA ILE B 1282 20.90 -84.03 -12.46
C ILE B 1282 20.80 -83.04 -11.30
N ARG B 1283 21.70 -82.05 -11.31
CA ARG B 1283 21.71 -80.99 -10.31
C ARG B 1283 20.57 -80.00 -10.53
N LEU B 1284 20.21 -79.79 -11.81
CA LEU B 1284 19.11 -78.92 -12.18
C LEU B 1284 17.75 -79.55 -11.86
N TRP B 1285 17.70 -80.88 -11.97
CA TRP B 1285 16.49 -81.64 -11.65
C TRP B 1285 16.28 -81.73 -10.13
N ALA B 1286 17.37 -81.75 -9.38
CA ALA B 1286 17.33 -81.78 -7.92
C ALA B 1286 16.93 -80.42 -7.35
N TYR B 1287 17.33 -79.35 -8.03
CA TYR B 1287 16.97 -77.99 -7.64
C TYR B 1287 15.51 -77.68 -7.96
N GLU B 1288 15.00 -78.30 -9.03
CA GLU B 1288 13.60 -78.15 -9.43
C GLU B 1288 12.67 -78.94 -8.50
N ALA B 1289 13.16 -80.06 -7.99
CA ALA B 1289 12.42 -80.89 -7.04
C ALA B 1289 12.35 -80.23 -5.66
N TRP B 1290 13.40 -79.49 -5.31
CA TRP B 1290 13.46 -78.76 -4.05
C TRP B 1290 12.56 -77.52 -4.07
N ARG B 1291 12.40 -76.94 -5.26
CA ARG B 1291 11.54 -75.76 -5.44
C ARG B 1291 10.06 -76.15 -5.44
N ILE B 1292 10.02 -77.37 -5.66
CA ILE B 1292 8.65 -77.84 -5.57
C ILE B 1292 8.34 -78.35 -4.16
N PHE B 1293 9.13 -77.31 -3.19
CA PHE B 1293 9.94 -76.81 -2.08
C PHE B 1293 8.67 -76.23 -1.45
N ALA B 1294 8.75 -75.20 -0.59
CA ALA B 1294 8.10 -75.15 0.72
C ALA B 1294 7.58 -73.71 0.73
N VAL B 1300 11.42 -81.99 8.67
CA VAL B 1300 10.46 -81.88 7.58
C VAL B 1300 11.13 -82.13 6.23
N LYS B 1301 12.15 -81.35 5.92
CA LYS B 1301 12.87 -81.47 4.67
C LYS B 1301 13.87 -82.62 4.72
N GLU B 1302 13.98 -83.25 5.88
CA GLU B 1302 14.90 -84.37 6.07
C GLU B 1302 14.43 -85.63 5.35
N LYS B 1303 13.11 -85.81 5.29
CA LYS B 1303 12.50 -86.96 4.61
C LYS B 1303 12.54 -86.81 3.10
N ASN B 1304 12.43 -85.57 2.62
CA ASN B 1304 12.47 -85.26 1.20
C ASN B 1304 13.87 -85.37 0.62
N SER B 1305 14.88 -85.01 1.44
CA SER B 1305 16.28 -85.11 1.04
C SER B 1305 16.76 -86.55 1.02
N PHE B 1306 16.22 -87.37 1.92
CA PHE B 1306 16.54 -88.79 1.99
C PHE B 1306 15.91 -89.57 0.84
N GLU B 1307 14.73 -89.13 0.41
CA GLU B 1307 14.03 -89.74 -0.72
C GLU B 1307 14.69 -89.37 -2.06
N GLN B 1308 15.25 -88.16 -2.11
CA GLN B 1308 15.97 -87.68 -3.29
C GLN B 1308 17.34 -88.37 -3.43
N LEU B 1309 17.95 -88.69 -2.30
CA LEU B 1309 19.23 -89.41 -2.26
C LEU B 1309 19.04 -90.88 -2.61
N LEU B 1310 17.88 -91.43 -2.24
CA LEU B 1310 17.54 -92.82 -2.55
C LEU B 1310 17.20 -92.98 -4.03
N TYR B 1311 16.59 -91.96 -4.62
CA TYR B 1311 16.25 -91.95 -6.04
C TYR B 1311 17.47 -91.77 -6.92
N GLU B 1312 18.46 -91.03 -6.40
CA GLU B 1312 19.72 -90.80 -7.11
C GLU B 1312 20.60 -92.05 -7.08
N THR B 1313 20.54 -92.80 -5.99
CA THR B 1313 21.32 -94.03 -5.82
C THR B 1313 20.72 -95.21 -6.60
N VAL B 1314 19.42 -95.14 -6.84
CA VAL B 1314 18.70 -96.24 -7.52
C VAL B 1314 18.92 -96.29 -9.02
N ASP B 1315 18.97 -95.13 -9.67
CA ASP B 1315 19.04 -95.06 -11.13
C ASP B 1315 20.13 -94.11 -11.65
N LYS B 1316 21.37 -94.36 -11.24
CA LYS B 1316 22.52 -93.59 -11.73
C LYS B 1316 23.86 -94.31 -11.46
N TYR B 1317 24.96 -93.64 -11.81
CA TYR B 1317 26.31 -94.19 -11.70
C TYR B 1317 26.84 -94.54 -10.28
N LEU B 1318 26.43 -93.82 -9.23
CA LEU B 1318 25.43 -92.75 -9.27
C LEU B 1318 26.06 -91.38 -9.52
N PRO B 1319 26.67 -90.83 -8.47
CA PRO B 1319 27.32 -89.52 -8.51
C PRO B 1319 28.08 -89.37 -7.20
N ASN B 1320 28.45 -88.13 -6.86
CA ASN B 1320 29.10 -87.80 -5.60
C ASN B 1320 28.84 -86.33 -5.27
N GLN B 1321 27.60 -86.01 -4.91
CA GLN B 1321 27.20 -84.63 -4.66
C GLN B 1321 26.10 -84.55 -3.59
N ASP B 1322 26.35 -83.71 -2.59
CA ASP B 1322 25.39 -83.44 -1.51
C ASP B 1322 25.68 -82.10 -0.85
N LEU B 1323 24.64 -81.29 -0.69
CA LEU B 1323 24.75 -79.97 -0.06
C LEU B 1323 23.53 -79.85 0.87
N GLY B 1324 22.30 -79.98 0.36
CA GLY B 1324 22.00 -80.23 -1.06
C GLY B 1324 21.64 -79.12 -2.04
N ASN B 1325 22.34 -79.11 -3.19
CA ASN B 1325 22.16 -78.13 -4.27
C ASN B 1325 22.19 -76.65 -4.65
N ILE B 1326 23.36 -76.04 -4.43
CA ILE B 1326 23.58 -74.63 -4.77
C ILE B 1326 23.15 -73.83 -6.01
N SER B 1327 23.34 -74.18 -7.08
CA SER B 1327 23.24 -73.71 -8.46
C SER B 1327 24.06 -72.46 -8.81
N SER B 1328 23.09 -71.60 -9.67
CA SER B 1328 23.47 -70.25 -10.11
C SER B 1328 22.21 -69.38 -10.28
N THR B 1329 22.36 -68.05 -10.41
CA THR B 1329 23.64 -67.34 -10.40
C THR B 1329 23.64 -66.23 -9.35
N ASN B 1345 35.21 -74.44 -2.18
CA ASN B 1345 34.10 -74.08 -1.32
C ASN B 1345 32.93 -73.54 -2.13
N LYS B 1346 33.22 -72.40 -2.65
CA LYS B 1346 34.09 -71.41 -2.02
C LYS B 1346 33.66 -69.99 -2.40
N THR B 1347 34.05 -70.21 -4.13
CA THR B 1347 34.07 -69.03 -5.00
C THR B 1347 32.67 -68.49 -5.25
N ASP B 1348 31.70 -69.38 -5.35
CA ASP B 1348 30.29 -69.01 -5.55
C ASP B 1348 29.67 -68.45 -4.28
N LEU B 1349 30.12 -68.94 -3.13
CA LEU B 1349 29.64 -68.48 -1.84
C LEU B 1349 30.19 -67.11 -1.47
N VAL B 1350 31.44 -66.85 -1.86
CA VAL B 1350 32.09 -65.57 -1.61
C VAL B 1350 31.56 -64.47 -2.54
N ASN B 1351 31.21 -64.84 -3.76
CA ASN B 1351 30.66 -63.91 -4.74
C ASN B 1351 29.24 -63.49 -4.40
N PHE B 1352 28.46 -64.44 -3.86
CA PHE B 1352 27.08 -64.19 -3.45
C PHE B 1352 27.01 -63.34 -2.18
N ILE B 1353 27.97 -63.55 -1.28
CA ILE B 1353 28.05 -62.79 -0.03
C ILE B 1353 28.51 -61.34 -0.27
N GLU B 1354 29.43 -61.18 -1.22
CA GLU B 1354 29.92 -59.85 -1.61
C GLU B 1354 28.87 -59.09 -2.42
N GLU B 1355 28.05 -59.82 -3.16
CA GLU B 1355 26.94 -59.24 -3.92
C GLU B 1355 25.81 -58.80 -3.01
N ARG B 1356 25.50 -59.61 -2.00
CA ARG B 1356 24.43 -59.33 -1.05
C ARG B 1356 24.76 -58.17 -0.11
N PHE B 1357 26.03 -58.06 0.27
CA PHE B 1357 26.50 -56.96 1.10
C PHE B 1357 26.49 -55.65 0.31
N LYS B 1358 26.73 -55.76 -1.00
CA LYS B 1358 26.65 -54.62 -1.91
C LYS B 1358 25.23 -54.39 -2.41
N THR B 1359 24.37 -55.41 -2.28
CA THR B 1359 22.97 -55.32 -2.70
C THR B 1359 22.11 -54.62 -1.64
N PHE B 1360 22.67 -54.47 -0.44
CA PHE B 1360 22.03 -53.71 0.62
C PHE B 1360 22.71 -52.36 0.81
N CYS B 1361 23.40 -51.88 -0.23
CA CYS B 1361 24.13 -50.60 -0.15
C CYS B 1361 24.47 -49.72 -1.37
N ASP B 1362 23.64 -49.59 -2.43
CA ASP B 1362 22.38 -50.29 -2.77
C ASP B 1362 21.26 -50.22 -1.71
N GLU B 1363 21.42 -49.40 -0.43
CA GLU B 1363 20.25 -49.09 0.40
C GLU B 1363 20.30 -47.67 1.02
N GLU B 1364 21.07 -47.39 1.87
CA GLU B 1364 21.79 -48.47 2.56
C GLU B 1364 21.27 -48.61 4.00
N PRO B 1368 21.21 -53.43 11.03
CA PRO B 1368 20.45 -54.52 11.63
C PRO B 1368 19.35 -55.00 10.67
N MET B 1369 19.65 -56.23 9.77
CA MET B 1369 18.41 -56.96 9.48
C MET B 1369 18.79 -58.43 9.52
N VAL B 1370 19.97 -58.52 8.50
CA VAL B 1370 20.44 -59.78 7.92
C VAL B 1370 21.97 -59.82 7.94
N ILE B 1371 22.63 -60.87 7.40
CA ILE B 1371 22.02 -62.00 6.72
C ILE B 1371 22.51 -63.35 7.26
N HIS B 1372 22.01 -64.43 6.68
CA HIS B 1372 22.41 -65.79 7.06
C HIS B 1372 22.24 -66.76 5.88
N GLU B 1373 22.37 -68.05 6.16
CA GLU B 1373 22.16 -69.10 5.16
C GLU B 1373 20.69 -69.22 4.75
N SER B 1374 19.80 -68.89 5.68
CA SER B 1374 18.36 -68.87 5.42
C SER B 1374 17.97 -67.67 4.55
N MET B 1375 18.72 -66.58 4.67
CA MET B 1375 18.52 -65.38 3.85
C MET B 1375 18.99 -65.59 2.42
N VAL B 1376 20.02 -66.42 2.25
CA VAL B 1376 20.54 -66.78 0.94
C VAL B 1376 19.60 -67.71 0.18
N ASP B 1377 18.91 -68.57 0.94
CA ASP B 1377 17.91 -69.48 0.38
C ASP B 1377 16.64 -68.74 0.00
N HIS B 1378 16.33 -67.69 0.75
CA HIS B 1378 15.17 -66.83 0.48
C HIS B 1378 15.41 -65.93 -0.73
N ILE B 1379 16.67 -65.53 -0.92
CA ILE B 1379 17.06 -64.72 -2.07
C ILE B 1379 17.09 -65.55 -3.36
N LEU B 1380 17.43 -66.82 -3.22
CA LEU B 1380 17.46 -67.75 -4.36
C LEU B 1380 16.05 -68.17 -4.78
N ARG B 1381 15.14 -68.24 -3.81
CA ARG B 1381 13.75 -68.59 -4.07
C ARG B 1381 13.01 -67.46 -4.78
N ILE B 1382 13.34 -66.23 -4.43
CA ILE B 1382 12.74 -65.04 -5.05
C ILE B 1382 13.32 -64.79 -6.44
N ASP B 1383 14.57 -65.20 -6.66
CA ASP B 1383 15.21 -65.10 -7.96
C ASP B 1383 14.69 -66.15 -8.93
N ARG B 1384 14.25 -67.29 -8.40
CA ARG B 1384 13.66 -68.36 -9.19
C ARG B 1384 12.26 -67.98 -9.69
N ALA B 1385 11.48 -67.34 -8.82
CA ALA B 1385 10.16 -66.81 -9.18
C ALA B 1385 10.24 -65.30 -9.33
N LEU B 1386 11.13 -64.86 -10.22
CA LEU B 1386 11.40 -63.43 -10.44
C LEU B 1386 10.31 -62.72 -11.23
N LYS B 1387 9.41 -63.48 -11.85
CA LYS B 1387 8.36 -62.91 -12.70
C LYS B 1387 6.99 -63.54 -12.53
N GLN B 1388 6.95 -64.87 -12.44
CA GLN B 1388 5.70 -65.62 -12.55
C GLN B 1388 4.72 -65.91 -11.41
N VAL B 1389 5.09 -66.83 -10.52
CA VAL B 1389 4.19 -67.42 -9.52
C VAL B 1389 4.17 -66.51 -8.30
N GLN B 1390 3.05 -66.53 -7.58
CA GLN B 1390 2.87 -65.77 -6.35
C GLN B 1390 3.59 -66.41 -5.18
N GLY B 1391 4.15 -65.58 -4.29
CA GLY B 1391 4.89 -66.06 -3.13
C GLY B 1391 4.22 -65.63 -1.82
N HIS B 1392 4.03 -66.58 -0.92
CA HIS B 1392 3.45 -66.32 0.39
C HIS B 1392 4.53 -66.34 1.47
N MET B 1393 4.84 -65.15 2.00
CA MET B 1393 5.85 -64.99 3.02
C MET B 1393 5.23 -65.02 4.42
N MET B 1394 5.84 -65.80 5.32
CA MET B 1394 5.33 -65.99 6.68
C MET B 1394 6.40 -65.73 7.75
N LEU B 1395 6.12 -65.66 8.90
CA LEU B 1395 6.82 -65.20 10.11
C LEU B 1395 6.38 -63.81 10.54
N ILE B 1396 7.53 -63.42 11.58
CA ILE B 1396 7.52 -62.08 12.16
C ILE B 1396 7.85 -61.05 11.08
N GLY B 1397 6.97 -60.05 10.96
CA GLY B 1397 7.05 -59.06 9.89
C GLY B 1397 8.29 -58.18 9.97
N ALA B 1398 9.36 -58.59 9.58
CA ALA B 1398 10.68 -57.97 9.38
C ALA B 1398 11.41 -58.62 8.20
N SER B 1399 11.78 -59.84 8.28
CA SER B 1399 12.66 -60.51 7.31
C SER B 1399 11.93 -60.85 6.01
N ARG B 1400 10.61 -61.00 6.10
CA ARG B 1400 9.77 -61.34 4.94
C ARG B 1400 9.68 -60.20 3.94
N THR B 1401 9.53 -58.97 4.45
CA THR B 1401 9.43 -57.78 3.61
C THR B 1401 10.79 -57.32 3.10
N GLY B 1402 11.84 -57.56 3.90
CA GLY B 1402 13.20 -57.15 3.55
C GLY B 1402 13.80 -58.00 2.43
N LYS B 1403 13.53 -59.30 2.45
CA LYS B 1403 14.03 -60.23 1.43
C LYS B 1403 13.30 -60.06 0.10
N THR B 1404 12.03 -59.67 0.17
CA THR B 1404 11.21 -59.43 -1.01
C THR B 1404 11.58 -58.13 -1.72
N ILE B 1405 11.90 -57.10 -0.94
CA ILE B 1405 12.26 -55.78 -1.47
C ILE B 1405 13.68 -55.76 -2.04
N LEU B 1406 14.58 -56.52 -1.44
CA LEU B 1406 15.98 -56.60 -1.88
C LEU B 1406 16.11 -57.36 -3.20
N THR B 1407 15.29 -58.39 -3.37
CA THR B 1407 15.29 -59.20 -4.58
C THR B 1407 14.61 -58.50 -5.75
N ARG B 1408 13.59 -57.70 -5.44
CA ARG B 1408 12.86 -56.92 -6.45
C ARG B 1408 13.69 -55.76 -6.98
N PHE B 1409 14.52 -55.19 -6.11
CA PHE B 1409 15.43 -54.11 -6.48
C PHE B 1409 16.61 -54.65 -7.29
N VAL B 1410 17.07 -55.84 -6.95
CA VAL B 1410 18.14 -56.51 -7.68
C VAL B 1410 17.65 -57.09 -9.00
N ALA B 1411 16.37 -57.49 -9.02
CA ALA B 1411 15.76 -58.04 -10.23
C ALA B 1411 14.31 -57.58 -10.41
N TRP B 1412 13.75 -56.39 -11.48
CA TRP B 1412 14.93 -55.60 -11.84
C TRP B 1412 14.79 -54.07 -11.81
N LEU B 1413 14.13 -53.79 -12.93
CA LEU B 1413 13.71 -52.45 -13.30
C LEU B 1413 12.19 -52.39 -13.10
N ASN B 1414 11.61 -53.54 -12.75
CA ASN B 1414 10.19 -53.66 -12.46
C ASN B 1414 9.79 -52.81 -11.25
N GLY B 1415 8.69 -52.06 -11.39
CA GLY B 1415 8.23 -51.17 -10.33
C GLY B 1415 7.58 -51.94 -9.17
N LEU B 1416 8.16 -51.78 -7.99
CA LEU B 1416 7.66 -52.46 -6.79
C LEU B 1416 6.72 -51.56 -5.99
N LYS B 1417 5.54 -52.07 -5.69
CA LYS B 1417 4.53 -51.33 -4.92
C LYS B 1417 4.14 -52.09 -3.65
N ILE B 1418 4.56 -51.55 -2.51
CA ILE B 1418 4.27 -52.14 -1.21
C ILE B 1418 3.13 -51.41 -0.52
N VAL B 1419 2.09 -52.16 -0.15
CA VAL B 1419 0.93 -51.59 0.53
C VAL B 1419 0.39 -52.54 1.60
N GLN B 1420 0.27 -52.02 2.82
CA GLN B 1420 -0.30 -52.78 3.93
C GLN B 1420 -1.82 -52.75 3.86
N PRO B 1421 -2.45 -53.86 4.24
CA PRO B 1421 -3.91 -53.95 4.26
C PRO B 1421 -4.48 -53.24 5.49
N LYS B 1422 -3.68 -53.18 6.56
CA LYS B 1422 -4.03 -52.44 7.76
C LYS B 1422 -3.93 -50.94 7.51
N ILE B 1423 -3.05 -50.55 6.58
CA ILE B 1423 -2.84 -49.14 6.24
C ILE B 1423 -4.14 -48.40 5.94
N HIS B 1424 -4.85 -48.83 4.92
CA HIS B 1424 -6.18 -48.29 4.63
C HIS B 1424 -7.18 -48.89 5.61
N ARG B 1425 -7.90 -48.01 6.31
CA ARG B 1425 -8.86 -48.41 7.35
C ARG B 1425 -10.01 -49.25 6.79
N HIS B 1426 -10.81 -49.81 7.70
CA HIS B 1426 -11.93 -50.71 7.36
C HIS B 1426 -12.67 -50.39 6.05
N SER B 1427 -12.86 -49.10 5.78
CA SER B 1427 -13.54 -48.63 4.57
C SER B 1427 -12.68 -48.75 3.30
N ASN B 1428 -11.67 -49.61 3.36
CA ASN B 1428 -10.78 -49.88 2.23
C ASN B 1428 -11.46 -50.73 1.16
N LEU B 1429 -12.43 -51.53 1.58
CA LEU B 1429 -13.15 -52.46 0.70
C LEU B 1429 -13.40 -51.95 -0.71
N SER B 1430 -13.81 -50.69 -0.81
CA SER B 1430 -14.10 -50.04 -2.10
C SER B 1430 -12.92 -49.19 -2.60
N ASP B 1431 -12.12 -48.69 -1.66
CA ASP B 1431 -10.99 -47.82 -1.98
C ASP B 1431 -9.72 -48.58 -2.37
N PHE B 1432 -9.46 -49.70 -1.69
CA PHE B 1432 -8.29 -50.54 -1.97
C PHE B 1432 -8.40 -51.25 -3.31
N ASP B 1433 -9.63 -51.56 -3.73
CA ASP B 1433 -9.89 -52.12 -5.05
C ASP B 1433 -9.66 -51.08 -6.14
N MET B 1434 -9.95 -49.81 -5.81
CA MET B 1434 -9.69 -48.69 -6.70
C MET B 1434 -8.20 -48.34 -6.72
N ILE B 1435 -7.53 -48.56 -5.59
CA ILE B 1435 -6.09 -48.33 -5.47
C ILE B 1435 -5.28 -49.38 -6.23
N LEU B 1436 -5.80 -50.62 -6.23
CA LEU B 1436 -5.19 -51.71 -6.98
C LEU B 1436 -5.43 -51.56 -8.48
N LYS B 1437 -6.57 -50.96 -8.83
CA LYS B 1437 -6.91 -50.67 -10.22
C LYS B 1437 -6.06 -49.52 -10.76
N LYS B 1438 -5.78 -48.54 -9.90
CA LYS B 1438 -4.92 -47.40 -10.24
C LYS B 1438 -3.45 -47.82 -10.32
N ALA B 1439 -3.08 -48.81 -9.53
CA ALA B 1439 -1.72 -49.36 -9.53
C ALA B 1439 -1.45 -50.17 -10.80
N ILE B 1440 -2.52 -50.66 -11.44
CA ILE B 1440 -2.43 -51.38 -12.71
C ILE B 1440 -2.64 -50.44 -13.90
N SER B 1441 -3.34 -49.33 -13.66
CA SER B 1441 -3.61 -48.33 -14.70
C SER B 1441 -2.42 -47.40 -14.92
N ASP B 1442 -1.78 -46.96 -13.83
CA ASP B 1442 -0.53 -46.22 -13.92
C ASP B 1442 0.59 -47.16 -14.37
N CYS B 1443 0.24 -48.43 -14.51
CA CYS B 1443 1.13 -49.48 -14.99
C CYS B 1443 0.79 -49.87 -16.43
N SER B 1444 -0.39 -49.49 -16.91
CA SER B 1444 -0.75 -49.68 -18.32
C SER B 1444 0.26 -48.97 -19.23
N LEU B 1445 0.91 -47.94 -18.67
CA LEU B 1445 2.02 -47.27 -19.32
C LEU B 1445 3.37 -47.86 -18.89
N LYS B 1446 3.40 -48.47 -17.71
CA LYS B 1446 4.61 -49.11 -17.18
C LYS B 1446 4.48 -50.63 -17.08
N GLU B 1447 4.03 -51.12 -15.90
CA GLU B 1447 3.80 -52.56 -15.63
C GLU B 1447 5.04 -53.45 -15.48
N SER B 1448 4.84 -54.74 -15.73
CA SER B 1448 5.86 -55.75 -15.49
C SER B 1448 6.41 -55.84 -14.07
N ARG B 1449 5.78 -55.08 -13.17
CA ARG B 1449 6.28 -54.93 -11.80
C ARG B 1449 5.76 -55.96 -10.82
N THR B 1450 5.81 -55.62 -9.54
CA THR B 1450 5.38 -56.50 -8.47
C THR B 1450 4.59 -55.78 -7.38
N CYS B 1451 3.54 -56.42 -6.89
CA CYS B 1451 2.71 -55.86 -5.84
C CYS B 1451 2.87 -56.62 -4.53
N LEU B 1452 3.26 -55.90 -3.47
CA LEU B 1452 3.44 -56.49 -2.15
C LEU B 1452 2.29 -56.13 -1.23
N ILE B 1453 1.61 -57.16 -0.72
CA ILE B 1453 0.47 -56.99 0.17
C ILE B 1453 0.77 -57.48 1.58
N ILE B 1454 1.08 -56.54 2.47
CA ILE B 1454 1.35 -56.84 3.88
C ILE B 1454 0.04 -57.06 4.63
N ASP B 1455 0.07 -57.98 5.59
CA ASP B 1455 -1.11 -58.39 6.37
C ASP B 1455 -2.26 -58.83 5.46
N GLU B 1456 -2.01 -59.87 4.67
CA GLU B 1456 -2.96 -60.38 3.67
C GLU B 1456 -4.27 -60.88 4.26
N SER B 1457 -4.24 -61.28 5.53
CA SER B 1457 -5.43 -61.77 6.23
C SER B 1457 -6.45 -60.70 6.57
N ASN B 1458 -6.02 -59.45 6.50
CA ASN B 1458 -6.89 -58.30 6.80
C ASN B 1458 -7.77 -57.89 5.61
N ILE B 1459 -7.51 -58.50 4.46
CA ILE B 1459 -8.27 -58.23 3.24
C ILE B 1459 -9.71 -58.75 3.33
N LEU B 1460 -10.63 -57.99 2.75
CA LEU B 1460 -12.06 -58.34 2.77
C LEU B 1460 -12.37 -59.53 1.86
N GLU B 1461 -13.55 -60.12 2.06
CA GLU B 1461 -14.00 -61.27 1.27
C GLU B 1461 -14.18 -60.92 -0.22
N THR B 1462 -14.63 -59.71 -0.49
CA THR B 1462 -14.79 -59.21 -1.86
C THR B 1462 -13.44 -58.87 -2.49
N ALA B 1463 -12.50 -58.41 -1.67
CA ALA B 1463 -11.16 -58.08 -2.12
C ALA B 1463 -10.32 -59.33 -2.39
N PHE B 1464 -10.62 -60.41 -1.65
CA PHE B 1464 -9.94 -61.69 -1.82
C PHE B 1464 -10.39 -62.40 -3.11
N LEU B 1465 -11.65 -62.17 -3.49
CA LEU B 1465 -12.21 -62.74 -4.71
C LEU B 1465 -11.67 -62.07 -5.97
N GLU B 1466 -11.44 -60.77 -5.88
CA GLU B 1466 -10.88 -59.99 -6.99
C GLU B 1466 -9.39 -60.26 -7.18
N ARG B 1467 -8.69 -60.55 -6.07
CA ARG B 1467 -7.27 -60.89 -6.11
C ARG B 1467 -7.03 -62.31 -6.63
N MET B 1468 -8.00 -63.19 -6.40
CA MET B 1468 -7.93 -64.57 -6.87
C MET B 1468 -8.13 -64.66 -8.39
N ASN B 1469 -8.98 -63.78 -8.92
CA ASN B 1469 -9.24 -63.69 -10.36
C ASN B 1469 -8.06 -63.04 -11.09
N THR B 1470 -7.38 -62.12 -10.41
CA THR B 1470 -6.21 -61.44 -10.96
C THR B 1470 -4.98 -62.35 -10.96
N LEU B 1471 -4.98 -63.35 -10.08
CA LEU B 1471 -3.90 -64.32 -10.01
C LEU B 1471 -4.12 -65.50 -10.96
N LEU B 1472 -5.36 -65.63 -11.45
CA LEU B 1472 -5.73 -66.72 -12.35
C LEU B 1472 -5.79 -66.28 -13.82
N ALA B 1473 -6.30 -65.08 -14.06
CA ALA B 1473 -6.48 -64.55 -15.41
C ALA B 1473 -5.43 -63.49 -15.78
N ASN B 1474 -5.04 -62.69 -14.79
CA ASN B 1474 -4.07 -61.61 -15.00
C ASN B 1474 -4.70 -60.35 -15.53
N ASP B 1479 -8.28 -59.12 -13.14
CA ASP B 1479 -8.32 -57.86 -13.89
C ASP B 1479 -9.71 -57.57 -14.45
N LEU B 1480 -9.96 -56.29 -14.75
CA LEU B 1480 -11.20 -55.82 -15.37
C LEU B 1480 -11.64 -55.53 -13.93
N PHE B 1481 -12.65 -54.41 -13.95
CA PHE B 1481 -12.87 -53.40 -15.01
C PHE B 1481 -13.85 -52.32 -14.55
N GLN B 1482 -13.98 -51.29 -15.38
CA GLN B 1482 -14.99 -50.23 -15.21
C GLN B 1482 -15.38 -49.69 -16.59
N GLY B 1483 -16.18 -50.47 -17.32
CA GLY B 1483 -16.61 -50.13 -18.68
C GLY B 1483 -17.94 -49.38 -18.68
N GLU B 1484 -18.15 -48.46 -19.63
CA GLU B 1484 -17.20 -48.18 -20.72
C GLU B 1484 -16.39 -46.90 -20.49
N GLU B 1485 -15.75 -46.83 -19.32
CA GLU B 1485 -14.80 -45.76 -19.02
C GLU B 1485 -13.37 -46.27 -19.21
N TYR B 1486 -13.19 -47.58 -19.00
CA TYR B 1486 -11.91 -48.25 -19.21
C TYR B 1486 -11.73 -48.65 -20.68
N ASP B 1487 -12.81 -48.57 -21.45
CA ASP B 1487 -12.78 -48.83 -22.89
C ASP B 1487 -11.99 -47.75 -23.63
N LYS B 1488 -12.03 -46.53 -23.09
CA LYS B 1488 -11.21 -45.42 -23.59
C LYS B 1488 -9.75 -45.59 -23.18
N LEU B 1489 -9.53 -46.22 -22.02
CA LEU B 1489 -8.19 -46.53 -21.54
C LEU B 1489 -7.58 -47.68 -22.33
N LEU B 1490 -8.42 -48.60 -22.79
CA LEU B 1490 -8.00 -49.71 -23.63
C LEU B 1490 -7.69 -49.24 -25.06
N ASN B 1491 -8.42 -48.20 -25.49
CA ASN B 1491 -8.21 -47.60 -26.81
C ASN B 1491 -6.94 -46.74 -26.82
N ASN B 1492 -6.63 -46.13 -25.68
CA ASN B 1492 -5.43 -45.33 -25.52
C ASN B 1492 -4.17 -46.20 -25.44
N LEU B 1493 -4.33 -47.40 -24.87
CA LEU B 1493 -3.24 -48.38 -24.78
C LEU B 1493 -2.96 -49.01 -26.15
N ARG B 1494 -4.01 -49.15 -26.95
CA ARG B 1494 -3.89 -49.69 -28.30
C ARG B 1494 -3.27 -48.67 -29.26
N ASN B 1495 -3.54 -47.39 -29.01
CA ASN B 1495 -2.98 -46.29 -29.79
C ASN B 1495 -1.49 -46.07 -29.47
N LYS B 1496 -1.13 -46.34 -28.21
CA LYS B 1496 0.26 -46.23 -27.75
C LYS B 1496 1.12 -47.37 -28.29
N THR B 1497 0.50 -48.54 -28.45
CA THR B 1497 1.17 -49.72 -28.99
C THR B 1497 1.39 -49.62 -30.50
N ARG B 1498 0.46 -48.94 -31.17
CA ARG B 1498 0.54 -48.74 -32.62
C ARG B 1498 1.52 -47.64 -32.98
N ASP B 1505 -0.59 -52.78 -35.87
CA ASP B 1505 -0.72 -52.65 -34.43
C ASP B 1505 -2.11 -53.06 -33.94
N THR B 1506 -2.88 -53.70 -34.82
CA THR B 1506 -4.22 -54.17 -34.48
C THR B 1506 -4.43 -55.62 -34.91
N GLU B 1507 -4.62 -56.49 -33.92
CA GLU B 1507 -4.94 -57.90 -34.19
C GLU B 1507 -6.38 -57.41 -34.06
N GLN B 1508 -7.31 -58.28 -33.80
CA GLN B 1508 -8.74 -58.19 -34.09
C GLN B 1508 -9.59 -58.75 -32.94
N GLU B 1509 -10.87 -58.39 -32.94
CA GLU B 1509 -11.82 -58.87 -31.93
C GLU B 1509 -11.47 -58.60 -30.47
N LEU B 1510 -11.67 -59.46 -29.58
CA LEU B 1510 -11.53 -59.19 -28.15
C LEU B 1510 -10.01 -59.14 -28.19
N TYR B 1511 -9.42 -60.19 -28.75
CA TYR B 1511 -7.99 -60.20 -29.07
C TYR B 1511 -7.29 -59.03 -28.39
N ASP B 1512 -7.92 -57.87 -28.52
CA ASP B 1512 -7.43 -56.62 -27.94
C ASP B 1512 -7.27 -56.77 -26.42
N TRP B 1513 -8.31 -57.32 -25.83
CA TRP B 1513 -8.37 -57.56 -24.38
C TRP B 1513 -7.20 -58.45 -23.95
N PHE B 1514 -7.01 -59.50 -24.71
CA PHE B 1514 -5.95 -60.49 -24.47
C PHE B 1514 -4.58 -59.79 -24.49
N VAL B 1515 -4.41 -58.97 -25.51
CA VAL B 1515 -3.17 -58.20 -25.72
C VAL B 1515 -2.89 -57.32 -24.49
N GLY B 1516 -3.94 -56.65 -24.07
CA GLY B 1516 -3.90 -55.75 -22.91
C GLY B 1516 -3.43 -56.51 -21.67
N GLU B 1517 -4.05 -57.67 -21.48
CA GLU B 1517 -3.75 -58.56 -20.36
C GLU B 1517 -2.27 -58.93 -20.36
N ILE B 1518 -1.81 -59.31 -21.54
CA ILE B 1518 -0.42 -59.71 -21.77
C ILE B 1518 0.54 -58.58 -21.36
N ALA B 1519 0.18 -57.39 -21.83
CA ALA B 1519 0.94 -56.17 -21.54
C ALA B 1519 1.06 -55.95 -20.04
N LYS B 1520 0.17 -56.79 -19.57
CA LYS B 1520 0.19 -56.11 -18.28
C LYS B 1520 0.40 -57.11 -17.13
N ASN B 1521 1.29 -58.07 -17.36
CA ASN B 1521 1.62 -59.10 -16.37
C ASN B 1521 2.46 -58.53 -15.23
N LEU B 1522 2.39 -59.18 -14.08
CA LEU B 1522 3.13 -58.75 -12.88
C LEU B 1522 3.41 -59.93 -11.93
N HIS B 1523 3.72 -59.60 -10.69
CA HIS B 1523 3.94 -60.61 -9.64
C HIS B 1523 3.23 -60.20 -8.35
N VAL B 1524 2.65 -61.17 -7.65
CA VAL B 1524 1.93 -60.91 -6.41
C VAL B 1524 2.67 -61.49 -5.20
N VAL B 1525 3.02 -60.61 -4.27
CA VAL B 1525 3.72 -61.02 -3.04
C VAL B 1525 2.83 -60.77 -1.83
N PHE B 1526 2.68 -61.81 -1.00
CA PHE B 1526 1.84 -61.73 0.20
C PHE B 1526 2.66 -61.93 1.47
N THR B 1527 2.33 -61.16 2.50
CA THR B 1527 2.99 -61.26 3.79
C THR B 1527 1.98 -61.35 4.93
N ILE B 1528 2.15 -62.36 5.78
CA ILE B 1528 1.24 -62.58 6.92
C ILE B 1528 1.98 -63.18 8.11
N CYS B 1529 1.76 -62.60 9.29
CA CYS B 1529 2.37 -63.08 10.53
C CYS B 1529 1.44 -64.05 11.26
N ASP B 1530 0.17 -64.08 10.84
CA ASP B 1530 -0.81 -64.97 11.46
C ASP B 1530 -0.67 -66.40 10.95
N PRO B 1531 -1.00 -67.36 11.82
CA PRO B 1531 -0.89 -68.77 11.45
C PRO B 1531 -1.12 -69.66 12.67
N THR B 1532 -0.82 -69.13 13.85
CA THR B 1532 -0.98 -69.88 15.10
C THR B 1532 -2.46 -70.06 15.44
N ASN B 1533 -3.32 -69.35 14.71
CA ASN B 1533 -4.76 -69.43 14.93
C ASN B 1533 -5.25 -70.07 13.64
N ASN B 1534 -6.50 -69.78 13.29
CA ASN B 1534 -7.09 -70.32 12.07
C ASN B 1534 -7.90 -69.34 11.24
N LYS B 1535 -7.69 -68.05 11.48
CA LYS B 1535 -8.40 -67.01 10.76
C LYS B 1535 -7.63 -66.59 9.51
N SER B 1536 -6.33 -66.37 9.66
CA SER B 1536 -5.47 -65.97 8.54
C SER B 1536 -4.81 -67.17 7.87
N SER B 1537 -4.58 -68.23 8.64
CA SER B 1537 -4.04 -69.48 8.13
C SER B 1537 -5.06 -70.22 7.28
N ALA B 1538 -6.33 -70.09 7.66
CA ALA B 1538 -7.44 -70.68 6.89
C ALA B 1538 -7.73 -69.86 5.63
N MET B 1539 -7.49 -68.55 5.71
CA MET B 1539 -7.67 -67.63 4.58
C MET B 1539 -6.57 -67.82 3.53
N ILE B 1540 -5.37 -68.14 4.00
CA ILE B 1540 -4.23 -68.43 3.12
C ILE B 1540 -4.38 -69.79 2.46
N SER B 1541 -5.00 -70.73 3.18
CA SER B 1541 -5.28 -72.06 2.66
C SER B 1541 -6.41 -72.04 1.62
N SER B 1542 -7.39 -71.17 1.85
CA SER B 1542 -8.51 -70.99 0.92
C SER B 1542 -8.07 -70.28 -0.36
N PRO B 1543 -7.07 -69.41 -0.23
CA PRO B 1543 -6.48 -68.72 -1.37
C PRO B 1543 -5.63 -69.68 -2.21
N ALA B 1544 -4.91 -70.56 -1.55
CA ALA B 1544 -4.05 -71.55 -2.21
C ALA B 1544 -4.85 -72.69 -2.85
N LEU B 1545 -5.95 -73.00 -2.41
CA LEU B 1545 -6.79 -74.07 -2.93
C LEU B 1545 -6.87 -74.03 -4.45
N PHE B 1546 -6.38 -72.97 -4.90
CA PHE B 1546 -6.37 -72.81 -6.35
C PHE B 1546 -5.03 -73.22 -6.95
N ASN B 1547 -3.95 -72.77 -6.33
CA ASN B 1547 -2.61 -73.09 -6.80
C ASN B 1547 -1.60 -72.05 -6.34
N ARG B 1548 -0.71 -71.65 -7.23
CA ARG B 1548 0.31 -70.65 -6.93
C ARG B 1548 1.00 -70.84 -5.58
N CYS B 1549 1.84 -71.86 -5.49
CA CYS B 1549 2.59 -72.12 -4.26
C CYS B 1549 3.75 -71.14 -4.22
N ILE B 1550 4.74 -71.45 -3.37
CA ILE B 1550 5.90 -70.58 -3.23
C ILE B 1550 5.78 -70.15 -1.77
N ILE B 1551 6.16 -71.05 -0.86
CA ILE B 1551 6.09 -70.76 0.56
C ILE B 1551 7.45 -70.99 1.22
N ASN B 1552 7.97 -69.96 1.87
CA ASN B 1552 9.29 -70.01 2.51
C ASN B 1552 9.22 -69.71 4.00
N TRP B 1553 9.84 -70.58 4.80
CA TRP B 1553 9.89 -70.41 6.25
C TRP B 1553 11.29 -70.01 6.70
N MET B 1554 11.37 -68.91 7.45
CA MET B 1554 12.64 -68.39 7.95
C MET B 1554 12.83 -68.72 9.43
N THR B 1559 16.53 -72.81 10.77
CA THR B 1559 16.15 -71.84 11.85
C THR B 1559 17.23 -71.78 12.95
N LYS B 1560 17.76 -72.94 13.31
CA LYS B 1560 18.80 -73.05 14.33
C LYS B 1560 20.16 -72.55 13.82
N THR B 1561 20.42 -72.78 12.53
CA THR B 1561 21.65 -72.33 11.88
C THR B 1561 21.65 -70.82 11.65
N MET B 1562 20.46 -70.26 11.41
CA MET B 1562 20.29 -68.82 11.22
C MET B 1562 20.43 -68.06 12.54
N SER B 1563 20.00 -68.70 13.63
CA SER B 1563 20.12 -68.13 14.97
C SER B 1563 21.56 -68.15 15.48
N GLN B 1564 22.31 -69.17 15.05
CA GLN B 1564 23.73 -69.31 15.40
C GLN B 1564 24.59 -68.31 14.62
N VAL B 1565 24.17 -68.01 13.39
CA VAL B 1565 24.85 -67.03 12.54
C VAL B 1565 24.58 -65.60 13.01
N ALA B 1566 23.39 -65.38 13.57
CA ALA B 1566 23.00 -64.08 14.11
C ALA B 1566 23.71 -63.78 15.43
N ASN B 1567 23.98 -64.84 16.20
CA ASN B 1567 24.70 -64.73 17.47
C ASN B 1567 26.19 -64.46 17.25
N ASN B 1568 26.73 -65.01 16.16
CA ASN B 1568 28.12 -64.81 15.78
C ASN B 1568 28.35 -63.41 15.19
N MET B 1569 27.33 -62.89 14.51
CA MET B 1569 27.38 -61.55 13.92
C MET B 1569 27.24 -60.45 14.98
N VAL B 1570 26.45 -60.73 16.01
CA VAL B 1570 26.25 -59.80 17.13
C VAL B 1570 27.49 -59.75 18.02
N ASP B 1571 28.22 -60.86 18.08
CA ASP B 1571 29.46 -60.94 18.85
C ASP B 1571 30.67 -60.55 18.00
N VAL B 1572 30.41 -60.04 16.79
CA VAL B 1572 31.46 -59.55 15.89
C VAL B 1572 31.53 -58.03 15.90
N VAL B 1573 30.29 -57.22 16.41
CA VAL B 1573 30.18 -55.77 16.54
C VAL B 1573 30.61 -55.32 17.93
N PRO B 1574 30.19 -55.50 18.75
CA PRO B 1574 30.60 -55.20 20.12
C PRO B 1574 31.79 -56.08 20.51
N MET B 1575 33.08 -55.97 19.87
CA MET B 1575 33.81 -57.26 19.85
C MET B 1575 34.37 -56.96 21.25
N GLU B 1576 34.59 -55.82 21.66
CA GLU B 1576 35.54 -55.86 22.77
C GLU B 1576 35.36 -57.11 23.66
N PHE B 1577 36.48 -57.91 23.71
CA PHE B 1577 36.66 -59.03 24.63
C PHE B 1577 37.23 -58.51 25.96
N THR B 1578 36.89 -59.19 26.92
CA THR B 1578 36.41 -60.56 27.21
C THR B 1578 37.36 -61.66 26.73
N ASP B 1579 36.55 -62.75 26.10
CA ASP B 1579 37.27 -63.86 25.48
C ASP B 1579 37.13 -64.53 24.12
N PHE B 1580 36.17 -65.45 23.99
CA PHE B 1580 35.81 -66.03 22.70
C PHE B 1580 34.32 -66.08 23.05
N ILE B 1581 33.87 -65.09 23.82
CA ILE B 1581 32.49 -64.99 24.28
C ILE B 1581 31.53 -64.65 23.14
N VAL B 1582 31.17 -65.69 22.39
CA VAL B 1582 30.19 -65.61 21.32
C VAL B 1582 29.44 -66.92 21.52
N PRO B 1583 30.18 -68.02 21.46
CA PRO B 1583 29.66 -69.35 21.76
C PRO B 1583 28.88 -69.47 23.07
N GLU B 1584 29.33 -68.75 24.09
CA GLU B 1584 28.62 -68.70 25.38
C GLU B 1584 27.36 -67.85 25.28
N VAL B 1585 27.41 -66.82 24.42
CA VAL B 1585 26.27 -65.96 24.15
C VAL B 1585 25.22 -66.67 23.28
N ASN B 1586 25.69 -67.54 22.39
CA ASN B 1586 24.82 -68.34 21.54
C ASN B 1586 24.15 -69.46 22.33
N LYS B 1587 24.87 -69.98 23.33
CA LYS B 1587 24.35 -71.01 24.22
C LYS B 1587 23.31 -70.43 25.19
N GLU B 1588 23.51 -69.19 25.58
CA GLU B 1588 22.58 -68.47 26.45
C GLU B 1588 21.31 -68.08 25.70
N LEU B 1589 21.46 -67.79 24.40
CA LEU B 1589 20.33 -67.45 23.53
C LEU B 1589 19.50 -68.70 23.20
N VAL B 1590 20.18 -69.84 23.09
CA VAL B 1590 19.52 -71.12 22.84
C VAL B 1590 18.80 -71.62 24.08
N PHE B 1591 19.36 -71.33 25.25
CA PHE B 1591 18.73 -71.67 26.53
C PHE B 1591 17.52 -70.77 26.81
N THR B 1592 17.61 -69.52 26.35
CA THR B 1592 16.50 -68.57 26.45
C THR B 1592 15.37 -68.94 25.49
N GLU B 1593 15.73 -69.48 24.34
CA GLU B 1593 14.75 -69.95 23.34
C GLU B 1593 14.06 -71.22 23.80
N PRO B 1594 14.78 -72.07 24.53
CA PRO B 1594 14.23 -73.27 25.13
C PRO B 1594 13.31 -72.92 26.30
N ILE B 1595 13.63 -71.84 26.99
CA ILE B 1595 12.80 -71.29 28.05
C ILE B 1595 11.63 -70.50 27.47
N GLN B 1596 11.81 -70.00 26.25
CA GLN B 1596 10.74 -69.31 25.51
C GLN B 1596 9.75 -70.32 24.93
N THR B 1597 10.22 -71.54 24.70
CA THR B 1597 9.37 -72.63 24.23
C THR B 1597 8.36 -73.02 25.32
N ILE B 1598 8.79 -72.98 26.65
CA ILE B 1598 8.09 -73.78 27.67
C ILE B 1598 6.56 -73.70 27.64
N ARG B 1599 5.86 -72.80 27.44
CA ARG B 1599 4.42 -72.79 27.21
C ARG B 1599 4.09 -72.94 25.73
N ASP B 1600 4.49 -71.94 24.93
CA ASP B 1600 4.26 -71.95 23.49
C ASP B 1600 5.47 -71.44 22.73
N PRO B 1626 17.77 -58.41 15.78
CA PRO B 1626 17.01 -59.22 16.73
C PRO B 1626 17.14 -58.67 18.16
N GLY B 1627 16.52 -59.35 19.11
CA GLY B 1627 16.54 -58.96 20.52
C GLY B 1627 17.93 -59.17 21.15
N TYR B 1628 18.65 -60.17 20.66
CA TYR B 1628 20.00 -60.46 21.12
C TYR B 1628 21.01 -59.41 20.65
N PHE B 1629 20.78 -58.88 19.44
CA PHE B 1629 21.62 -57.83 18.87
C PHE B 1629 21.37 -56.48 19.53
N ILE B 1630 20.13 -56.26 19.96
CA ILE B 1630 19.75 -55.04 20.68
C ILE B 1630 20.27 -55.08 22.12
N ASP B 1631 20.32 -56.28 22.70
CA ASP B 1631 20.86 -56.49 24.04
C ASP B 1631 22.39 -56.56 24.03
N GLY B 1632 22.96 -56.75 22.83
CA GLY B 1632 24.42 -56.77 22.65
C GLY B 1632 25.03 -55.37 22.87
N LEU B 1633 24.17 -54.36 22.93
CA LEU B 1633 24.58 -52.99 23.24
C LEU B 1633 24.90 -52.84 24.74
N ARG B 1634 25.04 -53.96 25.43
CA ARG B 1634 25.44 -53.98 26.83
C ARG B 1634 26.92 -53.60 27.00
N ALA B 1635 27.60 -53.43 25.87
CA ALA B 1635 28.98 -52.93 25.84
C ALA B 1635 29.04 -51.46 26.29
N LEU B 1636 27.92 -50.76 26.16
CA LEU B 1636 27.78 -49.38 26.65
C LEU B 1636 27.81 -49.33 28.17
N VAL B 1637 27.28 -50.36 28.80
CA VAL B 1637 27.35 -50.51 30.26
C VAL B 1637 28.74 -50.91 30.71
N LYS B 1638 29.44 -51.65 29.86
CA LYS B 1638 30.83 -52.05 30.11
C LYS B 1638 31.78 -50.87 29.89
N LEU B 1639 31.44 -50.00 28.95
CA LEU B 1639 32.23 -48.80 28.66
C LEU B 1639 32.05 -47.74 29.75
N VAL B 1640 30.86 -47.70 30.34
CA VAL B 1640 30.54 -46.78 31.44
C VAL B 1640 31.22 -47.23 32.73
N THR B 1641 31.37 -48.54 32.90
CA THR B 1641 32.05 -49.12 34.05
C THR B 1641 33.56 -48.95 33.96
N ALA B 1642 34.08 -48.95 32.74
CA ALA B 1642 35.52 -48.76 32.48
C ALA B 1642 35.94 -47.32 32.71
N LYS B 1643 35.06 -46.39 32.36
CA LYS B 1643 35.30 -44.95 32.56
C LYS B 1643 35.20 -44.55 34.03
N TYR B 1644 34.32 -45.24 34.76
CA TYR B 1644 34.13 -45.01 36.19
C TYR B 1644 35.29 -45.57 37.01
N GLN B 1645 35.84 -46.69 36.57
CA GLN B 1645 37.00 -47.32 37.22
C GLN B 1645 38.28 -46.54 36.98
N ASP B 1646 38.37 -45.92 35.80
CA ASP B 1646 39.53 -45.09 35.43
C ASP B 1646 39.52 -43.76 36.18
N LEU B 1647 38.33 -43.22 36.42
CA LEU B 1647 38.15 -41.98 37.16
C LEU B 1647 38.40 -42.18 38.66
N GLN B 1648 38.05 -43.37 39.15
CA GLN B 1648 38.28 -43.74 40.56
C GLN B 1648 39.76 -43.99 40.84
N GLU B 1649 40.47 -44.51 39.84
CA GLU B 1649 41.90 -44.78 39.95
C GLU B 1649 42.74 -43.51 39.80
N ASN B 1650 42.24 -42.56 39.03
CA ASN B 1650 42.92 -41.29 38.81
C ASN B 1650 42.85 -40.37 40.02
N GLN B 1651 41.69 -40.36 40.68
CA GLN B 1651 41.48 -39.55 41.88
C GLN B 1651 42.18 -40.14 43.10
N ARG B 1652 42.36 -41.46 43.10
CA ARG B 1652 43.03 -42.16 44.19
C ARG B 1652 44.55 -42.00 44.15
N PHE B 1653 45.11 -42.03 42.93
CA PHE B 1653 46.55 -41.87 42.73
C PHE B 1653 47.01 -40.43 42.99
N VAL B 1654 46.13 -39.47 42.71
CA VAL B 1654 46.40 -38.06 42.95
C VAL B 1654 46.34 -37.71 44.45
N ASN B 1655 45.48 -38.40 45.18
CA ASN B 1655 45.31 -38.20 46.61
C ASN B 1655 46.48 -38.80 47.40
N VAL B 1656 47.03 -39.90 46.91
CA VAL B 1656 48.17 -40.56 47.54
C VAL B 1656 49.47 -39.80 47.30
N GLY B 1657 49.57 -39.13 46.15
CA GLY B 1657 50.73 -38.34 45.79
C GLY B 1657 50.80 -37.02 46.57
N LEU B 1658 49.63 -36.45 46.85
CA LEU B 1658 49.53 -35.20 47.61
C LEU B 1658 49.81 -35.43 49.10
N GLU B 1659 49.49 -36.62 49.58
CA GLU B 1659 49.71 -37.00 50.98
C GLU B 1659 51.18 -37.29 51.27
N LYS B 1660 51.88 -37.86 50.29
CA LYS B 1660 53.29 -38.18 50.41
C LYS B 1660 54.16 -36.92 50.34
N LEU B 1661 53.69 -35.93 49.59
CA LEU B 1661 54.38 -34.64 49.47
C LEU B 1661 54.23 -33.79 50.73
N ASN B 1662 53.09 -33.92 51.39
CA ASN B 1662 52.80 -33.18 52.62
C ASN B 1662 53.56 -33.75 53.82
N GLU B 1663 53.78 -35.06 53.81
CA GLU B 1663 54.51 -35.75 54.88
C GLU B 1663 56.01 -35.49 54.81
N SER B 1664 56.53 -35.32 53.59
CA SER B 1664 57.94 -35.05 53.35
C SER B 1664 58.31 -33.61 53.72
N VAL B 1665 57.39 -32.68 53.50
CA VAL B 1665 57.60 -31.26 53.80
C VAL B 1665 57.43 -30.99 55.29
N LEU B 1666 52.20 -32.17 65.40
CA LEU B 1666 52.64 -33.57 65.36
C LEU B 1666 51.47 -34.55 65.38
N GLU B 1684 50.46 -34.24 66.20
CA GLU B 1684 49.26 -35.07 66.32
C GLU B 1684 48.34 -34.92 65.12
N ALA B 1685 48.29 -33.70 64.56
CA ALA B 1685 47.48 -33.41 63.39
C ALA B 1685 48.08 -34.00 62.11
N SER B 1686 49.41 -34.06 62.07
CA SER B 1686 50.13 -34.64 60.93
C SER B 1686 50.03 -36.17 60.93
N ILE B 1687 49.97 -36.76 62.13
CA ILE B 1687 49.83 -38.20 62.29
C ILE B 1687 48.41 -38.65 61.96
N SER B 1688 47.43 -37.79 62.25
CA SER B 1688 46.03 -38.05 61.95
C SER B 1688 45.74 -37.92 60.45
N LEU B 1689 46.48 -37.02 59.80
CA LEU B 1689 46.37 -36.82 58.35
C LEU B 1689 47.00 -37.98 57.58
N VAL B 1690 48.06 -38.57 58.14
CA VAL B 1690 48.73 -39.71 57.54
C VAL B 1690 47.93 -41.00 57.73
N LYS B 1691 47.21 -41.08 58.85
CA LYS B 1691 46.35 -42.24 59.16
C LYS B 1691 45.11 -42.26 58.27
N SER B 1692 44.58 -41.08 57.97
CA SER B 1692 43.42 -40.94 57.07
C SER B 1692 43.82 -41.18 55.62
N LEU B 1693 45.05 -40.85 55.28
CA LEU B 1693 45.60 -41.07 53.94
C LEU B 1693 45.88 -42.56 53.70
N THR B 1694 46.29 -43.26 54.75
CA THR B 1694 46.55 -44.69 54.69
C THR B 1694 45.25 -45.47 54.57
N PHE B 1695 44.19 -44.96 55.19
CA PHE B 1695 42.86 -45.55 55.10
C PHE B 1695 42.22 -45.29 53.74
N GLU B 1696 42.55 -44.14 53.14
CA GLU B 1696 42.08 -43.77 51.80
C GLU B 1696 42.79 -44.59 50.72
N LYS B 1697 44.06 -44.90 50.96
CA LYS B 1697 44.85 -45.72 50.04
C LYS B 1697 44.48 -47.20 50.14
N GLU B 1698 44.07 -47.62 51.33
CA GLU B 1698 43.60 -48.99 51.56
C GLU B 1698 42.23 -49.21 50.92
N ARG B 1699 41.38 -48.19 50.99
CA ARG B 1699 40.07 -48.21 50.33
C ARG B 1699 40.21 -48.10 48.81
N TRP B 1700 41.29 -47.44 48.39
CA TRP B 1700 41.61 -47.32 46.96
C TRP B 1700 42.08 -48.66 46.39
N LEU B 1701 42.94 -49.35 47.14
CA LEU B 1701 43.44 -50.67 46.75
C LEU B 1701 42.35 -51.73 46.83
N ASN B 1702 41.40 -51.53 47.73
CA ASN B 1702 40.23 -52.39 47.84
C ASN B 1702 39.27 -52.17 46.66
N THR B 1703 39.25 -50.93 46.15
CA THR B 1703 38.41 -50.57 45.01
C THR B 1703 39.17 -50.66 43.68
N THR B 1704 40.44 -51.04 43.75
CA THR B 1704 41.26 -51.24 42.55
C THR B 1704 41.21 -52.70 42.09
N LYS B 1705 41.36 -53.62 43.04
CA LYS B 1705 41.30 -55.05 42.76
C LYS B 1705 39.87 -55.53 42.59
N GLN B 1706 38.94 -54.90 43.32
CA GLN B 1706 37.52 -55.24 43.23
C GLN B 1706 36.85 -54.66 42.00
N PHE B 1707 37.46 -53.64 41.40
CA PHE B 1707 36.98 -53.04 40.15
C PHE B 1707 37.06 -54.03 38.99
N SER B 1708 38.12 -54.82 38.98
CA SER B 1708 38.30 -55.90 38.02
C SER B 1708 37.37 -57.07 38.35
N LYS B 1709 37.10 -57.25 39.64
CA LYS B 1709 36.17 -58.27 40.12
C LYS B 1709 34.72 -57.86 39.84
N THR B 1710 34.46 -56.55 39.85
CA THR B 1710 33.14 -56.01 39.55
C THR B 1710 32.84 -56.08 38.05
N SER B 1711 33.81 -55.66 37.24
CA SER B 1711 33.68 -55.67 35.78
C SER B 1711 33.51 -57.08 35.22
N GLN B 1712 34.09 -58.07 35.92
CA GLN B 1712 33.96 -59.47 35.52
C GLN B 1712 32.63 -60.06 35.95
N GLU B 1713 32.22 -59.79 37.20
CA GLU B 1713 30.99 -60.34 37.76
C GLU B 1713 29.73 -59.67 37.20
N LEU B 1714 29.80 -58.36 36.98
CA LEU B 1714 28.66 -57.60 36.46
C LEU B 1714 28.36 -57.95 35.00
N ILE B 1715 29.37 -57.89 34.14
CA ILE B 1715 29.20 -58.18 32.71
C ILE B 1715 28.77 -59.62 32.43
N GLY B 1716 29.12 -60.53 33.34
CA GLY B 1716 28.77 -61.95 33.22
C GLY B 1716 27.30 -62.22 33.51
N ASN B 1717 26.67 -61.36 34.29
CA ASN B 1717 25.28 -61.55 34.72
C ASN B 1717 24.31 -60.46 34.24
N CYS B 1718 24.75 -59.20 34.29
CA CYS B 1718 23.90 -58.07 33.91
C CYS B 1718 23.54 -58.04 32.42
N ILE B 1719 24.42 -58.61 31.60
CA ILE B 1719 24.16 -58.75 30.16
C ILE B 1719 23.04 -59.76 29.92
N ILE B 1720 22.97 -60.77 30.78
CA ILE B 1720 21.91 -61.77 30.74
C ILE B 1720 20.66 -61.28 31.46
N SER B 1721 20.85 -60.38 32.42
CA SER B 1721 19.75 -59.77 33.18
C SER B 1721 18.95 -58.79 32.32
N SER B 1722 19.65 -58.11 31.41
CA SER B 1722 19.01 -57.21 30.44
C SER B 1722 18.31 -58.00 29.34
N ILE B 1723 18.86 -59.18 29.03
CA ILE B 1723 18.29 -60.09 28.04
C ILE B 1723 17.03 -60.77 28.56
N TYR B 1724 16.97 -61.00 29.87
CA TYR B 1724 15.81 -61.58 30.54
C TYR B 1724 14.66 -60.58 30.63
N GLU B 1725 15.00 -59.29 30.68
CA GLU B 1725 14.01 -58.22 30.73
C GLU B 1725 13.51 -57.83 29.34
N THR B 1726 14.32 -58.09 28.32
CA THR B 1726 13.98 -57.78 26.93
C THR B 1726 12.86 -58.68 26.39
N TYR B 1727 12.86 -59.93 26.84
CA TYR B 1727 11.81 -60.89 26.49
C TYR B 1727 10.62 -60.81 27.45
N PHE B 1728 11.09 -59.39 28.09
CA PHE B 1728 10.08 -59.62 29.14
C PHE B 1728 10.20 -60.99 29.82
N GLY B 1729 8.92 -62.02 29.56
CA GLY B 1729 8.49 -63.12 30.46
C GLY B 1729 7.53 -62.74 31.62
N HIS B 1730 6.37 -62.01 31.95
CA HIS B 1730 6.20 -60.90 31.03
C HIS B 1730 5.90 -59.75 32.00
N LEU B 1731 6.19 -59.88 33.31
CA LEU B 1731 6.90 -61.02 33.90
C LEU B 1731 6.12 -61.59 35.08
N ASN B 1732 6.19 -62.92 35.24
CA ASN B 1732 5.51 -63.62 36.34
C ASN B 1732 6.41 -64.80 36.71
N GLU B 1733 5.81 -65.86 37.25
CA GLU B 1733 6.55 -67.07 37.62
C GLU B 1733 7.50 -67.65 36.58
N ARG B 1734 7.24 -67.34 35.31
CA ARG B 1734 8.09 -67.77 34.20
C ARG B 1734 9.43 -67.03 34.19
N GLU B 1735 9.45 -65.83 34.76
CA GLU B 1735 10.66 -65.01 34.85
C GLU B 1735 11.67 -65.61 35.83
N ARG B 1736 11.18 -66.04 36.99
CA ARG B 1736 12.03 -66.65 38.02
C ARG B 1736 12.55 -68.02 37.59
N GLY B 1737 11.77 -68.72 36.77
CA GLY B 1737 12.16 -70.02 36.22
C GLY B 1737 13.21 -69.87 35.12
N ASP B 1738 13.09 -68.80 34.34
CA ASP B 1738 14.02 -68.52 33.24
C ASP B 1738 15.34 -67.95 33.75
N MET B 1739 15.27 -67.15 34.80
CA MET B 1739 16.46 -66.56 35.42
C MET B 1739 17.31 -67.60 36.15
N LEU B 1740 16.65 -68.61 36.71
CA LEU B 1740 17.32 -69.71 37.38
C LEU B 1740 17.95 -70.68 36.37
N VAL B 1741 17.29 -70.84 35.22
CA VAL B 1741 17.77 -71.72 34.15
C VAL B 1741 18.98 -71.12 33.42
N ILE B 1742 18.99 -69.78 33.31
CA ILE B 1742 20.09 -69.07 32.67
C ILE B 1742 21.33 -69.02 33.57
N LEU B 1743 21.10 -69.04 34.88
CA LEU B 1743 22.19 -69.02 35.87
C LEU B 1743 22.73 -70.41 36.17
N LYS B 1744 22.08 -71.44 35.65
CA LYS B 1744 22.49 -72.83 35.85
C LYS B 1744 23.09 -73.45 34.59
N ARG B 1745 23.23 -72.66 33.54
CA ARG B 1745 23.77 -73.13 32.25
C ARG B 1745 25.24 -73.60 32.31
N LEU B 1746 26.21 -72.75 32.68
CA LEU B 1746 26.02 -71.33 32.98
C LEU B 1746 27.07 -70.49 32.26
N LEU B 1747 28.31 -70.96 32.30
CA LEU B 1747 29.48 -70.31 31.67
C LEU B 1747 29.77 -68.90 32.19
N GLY B 1748 29.22 -68.71 33.38
CA GLY B 1748 29.25 -67.35 33.93
C GLY B 1748 29.13 -67.36 35.44
N LYS B 1749 29.11 -66.17 36.03
CA LYS B 1749 28.99 -66.04 37.48
C LYS B 1749 27.92 -65.01 37.86
N PHE B 1750 27.93 -64.38 39.06
CA PHE B 1750 26.99 -63.37 39.53
C PHE B 1750 27.60 -62.26 40.38
N ALA B 1751 28.12 -62.51 41.54
CA ALA B 1751 27.27 -63.51 42.17
C ALA B 1751 26.78 -63.17 43.58
N VAL B 1752 25.46 -63.07 43.73
CA VAL B 1752 24.54 -63.28 42.61
C VAL B 1752 23.88 -61.97 42.18
N LYS B 1753 24.23 -61.50 40.99
CA LYS B 1753 23.67 -60.26 40.46
C LYS B 1753 23.25 -60.43 39.00
N TYR B 1754 22.42 -61.23 39.01
CA TYR B 1754 21.36 -61.68 39.90
C TYR B 1754 20.32 -60.62 40.28
N ASP B 1755 20.32 -61.05 42.05
CA ASP B 1755 19.47 -60.20 42.87
C ASP B 1755 20.57 -59.35 43.51
N VAL B 1756 20.31 -58.48 44.49
CA VAL B 1756 21.30 -57.73 45.25
C VAL B 1756 21.50 -56.39 44.53
N ASN B 1757 20.87 -56.39 43.16
CA ASN B 1757 20.79 -55.10 42.49
C ASN B 1757 19.42 -55.08 41.81
N TYR B 1758 19.48 -55.91 40.62
CA TYR B 1758 18.31 -56.02 39.76
C TYR B 1758 17.86 -54.58 39.48
N ARG B 1759 16.65 -54.25 39.92
CA ARG B 1759 16.12 -52.91 39.70
C ARG B 1759 17.13 -51.81 40.00
N PHE B 1760 18.15 -52.15 40.77
CA PHE B 1760 19.19 -51.18 41.13
C PHE B 1760 20.21 -51.03 40.00
N ILE B 1761 20.70 -52.16 39.49
CA ILE B 1761 21.68 -52.15 38.40
C ILE B 1761 21.30 -51.11 37.36
N ASP B 1762 20.02 -51.15 37.00
CA ASP B 1762 19.44 -50.24 36.00
C ASP B 1762 19.65 -48.79 36.45
N TYR B 1763 19.34 -48.52 37.71
CA TYR B 1763 19.48 -47.17 38.26
C TYR B 1763 19.25 -45.67 38.25
N LEU B 1764 18.06 -45.22 38.63
CA LEU B 1764 16.96 -46.09 39.05
C LEU B 1764 16.84 -44.92 40.02
N VAL B 1765 17.46 -45.05 41.19
CA VAL B 1765 17.43 -44.00 42.19
C VAL B 1765 16.41 -42.92 41.79
N THR B 1766 16.91 -41.81 41.27
CA THR B 1766 16.05 -40.71 40.84
C THR B 1766 14.83 -41.25 40.09
N LEU B 1767 15.08 -42.10 39.10
CA LEU B 1767 14.01 -42.69 38.32
C LEU B 1767 12.92 -43.26 39.22
N ASP B 1768 13.24 -44.37 39.89
CA ASP B 1768 12.30 -45.01 40.78
C ASP B 1768 11.55 -43.97 41.62
N GLU B 1769 12.31 -43.07 42.24
CA GLU B 1769 11.72 -42.03 43.07
C GLU B 1769 10.60 -41.29 42.35
N LYS B 1770 10.98 -40.49 41.36
CA LYS B 1770 10.00 -39.73 40.58
C LYS B 1770 8.80 -40.60 40.24
N MET B 1771 9.09 -41.81 39.74
CA MET B 1771 8.04 -42.75 39.38
C MET B 1771 7.03 -42.98 40.49
N LYS B 1772 7.45 -43.71 41.52
CA LYS B 1772 6.59 -43.98 42.66
C LYS B 1772 5.96 -42.68 43.15
N TRP B 1773 6.77 -41.63 43.24
CA TRP B 1773 6.30 -40.33 43.68
C TRP B 1773 5.29 -39.76 42.68
N LEU B 1774 5.59 -39.89 41.40
CA LEU B 1774 4.71 -39.41 40.34
C LEU B 1774 3.49 -40.32 40.20
N GLU B 1775 3.70 -41.61 40.41
CA GLU B 1775 2.62 -42.59 40.33
C GLU B 1775 2.08 -42.95 41.70
N CYS B 1776 1.19 -43.85 41.91
CA CYS B 1776 0.50 -45.07 41.51
C CYS B 1776 0.38 -46.57 41.25
N GLY B 1777 0.59 -47.21 41.88
CA GLY B 1777 1.07 -47.90 43.07
C GLY B 1777 2.55 -47.74 43.41
N TYR B 1783 5.40 -54.27 43.26
CA TYR B 1783 6.76 -53.64 43.29
C TYR B 1783 7.66 -54.18 42.18
N PHE B 1784 7.58 -55.48 41.93
CA PHE B 1784 8.38 -56.14 40.90
C PHE B 1784 7.86 -55.82 39.48
N LEU B 1785 6.55 -55.65 39.37
CA LEU B 1785 5.91 -55.30 38.09
C LEU B 1785 6.17 -53.83 37.72
N GLU B 1786 6.28 -52.98 38.74
CA GLU B 1786 6.56 -51.56 38.53
C GLU B 1786 8.02 -51.33 38.15
N ASN B 1787 8.90 -52.18 38.67
CA ASN B 1787 10.33 -52.13 38.36
C ASN B 1787 10.62 -52.64 36.95
N MET B 1788 9.81 -53.61 36.51
CA MET B 1788 9.93 -54.17 35.16
C MET B 1788 9.37 -53.20 34.11
N SER B 1789 8.36 -52.42 34.50
CA SER B 1789 7.78 -51.40 33.63
C SER B 1789 8.69 -50.18 33.49
N ILE B 1790 9.44 -49.89 34.55
CA ILE B 1790 10.40 -48.80 34.55
C ILE B 1790 11.65 -49.14 33.74
N VAL B 1791 12.01 -50.42 33.73
CA VAL B 1791 13.15 -50.92 32.95
C VAL B 1791 12.82 -50.98 31.46
N MET B 1792 11.55 -51.26 31.15
CA MET B 1792 11.06 -51.30 29.77
C MET B 1792 10.94 -49.90 29.18
N ASN B 1793 10.62 -48.92 30.03
CA ASN B 1793 10.51 -47.53 29.62
C ASN B 1793 11.89 -46.90 29.38
N SER B 1794 13.06 -47.43 30.13
CA SER B 1794 14.41 -47.30 29.59
C SER B 1794 14.64 -48.35 28.49
N GLN B 1795 14.45 -48.52 27.14
CA GLN B 1795 14.25 -49.38 25.98
C GLN B 1795 12.93 -49.97 25.53
N VAL B 1798 8.45 -46.69 23.05
CA VAL B 1798 7.14 -47.04 22.52
C VAL B 1798 6.39 -47.75 23.63
N PRO B 1799 7.16 -48.70 24.28
CA PRO B 1799 6.64 -49.49 25.41
C PRO B 1799 5.65 -50.43 26.09
N PHE B 1800 4.90 -51.14 25.61
CA PHE B 1800 3.58 -51.73 25.36
C PHE B 1800 3.03 -52.05 26.75
N LEU B 1801 2.08 -51.23 27.21
CA LEU B 1801 1.47 -51.43 28.51
C LEU B 1801 1.30 -52.84 29.06
N LEU B 1802 1.92 -53.10 30.21
CA LEU B 1802 1.69 -54.32 30.97
C LEU B 1802 0.62 -54.46 32.05
N ASP B 1803 -0.05 -53.37 32.42
CA ASP B 1803 -0.86 -53.39 33.64
C ASP B 1803 -1.99 -52.36 33.82
N PRO B 1804 -2.79 -52.61 34.86
CA PRO B 1804 -3.79 -51.70 35.41
C PRO B 1804 -5.15 -51.67 34.71
N SER B 1805 -5.51 -52.74 34.00
CA SER B 1805 -4.73 -52.64 32.79
C SER B 1805 -4.95 -51.22 32.28
N SER B 1806 -6.19 -50.75 32.41
CA SER B 1806 -6.59 -49.43 31.93
C SER B 1806 -6.36 -48.34 32.98
N HIS B 1807 -6.59 -48.68 34.26
CA HIS B 1807 -6.35 -47.76 35.37
C HIS B 1807 -4.87 -47.57 35.65
N MET B 1808 -4.08 -48.62 35.39
CA MET B 1808 -2.63 -48.57 35.55
C MET B 1808 -1.98 -47.72 34.45
N ILE B 1809 -2.58 -47.75 33.26
CA ILE B 1809 -2.11 -46.94 32.13
C ILE B 1809 -2.50 -45.47 32.32
N THR B 1810 -3.63 -45.24 32.97
CA THR B 1810 -4.11 -43.89 33.28
C THR B 1810 -3.29 -43.26 34.40
N VAL B 1811 -2.83 -44.07 35.34
CA VAL B 1811 -1.98 -43.63 36.43
C VAL B 1811 -0.56 -43.31 35.95
N ILE B 1812 -0.12 -44.05 34.93
CA ILE B 1812 1.19 -43.83 34.32
C ILE B 1812 1.20 -42.57 33.45
N SER B 1813 0.05 -42.27 32.84
CA SER B 1813 -0.12 -41.07 32.03
C SER B 1813 -0.24 -39.83 32.92
N ASN B 1814 -0.73 -40.05 34.20
CA ASN B 1814 -0.94 -38.90 35.05
C ASN B 1814 0.54 -38.50 35.01
N TYR B 1815 1.11 -37.44 34.05
CA TYR B 1815 2.46 -37.38 33.50
C TYR B 1815 3.49 -38.25 32.77
N TYR B 1816 4.71 -38.25 33.28
CA TYR B 1816 5.06 -37.47 34.46
C TYR B 1816 5.11 -35.99 34.13
N GLY B 1817 4.93 -35.65 32.87
CA GLY B 1817 4.96 -34.26 32.42
C GLY B 1817 3.61 -33.86 31.82
N ASN B 1818 3.62 -32.79 31.01
CA ASN B 1818 2.42 -32.30 30.37
C ASN B 1818 2.64 -32.06 28.88
N LYS B 1819 3.80 -32.47 28.39
CA LYS B 1819 4.14 -32.31 26.99
C LYS B 1819 4.06 -33.63 26.23
N THR B 1820 3.06 -34.28 26.74
CA THR B 1820 2.84 -35.50 26.00
C THR B 1820 1.48 -35.42 25.33
N VAL B 1821 1.44 -36.18 25.28
CA VAL B 1821 0.17 -36.13 24.57
C VAL B 1821 -0.52 -37.50 24.55
N LEU B 1822 -1.85 -37.48 24.70
CA LEU B 1822 -2.64 -38.70 24.67
C LEU B 1822 -3.38 -38.84 23.34
N LEU B 1823 -3.60 -40.04 22.91
CA LEU B 1823 -4.38 -40.36 21.73
C LEU B 1823 -4.30 -41.85 21.41
N SER B 1824 -5.32 -42.31 20.46
CA SER B 1824 -5.50 -43.76 20.27
C SER B 1824 -5.77 -44.22 18.83
N PHE B 1825 -4.53 -44.14 17.89
CA PHE B 1825 -4.62 -44.68 16.53
C PHE B 1825 -5.01 -46.15 16.69
N LEU B 1826 -5.72 -46.52 15.65
CA LEU B 1826 -6.01 -45.80 14.41
C LEU B 1826 -7.15 -44.80 14.55
N GLU B 1827 -7.79 -44.67 15.83
CA GLU B 1827 -8.86 -43.73 16.09
C GLU B 1827 -8.34 -42.34 15.75
N GLU B 1828 -9.15 -41.30 15.37
CA GLU B 1828 -8.89 -40.05 14.69
C GLU B 1828 -7.83 -39.26 15.44
N GLY B 1829 -6.89 -38.42 15.54
CA GLY B 1829 -5.44 -38.62 15.62
C GLY B 1829 -4.61 -38.79 14.34
N PHE B 1830 -4.46 -38.66 12.97
CA PHE B 1830 -3.35 -38.58 12.03
C PHE B 1830 -2.69 -37.20 11.90
N VAL B 1831 -3.59 -36.19 11.83
CA VAL B 1831 -3.02 -34.84 11.71
C VAL B 1831 -2.24 -34.52 12.98
N LYS B 1832 -2.83 -34.92 14.09
CA LYS B 1832 -2.31 -34.77 15.43
C LYS B 1832 -1.06 -35.64 15.46
N ARG B 1833 -1.14 -36.77 14.77
CA ARG B 1833 -0.03 -37.73 14.68
C ARG B 1833 1.22 -37.17 14.01
N LEU B 1834 1.05 -36.40 12.93
CA LEU B 1834 2.25 -35.83 12.26
C LEU B 1834 3.06 -34.88 13.18
N GLU B 1835 2.32 -34.04 13.88
CA GLU B 1835 2.76 -33.08 14.89
C GLU B 1835 3.81 -33.69 15.83
N ASN B 1836 3.68 -34.98 16.09
CA ASN B 1836 4.62 -35.71 16.96
C ASN B 1836 5.96 -35.96 16.27
N ALA B 1837 5.91 -36.16 14.95
CA ALA B 1837 7.11 -36.39 14.15
C ALA B 1837 7.90 -35.11 13.92
N VAL B 1838 7.22 -33.97 14.02
CA VAL B 1838 7.86 -32.67 13.85
C VAL B 1838 8.97 -32.49 14.89
N ARG B 1839 8.79 -33.16 16.02
CA ARG B 1839 9.72 -33.11 17.15
C ARG B 1839 10.52 -34.40 17.25
N PHE B 1840 10.48 -35.20 16.19
CA PHE B 1840 11.07 -36.53 16.22
C PHE B 1840 10.37 -37.43 17.25
N GLY B 1841 11.15 -38.07 18.12
CA GLY B 1841 10.59 -39.04 19.05
C GLY B 1841 10.02 -38.39 20.31
N SER B 1842 8.90 -37.69 20.15
CA SER B 1842 8.17 -37.11 21.27
C SER B 1842 7.43 -38.19 22.06
N VAL B 1843 7.22 -37.93 23.36
CA VAL B 1843 6.46 -38.85 24.20
C VAL B 1843 5.02 -38.91 23.69
N VAL B 1844 4.41 -40.10 23.73
CA VAL B 1844 3.09 -40.27 23.15
C VAL B 1844 2.42 -41.55 23.63
N ILE B 1845 1.27 -41.41 24.28
CA ILE B 1845 0.54 -42.56 24.81
C ILE B 1845 -0.70 -42.89 23.99
N ILE B 1846 -0.71 -44.06 23.38
CA ILE B 1846 -1.82 -44.47 22.52
C ILE B 1846 -2.75 -45.45 23.22
N GLN B 1847 -3.86 -44.95 23.73
CA GLN B 1847 -4.96 -45.83 24.13
C GLN B 1847 -4.61 -47.30 23.89
N ASP B 1848 -4.61 -47.76 22.63
CA ASP B 1848 -4.93 -46.98 21.43
C ASP B 1848 -4.06 -47.44 20.24
N GLY B 1849 -4.69 -47.69 19.09
CA GLY B 1849 -3.94 -48.16 17.91
C GLY B 1849 -4.75 -48.20 16.60
N GLU B 1850 -4.12 -48.71 15.54
CA GLU B 1850 -4.74 -48.81 14.22
C GLU B 1850 -4.70 -47.47 13.49
N PHE B 1851 -4.65 -47.47 12.16
CA PHE B 1851 -4.64 -48.67 11.32
C PHE B 1851 -3.90 -48.29 10.03
N PHE B 1852 -4.12 -49.04 9.40
CA PHE B 1852 -3.58 -48.84 8.06
C PHE B 1852 -2.46 -47.81 8.04
N ASP B 1853 -2.80 -46.51 8.17
CA ASP B 1853 -1.80 -45.45 8.31
C ASP B 1853 -1.07 -45.55 9.65
N PRO B 1854 -1.82 -45.89 10.70
CA PRO B 1854 -1.24 -46.03 12.03
C PRO B 1854 -0.44 -47.32 12.16
N ILE B 1855 -0.97 -48.39 11.58
CA ILE B 1855 -0.31 -49.70 11.63
C ILE B 1855 0.96 -49.70 10.79
N ILE B 1856 0.94 -48.94 9.70
CA ILE B 1856 2.09 -48.86 8.80
C ILE B 1856 3.14 -47.90 9.36
N SER B 1857 2.82 -46.61 9.38
CA SER B 1857 3.73 -45.60 9.88
C SER B 1857 4.37 -46.07 11.19
N ARG B 1858 3.70 -46.98 11.88
CA ARG B 1858 4.20 -47.52 13.13
C ARG B 1858 5.21 -48.63 12.91
N LEU B 1859 4.94 -49.47 11.92
CA LEU B 1859 5.83 -50.58 11.59
C LEU B 1859 7.24 -50.10 11.26
N ILE B 1860 7.33 -49.05 10.44
CA ILE B 1860 8.61 -48.49 10.05
C ILE B 1860 9.27 -47.73 11.19
N SER B 1861 8.46 -47.26 12.13
CA SER B 1861 8.96 -46.53 13.29
C SER B 1861 9.55 -47.48 14.33
N ARG B 1862 9.00 -48.68 14.42
CA ARG B 1862 9.47 -49.68 15.37
C ARG B 1862 10.82 -50.25 14.95
N GLU B 1863 10.92 -50.65 13.68
CA GLU B 1863 12.15 -51.21 13.15
C GLU B 1863 13.07 -50.13 12.59
N PHE B 1864 12.90 -48.96 13.21
CA PHE B 1864 13.60 -47.70 12.93
C PHE B 1864 14.33 -47.28 14.19
N ASN B 1869 16.39 -38.77 9.37
CA ASN B 1869 15.34 -39.70 9.74
C ASN B 1869 14.07 -39.45 8.94
N ARG B 1870 14.06 -39.91 7.70
CA ARG B 1870 12.90 -39.74 6.82
C ARG B 1870 11.93 -40.91 6.95
N VAL B 1871 10.66 -40.63 6.70
CA VAL B 1871 9.63 -41.67 6.79
C VAL B 1871 8.41 -40.79 6.50
N THR B 1872 7.40 -41.39 5.88
CA THR B 1872 6.17 -40.66 5.55
C THR B 1872 5.12 -41.72 5.89
N VAL B 1873 3.94 -41.58 5.31
CA VAL B 1873 2.85 -42.51 5.55
C VAL B 1873 1.53 -41.78 5.78
N GLU B 1874 0.47 -42.27 5.15
CA GLU B 1874 -0.85 -41.66 5.29
C GLU B 1874 -0.94 -40.36 4.49
N ILE B 1875 -0.41 -40.38 3.27
CA ILE B 1875 -0.43 -39.22 2.41
C ILE B 1875 0.45 -38.10 2.91
N GLY B 1876 1.27 -38.40 3.92
CA GLY B 1876 2.17 -37.42 4.50
C GLY B 1876 3.57 -37.99 4.70
N ASP B 1877 4.54 -37.11 4.90
CA ASP B 1877 5.93 -37.53 5.11
C ASP B 1877 6.66 -36.58 6.03
N HIS B 1878 7.25 -37.12 7.09
CA HIS B 1878 7.99 -36.32 8.06
C HIS B 1878 9.43 -36.80 8.19
N GLU B 1879 10.11 -36.33 9.23
CA GLU B 1879 11.50 -36.71 9.48
C GLU B 1879 12.29 -35.56 10.10
N VAL B 1880 13.42 -35.89 10.72
CA VAL B 1880 14.26 -34.88 11.36
C VAL B 1880 14.61 -35.28 12.78
N LYS B 1887 9.26 -40.98 22.14
CA LYS B 1887 8.93 -42.27 22.74
C LYS B 1887 7.45 -42.59 22.59
N LEU B 1888 7.15 -43.82 22.20
CA LEU B 1888 5.77 -44.26 22.04
C LEU B 1888 5.38 -45.31 23.08
N PHE B 1889 4.33 -45.01 23.84
CA PHE B 1889 3.79 -45.97 24.80
C PHE B 1889 2.36 -46.34 24.40
N ILE B 1890 2.09 -47.64 24.31
CA ILE B 1890 0.77 -48.09 23.87
C ILE B 1890 0.10 -48.99 24.91
N HIS B 1891 -0.96 -48.47 25.52
CA HIS B 1891 -1.68 -49.20 26.55
C HIS B 1891 -2.91 -49.91 26.03
N SER B 1892 -3.32 -50.97 26.72
CA SER B 1892 -4.48 -51.75 26.33
C SER B 1892 -4.77 -52.86 27.34
N CYS B 1893 -6.01 -53.33 27.34
CA CYS B 1893 -6.41 -54.40 28.25
C CYS B 1893 -7.36 -55.36 27.55
N ASP B 1894 -8.60 -54.59 26.87
CA ASP B 1894 -9.43 -55.64 26.30
C ASP B 1894 -9.70 -56.82 27.23
N PRO B 1895 -9.49 -58.07 26.24
CA PRO B 1895 -8.14 -58.02 25.71
C PRO B 1895 -8.58 -59.14 24.78
N SER B 1896 -7.62 -59.73 24.07
CA SER B 1896 -7.91 -60.81 23.14
C SER B 1896 -7.17 -60.60 21.82
N GLY B 1897 -7.83 -60.90 20.72
CA GLY B 1897 -7.24 -60.74 19.39
C GLY B 1897 -6.28 -59.55 19.42
N ASP B 1898 -6.65 -58.51 19.82
CA ASP B 1898 -5.84 -57.27 19.87
C ASP B 1898 -4.36 -57.57 20.17
N ILE B 1899 -4.38 -58.37 20.89
CA ILE B 1899 -3.04 -58.80 21.33
C ILE B 1899 -2.33 -59.45 20.13
N PRO B 1900 -3.07 -60.30 19.46
CA PRO B 1900 -2.58 -61.03 18.28
C PRO B 1900 -2.12 -60.03 17.21
N ILE B 1901 -2.95 -59.05 16.99
CA ILE B 1901 -2.71 -57.98 16.00
C ILE B 1901 -1.40 -57.26 16.34
N PHE B 1902 -1.27 -56.94 17.60
CA PHE B 1902 -0.10 -56.23 18.14
C PHE B 1902 1.16 -57.05 17.86
N LEU B 1903 1.06 -58.33 18.16
CA LEU B 1903 2.15 -59.29 17.96
C LEU B 1903 2.58 -59.31 16.50
N ARG B 1904 1.59 -59.37 15.64
CA ARG B 1904 1.78 -59.39 14.19
C ARG B 1904 2.55 -58.15 13.74
N SER B 1905 2.09 -57.02 14.26
CA SER B 1905 2.69 -55.71 13.97
C SER B 1905 4.17 -55.71 14.36
N ARG B 1906 4.41 -56.21 15.55
CA ARG B 1906 5.76 -56.29 16.12
C ARG B 1906 6.66 -57.12 15.20
N VAL B 1907 5.54 -56.36 18.43
CA VAL B 1907 5.66 -55.26 19.39
C VAL B 1907 6.13 -55.61 20.81
N ARG B 1908 6.60 -54.60 21.53
CA ARG B 1908 7.08 -54.76 22.91
C ARG B 1908 5.84 -54.75 23.79
N LEU B 1909 6.33 -55.67 24.79
CA LEU B 1909 5.34 -56.03 25.79
C LEU B 1909 5.80 -56.10 27.23
N VAL B 1910 4.94 -55.65 28.13
CA VAL B 1910 5.19 -55.66 29.57
C VAL B 1910 3.97 -56.22 30.25
N HIS B 1911 4.03 -57.49 30.62
CA HIS B 1911 2.91 -58.15 31.28
C HIS B 1911 2.82 -57.73 32.72
N PHE B 1912 1.66 -57.22 33.13
CA PHE B 1912 1.44 -56.83 34.52
C PHE B 1912 0.87 -58.06 35.21
N VAL B 1913 1.68 -58.72 36.03
CA VAL B 1913 1.20 -59.92 36.69
C VAL B 1913 0.42 -59.59 37.97
N THR B 1914 -0.40 -60.54 38.46
CA THR B 1914 -1.19 -60.34 39.66
C THR B 1914 -0.29 -59.87 40.80
N SER B 1918 -1.18 -63.22 45.19
CA SER B 1918 -0.80 -64.40 46.04
C SER B 1918 0.63 -64.28 46.57
N ILE B 1919 1.53 -63.80 45.72
CA ILE B 1919 2.93 -63.61 46.09
C ILE B 1919 3.14 -62.42 47.02
N GLU B 1920 2.32 -61.38 46.81
CA GLU B 1920 2.37 -60.18 47.65
C GLU B 1920 1.75 -60.43 49.03
N THR B 1921 0.75 -61.32 49.07
CA THR B 1921 0.10 -61.71 50.32
C THR B 1921 1.00 -62.62 51.16
N ARG B 1922 1.80 -63.44 50.48
CA ARG B 1922 2.75 -64.34 51.13
C ARG B 1922 3.94 -63.58 51.70
N ILE B 1923 4.34 -62.50 51.02
CA ILE B 1923 5.42 -61.63 51.47
C ILE B 1923 4.99 -60.78 52.65
N PHE B 1924 3.71 -60.42 52.68
CA PHE B 1924 3.13 -59.65 53.79
C PHE B 1924 2.93 -60.51 55.04
N ASP B 1925 2.60 -61.79 54.82
CA ASP B 1925 2.40 -62.74 55.91
C ASP B 1925 3.73 -63.14 56.57
N ILE B 1926 4.80 -63.14 55.78
CA ILE B 1926 6.14 -63.42 56.28
C ILE B 1926 6.73 -62.22 57.02
N THR B 1927 6.14 -61.04 56.82
CA THR B 1927 6.60 -59.80 57.44
C THR B 1927 5.78 -59.42 58.67
N LEU B 1928 4.50 -59.80 58.68
CA LEU B 1928 3.60 -59.49 59.78
C LEU B 1928 3.85 -60.37 61.00
N THR B 1929 4.12 -61.66 60.77
CA THR B 1929 4.40 -62.61 61.84
C THR B 1929 5.80 -62.41 62.41
N GLU B 1930 6.76 -62.22 61.51
CA GLU B 1930 8.17 -61.93 61.80
C GLU B 1930 8.46 -60.43 61.97
N GLU B 1931 9.65 -60.10 62.46
CA GLU B 1931 10.03 -58.71 62.69
C GLU B 1931 11.49 -58.53 62.26
N ASN B 1932 12.40 -59.16 62.99
CA ASN B 1932 13.85 -58.99 62.80
C ASN B 1932 14.39 -59.26 61.39
N ALA B 1933 13.93 -60.34 60.77
CA ALA B 1933 14.36 -60.73 59.44
C ALA B 1933 13.79 -59.80 58.35
N GLU B 1934 12.59 -59.29 58.60
CA GLU B 1934 11.93 -58.37 57.67
C GLU B 1934 12.53 -56.97 57.71
N MET B 1935 12.92 -56.53 58.91
CA MET B 1935 13.53 -55.21 59.10
C MET B 1935 14.96 -55.18 58.57
N GLN B 1936 15.66 -56.32 58.65
CA GLN B 1936 17.01 -56.45 58.12
C GLN B 1936 17.02 -56.45 56.60
N ARG B 1937 15.99 -57.04 56.00
CA ARG B 1937 15.84 -57.09 54.55
C ARG B 1937 15.39 -55.75 53.97
N LYS B 1938 14.63 -54.99 54.76
CA LYS B 1938 14.17 -53.66 54.37
C LYS B 1938 15.30 -52.63 54.40
N ARG B 1939 16.15 -52.71 55.41
CA ARG B 1939 17.29 -51.82 55.50
C ARG B 1939 18.37 -52.11 54.46
N GLU B 1940 18.67 -53.39 54.29
CA GLU B 1940 19.74 -53.84 53.39
C GLU B 1940 19.57 -53.62 51.89
N ASP B 1941 18.39 -53.91 51.37
CA ASP B 1941 18.16 -53.84 49.92
C ASP B 1941 18.33 -52.45 49.32
N LEU B 1942 17.76 -51.45 49.98
CA LEU B 1942 17.83 -50.08 49.48
C LEU B 1942 18.59 -49.14 50.41
N ILE B 1943 19.28 -49.68 51.40
CA ILE B 1943 19.91 -48.81 52.39
C ILE B 1943 21.44 -48.85 52.34
N LYS B 1944 21.99 -50.01 51.99
CA LYS B 1944 23.44 -50.19 51.87
C LYS B 1944 24.00 -49.49 50.64
N LEU B 1945 23.22 -49.48 49.55
CA LEU B 1945 23.59 -48.80 48.32
C LEU B 1945 23.46 -47.29 48.45
N ASN B 1946 22.49 -46.85 49.25
CA ASN B 1946 22.27 -45.42 49.53
C ASN B 1946 23.37 -44.84 50.42
N THR B 1947 23.88 -45.68 51.33
CA THR B 1947 24.99 -45.30 52.21
C THR B 1947 26.31 -45.23 51.45
N GLU B 1948 26.44 -46.08 50.44
CA GLU B 1948 27.62 -46.11 49.58
C GLU B 1948 27.62 -44.93 48.60
N TYR B 1949 26.42 -44.52 48.18
CA TYR B 1949 26.26 -43.37 47.29
C TYR B 1949 26.48 -42.05 48.03
N ARG B 1950 26.13 -42.03 49.31
CA ARG B 1950 26.34 -40.87 50.18
C ARG B 1950 27.82 -40.70 50.52
N LEU B 1951 28.52 -41.83 50.64
CA LEU B 1951 29.96 -41.84 50.92
C LEU B 1951 30.76 -41.41 49.68
N LYS B 1952 30.24 -41.74 48.50
CA LYS B 1952 30.85 -41.34 47.23
C LYS B 1952 30.65 -39.84 46.96
N LEU B 1953 29.51 -39.33 47.40
CA LEU B 1953 29.20 -37.90 47.29
C LEU B 1953 30.01 -37.07 48.28
N LYS B 1954 30.31 -37.66 49.44
CA LYS B 1954 31.14 -37.03 50.46
C LYS B 1954 32.62 -37.03 50.06
N ASN B 1955 33.01 -38.01 49.25
CA ASN B 1955 34.37 -38.12 48.73
C ASN B 1955 34.65 -37.03 47.68
N LEU B 1956 33.61 -36.61 46.98
CA LEU B 1956 33.70 -35.52 46.00
C LEU B 1956 33.84 -34.16 46.69
N GLU B 1957 33.28 -34.06 47.89
CA GLU B 1957 33.38 -32.84 48.71
C GLU B 1957 34.78 -32.67 49.28
N LYS B 1958 35.46 -33.78 49.55
CA LYS B 1958 36.83 -33.78 50.06
C LYS B 1958 37.82 -33.38 48.97
N ARG B 1959 37.52 -33.75 47.74
CA ARG B 1959 38.35 -33.40 46.58
C ARG B 1959 38.18 -31.93 46.19
N LEU B 1960 37.46 -31.50 46.82
CA LEU B 1960 37.28 -30.10 46.60
C LEU B 1960 37.95 -29.22 47.56
N LEU B 1961 37.89 -29.57 48.84
CA LEU B 1961 38.59 -28.83 49.89
C LEU B 1961 40.07 -28.96 49.63
N GLU B 1962 40.49 -30.15 49.21
CA GLU B 1962 41.87 -30.42 48.89
C GLU B 1962 42.30 -29.52 47.74
N GLU B 1963 41.40 -29.33 46.78
CA GLU B 1963 41.67 -28.45 45.66
C GLU B 1963 41.87 -27.05 46.21
N LEU B 1964 41.06 -26.69 47.20
CA LEU B 1964 41.22 -25.42 47.89
C LEU B 1964 42.58 -25.43 48.56
N ASN B 1965 42.93 -26.57 49.14
CA ASN B 1965 44.21 -26.75 49.75
C ASN B 1965 45.22 -26.24 48.72
N ASN B 1966 44.86 -26.28 47.44
CA ASN B 1966 45.76 -25.81 46.38
C ASN B 1966 45.41 -24.39 45.96
N ASP B 1975 38.36 -26.94 57.50
CA ASP B 1975 38.33 -27.76 56.30
C ASP B 1975 38.93 -29.14 56.53
N GLU B 1976 40.05 -29.19 57.27
CA GLU B 1976 40.74 -30.44 57.59
C GLU B 1976 39.98 -31.28 58.60
N LEU B 1977 39.30 -30.62 59.54
CA LEU B 1977 38.50 -31.29 60.55
C LEU B 1977 37.19 -31.84 59.97
N MET B 1978 36.67 -31.14 58.97
CA MET B 1978 35.43 -31.54 58.29
C MET B 1978 35.66 -32.74 57.36
N VAL B 1979 36.84 -32.80 56.77
CA VAL B 1979 37.23 -33.90 55.88
C VAL B 1979 37.53 -35.18 56.66
N THR B 1980 38.07 -35.02 57.86
CA THR B 1980 38.37 -36.13 58.76
C THR B 1980 37.11 -36.74 59.37
N LEU B 1981 36.12 -35.89 59.61
CA LEU B 1981 34.82 -36.31 60.13
C LEU B 1981 33.99 -37.02 59.07
N ASN B 1982 34.16 -36.60 57.81
CA ASN B 1982 33.48 -37.22 56.67
C ASN B 1982 34.09 -38.58 56.33
N ASN B 1983 35.39 -38.71 56.55
CA ASN B 1983 36.11 -39.97 56.34
C ASN B 1983 35.79 -41.00 57.42
N LEU B 1984 35.54 -40.51 58.64
CA LEU B 1984 35.15 -41.36 59.76
C LEU B 1984 33.71 -41.84 59.63
N LYS B 1985 32.87 -41.00 59.02
CA LYS B 1985 31.47 -41.35 58.76
C LYS B 1985 31.35 -42.36 57.62
N LYS B 1986 32.27 -42.27 56.66
CA LYS B 1986 32.33 -43.21 55.53
C LYS B 1986 32.86 -44.57 55.98
N GLU B 1987 33.77 -44.57 56.94
CA GLU B 1987 34.32 -45.80 57.51
C GLU B 1987 33.32 -46.52 58.41
N ALA B 1988 32.47 -45.73 59.08
CA ALA B 1988 31.41 -46.27 59.93
C ALA B 1988 30.27 -46.84 59.09
N MET B 1989 30.04 -46.25 57.92
CA MET B 1989 29.03 -46.72 56.97
C MET B 1989 29.49 -47.99 56.27
N ASN B 1990 30.80 -48.10 56.04
CA ASN B 1990 31.39 -49.27 55.40
C ASN B 1990 31.40 -50.48 56.35
N ILE B 1991 31.57 -50.21 57.65
CA ILE B 1991 31.55 -51.24 58.68
C ILE B 1991 30.13 -51.77 58.92
N GLU B 1992 29.14 -50.88 58.74
CA GLU B 1992 27.73 -51.25 58.88
C GLU B 1992 27.22 -52.02 57.67
N LYS B 1993 27.74 -51.67 56.48
CA LYS B 1993 27.35 -52.32 55.23
C LYS B 1993 27.93 -53.73 55.12
N LYS B 1994 29.15 -53.90 55.63
CA LYS B 1994 29.83 -55.20 55.64
C LYS B 1994 29.20 -56.17 56.64
N LEU B 1995 28.70 -55.62 57.75
CA LEU B 1995 28.00 -56.40 58.77
C LEU B 1995 26.60 -56.80 58.29
N SER B 1996 25.99 -55.95 57.48
CA SER B 1996 24.68 -56.22 56.88
C SER B 1996 24.78 -57.23 55.74
N GLU B 1997 25.92 -57.24 55.06
CA GLU B 1997 26.17 -58.16 53.95
C GLU B 1997 26.30 -59.61 54.42
N SER B 1998 26.91 -59.80 55.59
CA SER B 1998 27.02 -61.13 56.21
C SER B 1998 25.67 -61.60 56.75
N GLU B 1999 24.85 -60.64 57.17
CA GLU B 1999 23.49 -60.90 57.63
C GLU B 1999 22.54 -61.13 56.46
N GLU B 2000 22.92 -60.59 55.30
CA GLU B 2000 22.28 -60.84 54.02
C GLU B 2000 22.50 -62.29 53.62
N PHE B 2001 23.77 -62.67 53.77
CA PHE B 2001 24.31 -63.99 53.40
C PHE B 2001 23.74 -65.06 54.29
N PHE B 2002 23.63 -64.73 55.57
CA PHE B 2002 23.05 -65.64 56.52
C PHE B 2002 21.66 -65.83 55.97
N PRO B 2003 21.11 -64.73 55.45
CA PRO B 2003 19.81 -64.70 54.81
C PRO B 2003 19.85 -65.37 53.43
N GLN B 2004 18.68 -65.77 52.94
CA GLN B 2004 18.60 -66.46 51.66
C GLN B 2004 18.82 -67.95 51.88
N PHE B 2005 18.97 -68.30 53.15
CA PHE B 2005 19.13 -69.66 53.56
C PHE B 2005 17.77 -70.00 54.06
N ASP B 2006 17.23 -68.99 54.72
CA ASP B 2006 15.94 -69.14 55.36
C ASP B 2006 14.80 -68.44 54.61
N ASN B 2007 15.12 -67.64 53.60
CA ASN B 2007 14.02 -66.98 52.86
C ASN B 2007 13.48 -67.88 51.77
N LEU B 2008 14.36 -68.68 51.15
CA LEU B 2008 13.97 -69.63 50.12
C LEU B 2008 13.25 -70.84 50.72
N VAL B 2009 13.63 -71.21 51.94
CA VAL B 2009 12.99 -72.30 52.67
C VAL B 2009 11.60 -71.90 53.16
N GLU B 2010 11.44 -70.62 53.49
CA GLU B 2010 10.16 -70.06 53.92
C GLU B 2010 9.19 -69.91 52.74
N GLU B 2011 9.76 -69.62 51.57
CA GLU B 2011 8.97 -69.48 50.34
C GLU B 2011 8.50 -70.83 49.82
N TYR B 2012 9.31 -71.87 50.05
CA TYR B 2012 8.98 -73.23 49.64
C TYR B 2012 7.89 -73.84 50.52
N SER B 2013 7.87 -73.44 51.79
CA SER B 2013 6.89 -73.92 52.75
C SER B 2013 5.54 -73.22 52.59
N ILE B 2014 5.58 -71.97 52.09
CA ILE B 2014 4.38 -71.17 51.90
C ILE B 2014 3.69 -71.40 50.55
N ILE B 2015 4.32 -72.23 49.72
CA ILE B 2015 3.82 -72.55 48.38
C ILE B 2015 2.43 -73.18 48.38
N GLY B 2016 2.14 -73.97 49.42
CA GLY B 2016 0.84 -74.62 49.58
C GLY B 2016 -0.27 -73.62 49.92
N LYS B 2017 0.08 -72.59 50.68
CA LYS B 2017 -0.85 -71.54 51.07
C LYS B 2017 -1.19 -70.61 49.90
N HIS B 2018 -0.20 -70.39 49.03
CA HIS B 2018 -0.38 -69.55 47.84
C HIS B 2018 -1.20 -70.27 46.77
N SER B 2019 -1.07 -71.59 46.71
CA SER B 2019 -1.82 -72.41 45.77
C SER B 2019 -3.29 -72.55 46.19
N VAL B 2020 -3.53 -72.54 47.50
CA VAL B 2020 -4.88 -72.60 48.05
C VAL B 2020 -5.62 -71.27 47.87
N LYS B 2021 -4.87 -70.17 47.91
CA LYS B 2021 -5.42 -68.84 47.69
C LYS B 2021 -5.74 -68.59 46.22
N ILE B 2022 -4.94 -69.21 45.34
CA ILE B 2022 -5.17 -69.13 43.89
C ILE B 2022 -6.36 -69.99 43.46
N PHE B 2023 -6.57 -71.09 44.17
CA PHE B 2023 -7.71 -71.98 43.92
C PHE B 2023 -9.01 -71.36 44.42
N SER B 2024 -8.93 -70.58 45.50
CA SER B 2024 -10.08 -69.89 46.06
C SER B 2024 -10.49 -68.70 45.19
N MET B 2025 -9.50 -68.07 44.55
CA MET B 2025 -9.74 -66.95 43.64
C MET B 2025 -10.34 -67.41 42.31
N LEU B 2026 -9.96 -68.63 41.90
CA LEU B 2026 -10.49 -69.24 40.68
C LEU B 2026 -11.93 -69.72 40.88
N GLU B 2027 -12.24 -70.15 42.10
CA GLU B 2027 -13.59 -70.58 42.46
C GLU B 2027 -14.54 -69.38 42.60
N LYS B 2028 -13.99 -68.25 43.04
CA LYS B 2028 -14.75 -67.01 43.19
C LYS B 2028 -15.04 -66.37 41.83
N PHE B 2029 -14.12 -66.55 40.89
CA PHE B 2029 -14.28 -66.03 39.53
C PHE B 2029 -15.30 -66.82 38.73
N GLY B 2030 -15.41 -68.11 39.01
CA GLY B 2030 -16.35 -68.99 38.31
C GLY B 2030 -17.51 -69.37 39.22
N GLN B 2031 -18.61 -68.64 39.10
CA GLN B 2031 -19.80 -68.91 39.91
C GLN B 2031 -21.07 -68.60 39.13
N PHE B 2032 -21.16 -68.47 37.54
CA PHE B 2032 -22.43 -68.44 36.81
C PHE B 2032 -23.12 -67.10 36.95
N HIS B 2033 -22.54 -66.39 38.00
CA HIS B 2033 -22.47 -64.95 38.13
C HIS B 2033 -21.18 -64.49 38.81
N TRP B 2034 -20.61 -65.30 39.64
CA TRP B 2034 -19.38 -64.93 40.34
C TRP B 2034 -19.47 -63.53 40.95
N PHE B 2035 -18.65 -62.81 40.73
CA PHE B 2035 -18.60 -61.42 41.18
C PHE B 2035 -17.72 -60.21 40.88
N TYR B 2036 -16.96 -59.56 41.73
CA TYR B 2036 -15.60 -59.03 41.87
C TYR B 2036 -14.72 -60.12 42.47
N GLY B 2037 -15.33 -61.17 43.53
CA GLY B 2037 -14.36 -61.73 44.47
C GLY B 2037 -13.07 -62.12 43.76
N ILE B 2038 -11.87 -61.50 43.96
CA ILE B 2038 -10.62 -62.14 43.59
C ILE B 2038 -9.49 -61.78 44.56
N SER B 2039 -9.46 -60.35 43.99
CA SER B 2039 -8.41 -59.43 44.42
C SER B 2039 -8.71 -58.80 45.77
N ILE B 2040 -9.95 -58.20 45.97
CA ILE B 2040 -10.31 -57.54 47.22
C ILE B 2040 -10.65 -58.58 48.28
N GLY B 2041 -11.36 -59.62 47.87
CA GLY B 2041 -11.73 -60.70 48.78
C GLY B 2041 -10.48 -61.40 49.29
N GLN B 2042 -9.52 -61.60 48.40
CA GLN B 2042 -8.27 -62.25 48.76
C GLN B 2042 -7.52 -61.40 49.79
N PHE B 2043 -7.54 -60.08 49.56
CA PHE B 2043 -6.88 -59.15 50.47
C PHE B 2043 -7.53 -59.22 51.85
N LEU B 2044 -8.86 -59.32 51.86
CA LEU B 2044 -9.60 -59.40 53.10
C LEU B 2044 -9.17 -60.67 53.83
N SER B 2045 -8.99 -61.74 53.06
CA SER B 2045 -8.56 -63.02 53.62
C SER B 2045 -7.16 -62.87 54.23
N CYS B 2046 -6.29 -62.14 53.53
CA CYS B 2046 -4.93 -61.92 54.01
C CYS B 2046 -4.96 -61.18 55.34
N PHE B 2047 -5.82 -60.18 55.43
CA PHE B 2047 -5.96 -59.42 56.66
C PHE B 2047 -6.48 -60.37 57.73
N LYS B 2048 -7.40 -61.22 57.30
CA LYS B 2048 -8.00 -62.23 58.18
C LYS B 2048 -6.77 -62.85 58.77
N ARG B 2049 -5.73 -63.18 57.98
CA ARG B 2049 -4.54 -63.96 58.54
C ARG B 2049 -3.55 -63.42 59.64
N VAL B 2050 -3.65 -61.96 59.50
CA VAL B 2050 -2.76 -61.25 60.37
C VAL B 2050 -3.45 -60.83 61.56
N PHE B 2051 -4.73 -60.64 61.47
CA PHE B 2051 -5.44 -60.47 62.67
C PHE B 2051 -5.27 -61.76 63.50
N ILE B 2052 -5.32 -62.94 62.86
CA ILE B 2052 -5.16 -64.24 63.50
C ILE B 2052 -3.75 -64.48 64.03
N LYS B 2053 -2.76 -64.04 63.27
CA LYS B 2053 -1.36 -64.21 63.65
C LYS B 2053 -1.08 -65.64 64.08
N THR B 2058 3.56 -71.15 66.68
CA THR B 2058 2.18 -71.44 66.32
C THR B 2058 2.08 -72.14 64.97
N ARG B 2059 2.93 -73.13 64.78
CA ARG B 2059 2.94 -73.90 63.53
C ARG B 2059 1.59 -74.06 62.86
N ALA B 2060 1.53 -73.77 61.56
CA ALA B 2060 0.30 -73.88 60.80
C ALA B 2060 0.16 -75.13 59.95
N ALA B 2061 -0.80 -75.69 60.14
CA ALA B 2061 -1.81 -75.54 61.18
C ALA B 2061 -2.58 -74.24 61.03
N ARG B 2062 -1.45 -73.19 60.99
CA ARG B 2062 -1.81 -71.78 60.82
C ARG B 2062 -2.43 -71.64 59.44
N THR B 2063 -1.83 -72.29 58.44
CA THR B 2063 -2.39 -72.29 57.09
C THR B 2063 -3.79 -72.89 57.06
N ARG B 2064 -4.03 -73.86 57.93
CA ARG B 2064 -5.33 -74.49 58.07
C ARG B 2064 -6.33 -73.57 58.76
N VAL B 2065 -5.83 -72.74 59.68
CA VAL B 2065 -6.64 -71.77 60.40
C VAL B 2065 -7.02 -70.59 59.50
N ASP B 2066 -6.12 -70.25 58.57
CA ASP B 2066 -6.35 -69.18 57.60
C ASP B 2066 -7.35 -69.62 56.52
N GLU B 2067 -7.34 -70.91 56.20
CA GLU B 2067 -8.27 -71.48 55.22
C GLU B 2067 -9.68 -71.61 55.81
N ILE B 2068 -9.74 -71.86 57.11
CA ILE B 2068 -11.01 -71.95 57.84
C ILE B 2068 -11.65 -70.58 58.03
N LEU B 2069 -10.81 -69.56 58.17
CA LEU B 2069 -11.25 -68.18 58.32
C LEU B 2069 -11.73 -67.62 56.97
N TRP B 2070 -11.13 -68.08 55.88
CA TRP B 2070 -11.52 -67.68 54.53
C TRP B 2070 -12.83 -68.36 54.11
N LEU B 2071 -13.05 -69.57 54.61
CA LEU B 2071 -14.28 -70.31 54.34
C LEU B 2071 -15.46 -69.75 55.13
N LEU B 2072 -15.18 -69.22 56.32
CA LEU B 2072 -16.20 -68.60 57.16
C LEU B 2072 -16.63 -67.23 56.62
N TYR B 2073 -15.86 -66.60 55.75
CA TYR B 2073 -16.44 -65.42 55.11
C TYR B 2073 -17.08 -66.07 53.81
N GLN B 2074 -16.41 -67.16 53.42
CA GLN B 2074 -16.71 -67.96 52.23
C GLN B 2074 -18.02 -68.74 52.02
N GLU B 2075 -18.53 -69.37 53.07
CA GLU B 2075 -19.77 -70.13 52.98
C GLU B 2075 -21.22 -69.70 53.17
N VAL B 2076 -21.41 -68.43 53.50
CA VAL B 2076 -22.76 -67.89 53.72
C VAL B 2076 -22.74 -67.10 52.42
N TYR B 2077 -22.30 -66.08 51.98
CA TYR B 2077 -22.17 -64.94 51.07
C TYR B 2077 -22.39 -65.36 49.62
N CYS B 2078 -21.34 -66.38 49.41
CA CYS B 2078 -21.44 -67.20 48.18
C CYS B 2078 -22.28 -68.35 48.68
N GLN B 2079 -23.30 -68.66 48.61
CA GLN B 2079 -24.56 -69.10 49.21
C GLN B 2079 -24.84 -70.47 49.79
N PHE B 2080 -24.95 -71.45 48.62
CA PHE B 2080 -24.12 -72.19 49.57
C PHE B 2080 -23.01 -72.96 48.85
N SER B 2081 -23.35 -74.13 48.15
CA SER B 2081 -22.55 -74.95 47.24
C SER B 2081 -21.48 -75.73 48.00
N THR B 2082 -20.70 -75.07 48.92
CA THR B 2082 -19.87 -75.87 49.82
C THR B 2082 -19.01 -76.89 49.08
N ALA B 2083 -18.91 -76.54 47.69
CA ALA B 2083 -17.97 -77.20 46.80
C ALA B 2083 -16.53 -76.67 46.87
N LEU B 2084 -16.40 -75.36 47.01
CA LEU B 2084 -15.09 -74.71 47.07
C LEU B 2084 -14.29 -75.16 48.28
N ASP B 2085 -14.98 -75.48 49.38
CA ASP B 2085 -14.35 -75.98 50.60
C ASP B 2085 -13.83 -77.41 50.42
N LYS B 2086 -14.56 -78.20 49.63
CA LYS B 2086 -14.16 -79.57 49.30
C LYS B 2086 -13.01 -79.58 48.29
N LYS B 2087 -12.99 -78.57 47.42
CA LYS B 2087 -11.92 -78.42 46.42
C LYS B 2087 -10.61 -77.97 47.06
N PHE B 2088 -10.72 -77.14 48.10
CA PHE B 2088 -9.56 -76.67 48.84
C PHE B 2088 -8.97 -77.76 49.73
N LYS B 2089 -9.83 -78.65 50.22
CA LYS B 2089 -9.42 -79.78 51.05
C LYS B 2089 -8.80 -80.91 50.21
N MET B 2090 -9.21 -81.00 48.96
CA MET B 2090 -8.70 -82.02 48.03
C MET B 2090 -7.28 -81.71 47.56
N ILE B 2091 -6.92 -80.42 47.57
CA ILE B 2091 -5.59 -79.97 47.17
C ILE B 2091 -4.53 -80.23 48.24
N MET B 2092 -4.97 -80.54 49.45
CA MET B 2092 -4.07 -80.77 50.58
C MET B 2092 -3.94 -82.26 50.97
N ALA B 2093 -5.06 -82.97 50.87
CA ALA B 2093 -5.16 -84.39 51.20
C ALA B 2093 -4.65 -85.36 50.14
N MET B 2094 -4.36 -86.60 50.55
CA MET B 2094 -3.85 -87.61 49.62
C MET B 2094 -4.77 -88.83 49.41
N THR B 2095 -4.57 -89.87 50.23
CA THR B 2095 -5.36 -91.11 50.13
C THR B 2095 -6.85 -91.00 50.40
N MET B 2096 -7.22 -90.26 51.43
CA MET B 2096 -8.62 -90.06 51.81
C MET B 2096 -9.37 -89.24 50.76
N PHE B 2097 -8.65 -88.32 50.10
CA PHE B 2097 -9.22 -87.48 49.05
C PHE B 2097 -9.47 -88.27 47.77
N CYS B 2098 -8.65 -89.29 47.52
CA CYS B 2098 -8.78 -90.15 46.35
C CYS B 2098 -10.06 -91.00 46.43
N LEU B 2099 -10.39 -91.46 47.64
CA LEU B 2099 -11.61 -92.19 47.90
C LEU B 2099 -12.82 -91.26 47.94
N TYR B 2100 -12.59 -90.02 48.35
CA TYR B 2100 -13.62 -88.99 48.39
C TYR B 2100 -13.97 -88.46 47.00
N LYS B 2101 -12.94 -88.34 46.15
CA LYS B 2101 -13.12 -87.88 44.78
C LYS B 2101 -13.87 -88.96 43.99
N PHE B 2102 -13.49 -90.20 44.25
CA PHE B 2102 -14.04 -91.40 43.62
C PHE B 2102 -15.52 -91.70 43.87
N ASP B 2103 -15.98 -91.42 45.08
CA ASP B 2103 -17.38 -91.62 45.44
C ASP B 2103 -18.12 -90.29 45.51
N ILE B 2104 -18.52 -89.32 44.72
CA ILE B 2104 -19.08 -88.05 44.27
C ILE B 2104 -20.19 -88.15 43.23
N GLU B 2105 -20.36 -87.10 42.36
CA GLU B 2105 -20.29 -87.21 40.91
C GLU B 2105 -18.96 -87.68 40.32
N SER B 2106 -19.02 -88.76 39.55
CA SER B 2106 -20.22 -89.57 39.45
C SER B 2106 -20.26 -90.70 40.49
N GLU B 2107 -21.03 -91.72 40.22
CA GLU B 2107 -21.35 -92.74 41.22
C GLU B 2107 -20.25 -93.77 40.98
N GLN B 2108 -20.50 -95.01 41.39
CA GLN B 2108 -21.77 -95.36 42.01
C GLN B 2108 -22.48 -94.58 43.11
N LEU B 2130 -11.08 -100.52 54.58
CA LEU B 2130 -11.39 -99.14 54.22
C LEU B 2130 -11.12 -98.19 55.39
N THR B 2131 -10.14 -98.54 56.22
CA THR B 2131 -9.77 -97.73 57.37
C THR B 2131 -8.34 -97.22 57.26
N VAL B 2132 -8.09 -96.04 57.82
CA VAL B 2132 -9.13 -95.29 58.50
C VAL B 2132 -8.33 -94.09 59.03
N ASP B 2133 -9.06 -92.95 59.16
CA ASP B 2133 -10.42 -92.84 58.64
C ASP B 2133 -11.92 -93.07 58.46
N THR B 2134 -12.49 -92.94 59.65
CA THR B 2134 -11.93 -92.11 60.71
C THR B 2134 -12.15 -90.62 60.87
N ASN B 2135 -13.46 -90.27 61.01
CA ASN B 2135 -14.39 -89.25 60.55
C ASN B 2135 -14.70 -89.41 59.06
N ASP B 2136 -13.68 -89.62 58.19
CA ASP B 2136 -13.84 -89.81 56.74
C ASP B 2136 -14.76 -90.99 56.46
N ASP B 2137 -14.47 -92.08 57.16
CA ASP B 2137 -15.23 -93.33 57.05
C ASP B 2137 -16.71 -93.08 57.37
N LEU B 2138 -16.91 -92.37 58.46
CA LEU B 2138 -18.25 -92.00 58.95
C LEU B 2138 -19.01 -91.23 57.87
N ARG B 2139 -18.31 -90.26 57.31
CA ARG B 2139 -18.84 -89.40 56.26
C ARG B 2139 -19.30 -90.23 55.06
N TYR B 2140 -18.43 -91.16 54.69
CA TYR B 2140 -18.66 -92.08 53.57
C TYR B 2140 -19.93 -92.88 53.81
N LEU B 2141 -20.03 -93.39 55.02
CA LEU B 2141 -21.17 -94.20 55.47
C LEU B 2141 -22.46 -93.40 55.33
N TRP B 2142 -22.44 -92.16 55.80
CA TRP B 2142 -23.60 -91.28 55.72
C TRP B 2142 -23.97 -90.97 54.28
N ASP B 2143 -22.95 -90.71 53.46
CA ASP B 2143 -23.16 -90.40 52.05
C ASP B 2143 -24.07 -91.43 51.39
N TYR B 2144 -24.21 -92.58 52.03
CA TYR B 2144 -25.04 -93.66 51.50
C TYR B 2144 -26.39 -93.70 52.21
N VAL B 2145 -26.54 -92.89 53.25
CA VAL B 2145 -27.79 -92.83 54.01
C VAL B 2145 -28.93 -92.30 53.16
N THR B 2146 -28.69 -91.15 52.53
CA THR B 2146 -27.42 -90.44 52.66
C THR B 2146 -27.57 -88.97 52.28
N THR B 2147 -26.64 -88.49 51.47
CA THR B 2147 -26.66 -87.09 51.02
C THR B 2147 -26.49 -85.63 51.43
N LYS B 2148 -27.26 -85.21 52.43
CA LYS B 2148 -27.20 -83.83 52.92
C LYS B 2148 -26.77 -84.41 54.26
N SER B 2149 -27.57 -83.37 55.57
CA SER B 2149 -27.16 -83.87 56.87
C SER B 2149 -25.71 -84.07 56.44
N TYR B 2150 -24.87 -85.41 55.93
CA TYR B 2150 -23.47 -85.66 55.58
C TYR B 2150 -22.61 -84.55 54.98
N ILE B 2151 -23.13 -83.97 53.91
CA ILE B 2151 -22.47 -82.89 53.18
C ILE B 2151 -22.22 -81.71 54.12
N SER B 2152 -23.26 -81.37 54.87
CA SER B 2152 -23.23 -80.27 55.83
C SER B 2152 -22.12 -80.50 56.86
N ALA B 2153 -22.10 -81.73 57.36
CA ALA B 2153 -21.10 -82.17 58.36
C ALA B 2153 -19.69 -81.98 57.81
N LEU B 2154 -19.52 -82.42 56.58
CA LEU B 2154 -18.24 -82.33 55.88
C LEU B 2154 -17.78 -80.88 55.79
N ASN B 2155 -18.73 -80.04 55.40
CA ASN B 2155 -18.51 -78.59 55.25
C ASN B 2155 -18.03 -78.00 56.58
N TRP B 2156 -18.71 -78.37 57.66
CA TRP B 2156 -18.36 -77.87 59.00
C TRP B 2156 -16.84 -77.83 59.19
N PHE B 2157 -16.31 -78.85 59.86
CA PHE B 2157 -14.88 -78.92 60.12
C PHE B 2157 -14.36 -77.59 60.64
N LYS B 2158 -15.25 -76.79 61.22
CA LYS B 2158 -14.88 -75.49 61.77
C LYS B 2158 -15.94 -74.89 62.68
N ASN B 2159 -15.86 -73.67 63.01
CA ASN B 2159 -16.83 -72.97 63.84
C ASN B 2159 -18.17 -73.07 63.12
N TRP B 2166 -25.55 -65.69 63.03
CA TRP B 2166 -24.59 -65.66 61.88
C TRP B 2166 -24.56 -64.31 61.19
N ASN B 2167 -25.74 -63.70 61.03
CA ASN B 2167 -25.87 -62.38 60.39
C ASN B 2167 -25.38 -61.26 61.30
N ILE B 2168 -25.57 -61.43 62.61
CA ILE B 2168 -25.12 -60.46 63.60
C ILE B 2168 -23.60 -60.51 63.79
N ALA B 2169 -23.02 -61.70 63.61
CA ALA B 2169 -21.58 -61.90 63.71
C ALA B 2169 -20.86 -61.34 62.49
N ASP B 2170 -21.51 -61.42 61.33
CA ASP B 2170 -20.98 -60.89 60.09
C ASP B 2170 -21.01 -59.36 60.06
N VAL B 2171 -22.02 -58.78 60.71
CA VAL B 2171 -22.15 -57.33 60.83
C VAL B 2171 -21.16 -56.77 61.85
N VAL B 2172 -20.80 -57.58 62.85
CA VAL B 2172 -19.84 -57.20 63.87
C VAL B 2172 -18.40 -57.36 63.37
N ALA B 2173 -18.20 -58.24 62.39
CA ALA B 2173 -16.89 -58.47 61.79
C ALA B 2173 -16.48 -57.34 60.86
N ASN B 2174 -17.46 -56.78 60.15
CA ASN B 2174 -17.24 -55.65 59.25
C ASN B 2174 -17.82 -54.36 59.83
N SER B 2175 -17.75 -54.18 61.14
CA SER B 2175 -18.26 -52.94 61.71
C SER B 2175 -17.50 -51.77 61.09
N GLU B 2176 -18.23 -50.70 60.76
CA GLU B 2176 -17.64 -49.52 60.14
C GLU B 2176 -17.57 -49.56 58.60
N ASN B 2177 -18.12 -50.61 57.99
CA ASN B 2177 -18.14 -50.73 56.53
C ASN B 2177 -19.56 -51.08 56.07
N ASN B 2178 -19.95 -50.67 54.85
CA ASN B 2178 -21.31 -50.96 54.43
C ASN B 2178 -21.57 -52.46 54.27
N TYR B 2179 -22.82 -52.86 54.52
CA TYR B 2179 -23.23 -54.26 54.39
C TYR B 2179 -24.40 -54.40 53.42
N PHE B 2180 -24.31 -55.39 52.54
CA PHE B 2180 -25.34 -55.65 51.55
C PHE B 2180 -26.13 -56.92 51.88
N THR B 2181 -27.38 -56.75 52.28
CA THR B 2181 -28.25 -57.86 52.63
C THR B 2181 -29.04 -58.34 51.41
N MET B 2182 -28.90 -59.64 51.11
CA MET B 2182 -29.56 -60.23 49.95
C MET B 2182 -30.57 -61.31 50.37
N ALA B 2183 -31.54 -61.51 49.50
CA ALA B 2183 -32.52 -62.55 49.64
C ALA B 2183 -33.25 -62.67 48.32
N SER B 2184 -33.94 -63.69 48.12
CA SER B 2184 -34.74 -64.04 46.95
C SER B 2184 -36.21 -63.62 47.08
N GLU B 2185 -36.76 -63.11 45.98
CA GLU B 2185 -38.13 -62.62 45.94
C GLU B 2185 -39.15 -63.77 46.02
N ASP B 2189 -38.89 -61.90 52.42
CA ASP B 2189 -38.95 -60.44 52.48
C ASP B 2189 -37.77 -59.81 53.21
N GLY B 2190 -38.16 -58.90 53.86
CA GLY B 2190 -37.14 -58.18 54.64
C GLY B 2190 -37.26 -58.32 56.16
N THR B 2191 -37.85 -59.41 56.64
CA THR B 2191 -38.06 -59.61 58.08
C THR B 2191 -36.79 -59.65 58.94
N PHE B 2192 -35.75 -60.33 58.46
CA PHE B 2192 -34.50 -60.45 59.21
C PHE B 2192 -33.83 -59.09 59.42
N LYS B 2193 -34.06 -58.17 58.49
CA LYS B 2193 -33.51 -56.81 58.56
C LYS B 2193 -34.20 -55.98 59.64
N LEU B 2194 -35.50 -56.24 59.86
CA LEU B 2194 -36.27 -55.57 60.90
C LEU B 2194 -35.91 -56.09 62.29
N ILE B 2195 -35.55 -57.37 62.36
CA ILE B 2195 -35.13 -58.01 63.62
C ILE B 2195 -33.75 -57.56 64.04
N GLU B 2196 -32.89 -57.29 63.05
CA GLU B 2196 -31.53 -56.81 63.29
C GLU B 2196 -31.53 -55.34 63.73
N LEU B 2197 -32.51 -54.58 63.22
CA LEU B 2197 -32.67 -53.17 63.59
C LEU B 2197 -33.25 -53.02 64.98
N ALA B 2198 -34.09 -53.98 65.39
CA ALA B 2198 -34.68 -54.01 66.72
C ALA B 2198 -33.67 -54.41 67.79
N LYS B 2199 -32.72 -55.26 67.40
CA LYS B 2199 -31.68 -55.70 68.31
C LYS B 2199 -30.75 -54.56 68.68
N ALA B 2200 -31.07 -53.36 68.20
CA ALA B 2200 -30.26 -52.17 68.47
C ALA B 2200 -31.11 -50.91 68.45
N SER B 2201 -30.46 -49.77 68.69
CA SER B 2201 -31.15 -48.48 68.70
C SER B 2201 -30.87 -47.73 69.99
N LYS B 2202 -29.66 -47.20 70.11
CA LYS B 2202 -28.66 -47.33 69.06
C LYS B 2202 -29.30 -47.27 67.68
N GLU B 2203 -29.58 -48.44 67.11
CA GLU B 2203 -30.20 -48.51 65.79
C GLU B 2203 -30.26 -47.17 65.06
N SER B 2204 -30.93 -46.19 65.67
CA SER B 2204 -31.12 -44.91 65.01
C SER B 2204 -31.75 -45.24 63.68
N LEU B 2205 -32.67 -46.21 63.72
CA LEU B 2205 -33.19 -46.85 62.52
C LEU B 2205 -33.97 -45.96 61.56
N LYS B 2206 -33.72 -46.18 60.28
CA LYS B 2206 -34.54 -45.64 59.19
C LYS B 2206 -34.57 -46.58 57.98
N ILE B 2207 -35.74 -46.67 57.36
CA ILE B 2207 -35.91 -47.51 56.17
C ILE B 2207 -35.97 -46.65 54.91
N ILE B 2208 -35.39 -47.21 53.85
CA ILE B 2208 -35.30 -46.55 52.56
C ILE B 2208 -35.68 -47.54 51.49
N PRO B 2209 -36.98 -47.77 51.33
CA PRO B 2209 -37.44 -48.71 50.33
C PRO B 2209 -36.94 -48.22 48.98
N LEU B 2210 -36.95 -46.90 48.80
CA LEU B 2210 -36.48 -46.31 47.56
C LEU B 2210 -37.54 -46.57 46.52
N GLY B 2211 -38.71 -46.95 47.01
CA GLY B 2211 -39.83 -47.29 46.16
C GLY B 2211 -40.27 -46.09 45.33
N SER B 2212 -40.25 -44.91 45.92
CA SER B 2212 -40.79 -43.75 45.21
C SER B 2212 -39.84 -43.24 44.15
N ILE B 2213 -40.31 -43.06 42.91
CA ILE B 2213 -39.41 -42.56 41.85
C ILE B 2213 -38.89 -41.10 41.86
N GLU B 2214 -39.78 -40.17 42.17
CA GLU B 2214 -39.56 -38.70 42.20
C GLU B 2214 -38.66 -37.86 43.14
N ASN B 2215 -38.59 -38.20 44.42
CA ASN B 2215 -37.82 -37.39 45.37
C ASN B 2215 -36.30 -37.22 45.27
N LEU B 2216 -35.54 -38.30 45.13
CA LEU B 2216 -34.09 -38.13 45.04
C LEU B 2216 -33.59 -37.64 46.40
N ASN B 2217 -34.17 -36.52 46.82
CA ASN B 2217 -33.91 -35.80 48.07
C ASN B 2217 -34.21 -36.53 49.38
N TYR B 2218 -35.25 -37.35 49.40
CA TYR B 2218 -35.59 -38.06 50.63
C TYR B 2218 -34.36 -38.85 51.02
N ALA B 2219 -33.71 -39.44 50.03
CA ALA B 2219 -32.49 -40.21 50.26
C ALA B 2219 -31.32 -39.29 50.63
N GLN B 2220 -31.40 -38.04 50.18
CA GLN B 2220 -30.38 -37.03 50.50
C GLN B 2220 -30.48 -36.59 51.96
N GLU B 2221 -31.70 -36.55 52.48
CA GLU B 2221 -31.94 -36.25 53.90
C GLU B 2221 -31.56 -37.43 54.79
N GLU B 2222 -31.70 -38.64 54.25
CA GLU B 2222 -31.31 -39.86 54.95
C GLU B 2222 -29.80 -40.02 54.99
N ILE B 2223 -29.12 -39.55 53.95
CA ILE B 2223 -27.66 -39.57 53.88
C ILE B 2223 -27.04 -38.51 54.79
N SER B 2224 -27.75 -37.39 54.94
CA SER B 2224 -27.32 -36.30 55.83
C SER B 2224 -27.49 -36.69 57.31
N LYS B 2225 -28.52 -37.49 57.58
CA LYS B 2225 -28.78 -37.99 58.93
C LYS B 2225 -27.80 -39.09 59.33
N SER B 2226 -27.34 -39.85 58.33
CA SER B 2226 -26.37 -40.92 58.55
C SER B 2226 -24.96 -40.39 58.81
N LYS B 2227 -24.65 -39.25 58.19
CA LYS B 2227 -23.35 -38.60 58.34
C LYS B 2227 -23.20 -37.92 59.69
N ILE B 2228 -24.35 -37.58 60.26
CA ILE B 2228 -24.46 -36.99 61.57
C ILE B 2228 -25.05 -38.08 62.48
N GLU B 2229 -25.13 -39.33 62.06
CA GLU B 2229 -25.44 -40.27 63.11
C GLU B 2229 -24.64 -41.56 63.04
N GLY B 2230 -24.46 -42.20 64.19
CA GLY B 2230 -23.80 -43.49 64.26
C GLY B 2230 -24.86 -44.59 64.29
N GLY B 2231 -26.09 -44.23 63.95
CA GLY B 2231 -27.21 -45.17 63.95
C GLY B 2231 -27.09 -45.90 62.62
N TRP B 2232 -28.18 -46.53 62.19
CA TRP B 2232 -28.20 -47.29 60.95
C TRP B 2232 -29.19 -46.91 59.85
N ILE B 2233 -28.67 -46.73 58.64
CA ILE B 2233 -29.49 -46.43 57.47
C ILE B 2233 -29.72 -47.68 56.62
N LEU B 2234 -30.99 -48.06 56.45
CA LEU B 2234 -31.34 -49.24 55.67
C LEU B 2234 -31.94 -48.87 54.31
N LEU B 2235 -31.25 -49.26 53.25
CA LEU B 2235 -31.73 -49.02 51.89
C LEU B 2235 -32.33 -50.30 51.31
N GLN B 2236 -33.61 -50.24 50.96
CA GLN B 2236 -34.30 -51.39 50.40
C GLN B 2236 -34.80 -51.09 48.99
N ASN B 2237 -35.09 -52.14 48.22
CA ASN B 2237 -35.58 -51.99 46.86
C ASN B 2237 -34.44 -51.68 45.89
N ILE B 2238 -33.21 -51.73 46.41
CA ILE B 2238 -32.04 -51.45 45.59
C ILE B 2238 -32.09 -52.21 44.26
N GLN B 2239 -32.87 -53.28 44.24
CA GLN B 2239 -33.01 -54.10 43.04
C GLN B 2239 -33.94 -53.51 41.99
N MET B 2240 -34.96 -52.75 42.37
CA MET B 2240 -35.83 -52.22 41.31
C MET B 2240 -35.82 -50.71 41.04
N SER B 2241 -35.30 -50.34 39.86
CA SER B 2241 -35.23 -48.95 39.44
C SER B 2241 -34.94 -48.77 37.95
N LEU B 2242 -35.31 -47.62 37.41
CA LEU B 2242 -35.08 -47.31 36.01
C LEU B 2242 -33.63 -46.87 35.94
N SER B 2243 -33.27 -46.17 34.88
CA SER B 2243 -31.89 -45.71 34.72
C SER B 2243 -31.57 -44.84 35.92
N TRP B 2244 -32.59 -44.21 36.47
CA TRP B 2244 -32.43 -43.33 37.63
C TRP B 2244 -31.88 -44.01 38.89
N VAL B 2245 -32.30 -45.23 39.22
CA VAL B 2245 -31.77 -45.87 40.42
C VAL B 2245 -30.32 -46.32 40.23
N LYS B 2246 -29.94 -46.56 38.97
CA LYS B 2246 -28.56 -46.91 38.63
C LYS B 2246 -27.62 -45.73 38.85
N THR B 2247 -28.04 -44.43 38.46
CA THR B 2247 -27.10 -43.23 38.55
C THR B 2247 -26.79 -42.80 39.83
N TYR B 2248 -27.88 -42.77 40.63
CA TYR B 2248 -27.75 -42.42 41.93
C TYR B 2248 -27.10 -43.44 42.51
N LEU B 2249 -27.59 -44.68 42.26
CA LEU B 2249 -27.06 -45.77 42.81
C LEU B 2249 -25.56 -45.86 42.38
N HIS B 2250 -25.22 -45.75 41.21
CA HIS B 2250 -23.83 -45.86 40.73
C HIS B 2250 -22.95 -44.71 41.31
N LYS B 2251 -23.46 -43.52 41.43
CA LYS B 2251 -22.67 -42.41 42.02
C LYS B 2251 -22.42 -42.64 43.34
N HIS B 2252 -23.46 -43.12 44.00
CA HIS B 2252 -23.33 -43.41 45.31
C HIS B 2252 -22.30 -44.44 45.42
N VAL B 2253 -22.20 -45.46 44.59
CA VAL B 2253 -21.11 -46.39 44.91
C VAL B 2253 -19.60 -45.99 44.98
N GLU B 2254 -19.05 -45.24 44.04
CA GLU B 2254 -17.61 -44.91 44.12
C GLU B 2254 -16.90 -44.05 45.20
N GLU B 2255 -17.40 -42.84 45.46
CA GLU B 2255 -16.80 -41.96 46.45
C GLU B 2255 -17.00 -42.46 47.89
N THR B 2256 -18.24 -42.39 48.36
CA THR B 2256 -18.57 -42.87 49.70
C THR B 2256 -17.32 -43.27 50.47
N LYS B 2257 -16.17 -42.77 50.25
CA LYS B 2257 -14.95 -42.69 51.04
C LYS B 2257 -14.39 -41.27 51.02
N ALA B 2258 -14.95 -40.17 51.20
CA ALA B 2258 -14.26 -38.88 51.26
C ALA B 2258 -14.22 -38.35 52.68
N ALA B 2259 -14.16 -39.25 53.66
CA ALA B 2259 -14.03 -38.86 55.05
C ALA B 2259 -14.12 -40.21 55.76
N GLU B 2260 -13.98 -40.22 57.07
CA GLU B 2260 -14.10 -41.44 57.85
C GLU B 2260 -15.18 -40.43 58.22
N GLU B 2261 -16.31 -40.50 57.54
CA GLU B 2261 -17.75 -40.39 57.73
C GLU B 2261 -18.34 -41.76 58.07
N LYS B 2266 -23.67 -46.18 59.83
CA LYS B 2266 -23.66 -47.51 59.24
C LYS B 2266 -24.72 -47.63 58.14
N MET B 2267 -24.32 -48.21 57.01
CA MET B 2267 -25.24 -48.40 55.90
C MET B 2267 -25.55 -49.88 55.66
N PHE B 2268 -26.84 -50.22 55.70
CA PHE B 2268 -27.27 -51.58 55.40
C PHE B 2268 -28.16 -51.55 54.16
N MET B 2269 -27.85 -52.39 53.19
CA MET B 2269 -28.60 -52.40 51.93
C MET B 2269 -29.19 -53.77 51.63
N THR B 2270 -30.52 -53.86 51.71
CA THR B 2270 -31.22 -55.10 51.48
C THR B 2270 -31.78 -55.23 50.08
N CYS B 2271 -32.12 -56.36 49.53
CA CYS B 2271 -32.54 -56.75 48.19
C CYS B 2271 -33.89 -56.15 47.83
N HIS B 2272 -34.22 -56.44 46.41
CA HIS B 2272 -33.58 -57.47 45.60
C HIS B 2272 -33.90 -58.82 46.22
N LEU B 2273 -33.26 -59.97 46.34
CA LEU B 2273 -32.05 -59.75 45.56
C LEU B 2273 -32.22 -59.03 44.22
N THR B 2274 -33.21 -59.48 43.44
CA THR B 2274 -33.48 -58.90 42.14
C THR B 2274 -32.34 -59.27 41.20
N GLY B 2275 -32.51 -58.93 39.91
CA GLY B 2275 -31.50 -59.23 38.91
C GLY B 2275 -31.39 -57.99 38.04
N ASP B 2276 -30.43 -57.13 38.36
CA ASP B 2276 -30.22 -55.89 37.60
C ASP B 2276 -28.75 -55.52 37.52
N LYS B 2277 -27.99 -55.91 38.55
CA LYS B 2277 -26.56 -55.60 38.60
C LYS B 2277 -26.29 -54.21 39.13
N LEU B 2278 -25.06 -53.96 39.55
CA LEU B 2278 -24.67 -52.66 40.09
C LEU B 2278 -23.29 -52.32 39.56
N PRO B 2279 -22.57 -51.48 40.29
CA PRO B 2279 -21.23 -51.06 39.90
C PRO B 2279 -20.10 -51.52 40.82
N ALA B 2280 -18.91 -51.74 40.26
CA ALA B 2280 -17.75 -52.22 41.01
C ALA B 2280 -17.41 -51.36 42.22
N PRO B 2281 -17.42 -50.05 42.05
CA PRO B 2281 -17.05 -49.12 43.11
C PRO B 2281 -18.04 -49.14 44.27
N LEU B 2282 -19.26 -49.59 43.99
CA LEU B 2282 -20.29 -49.69 45.01
C LEU B 2282 -20.11 -50.98 45.83
N LEU B 2283 -19.94 -52.10 45.15
CA LEU B 2283 -19.75 -53.39 45.81
C LEU B 2283 -18.49 -53.38 46.68
N GLN B 2284 -17.49 -52.72 46.23
CA GLN B 2284 -17.35 -52.08 44.93
C GLN B 2284 -15.88 -52.18 44.50
N ARG B 2285 -14.93 -52.30 45.35
CA ARG B 2285 -15.17 -52.49 46.78
C ARG B 2285 -16.04 -51.44 47.46
N THR B 2286 -16.46 -51.69 48.70
CA THR B 2286 -15.88 -52.66 49.63
C THR B 2286 -16.25 -53.78 50.61
N ASP B 2287 -17.73 -53.94 51.20
CA ASP B 2287 -18.86 -54.28 52.07
C ASP B 2287 -18.80 -55.79 52.33
N ARG B 2288 -19.75 -55.94 53.60
CA ARG B 2288 -19.87 -57.25 54.25
C ARG B 2288 -21.20 -57.86 53.83
N VAL B 2289 -21.20 -59.13 53.45
CA VAL B 2289 -22.34 -59.69 52.72
C VAL B 2289 -23.05 -60.78 53.51
N VAL B 2290 -24.32 -60.52 53.83
CA VAL B 2290 -25.14 -61.46 54.61
C VAL B 2290 -26.23 -62.08 53.75
N TYR B 2291 -26.35 -63.40 53.81
CA TYR B 2291 -27.36 -64.12 53.04
C TYR B 2291 -28.47 -64.64 53.95
N GLU B 2292 -29.72 -64.47 53.51
CA GLU B 2292 -30.86 -64.94 54.28
C GLU B 2292 -31.60 -66.06 53.56
N ASP B 2293 -31.69 -67.20 54.65
CA ASP B 2293 -32.14 -68.43 55.30
C ASP B 2293 -31.95 -69.76 54.59
N ILE B 2294 -33.69 -70.17 55.21
CA ILE B 2294 -33.35 -71.12 56.29
C ILE B 2294 -33.92 -72.56 55.90
N PRO B 2295 -35.09 -72.18 56.18
CA PRO B 2295 -36.34 -71.70 56.79
C PRO B 2295 -37.19 -73.02 56.88
N GLY B 2296 -38.73 -72.58 56.92
CA GLY B 2296 -39.22 -71.20 56.99
C GLY B 2296 -40.37 -71.24 58.06
N ILE B 2297 -41.61 -71.77 57.64
CA ILE B 2297 -42.06 -72.20 56.30
C ILE B 2297 -43.53 -71.82 55.86
N LEU B 2298 -44.55 -72.45 56.45
CA LEU B 2298 -45.96 -72.21 56.15
C LEU B 2298 -46.67 -71.59 57.34
N ASP B 2299 -46.36 -72.08 58.54
CA ASP B 2299 -46.96 -71.57 59.76
C ASP B 2299 -46.57 -70.12 59.95
N THR B 2300 -45.31 -69.81 59.67
CA THR B 2300 -44.81 -68.45 59.80
C THR B 2300 -45.53 -67.54 58.83
N VAL B 2301 -45.75 -68.03 57.61
CA VAL B 2301 -46.44 -67.26 56.59
C VAL B 2301 -47.87 -66.98 57.04
N LYS B 2302 -48.50 -67.98 57.64
CA LYS B 2302 -49.86 -67.84 58.13
C LYS B 2302 -49.91 -66.78 59.23
N ASP B 2303 -48.91 -66.80 60.09
CA ASP B 2303 -48.83 -65.84 61.18
C ASP B 2303 -48.69 -64.43 60.62
N LEU B 2304 -47.87 -64.31 59.58
CA LEU B 2304 -47.65 -63.02 58.93
C LEU B 2304 -48.95 -62.52 58.33
N TRP B 2305 -49.71 -63.42 57.72
CA TRP B 2305 -50.97 -63.08 57.11
C TRP B 2305 -51.94 -62.59 58.19
N GLY B 2306 -51.93 -63.26 59.33
CA GLY B 2306 -52.80 -62.90 60.44
C GLY B 2306 -52.44 -61.50 60.93
N SER B 2307 -51.14 -61.22 61.00
CA SER B 2307 -50.66 -59.93 61.44
C SER B 2307 -51.12 -58.85 60.48
N GLN B 2308 -51.05 -59.15 59.19
CA GLN B 2308 -51.48 -58.22 58.16
C GLN B 2308 -52.97 -57.93 58.30
N PHE B 2309 -53.74 -58.97 58.58
CA PHE B 2309 -55.18 -58.84 58.75
C PHE B 2309 -55.47 -57.94 59.96
N PHE B 2310 -54.73 -57.98 61.05
CA PHE B 2310 -55.43 -57.34 62.15
C PHE B 2310 -55.86 -55.93 61.77
N THR B 2311 -54.99 -55.19 61.07
CA THR B 2311 -55.36 -53.82 60.72
C THR B 2311 -56.09 -53.67 59.38
N GLY B 2312 -56.97 -53.21 60.34
CA GLY B 2312 -58.19 -53.96 60.04
C GLY B 2312 -59.41 -53.05 60.04
N SER B 2315 -65.56 -54.64 57.49
CA SER B 2315 -66.47 -55.76 57.66
C SER B 2315 -67.15 -56.12 56.34
N GLY B 2316 -67.12 -57.41 56.00
CA GLY B 2316 -66.47 -58.41 56.84
C GLY B 2316 -67.25 -58.63 58.13
N VAL B 2317 -67.76 -59.85 58.30
CA VAL B 2317 -67.57 -60.91 57.32
C VAL B 2317 -66.31 -61.71 57.60
N TRP B 2318 -66.79 -62.51 58.97
CA TRP B 2318 -65.82 -63.39 59.64
C TRP B 2318 -65.53 -64.60 58.76
N SER B 2319 -66.61 -65.19 58.27
CA SER B 2319 -66.56 -66.37 57.41
C SER B 2319 -65.73 -66.08 56.17
N VAL B 2320 -66.02 -64.93 55.57
CA VAL B 2320 -65.33 -64.46 54.37
C VAL B 2320 -63.84 -64.35 54.62
N TYR B 2321 -63.52 -63.75 55.75
CA TYR B 2321 -62.13 -63.54 56.19
C TYR B 2321 -61.41 -64.89 56.29
N CYS B 2322 -62.10 -65.82 56.92
CA CYS B 2322 -61.59 -67.18 57.14
C CYS B 2322 -61.26 -67.83 55.79
N THR B 2323 -62.21 -67.69 54.89
CA THR B 2323 -62.10 -68.23 53.53
C THR B 2323 -60.85 -67.68 52.84
N PHE B 2324 -60.71 -66.38 52.96
CA PHE B 2324 -59.58 -65.63 52.38
C PHE B 2324 -58.25 -66.19 52.91
N LEU B 2325 -58.23 -66.36 54.21
CA LEU B 2325 -57.06 -66.88 54.93
C LEU B 2325 -56.68 -68.26 54.39
N LEU B 2326 -57.70 -69.09 54.25
CA LEU B 2326 -57.57 -70.46 53.74
C LEU B 2326 -56.93 -70.44 52.35
N SER B 2327 -57.48 -69.56 51.52
CA SER B 2327 -57.03 -69.37 50.13
C SER B 2327 -55.54 -69.01 50.11
N TRP B 2328 -55.21 -68.08 50.98
CA TRP B 2328 -53.83 -67.58 51.12
C TRP B 2328 -52.88 -68.74 51.48
N PHE B 2329 -53.34 -69.52 52.44
CA PHE B 2329 -52.59 -70.69 52.92
C PHE B 2329 -52.33 -71.66 51.77
N HIS B 2330 -53.38 -71.91 51.01
CA HIS B 2330 -53.34 -72.80 49.86
C HIS B 2330 -52.29 -72.33 48.86
N ALA B 2331 -52.34 -71.04 48.59
CA ALA B 2331 -51.43 -70.36 47.66
C ALA B 2331 -49.98 -70.58 48.11
N LEU B 2332 -49.77 -70.36 49.40
CA LEU B 2332 -48.46 -70.51 50.04
C LEU B 2332 -47.93 -71.93 49.83
N ILE B 2333 -48.82 -72.87 50.09
CA ILE B 2333 -48.52 -74.30 49.95
C ILE B 2333 -48.07 -74.61 48.52
N THR B 2334 -48.83 -74.08 47.59
CA THR B 2334 -48.58 -74.25 46.15
C THR B 2334 -47.18 -73.74 45.80
N ALA B 2335 -46.90 -72.55 46.31
CA ALA B 2335 -45.61 -71.88 46.10
C ALA B 2335 -44.47 -72.76 46.60
N ARG B 2336 -44.63 -73.31 47.80
CA ARG B 2336 -43.61 -74.17 48.39
C ARG B 2336 -43.32 -75.37 47.48
N ASP B 2352 -45.86 -62.73 42.88
CA ASP B 2352 -46.97 -63.64 42.56
C ASP B 2352 -47.91 -63.76 43.77
N CYS B 2353 -47.29 -63.95 44.92
CA CYS B 2353 -48.00 -64.09 46.20
C CYS B 2353 -48.85 -62.85 46.46
N ASP B 2354 -48.22 -61.72 46.26
CA ASP B 2354 -48.86 -60.39 46.45
C ASP B 2354 -50.10 -60.28 45.56
N PHE B 2355 -49.90 -60.66 44.31
CA PHE B 2355 -50.96 -60.63 43.29
C PHE B 2355 -52.15 -61.48 43.74
N GLN B 2356 -51.82 -62.67 44.21
CA GLN B 2356 -52.79 -63.65 44.69
C GLN B 2356 -53.62 -63.04 45.83
N PHE B 2357 -52.90 -62.42 46.74
CA PHE B 2357 -53.49 -61.77 47.92
C PHE B 2357 -54.49 -60.70 47.48
N ALA B 2358 -54.04 -59.91 46.53
CA ALA B 2358 -54.83 -58.81 45.95
C ALA B 2358 -56.14 -59.36 45.38
N SER B 2359 -55.99 -60.43 44.62
CA SER B 2359 -57.10 -61.12 43.96
C SER B 2359 -58.13 -61.57 45.01
N VAL B 2360 -57.59 -62.17 46.06
CA VAL B 2360 -58.39 -62.68 47.18
C VAL B 2360 -59.22 -61.55 47.80
N TYR B 2361 -58.52 -60.45 48.02
CA TYR B 2361 -59.11 -59.23 48.60
C TYR B 2361 -60.28 -58.75 47.75
N LEU B 2362 -60.02 -58.72 46.46
CA LEU B 2362 -61.00 -58.28 45.45
C LEU B 2362 -62.25 -59.15 45.54
N GLU B 2363 -62.00 -60.45 45.59
CA GLU B 2363 -63.06 -61.46 45.68
C GLU B 2363 -63.92 -61.21 46.91
N ASN B 2364 -63.24 -60.99 48.01
CA ASN B 2364 -63.88 -60.72 49.31
C ASN B 2364 -64.80 -59.50 49.20
N VAL B 2365 -64.25 -58.46 48.60
CA VAL B 2365 -64.96 -57.20 48.38
C VAL B 2365 -66.25 -57.44 47.59
N LEU B 2366 -66.09 -58.21 46.53
CA LEU B 2366 -67.19 -58.57 45.63
C LEU B 2366 -68.30 -59.27 46.41
N ALA B 2367 -67.87 -60.22 47.22
CA ALA B 2367 -68.76 -61.02 48.07
C ALA B 2367 -69.56 -60.10 48.99
N PRO B 2375 -71.23 -72.37 45.60
CA PRO B 2375 -70.04 -72.08 46.39
C PRO B 2375 -70.26 -72.41 47.87
N TRP B 2376 -70.88 -71.35 42.15
CA TRP B 2376 -70.20 -70.83 43.31
C TRP B 2376 -68.80 -71.39 43.34
N ALA B 2377 -68.70 -72.69 43.04
CA ALA B 2377 -67.37 -73.31 43.04
C ALA B 2377 -66.42 -72.63 42.08
N GLN B 2378 -66.92 -72.23 40.92
CA GLN B 2378 -66.08 -71.57 39.91
C GLN B 2378 -65.94 -70.04 39.98
N VAL B 2379 -66.67 -69.36 40.87
CA VAL B 2379 -66.53 -67.88 40.93
C VAL B 2379 -65.15 -67.29 41.34
N ARG B 2380 -64.55 -67.93 42.34
CA ARG B 2380 -63.27 -67.66 42.98
C ARG B 2380 -62.18 -68.34 42.15
N ASP B 2381 -62.52 -69.52 41.66
CA ASP B 2381 -61.62 -70.31 40.85
C ASP B 2381 -61.29 -69.61 39.54
N HIS B 2382 -62.28 -69.04 38.86
CA HIS B 2382 -62.06 -68.34 37.58
C HIS B 2382 -61.26 -67.07 37.87
N ILE B 2383 -61.49 -66.63 39.10
CA ILE B 2383 -60.90 -65.46 39.68
C ILE B 2383 -59.39 -65.56 39.78
N ALA B 2384 -58.89 -66.77 40.24
CA ALA B 2384 -57.45 -67.27 40.47
C ALA B 2384 -57.10 -67.31 39.02
N THR B 2385 -58.00 -67.99 38.32
CA THR B 2385 -57.80 -68.13 36.88
C THR B 2385 -57.54 -66.81 36.14
N ILE B 2386 -58.10 -65.67 36.44
CA ILE B 2386 -57.51 -64.68 35.57
C ILE B 2386 -56.06 -64.87 36.20
N VAL B 2387 -56.10 -64.89 37.54
CA VAL B 2387 -54.95 -65.05 38.46
C VAL B 2387 -54.15 -66.37 38.40
N TYR B 2388 -54.86 -67.46 38.17
CA TYR B 2388 -54.22 -68.76 38.08
C TYR B 2388 -53.32 -68.75 36.84
N GLY B 2389 -53.86 -68.18 35.76
CA GLY B 2389 -53.14 -68.10 34.50
C GLY B 2389 -51.92 -67.29 34.83
N GLY B 2390 -51.96 -66.51 35.90
CA GLY B 2390 -51.05 -65.38 36.04
C GLY B 2390 -49.60 -65.85 36.11
N LYS B 2391 -49.73 -67.42 35.72
CA LYS B 2391 -48.57 -68.29 35.88
C LYS B 2391 -47.56 -68.08 34.75
N ILE B 2392 -47.56 -67.04 34.11
CA ILE B 2392 -47.03 -66.66 32.81
C ILE B 2392 -47.62 -67.52 31.71
N ASP B 2393 -46.30 -67.59 31.06
CA ASP B 2393 -46.27 -69.05 31.22
C ASP B 2393 -46.72 -70.48 30.97
N GLU B 2394 -46.45 -71.04 29.82
CA GLU B 2394 -47.18 -71.81 28.81
C GLU B 2394 -48.00 -72.96 29.39
N GLU B 2395 -47.41 -73.69 30.31
CA GLU B 2395 -48.11 -74.82 30.83
C GLU B 2395 -47.39 -75.27 32.03
N LYS B 2396 -47.99 -76.23 32.70
CA LYS B 2396 -47.40 -76.75 33.87
C LYS B 2396 -47.93 -75.81 34.92
N ASP B 2397 -48.74 -74.81 34.54
CA ASP B 2397 -49.18 -74.01 35.79
C ASP B 2397 -50.44 -74.63 36.36
N LEU B 2398 -51.20 -75.18 35.17
CA LEU B 2398 -52.45 -75.81 35.43
C LEU B 2398 -52.20 -76.95 36.17
N GLU B 2399 -51.10 -77.59 35.77
CA GLU B 2399 -50.77 -78.63 36.43
C GLU B 2399 -50.51 -78.31 37.98
N VAL B 2400 -49.82 -77.18 37.98
CA VAL B 2400 -49.61 -76.78 39.29
C VAL B 2400 -50.73 -76.20 39.97
N VAL B 2401 -51.47 -75.36 39.24
CA VAL B 2401 -52.63 -74.74 39.78
C VAL B 2401 -53.74 -75.93 39.90
N ALA B 2402 -53.74 -76.90 39.02
CA ALA B 2402 -54.66 -78.00 39.11
C ALA B 2402 -54.46 -78.88 40.38
N LYS B 2403 -53.25 -78.93 40.92
CA LYS B 2403 -52.97 -79.73 42.10
C LYS B 2403 -53.49 -79.05 43.37
N LEU B 2404 -53.10 -77.79 43.57
CA LEU B 2404 -53.51 -77.02 44.73
C LEU B 2404 -55.02 -76.77 44.78
N CYS B 2405 -55.62 -76.54 43.61
CA CYS B 2405 -57.05 -76.28 43.55
C CYS B 2405 -57.78 -77.48 44.15
N ALA B 2406 -57.32 -78.67 43.82
CA ALA B 2406 -57.94 -79.87 44.35
C ALA B 2406 -57.69 -79.71 45.84
N HIS B 2407 -56.51 -79.17 46.14
CA HIS B 2407 -56.04 -78.93 47.49
C HIS B 2407 -56.20 -77.47 47.94
N VAL B 2408 -56.98 -76.67 47.22
CA VAL B 2408 -57.17 -75.27 47.59
C VAL B 2408 -57.74 -75.28 49.00
N PHE B 2409 -58.82 -76.12 49.30
CA PHE B 2409 -59.46 -76.33 50.57
C PHE B 2409 -58.25 -76.69 51.40
N CYS B 2410 -57.58 -77.21 50.94
CA CYS B 2410 -56.24 -77.73 50.66
C CYS B 2410 -56.10 -79.22 50.98
N ASP B 2413 -52.07 -82.67 54.81
CA ASP B 2413 -53.01 -83.57 55.49
C ASP B 2413 -53.66 -82.86 56.69
N ASN B 2414 -52.78 -82.23 57.46
CA ASN B 2414 -53.18 -81.48 58.66
C ASN B 2414 -54.20 -80.39 58.28
N LEU B 2415 -53.85 -79.68 57.23
CA LEU B 2415 -54.68 -78.58 56.70
C LEU B 2415 -56.07 -79.11 56.34
N GLN B 2416 -56.07 -80.24 55.65
CA GLN B 2416 -57.29 -80.91 55.19
C GLN B 2416 -58.17 -81.25 56.40
N ILE B 2417 -57.52 -81.81 57.41
CA ILE B 2417 -58.17 -82.22 58.66
C ILE B 2417 -58.86 -81.01 59.30
N VAL B 2418 -58.10 -79.93 59.35
CA VAL B 2418 -58.56 -78.66 59.94
C VAL B 2418 -59.82 -78.17 59.21
N PRO B 2419 -59.79 -78.21 57.88
CA PRO B 2419 -60.91 -77.78 57.07
C PRO B 2419 -62.12 -78.70 57.28
N GLY B 2420 -61.85 -80.01 57.33
CA GLY B 2420 -62.91 -80.99 57.53
C GLY B 2420 -63.58 -80.82 58.88
N VAL B 2421 -62.77 -80.61 59.92
CA VAL B 2421 -63.30 -80.43 61.26
C VAL B 2421 -64.09 -79.15 61.38
N ARG B 2422 -63.72 -78.15 60.58
CA ARG B 2422 -64.40 -76.86 60.59
C ARG B 2422 -65.83 -76.99 60.08
N ILE B 2423 -66.79 -76.68 60.95
CA ILE B 2423 -66.49 -76.22 62.31
C ILE B 2423 -66.48 -74.70 62.39
N PRO B 2424 -66.82 -74.05 61.29
CA PRO B 2424 -66.85 -72.59 61.24
C PRO B 2424 -68.27 -72.08 61.04
N GLN B 2425 -69.24 -72.96 61.26
CA GLN B 2425 -70.65 -72.60 61.11
C GLN B 2425 -70.80 -71.13 60.72
N PRO B 2426 -71.14 -70.30 61.71
CA PRO B 2426 -71.34 -70.77 63.07
C PRO B 2426 -72.83 -70.83 63.42
N LEU B 2427 -73.57 -69.80 63.02
CA LEU B 2427 -72.99 -68.68 62.30
C LEU B 2427 -72.42 -67.48 63.05
N LEU B 2428 -73.17 -66.88 63.65
CA LEU B 2428 -72.87 -65.66 64.39
C LEU B 2428 -71.50 -65.78 65.04
N GLN B 2429 -70.77 -64.39 64.94
CA GLN B 2429 -69.41 -64.67 65.42
C GLN B 2429 -69.39 -65.77 66.46
N GLN B 2430 -68.47 -67.05 66.23
CA GLN B 2430 -68.06 -67.05 64.84
C GLN B 2430 -66.85 -66.16 64.57
N SER B 2431 -66.57 -65.09 64.78
CA SER B 2431 -65.25 -64.49 64.51
C SER B 2431 -64.28 -64.91 65.62
N GLU B 2432 -64.76 -64.78 66.84
CA GLU B 2432 -63.99 -65.11 68.05
C GLU B 2432 -63.56 -66.58 67.99
N GLU B 2433 -64.53 -67.41 67.65
CA GLU B 2433 -64.33 -68.87 67.54
C GLU B 2433 -63.23 -69.17 66.52
N GLU B 2434 -63.35 -68.50 65.39
CA GLU B 2434 -62.39 -68.65 64.28
C GLU B 2434 -60.98 -68.30 64.75
N GLU B 2435 -60.91 -67.18 65.46
CA GLU B 2435 -59.65 -66.67 66.01
C GLU B 2435 -59.00 -67.71 66.93
N ARG B 2436 -59.85 -68.25 67.79
CA ARG B 2436 -59.46 -69.28 68.76
C ARG B 2436 -58.86 -70.49 68.04
N ALA B 2437 -59.58 -70.90 67.01
CA ALA B 2437 -59.18 -72.05 66.17
C ALA B 2437 -57.80 -71.81 65.57
N ARG B 2438 -57.64 -70.61 65.05
CA ARG B 2438 -56.38 -70.17 64.42
C ARG B 2438 -55.23 -70.28 65.42
N LEU B 2439 -55.51 -69.77 66.60
CA LEU B 2439 -54.54 -69.76 67.72
C LEU B 2439 -54.10 -71.18 68.03
N THR B 2440 -55.10 -72.05 68.12
CA THR B 2440 -54.90 -73.48 68.42
C THR B 2440 -53.97 -74.11 67.37
N ALA B 2441 -54.29 -73.80 66.13
CA ALA B 2441 -53.53 -74.30 64.97
C ALA B 2441 -52.07 -73.87 65.07
N ILE B 2442 -52.19 -73.37 65.46
CA ILE B 2442 -51.04 -73.51 66.34
C ILE B 2442 -49.71 -72.94 65.86
N ALA B 2450 -41.68 -80.18 63.93
CA ALA B 2450 -40.35 -80.56 64.34
C ALA B 2450 -39.74 -81.10 63.05
N ASP B 2451 -40.46 -82.05 62.44
CA ASP B 2451 -40.06 -82.66 61.17
C ASP B 2451 -41.26 -83.07 60.30
N SER B 2452 -42.44 -82.51 60.55
CA SER B 2452 -43.65 -82.94 59.83
C SER B 2452 -44.06 -82.16 58.58
N LEU B 2453 -43.97 -80.84 58.65
CA LEU B 2453 -44.34 -79.94 57.56
C LEU B 2453 -43.74 -80.39 56.23
N SER B 2454 -42.59 -81.06 56.30
CA SER B 2454 -41.92 -81.62 55.12
C SER B 2454 -42.67 -82.83 54.59
N SER B 2455 -43.29 -83.59 55.49
CA SER B 2455 -44.05 -84.78 55.14
C SER B 2455 -45.47 -84.44 54.67
N TRP B 2456 -46.08 -83.36 55.10
CA TRP B 2456 -47.40 -83.22 54.53
C TRP B 2456 -47.06 -83.07 53.04
N LEU B 2457 -46.09 -82.18 52.80
CA LEU B 2457 -45.57 -81.83 51.48
C LEU B 2457 -44.74 -82.87 50.74
N GLN B 2458 -44.68 -82.73 49.42
CA GLN B 2458 -43.94 -83.65 48.58
C GLN B 2458 -44.55 -85.03 48.74
N LEU B 2459 -45.88 -85.06 48.82
CA LEU B 2459 -46.58 -86.32 48.98
C LEU B 2459 -46.10 -86.99 50.25
N PRO B 2460 -46.14 -86.25 51.36
CA PRO B 2460 -45.70 -86.82 52.63
C PRO B 2460 -44.28 -87.36 52.49
N ARG B 2461 -43.42 -86.58 51.85
CA ARG B 2461 -42.02 -86.94 51.62
C ARG B 2461 -41.72 -88.21 50.80
N GLU B 2462 -42.52 -88.45 49.78
CA GLU B 2462 -42.35 -89.63 48.92
C GLU B 2462 -41.95 -89.19 47.52
N SER B 2463 -40.90 -89.81 46.99
CA SER B 2463 -40.45 -89.47 45.65
C SER B 2463 -39.75 -88.12 45.73
N ILE B 2464 -40.45 -87.13 46.26
CA ILE B 2464 -39.88 -85.78 46.37
C ILE B 2464 -38.55 -85.79 47.13
N LEU B 2465 -38.47 -86.58 48.21
CA LEU B 2465 -37.23 -86.63 48.99
C LEU B 2465 -36.08 -87.23 48.17
N ASP B 2466 -36.40 -88.20 47.32
CA ASP B 2466 -35.40 -88.83 46.46
C ASP B 2466 -34.97 -87.92 45.30
N TYR B 2467 -35.91 -87.09 44.84
CA TYR B 2467 -35.64 -86.12 43.78
C TYR B 2467 -34.72 -84.99 44.27
N GLU B 2468 -34.88 -84.63 45.55
CA GLU B 2468 -34.03 -83.63 46.19
C GLU B 2468 -32.63 -84.20 46.48
N ARG B 2469 -32.58 -85.50 46.78
CA ARG B 2469 -31.32 -86.19 47.02
C ARG B 2469 -30.53 -86.41 45.73
N LEU B 2470 -31.25 -86.62 44.63
CA LEU B 2470 -30.64 -86.78 43.31
C LEU B 2470 -30.14 -85.44 42.76
N GLN B 2471 -30.83 -84.36 43.12
CA GLN B 2471 -30.44 -83.01 42.72
C GLN B 2471 -29.21 -82.54 43.50
N ALA B 2472 -29.10 -83.00 44.76
CA ALA B 2472 -27.95 -82.70 45.61
C ALA B 2472 -26.72 -83.49 45.18
N LYS B 2473 -26.95 -84.70 44.66
CA LYS B 2473 -25.87 -85.55 44.15
C LYS B 2473 -25.35 -85.04 42.81
N GLU B 2474 -26.24 -84.46 42.01
CA GLU B 2474 -25.88 -83.86 40.72
C GLU B 2474 -25.13 -82.55 40.90
N VAL B 2475 -25.46 -81.82 41.96
CA VAL B 2475 -24.79 -80.57 42.30
C VAL B 2475 -23.39 -80.81 42.84
N ALA B 2476 -23.22 -81.93 43.55
CA ALA B 2476 -21.92 -82.33 44.08
C ALA B 2476 -21.01 -82.89 42.98
N SER B 2477 -21.62 -83.51 41.97
CA SER B 2477 -20.89 -84.06 40.83
C SER B 2477 -20.38 -82.95 39.91
N SER B 2478 -21.18 -81.89 39.76
CA SER B 2478 -20.80 -80.72 38.97
C SER B 2478 -19.76 -79.88 39.70
N THR B 2479 -19.73 -80.01 41.03
CA THR B 2479 -18.77 -79.31 41.88
C THR B 2479 -17.36 -79.88 41.73
N GLU B 2480 -17.28 -81.21 41.65
CA GLU B 2480 -16.00 -81.91 41.50
C GLU B 2480 -15.41 -81.74 40.09
N GLN B 2481 -16.29 -81.60 39.10
CA GLN B 2481 -15.89 -81.40 37.72
C GLN B 2481 -15.31 -80.00 37.48
N LEU B 2482 -15.84 -79.02 38.20
CA LEU B 2482 -15.36 -77.64 38.12
C LEU B 2482 -14.03 -77.46 38.84
N LEU B 2483 -13.82 -78.25 39.90
CA LEU B 2483 -12.58 -78.21 40.67
C LEU B 2483 -11.42 -78.87 39.94
N GLN B 2484 -11.72 -79.91 39.17
CA GLN B 2484 -10.72 -80.64 38.40
C GLN B 2484 -10.27 -79.86 37.16
N GLU B 2485 -11.17 -79.06 36.60
CA GLU B 2485 -10.89 -78.25 35.42
C GLU B 2485 -10.01 -77.04 35.77
N MET B 2486 -10.20 -76.50 36.97
CA MET B 2486 -9.44 -75.34 37.43
C MET B 2486 -8.04 -75.74 37.86
N SER C 1 13.27 -15.49 -42.04
CA SER C 1 13.38 -14.22 -41.27
C SER C 1 13.02 -14.48 -39.80
N PRO C 2 14.00 -14.31 -38.90
CA PRO C 2 13.82 -14.51 -37.47
C PRO C 2 12.74 -13.61 -36.88
N ILE C 3 12.23 -14.03 -35.72
CA ILE C 3 11.17 -13.29 -35.04
C ILE C 3 11.49 -12.91 -33.59
N LEU C 4 11.30 -11.63 -33.28
CA LEU C 4 11.54 -11.10 -31.94
C LEU C 4 10.20 -10.68 -31.33
N GLY C 5 9.84 -11.30 -30.22
CA GLY C 5 8.58 -11.00 -29.59
C GLY C 5 8.68 -10.29 -28.26
N TYR C 6 7.98 -9.17 -28.15
CA TYR C 6 8.04 -8.39 -26.92
C TYR C 6 7.00 -7.29 -26.88
N TRP C 7 6.91 -6.63 -25.74
CA TRP C 7 5.99 -5.52 -25.57
C TRP C 7 6.49 -4.40 -26.47
N LYS C 8 5.61 -3.51 -26.89
CA LYS C 8 5.97 -2.40 -27.75
C LYS C 8 6.52 -1.29 -26.86
N ILE C 9 7.62 -1.57 -26.18
CA ILE C 9 8.27 -0.62 -25.28
C ILE C 9 9.77 -0.90 -25.35
N LYS C 10 10.58 0.02 -24.86
CA LYS C 10 12.01 -0.22 -24.88
C LYS C 10 12.34 -1.39 -23.96
N GLY C 11 11.90 -1.28 -22.73
CA GLY C 11 12.13 -2.34 -21.77
C GLY C 11 13.43 -3.11 -21.91
N LEU C 12 13.32 -4.43 -21.77
CA LEU C 12 14.45 -5.36 -21.84
C LEU C 12 15.01 -5.70 -23.22
N VAL C 13 14.35 -5.26 -24.28
CA VAL C 13 14.83 -5.65 -25.59
C VAL C 13 15.49 -4.57 -26.45
N GLN C 14 15.46 -3.33 -26.00
CA GLN C 14 16.06 -2.23 -26.79
C GLN C 14 17.49 -2.50 -27.27
N PRO C 15 18.41 -2.90 -26.37
CA PRO C 15 19.78 -3.17 -26.81
C PRO C 15 19.76 -4.09 -28.04
N THR C 16 19.13 -5.25 -27.85
CA THR C 16 18.98 -6.29 -28.86
C THR C 16 18.48 -5.66 -30.15
N ARG C 17 17.37 -4.93 -30.11
CA ARG C 17 16.83 -4.28 -31.30
C ARG C 17 17.95 -3.49 -32.00
N LEU C 18 18.77 -2.76 -31.24
CA LEU C 18 19.84 -1.97 -31.85
C LEU C 18 20.83 -2.86 -32.58
N LEU C 19 21.36 -3.82 -31.84
CA LEU C 19 22.31 -4.77 -32.38
C LEU C 19 21.79 -5.28 -33.72
N LEU C 20 20.61 -5.89 -33.70
CA LEU C 20 20.04 -6.39 -34.93
C LEU C 20 20.13 -5.32 -36.02
N GLU C 21 19.62 -4.12 -35.77
CA GLU C 21 19.67 -3.04 -36.76
C GLU C 21 21.10 -2.68 -37.13
N TYR C 22 22.02 -2.87 -36.19
CA TYR C 22 23.42 -2.57 -36.45
C TYR C 22 23.99 -3.53 -37.49
N LEU C 23 23.69 -4.82 -37.34
CA LEU C 23 24.18 -5.82 -38.26
C LEU C 23 23.24 -5.93 -39.45
N GLU C 24 22.43 -4.90 -39.64
CA GLU C 24 21.49 -4.83 -40.75
C GLU C 24 20.79 -6.17 -40.96
N GLU C 25 20.84 -7.02 -39.94
CA GLU C 25 20.23 -8.33 -40.02
C GLU C 25 18.72 -8.19 -40.10
N LYS C 26 18.12 -8.87 -41.08
CA LYS C 26 16.68 -8.82 -41.27
C LYS C 26 15.97 -9.69 -40.23
N TYR C 27 14.79 -9.22 -39.82
CA TYR C 27 13.96 -9.93 -38.84
C TYR C 27 12.61 -9.24 -38.78
N GLU C 28 11.68 -9.83 -38.05
CA GLU C 28 10.36 -9.24 -37.90
C GLU C 28 10.04 -9.23 -36.42
N GLU C 29 9.18 -8.29 -36.01
CA GLU C 29 8.81 -8.20 -34.60
C GLU C 29 7.36 -8.57 -34.37
N HIS C 30 7.09 -9.12 -33.19
CA HIS C 30 5.75 -9.47 -32.76
C HIS C 30 5.58 -8.49 -31.62
N LEU C 31 4.97 -7.35 -31.89
CA LEU C 31 4.79 -6.33 -30.86
C LEU C 31 3.46 -6.39 -30.11
N TYR C 32 3.56 -6.55 -28.80
CA TYR C 32 2.37 -6.58 -27.96
C TYR C 32 2.05 -5.18 -27.42
N GLU C 33 0.93 -4.62 -27.89
CA GLU C 33 0.43 -3.30 -27.49
C GLU C 33 0.13 -3.28 -25.99
N ARG C 34 -0.23 -2.11 -25.48
CA ARG C 34 -0.53 -1.96 -24.07
C ARG C 34 -1.68 -2.83 -23.56
N ASP C 35 -2.73 -2.90 -24.36
CA ASP C 35 -3.93 -3.67 -24.05
C ASP C 35 -4.04 -5.00 -24.80
N GLU C 36 -2.93 -5.73 -24.91
CA GLU C 36 -2.91 -7.02 -25.60
C GLU C 36 -2.30 -8.07 -24.69
N GLY C 37 -2.40 -7.88 -23.38
CA GLY C 37 -1.86 -8.84 -22.46
C GLY C 37 -2.47 -10.22 -22.62
N ASP C 38 -3.62 -10.26 -23.29
CA ASP C 38 -4.32 -11.52 -23.52
C ASP C 38 -3.69 -12.22 -24.71
N LYS C 39 -3.70 -11.54 -25.86
CA LYS C 39 -3.12 -12.06 -27.09
C LYS C 39 -1.82 -12.82 -26.83
N TRP C 40 -1.03 -12.34 -25.87
CA TRP C 40 0.23 -12.97 -25.49
C TRP C 40 -0.05 -14.29 -24.77
N ARG C 41 -0.82 -14.23 -23.69
CA ARG C 41 -1.17 -15.43 -22.93
C ARG C 41 -1.85 -16.43 -23.85
N ASN C 42 -2.41 -15.91 -24.95
CA ASN C 42 -3.06 -16.76 -25.94
C ASN C 42 -2.01 -17.54 -26.74
N LYS C 43 -0.84 -16.94 -26.95
CA LYS C 43 0.21 -17.59 -27.72
C LYS C 43 1.40 -17.96 -26.87
N LYS C 44 1.37 -17.55 -25.61
CA LYS C 44 2.47 -17.85 -24.70
C LYS C 44 2.93 -19.29 -24.79
N PHE C 45 1.99 -20.21 -24.92
CA PHE C 45 2.35 -21.62 -24.96
C PHE C 45 2.23 -22.33 -26.30
N GLU C 46 1.77 -21.62 -27.32
CA GLU C 46 1.63 -22.24 -28.62
C GLU C 46 2.76 -21.85 -29.57
N LEU C 47 3.94 -21.62 -28.99
CA LEU C 47 5.14 -21.24 -29.72
C LEU C 47 6.25 -22.27 -29.55
N GLY C 48 6.04 -23.21 -28.63
CA GLY C 48 7.03 -24.23 -28.41
C GLY C 48 8.28 -23.67 -27.77
N LEU C 49 8.08 -22.87 -26.73
CA LEU C 49 9.20 -22.29 -25.98
C LEU C 49 9.33 -23.13 -24.72
N GLU C 50 10.55 -23.54 -24.38
CA GLU C 50 10.75 -24.35 -23.19
C GLU C 50 10.61 -23.55 -21.92
N PHE C 51 10.62 -22.23 -22.03
CA PHE C 51 10.49 -21.37 -20.85
C PHE C 51 9.69 -20.13 -21.22
N PRO C 52 8.44 -20.33 -21.67
CA PRO C 52 7.52 -19.26 -22.07
C PRO C 52 7.81 -18.00 -21.29
N ASN C 53 7.89 -16.89 -22.00
CA ASN C 53 8.21 -15.63 -21.36
C ASN C 53 8.48 -14.56 -22.41
N LEU C 54 8.75 -13.34 -21.97
CA LEU C 54 9.06 -12.25 -22.87
C LEU C 54 10.34 -11.55 -22.42
N PRO C 55 11.18 -11.16 -23.38
CA PRO C 55 10.93 -11.37 -24.80
C PRO C 55 11.34 -12.77 -25.30
N TYR C 56 10.95 -13.10 -26.53
CA TYR C 56 11.30 -14.38 -27.12
C TYR C 56 11.89 -14.18 -28.51
N TYR C 57 12.81 -15.07 -28.89
CA TYR C 57 13.44 -15.01 -30.21
C TYR C 57 13.22 -16.39 -30.79
N ILE C 58 12.87 -16.44 -32.07
CA ILE C 58 12.60 -17.73 -32.69
C ILE C 58 12.95 -17.80 -34.16
N ASP C 59 13.79 -18.73 -34.61
CA ASP C 59 13.82 -18.82 -36.06
C ASP C 59 13.72 -20.27 -36.56
N GLY C 60 14.80 -21.00 -36.81
CA GLY C 60 14.58 -22.37 -37.27
C GLY C 60 14.67 -23.33 -36.09
N ASP C 61 13.62 -23.35 -35.28
CA ASP C 61 13.57 -24.17 -34.06
C ASP C 61 14.68 -23.76 -33.11
N VAL C 62 15.01 -22.48 -33.14
CA VAL C 62 15.98 -21.94 -32.20
C VAL C 62 14.99 -21.16 -31.39
N LYS C 63 14.53 -21.76 -30.32
CA LYS C 63 13.57 -21.04 -29.53
C LYS C 63 14.18 -20.56 -28.24
N LEU C 64 14.20 -19.23 -28.13
CA LEU C 64 14.80 -18.59 -26.97
C LEU C 64 14.00 -17.54 -26.22
N THR C 65 14.27 -17.49 -24.92
CA THR C 65 13.65 -16.52 -24.04
C THR C 65 14.78 -16.12 -23.11
N GLN C 66 14.62 -15.01 -22.38
CA GLN C 66 15.66 -14.46 -21.49
C GLN C 66 16.44 -13.44 -22.35
N SER C 67 16.23 -12.16 -22.10
CA SER C 67 16.92 -11.15 -22.89
C SER C 67 18.41 -11.36 -23.05
N MET C 68 19.11 -11.87 -22.03
CA MET C 68 20.55 -12.07 -22.21
C MET C 68 20.91 -13.22 -23.14
N ALA C 69 20.26 -14.37 -22.97
CA ALA C 69 20.52 -15.51 -23.83
C ALA C 69 20.20 -15.09 -25.27
N ILE C 70 19.18 -14.26 -25.44
CA ILE C 70 18.83 -13.82 -26.78
C ILE C 70 19.91 -12.95 -27.37
N ILE C 71 20.15 -11.81 -26.76
CA ILE C 71 21.15 -10.90 -27.28
C ILE C 71 22.47 -11.60 -27.56
N ARG C 72 22.94 -12.40 -26.60
CA ARG C 72 24.20 -13.13 -26.78
C ARG C 72 24.16 -14.01 -28.02
N TYR C 73 23.01 -14.62 -28.27
CA TYR C 73 22.83 -15.47 -29.44
C TYR C 73 23.08 -14.66 -30.71
N ILE C 74 22.29 -13.61 -30.95
CA ILE C 74 22.50 -12.81 -32.15
C ILE C 74 23.97 -12.45 -32.22
N ALA C 75 24.55 -12.06 -31.09
CA ALA C 75 25.95 -11.67 -31.06
C ALA C 75 26.87 -12.80 -31.50
N ASP C 76 26.63 -13.97 -30.94
CA ASP C 76 27.41 -15.19 -31.20
C ASP C 76 27.25 -15.68 -32.62
N LYS C 77 26.07 -15.46 -33.19
CA LYS C 77 25.83 -15.90 -34.54
C LYS C 77 26.66 -15.07 -35.51
N HIS C 78 27.35 -14.06 -34.98
CA HIS C 78 28.21 -13.21 -35.81
C HIS C 78 29.62 -13.14 -35.23
N ASN C 79 29.96 -14.09 -34.37
CA ASN C 79 31.27 -14.13 -33.73
C ASN C 79 31.58 -12.74 -33.17
N MET C 80 30.93 -12.41 -32.05
CA MET C 80 31.08 -11.13 -31.37
C MET C 80 31.13 -11.28 -29.86
N LEU C 81 31.14 -12.50 -29.35
CA LEU C 81 31.18 -12.68 -27.92
C LEU C 81 32.58 -12.70 -27.35
N GLY C 82 33.56 -12.98 -28.20
CA GLY C 82 34.92 -13.03 -27.72
C GLY C 82 35.71 -14.11 -28.38
N GLY C 83 37.02 -13.91 -28.47
CA GLY C 83 37.89 -14.88 -29.11
C GLY C 83 38.55 -15.88 -28.17
N CYS C 84 38.42 -15.66 -26.86
CA CYS C 84 39.01 -16.57 -25.89
C CYS C 84 38.35 -16.36 -24.53
N PRO C 85 38.60 -17.26 -23.57
CA PRO C 85 38.03 -17.17 -22.22
C PRO C 85 38.11 -15.76 -21.67
N LYS C 86 39.32 -15.22 -21.62
CA LYS C 86 39.58 -13.88 -21.13
C LYS C 86 38.75 -12.77 -21.81
N GLU C 87 38.84 -12.65 -23.13
CA GLU C 87 38.08 -11.59 -23.79
C GLU C 87 36.58 -11.85 -23.75
N ARG C 88 36.20 -13.12 -23.61
CA ARG C 88 34.79 -13.50 -23.54
C ARG C 88 34.24 -13.16 -22.17
N ALA C 89 35.04 -13.38 -21.14
CA ALA C 89 34.63 -13.08 -19.78
C ALA C 89 34.62 -11.56 -19.56
N GLU C 90 35.50 -10.85 -20.26
CA GLU C 90 35.60 -9.39 -20.15
C GLU C 90 34.30 -8.79 -20.69
N ILE C 91 33.85 -9.33 -21.81
CA ILE C 91 32.63 -8.87 -22.44
C ILE C 91 31.40 -9.19 -21.56
N SER C 92 31.49 -10.25 -20.77
CA SER C 92 30.38 -10.64 -19.87
C SER C 92 30.34 -9.71 -18.63
N MET C 93 31.53 -9.29 -18.21
CA MET C 93 31.64 -8.40 -17.07
C MET C 93 31.03 -7.06 -17.47
N LEU C 94 31.17 -6.69 -18.74
CA LEU C 94 30.58 -5.43 -19.20
C LEU C 94 29.08 -5.59 -19.15
N GLU C 95 28.60 -6.73 -19.64
CA GLU C 95 27.19 -7.09 -19.65
C GLU C 95 26.65 -6.82 -18.24
N GLY C 96 27.28 -7.46 -17.27
CA GLY C 96 26.88 -7.34 -15.89
C GLY C 96 26.77 -5.94 -15.34
N ALA C 97 27.86 -5.17 -15.43
CA ALA C 97 27.91 -3.81 -14.94
C ALA C 97 26.88 -2.90 -15.62
N VAL C 98 26.58 -3.15 -16.89
CA VAL C 98 25.60 -2.34 -17.59
C VAL C 98 24.22 -2.65 -17.01
N LEU C 99 23.94 -3.92 -16.75
CA LEU C 99 22.63 -4.30 -16.19
C LEU C 99 22.47 -3.80 -14.77
N ASP C 100 23.58 -3.70 -14.05
CA ASP C 100 23.53 -3.19 -12.68
C ASP C 100 23.08 -1.74 -12.68
N ILE C 101 22.96 -1.15 -13.87
CA ILE C 101 22.51 0.23 -14.00
C ILE C 101 21.12 0.21 -14.61
N ARG C 102 20.97 -0.54 -15.71
CA ARG C 102 19.68 -0.61 -16.39
C ARG C 102 18.64 -1.20 -15.48
N TYR C 103 19.02 -2.25 -14.75
CA TYR C 103 18.08 -2.88 -13.84
C TYR C 103 17.83 -2.04 -12.61
N GLY C 104 18.87 -1.39 -12.10
CA GLY C 104 18.71 -0.52 -10.94
C GLY C 104 17.53 0.41 -11.18
N VAL C 105 17.42 0.90 -12.42
CA VAL C 105 16.34 1.79 -12.78
C VAL C 105 15.01 1.10 -12.63
N SER C 106 14.83 0.01 -13.36
CA SER C 106 13.56 -0.73 -13.32
C SER C 106 13.06 -1.32 -12.01
N ARG C 107 13.95 -1.65 -11.08
CA ARG C 107 13.44 -2.19 -9.85
C ARG C 107 12.85 -1.13 -8.94
N ILE C 108 13.22 0.13 -9.14
CA ILE C 108 12.62 1.17 -8.32
C ILE C 108 11.70 2.01 -9.18
N ALA C 109 11.42 1.57 -10.40
CA ALA C 109 10.55 2.32 -11.31
C ALA C 109 9.08 1.99 -11.18
N TYR C 110 8.77 0.75 -10.86
CA TYR C 110 7.36 0.38 -10.73
C TYR C 110 6.83 0.73 -9.34
N SER C 111 7.71 1.00 -8.39
CA SER C 111 7.30 1.35 -7.04
C SER C 111 6.51 2.66 -7.05
N LYS C 112 5.57 2.77 -6.12
CA LYS C 112 4.77 3.97 -6.00
C LYS C 112 5.65 4.98 -5.27
N ASP C 113 6.67 4.46 -4.59
CA ASP C 113 7.60 5.31 -3.85
C ASP C 113 8.81 5.63 -4.73
N PHE C 114 8.57 5.81 -6.02
CA PHE C 114 9.66 6.12 -6.93
C PHE C 114 10.33 7.43 -6.62
N GLU C 115 9.54 8.50 -6.61
CA GLU C 115 10.00 9.86 -6.35
C GLU C 115 10.97 10.09 -5.20
N THR C 116 11.09 9.11 -4.31
CA THR C 116 12.02 9.26 -3.19
C THR C 116 13.10 8.19 -3.24
N LEU C 117 12.89 7.17 -4.07
CA LEU C 117 13.85 6.09 -4.23
C LEU C 117 14.92 6.47 -5.24
N LYS C 118 14.51 7.19 -6.28
CA LYS C 118 15.42 7.61 -7.34
C LYS C 118 16.53 8.42 -6.73
N VAL C 119 16.20 9.13 -5.67
CA VAL C 119 17.18 9.96 -5.00
C VAL C 119 18.36 9.14 -4.53
N ASP C 120 18.13 7.98 -3.93
CA ASP C 120 19.29 7.19 -3.52
C ASP C 120 19.96 6.46 -4.67
N PHE C 121 19.25 6.31 -5.79
CA PHE C 121 19.82 5.64 -6.97
C PHE C 121 20.77 6.58 -7.70
N LEU C 122 20.33 7.83 -7.86
CA LEU C 122 21.07 8.88 -8.54
C LEU C 122 22.32 9.29 -7.79
N SER C 123 22.35 9.00 -6.49
CA SER C 123 23.51 9.35 -5.71
C SER C 123 24.57 8.27 -5.93
N LYS C 124 24.13 7.03 -6.10
CA LYS C 124 25.06 5.93 -6.32
C LYS C 124 25.53 5.90 -7.78
N LEU C 125 24.62 6.32 -8.66
CA LEU C 125 24.85 6.35 -10.10
C LEU C 125 26.20 6.87 -10.57
N PRO C 126 26.69 7.96 -9.97
CA PRO C 126 27.98 8.52 -10.37
C PRO C 126 29.06 7.47 -10.36
N GLU C 127 29.24 6.82 -9.21
CA GLU C 127 30.25 5.78 -9.05
C GLU C 127 30.14 4.70 -10.11
N MET C 128 28.92 4.45 -10.57
CA MET C 128 28.71 3.41 -11.57
C MET C 128 29.09 3.93 -12.93
N LEU C 129 28.62 5.12 -13.27
CA LEU C 129 28.94 5.73 -14.56
C LEU C 129 30.44 5.91 -14.68
N LYS C 130 31.08 6.38 -13.60
CA LYS C 130 32.52 6.58 -13.62
C LYS C 130 33.31 5.39 -14.17
N MET C 131 33.04 4.20 -13.64
CA MET C 131 33.74 3.00 -14.07
C MET C 131 33.70 2.86 -15.59
N PHE C 132 32.59 3.27 -16.20
CA PHE C 132 32.45 3.21 -17.65
C PHE C 132 33.23 4.32 -18.33
N GLU C 133 33.32 5.48 -17.66
CA GLU C 133 34.07 6.60 -18.23
C GLU C 133 35.55 6.19 -18.32
N ASP C 134 36.03 5.47 -17.31
CA ASP C 134 37.42 5.00 -17.30
C ASP C 134 37.61 3.97 -18.41
N ARG C 135 36.81 2.92 -18.40
CA ARG C 135 36.90 1.89 -19.41
C ARG C 135 36.99 2.55 -20.79
N LEU C 136 36.30 3.67 -20.96
CA LEU C 136 36.30 4.36 -22.24
C LEU C 136 37.45 5.32 -22.47
N CYS C 137 38.45 5.28 -21.59
CA CYS C 137 39.63 6.12 -21.72
C CYS C 137 40.61 5.33 -22.57
N HIS C 138 41.02 5.89 -23.70
CA HIS C 138 41.94 5.22 -24.61
C HIS C 138 41.25 4.12 -25.41
N LYS C 139 39.92 4.10 -25.36
CA LYS C 139 39.13 3.12 -26.09
C LYS C 139 37.97 3.84 -26.80
N THR C 140 37.56 3.31 -27.95
CA THR C 140 36.49 3.93 -28.74
C THR C 140 35.11 3.43 -28.33
N TYR C 141 35.10 2.16 -27.94
CA TYR C 141 33.93 1.42 -27.51
C TYR C 141 34.46 0.55 -26.39
N LEU C 142 33.58 0.09 -25.52
CA LEU C 142 34.04 -0.74 -24.42
C LEU C 142 34.69 -1.91 -25.09
N ASN C 143 35.63 -2.54 -24.42
CA ASN C 143 36.26 -3.70 -25.01
C ASN C 143 36.80 -3.45 -26.42
N GLY C 144 37.55 -2.37 -26.61
CA GLY C 144 38.16 -2.15 -27.91
C GLY C 144 37.73 -1.20 -29.02
N ASP C 145 38.30 -1.50 -30.20
CA ASP C 145 38.08 -0.75 -31.41
C ASP C 145 36.90 -1.28 -32.18
N HIS C 146 36.45 -2.48 -31.82
CA HIS C 146 35.30 -3.08 -32.47
C HIS C 146 34.06 -3.07 -31.55
N VAL C 147 32.93 -2.64 -32.10
CA VAL C 147 31.65 -2.59 -31.38
C VAL C 147 31.17 -3.97 -30.87
N THR C 148 30.78 -4.02 -29.61
CA THR C 148 30.30 -5.26 -29.01
C THR C 148 28.85 -5.03 -28.51
N HIS C 149 28.17 -6.08 -28.03
CA HIS C 149 26.80 -5.86 -27.59
C HIS C 149 26.70 -5.02 -26.31
N PRO C 150 27.69 -5.14 -25.41
CA PRO C 150 27.55 -4.31 -24.22
C PRO C 150 27.56 -2.80 -24.53
N ASP C 151 28.04 -2.42 -25.70
CA ASP C 151 28.07 -1.01 -26.06
C ASP C 151 26.64 -0.56 -26.32
N PHE C 152 25.82 -1.48 -26.81
CA PHE C 152 24.43 -1.15 -27.09
C PHE C 152 23.57 -1.21 -25.83
N MET C 153 24.11 -1.87 -24.83
CA MET C 153 23.44 -1.99 -23.57
C MET C 153 23.64 -0.68 -22.84
N LEU C 154 24.91 -0.27 -22.67
CA LEU C 154 25.24 0.99 -22.01
C LEU C 154 24.53 2.16 -22.66
N TYR C 155 24.38 2.11 -23.98
CA TYR C 155 23.70 3.16 -24.71
C TYR C 155 22.23 3.24 -24.30
N ASP C 156 21.58 2.10 -24.09
CA ASP C 156 20.18 2.09 -23.69
C ASP C 156 20.09 2.62 -22.27
N ALA C 157 20.96 2.11 -21.41
CA ALA C 157 20.99 2.53 -20.03
C ALA C 157 21.13 4.05 -20.00
N LEU C 158 22.20 4.56 -20.62
CA LEU C 158 22.42 5.99 -20.68
C LEU C 158 21.14 6.70 -21.08
N ASP C 159 20.62 6.37 -22.26
CA ASP C 159 19.40 6.96 -22.76
C ASP C 159 18.26 6.96 -21.74
N VAL C 160 18.25 5.95 -20.88
CA VAL C 160 17.19 5.84 -19.89
C VAL C 160 17.47 6.64 -18.63
N VAL C 161 18.72 6.68 -18.17
CA VAL C 161 19.02 7.45 -16.98
C VAL C 161 18.99 8.96 -17.26
N LEU C 162 19.05 9.36 -18.53
CA LEU C 162 18.99 10.78 -18.85
C LEU C 162 17.59 11.32 -18.71
N TYR C 163 16.58 10.44 -18.82
CA TYR C 163 15.18 10.84 -18.66
C TYR C 163 14.96 11.05 -17.17
N MET C 164 15.58 10.20 -16.37
CA MET C 164 15.46 10.28 -14.93
C MET C 164 16.18 11.50 -14.37
N ASP C 165 17.26 11.89 -15.03
CA ASP C 165 18.03 13.03 -14.60
C ASP C 165 18.88 13.55 -15.74
N PRO C 166 18.33 14.50 -16.50
CA PRO C 166 18.97 15.13 -17.66
C PRO C 166 20.43 15.48 -17.47
N MET C 167 20.84 15.71 -16.22
CA MET C 167 22.22 16.11 -15.95
C MET C 167 23.13 15.04 -15.39
N CYS C 168 22.71 13.78 -15.42
CA CYS C 168 23.58 12.76 -14.86
C CYS C 168 24.89 12.61 -15.61
N LEU C 169 24.91 12.97 -16.90
CA LEU C 169 26.13 12.82 -17.70
C LEU C 169 27.06 14.02 -17.77
N ASP C 170 26.56 15.21 -17.45
CA ASP C 170 27.40 16.42 -17.50
C ASP C 170 28.77 16.23 -16.88
N ALA C 171 28.88 15.36 -15.89
CA ALA C 171 30.17 15.11 -15.22
C ALA C 171 30.98 14.02 -15.92
N PHE C 172 30.42 13.52 -17.03
CA PHE C 172 31.04 12.47 -17.82
C PHE C 172 30.84 12.84 -19.27
N PRO C 173 31.64 13.77 -19.77
CA PRO C 173 31.49 14.15 -21.18
C PRO C 173 31.95 13.00 -22.08
N LYS C 174 32.77 12.10 -21.55
CA LYS C 174 33.24 10.98 -22.35
C LYS C 174 32.13 10.01 -22.69
N LEU C 175 31.07 10.03 -21.89
CA LEU C 175 29.93 9.15 -22.14
C LEU C 175 28.98 9.87 -23.08
N VAL C 176 28.84 11.18 -22.87
CA VAL C 176 27.97 12.00 -23.72
C VAL C 176 28.46 11.79 -25.14
N CYS C 177 29.77 11.59 -25.25
CA CYS C 177 30.38 11.39 -26.53
C CYS C 177 30.01 10.00 -27.04
N PHE C 178 30.47 8.99 -26.31
CA PHE C 178 30.18 7.60 -26.63
C PHE C 178 28.76 7.45 -27.12
N LYS C 179 27.84 8.21 -26.52
CA LYS C 179 26.45 8.15 -26.90
C LYS C 179 26.20 8.73 -28.28
N LYS C 180 26.74 9.91 -28.57
CA LYS C 180 26.58 10.55 -29.88
C LYS C 180 27.30 9.68 -30.93
N ARG C 181 28.41 9.09 -30.52
CA ARG C 181 29.16 8.24 -31.41
C ARG C 181 28.27 7.12 -31.88
N ILE C 182 27.67 6.39 -30.94
CA ILE C 182 26.79 5.28 -31.34
C ILE C 182 25.73 5.78 -32.28
N GLU C 183 25.04 6.85 -31.88
CA GLU C 183 23.99 7.43 -32.71
C GLU C 183 24.49 7.84 -34.09
N ALA C 184 25.81 7.96 -34.23
CA ALA C 184 26.42 8.36 -35.49
C ALA C 184 26.57 7.20 -36.48
N ILE C 185 26.67 5.97 -35.98
CA ILE C 185 26.81 4.79 -36.83
C ILE C 185 25.62 4.83 -37.78
N PRO C 186 25.89 4.98 -39.08
CA PRO C 186 24.87 5.05 -40.13
C PRO C 186 23.65 4.15 -39.97
N GLN C 187 23.86 2.85 -39.74
CA GLN C 187 22.73 1.92 -39.57
C GLN C 187 21.83 2.36 -38.40
N ILE C 188 22.46 2.57 -37.24
CA ILE C 188 21.79 3.01 -36.02
C ILE C 188 20.99 4.30 -36.22
N ASP C 189 21.70 5.34 -36.66
CA ASP C 189 21.11 6.65 -36.91
C ASP C 189 19.91 6.57 -37.87
N LYS C 190 20.04 5.73 -38.89
CA LYS C 190 18.98 5.57 -39.88
C LYS C 190 17.77 4.92 -39.20
N TYR C 191 18.06 4.08 -38.22
CA TYR C 191 17.05 3.36 -37.47
C TYR C 191 16.26 4.28 -36.55
N LEU C 192 16.97 5.03 -35.70
CA LEU C 192 16.32 5.93 -34.76
C LEU C 192 15.37 6.86 -35.48
N LYS C 193 15.66 7.17 -36.73
CA LYS C 193 14.80 8.06 -37.48
C LYS C 193 13.73 7.30 -38.21
N SER C 194 13.82 5.96 -38.21
CA SER C 194 12.84 5.12 -38.90
C SER C 194 11.54 4.98 -38.11
N SER C 195 10.56 4.34 -38.74
CA SER C 195 9.25 4.12 -38.14
C SER C 195 9.31 3.00 -37.12
N LYS C 196 10.22 2.05 -37.31
CA LYS C 196 10.35 0.92 -36.39
C LYS C 196 10.89 1.31 -35.02
N TYR C 197 11.36 2.54 -34.86
CA TYR C 197 11.90 2.95 -33.58
C TYR C 197 10.83 3.22 -32.54
N ILE C 198 10.90 2.53 -31.40
CA ILE C 198 9.93 2.73 -30.34
C ILE C 198 10.53 3.72 -29.35
N ALA C 199 10.05 4.95 -29.42
CA ALA C 199 10.56 6.01 -28.58
C ALA C 199 10.11 5.99 -27.12
N TRP C 200 8.96 5.37 -26.88
CA TRP C 200 8.40 5.35 -25.54
C TRP C 200 7.27 4.31 -25.49
N PRO C 201 6.99 3.75 -24.30
CA PRO C 201 7.65 3.99 -23.02
C PRO C 201 9.00 3.29 -22.79
N LEU C 202 9.61 3.55 -21.65
CA LEU C 202 10.89 2.95 -21.28
C LEU C 202 10.62 1.66 -20.54
N GLN C 203 9.64 1.71 -19.65
CA GLN C 203 9.25 0.55 -18.86
C GLN C 203 7.85 0.10 -19.27
N GLY C 204 7.29 -0.81 -18.48
CA GLY C 204 5.95 -1.28 -18.75
C GLY C 204 5.04 -0.09 -18.52
N TRP C 205 4.06 0.10 -19.39
CA TRP C 205 3.15 1.23 -19.25
C TRP C 205 2.69 1.51 -17.81
N GLN C 206 2.55 0.47 -16.99
CA GLN C 206 2.10 0.63 -15.60
C GLN C 206 3.10 1.33 -14.72
N ALA C 207 4.39 1.25 -15.07
CA ALA C 207 5.47 1.86 -14.29
C ALA C 207 5.27 3.32 -13.98
N THR C 208 5.77 3.75 -12.83
CA THR C 208 5.67 5.15 -12.46
C THR C 208 6.65 5.89 -13.37
N PHE C 209 7.92 5.51 -13.28
CA PHE C 209 8.96 6.11 -14.10
C PHE C 209 8.90 5.53 -15.50
N GLY C 210 9.12 6.37 -16.49
CA GLY C 210 9.09 5.92 -17.87
C GLY C 210 7.91 5.06 -18.26
N GLY C 211 6.73 5.37 -17.73
CA GLY C 211 5.54 4.63 -18.11
C GLY C 211 4.65 5.54 -18.94
N GLY C 212 3.34 5.33 -18.88
CA GLY C 212 2.45 6.19 -19.63
C GLY C 212 2.57 6.03 -21.13
N ASP C 213 1.52 6.39 -21.85
CA ASP C 213 1.54 6.25 -23.29
C ASP C 213 2.51 7.20 -23.98
N HIS C 214 2.75 8.36 -23.39
CA HIS C 214 3.68 9.32 -23.98
C HIS C 214 4.53 9.91 -22.88
N PRO C 215 5.74 10.37 -23.22
CA PRO C 215 6.59 10.94 -22.18
C PRO C 215 6.08 12.29 -21.72
N PRO C 216 6.23 12.58 -20.43
CA PRO C 216 5.80 13.83 -19.80
C PRO C 216 6.56 15.08 -20.31
N SER D 1 47.60 -18.61 -8.47
CA SER D 1 46.36 -19.45 -8.30
C SER D 1 45.11 -18.58 -8.24
N PRO D 2 43.96 -19.17 -8.61
CA PRO D 2 42.67 -18.47 -8.60
C PRO D 2 42.26 -17.97 -7.20
N ILE D 3 41.65 -16.80 -7.19
CA ILE D 3 41.19 -16.13 -5.99
C ILE D 3 39.73 -15.74 -6.17
N LEU D 4 38.89 -16.17 -5.24
CA LEU D 4 37.49 -15.86 -5.32
C LEU D 4 37.10 -15.05 -4.11
N GLY D 5 36.82 -13.75 -4.31
CA GLY D 5 36.45 -12.88 -3.21
C GLY D 5 34.96 -12.67 -3.05
N TYR D 6 34.47 -12.78 -1.81
CA TYR D 6 33.05 -12.60 -1.51
C TYR D 6 32.80 -12.57 -0.02
N TRP D 7 31.54 -12.38 0.35
CA TRP D 7 31.16 -12.34 1.76
C TRP D 7 31.12 -13.77 2.27
N LYS D 8 31.33 -13.97 3.57
CA LYS D 8 31.28 -15.33 4.07
C LYS D 8 29.81 -15.77 4.15
N ILE D 9 29.17 -15.86 3.00
CA ILE D 9 27.77 -16.24 2.89
C ILE D 9 27.54 -16.96 1.56
N LYS D 10 26.44 -17.70 1.44
CA LYS D 10 26.13 -18.39 0.19
C LYS D 10 25.95 -17.34 -0.93
N GLY D 11 24.77 -16.73 -0.98
CA GLY D 11 24.50 -15.70 -1.94
C GLY D 11 24.66 -15.91 -3.44
N LEU D 12 25.26 -14.90 -4.05
CA LEU D 12 25.51 -14.86 -5.49
C LEU D 12 26.68 -15.71 -5.95
N VAL D 13 27.41 -16.32 -5.03
CA VAL D 13 28.57 -17.08 -5.44
C VAL D 13 28.50 -18.59 -5.26
N GLN D 14 27.62 -19.07 -4.39
CA GLN D 14 27.51 -20.52 -4.14
C GLN D 14 27.66 -21.39 -5.39
N PRO D 15 26.91 -21.09 -6.46
CA PRO D 15 27.02 -21.89 -7.69
C PRO D 15 28.46 -22.01 -8.15
N THR D 16 29.14 -20.87 -8.14
CA THR D 16 30.53 -20.77 -8.58
C THR D 16 31.43 -21.63 -7.70
N ARG D 17 31.09 -21.72 -6.40
CA ARG D 17 31.87 -22.51 -5.47
C ARG D 17 31.66 -23.97 -5.82
N LEU D 18 30.40 -24.37 -5.97
CA LEU D 18 30.02 -25.74 -6.29
C LEU D 18 30.54 -26.18 -7.64
N LEU D 19 30.56 -25.26 -8.60
CA LEU D 19 31.07 -25.57 -9.93
C LEU D 19 32.58 -25.75 -9.84
N LEU D 20 33.21 -25.01 -8.92
CA LEU D 20 34.64 -25.11 -8.75
C LEU D 20 35.07 -26.45 -8.16
N GLU D 21 34.32 -26.95 -7.18
CA GLU D 21 34.66 -28.23 -6.56
C GLU D 21 34.49 -29.34 -7.59
N TYR D 22 33.43 -29.25 -8.40
CA TYR D 22 33.16 -30.25 -9.43
C TYR D 22 34.39 -30.44 -10.30
N LEU D 23 34.92 -29.34 -10.78
CA LEU D 23 36.09 -29.36 -11.64
C LEU D 23 37.35 -29.55 -10.82
N GLU D 24 37.17 -29.85 -9.53
CA GLU D 24 38.28 -30.08 -8.62
C GLU D 24 39.46 -29.15 -8.90
N GLU D 25 39.15 -27.95 -9.38
CA GLU D 25 40.19 -26.97 -9.70
C GLU D 25 40.67 -26.34 -8.39
N LYS D 26 41.96 -26.04 -8.31
CA LYS D 26 42.49 -25.43 -7.10
C LYS D 26 42.22 -23.94 -7.11
N TYR D 27 41.72 -23.45 -5.98
CA TYR D 27 41.45 -22.03 -5.85
C TYR D 27 41.42 -21.62 -4.39
N GLU D 28 41.86 -20.39 -4.14
CA GLU D 28 41.92 -19.81 -2.81
C GLU D 28 40.74 -18.86 -2.64
N GLU D 29 40.02 -18.99 -1.54
CA GLU D 29 38.86 -18.12 -1.28
C GLU D 29 39.27 -16.95 -0.41
N HIS D 30 38.59 -15.82 -0.62
CA HIS D 30 38.81 -14.60 0.16
C HIS D 30 37.43 -14.17 0.63
N LEU D 31 37.07 -14.55 1.85
CA LEU D 31 35.76 -14.22 2.39
C LEU D 31 35.77 -13.05 3.37
N TYR D 32 34.70 -12.27 3.36
CA TYR D 32 34.27 -9.86 3.43
C TYR D 32 33.49 -11.36 5.29
N GLU D 33 33.91 -11.39 6.56
CA GLU D 33 33.01 -11.59 7.68
C GLU D 33 32.02 -10.44 7.73
N ARG D 34 30.92 -10.66 8.45
CA ARG D 34 29.85 -9.67 8.60
C ARG D 34 30.26 -8.26 9.03
N ASP D 35 31.25 -8.20 9.92
CA ASP D 35 31.73 -6.93 10.44
C ASP D 35 32.99 -6.42 9.74
N GLU D 36 33.46 -7.14 8.72
CA GLU D 36 34.69 -6.75 8.01
C GLU D 36 34.44 -5.91 6.74
N GLY D 37 33.25 -5.34 6.62
CA GLY D 37 32.91 -4.55 5.44
C GLY D 37 33.88 -3.42 5.09
N ASP D 38 34.62 -2.95 6.08
CA ASP D 38 35.60 -1.88 5.88
C ASP D 38 36.79 -2.46 5.13
N LYS D 39 37.18 -3.69 5.50
CA LYS D 39 38.30 -4.38 4.87
C LYS D 39 38.09 -4.41 3.36
N TRP D 40 36.83 -4.54 2.94
CA TRP D 40 36.48 -4.55 1.52
C TRP D 40 36.62 -3.13 0.97
N ARG D 41 36.00 -2.15 1.64
CA ARG D 41 36.06 -0.76 1.20
C ARG D 41 37.46 -0.20 1.17
N ASN D 42 38.41 -0.95 1.71
CA ASN D 42 39.80 -0.52 1.72
C ASN D 42 40.52 -1.10 0.51
N LYS D 43 40.38 -2.40 0.32
CA LYS D 43 41.02 -3.07 -0.80
C LYS D 43 40.19 -2.92 -2.07
N LYS D 44 38.91 -2.64 -1.92
CA LYS D 44 38.01 -2.47 -3.05
C LYS D 44 38.61 -1.81 -4.30
N PHE D 45 39.35 -0.72 -4.11
CA PHE D 45 39.93 0.00 -5.24
C PHE D 45 41.42 -0.28 -5.41
N GLU D 46 41.91 -1.27 -4.66
CA GLU D 46 43.31 -1.64 -4.71
C GLU D 46 43.52 -3.09 -5.17
N LEU D 47 42.70 -3.55 -6.11
CA LEU D 47 42.85 -4.91 -6.61
C LEU D 47 43.07 -4.95 -8.10
N GLY D 48 42.79 -3.83 -8.76
CA GLY D 48 42.96 -3.79 -10.21
C GLY D 48 41.70 -4.24 -10.93
N LEU D 49 40.56 -3.98 -10.30
CA LEU D 49 39.27 -4.33 -10.85
C LEU D 49 38.76 -3.13 -11.61
N GLU D 50 38.39 -3.29 -12.87
CA GLU D 50 37.90 -2.16 -13.65
C GLU D 50 36.45 -1.82 -13.29
N PHE D 51 35.83 -2.74 -12.56
CA PHE D 51 34.45 -2.59 -12.14
C PHE D 51 34.37 -3.21 -10.75
N PRO D 52 34.96 -2.54 -9.75
CA PRO D 52 34.96 -3.04 -8.37
C PRO D 52 33.60 -3.55 -7.95
N ASN D 53 33.58 -4.61 -7.15
CA ASN D 53 32.35 -5.19 -6.67
C ASN D 53 32.65 -6.52 -5.99
N LEU D 54 31.59 -7.18 -5.52
CA LEU D 54 31.71 -8.51 -4.90
C LEU D 54 30.62 -9.35 -5.57
N PRO D 55 30.96 -10.59 -5.98
CA PRO D 55 32.31 -11.16 -5.88
C PRO D 55 33.28 -10.71 -6.95
N TYR D 56 34.54 -11.10 -6.79
CA TYR D 56 35.59 -10.81 -7.75
C TYR D 56 36.46 -12.07 -7.91
N TYR D 57 36.94 -12.30 -9.11
CA TYR D 57 37.78 -13.47 -9.38
C TYR D 57 39.12 -12.94 -9.91
N ILE D 58 40.23 -13.42 -9.35
CA ILE D 58 41.52 -12.96 -9.84
C ILE D 58 42.46 -14.14 -9.91
N ASP D 59 42.89 -14.51 -11.11
CA ASP D 59 43.83 -15.63 -11.25
C ASP D 59 44.92 -15.31 -12.27
N GLY D 60 45.40 -14.08 -12.23
CA GLY D 60 46.45 -13.67 -13.14
C GLY D 60 46.20 -12.30 -13.70
N ASP D 61 46.52 -12.14 -14.98
CA ASP D 61 46.33 -10.87 -15.66
C ASP D 61 44.82 -10.68 -15.84
N VAL D 62 44.05 -11.60 -15.29
CA VAL D 62 42.59 -11.54 -15.36
C VAL D 62 42.04 -11.24 -13.97
N LYS D 63 41.26 -10.17 -13.91
CA LYS D 63 40.65 -9.71 -12.67
C LYS D 63 39.20 -9.39 -13.00
N LEU D 64 38.32 -10.35 -12.71
CA LEU D 64 36.90 -10.23 -12.99
C LEU D 64 36.02 -9.73 -11.86
N THR D 65 34.78 -9.42 -12.23
CA THR D 65 33.72 -8.95 -11.35
C THR D 65 32.42 -9.35 -12.07
N GLN D 66 31.34 -9.53 -11.31
CA GLN D 66 30.01 -9.95 -11.81
C GLN D 66 29.91 -11.47 -11.64
N SER D 67 29.07 -11.94 -10.72
CA SER D 67 29.00 -13.38 -10.52
C SER D 67 28.83 -14.20 -11.79
N MET D 68 28.13 -13.69 -12.79
CA MET D 68 27.94 -14.46 -14.04
C MET D 68 29.20 -14.60 -14.87
N ALA D 69 29.82 -13.49 -15.24
CA ALA D 69 31.05 -13.56 -16.03
C ALA D 69 32.07 -14.43 -15.28
N ILE D 70 32.17 -14.27 -13.97
CA ILE D 70 33.10 -15.06 -13.19
C ILE D 70 32.85 -16.54 -13.37
N ILE D 71 31.62 -16.96 -13.20
CA ILE D 71 31.26 -18.37 -13.34
C ILE D 71 31.34 -18.74 -14.83
N ARG D 72 30.73 -17.95 -15.71
CA ARG D 72 30.81 -18.23 -17.13
C ARG D 72 32.27 -18.48 -17.52
N TYR D 73 33.19 -17.83 -16.82
CA TYR D 73 34.62 -17.96 -17.11
C TYR D 73 35.16 -19.33 -16.70
N ILE D 74 35.04 -19.65 -15.42
CA ILE D 74 35.52 -20.92 -14.91
C ILE D 74 35.08 -22.08 -15.80
N ALA D 75 33.85 -21.99 -16.31
CA ALA D 75 33.30 -23.03 -17.18
C ALA D 75 33.86 -22.97 -18.58
N ASP D 76 33.94 -21.77 -19.13
CA ASP D 76 34.44 -21.56 -20.48
C ASP D 76 35.86 -22.03 -20.64
N LYS D 77 36.59 -22.12 -19.54
CA LYS D 77 37.97 -22.59 -19.58
C LYS D 77 38.00 -24.10 -19.77
N HIS D 78 37.01 -24.78 -19.22
CA HIS D 78 36.91 -26.23 -19.33
C HIS D 78 35.85 -26.56 -20.39
N ASN D 79 35.79 -25.75 -21.44
CA ASN D 79 34.82 -25.92 -22.52
C ASN D 79 33.46 -26.46 -22.06
N MET D 80 32.81 -25.74 -21.15
CA MET D 80 31.52 -26.16 -20.63
C MET D 80 30.36 -25.22 -20.97
N LEU D 81 30.53 -24.33 -21.95
CA LEU D 81 29.45 -23.40 -22.30
C LEU D 81 28.71 -23.75 -23.58
N GLY D 82 29.17 -24.76 -24.30
CA GLY D 82 28.49 -25.11 -25.54
C GLY D 82 29.41 -25.15 -26.74
N GLY D 83 29.18 -26.09 -27.64
CA GLY D 83 30.03 -26.23 -28.81
C GLY D 83 29.66 -25.33 -29.95
N CYS D 84 28.38 -24.98 -30.05
CA CYS D 84 27.92 -24.11 -31.13
C CYS D 84 27.04 -22.99 -30.60
N PRO D 85 26.76 -21.97 -31.43
CA PRO D 85 25.92 -20.83 -31.05
C PRO D 85 24.63 -21.26 -30.36
N LYS D 86 23.76 -21.98 -31.08
CA LYS D 86 22.49 -22.46 -30.51
C LYS D 86 22.65 -22.99 -29.09
N GLU D 87 23.36 -24.10 -28.94
CA GLU D 87 23.55 -24.69 -27.63
C GLU D 87 24.02 -23.68 -26.55
N ARG D 88 24.92 -22.77 -26.93
CA ARG D 88 25.41 -21.79 -25.97
C ARG D 88 24.34 -20.80 -25.50
N ALA D 89 23.26 -20.70 -26.27
CA ALA D 89 22.15 -19.82 -25.92
C ALA D 89 21.19 -20.63 -25.06
N GLU D 90 21.18 -21.95 -25.28
CA GLU D 90 20.32 -22.86 -24.52
C GLU D 90 20.80 -22.81 -23.09
N ILE D 91 22.12 -22.84 -22.90
CA ILE D 91 22.65 -22.80 -21.55
C ILE D 91 22.55 -21.39 -20.95
N SER D 92 22.53 -20.37 -21.79
CA SER D 92 22.43 -19.00 -21.30
C SER D 92 21.01 -18.74 -20.89
N MET D 93 20.11 -19.47 -21.52
CA MET D 93 18.69 -19.37 -21.24
C MET D 93 18.35 -20.12 -19.95
N LEU D 94 19.10 -21.19 -19.65
CA LEU D 94 18.87 -21.94 -18.44
C LEU D 94 19.33 -21.00 -17.36
N GLU D 95 20.50 -20.45 -17.61
CA GLU D 95 21.16 -19.49 -16.74
C GLU D 95 20.15 -18.42 -16.33
N GLY D 96 19.50 -17.83 -17.31
CA GLY D 96 18.52 -16.80 -17.03
C GLY D 96 17.35 -17.30 -16.21
N ALA D 97 16.64 -18.28 -16.75
CA ALA D 97 15.47 -18.90 -16.10
C ALA D 97 15.71 -19.25 -14.63
N VAL D 98 16.92 -19.72 -14.31
CA VAL D 98 17.23 -20.03 -12.93
C VAL D 98 17.31 -18.75 -12.09
N LEU D 99 18.00 -17.73 -12.60
CA LEU D 99 18.14 -16.45 -11.90
C LEU D 99 16.79 -15.81 -11.56
N ASP D 100 15.82 -15.94 -12.45
CA ASP D 100 14.52 -15.36 -12.15
C ASP D 100 13.96 -15.97 -10.89
N ILE D 101 14.55 -17.06 -10.44
CA ILE D 101 14.10 -17.70 -9.22
C ILE D 101 15.00 -17.23 -8.09
N ARG D 102 16.29 -17.48 -8.25
CA ARG D 102 17.25 -17.10 -7.22
C ARG D 102 17.20 -15.61 -6.91
N TYR D 103 17.04 -14.78 -7.93
CA TYR D 103 16.97 -13.36 -7.70
C TYR D 103 15.56 -13.00 -7.24
N GLY D 104 14.58 -13.72 -7.76
CA GLY D 104 13.21 -13.48 -7.33
C GLY D 104 13.15 -13.53 -5.82
N VAL D 105 14.04 -14.34 -5.24
CA VAL D 105 14.13 -14.49 -3.79
C VAL D 105 14.78 -13.30 -3.11
N SER D 106 15.88 -12.80 -3.65
CA SER D 106 16.53 -11.67 -3.01
C SER D 106 15.86 -10.32 -3.23
N ARG D 107 14.81 -10.26 -4.04
CA ARG D 107 14.12 -9.01 -4.25
C ARG D 107 13.33 -8.76 -2.97
N ILE D 108 12.80 -9.83 -2.41
CA ILE D 108 11.99 -9.74 -1.20
C ILE D 108 12.70 -10.23 0.07
N ALA D 109 13.98 -10.54 -0.01
CA ALA D 109 14.66 -11.03 1.18
C ALA D 109 15.09 -9.98 2.20
N TYR D 110 15.41 -8.77 1.73
CA TYR D 110 15.84 -7.75 2.68
C TYR D 110 14.67 -6.85 3.11
N SER D 111 13.54 -6.95 2.41
CA SER D 111 12.36 -6.14 2.78
C SER D 111 11.83 -6.51 4.17
N LYS D 112 11.38 -5.51 4.92
CA LYS D 112 10.85 -5.78 6.25
C LYS D 112 9.52 -6.55 6.18
N ASP D 113 8.77 -6.30 5.09
CA ASP D 113 7.49 -6.97 4.89
C ASP D 113 7.70 -8.22 4.03
N PHE D 114 8.80 -8.92 4.31
CA PHE D 114 9.14 -10.12 3.58
C PHE D 114 8.02 -11.15 3.62
N GLU D 115 7.29 -11.21 4.74
CA GLU D 115 6.21 -12.17 4.91
C GLU D 115 5.05 -11.94 3.96
N THR D 116 4.65 -10.69 3.82
CA THR D 116 3.55 -10.37 2.93
C THR D 116 3.93 -10.61 1.46
N LEU D 117 5.19 -10.33 1.13
CA LEU D 117 5.70 -10.53 -0.22
C LEU D 117 5.82 -12.00 -0.64
N LYS D 118 6.45 -12.81 0.21
CA LYS D 118 6.65 -14.23 -0.05
C LYS D 118 5.38 -14.93 -0.53
N VAL D 119 4.21 -14.40 -0.17
CA VAL D 119 2.98 -15.04 -0.60
C VAL D 119 2.92 -15.07 -2.13
N ASP D 120 2.74 -13.91 -2.74
CA ASP D 120 2.65 -13.85 -4.20
C ASP D 120 3.83 -14.57 -4.85
N PHE D 121 5.00 -14.49 -4.22
CA PHE D 121 6.17 -15.16 -4.77
C PHE D 121 5.97 -16.67 -4.89
N LEU D 122 5.73 -17.31 -3.75
CA LEU D 122 5.50 -18.76 -3.72
C LEU D 122 4.24 -19.10 -4.52
N SER D 123 3.39 -18.09 -4.72
CA SER D 123 2.19 -18.26 -5.48
C SER D 123 2.60 -18.44 -6.96
N LYS D 124 3.65 -17.76 -7.38
CA LYS D 124 4.12 -17.86 -8.76
C LYS D 124 5.25 -18.87 -8.94
N LEU D 125 5.79 -19.37 -7.84
CA LEU D 125 6.90 -20.32 -7.91
C LEU D 125 6.58 -21.61 -8.68
N PRO D 126 5.42 -22.23 -8.43
CA PRO D 126 5.06 -23.47 -9.13
C PRO D 126 5.33 -23.41 -10.64
N GLU D 127 4.75 -22.41 -11.32
CA GLU D 127 4.93 -22.25 -12.76
C GLU D 127 6.39 -22.35 -13.20
N MET D 128 7.25 -21.60 -12.51
CA MET D 128 8.67 -21.59 -12.81
C MET D 128 9.25 -22.98 -12.65
N LEU D 129 9.14 -23.54 -11.46
CA LEU D 129 9.65 -24.88 -11.19
C LEU D 129 9.18 -25.88 -12.24
N LYS D 130 7.95 -25.71 -12.71
CA LYS D 130 7.36 -26.58 -13.72
C LYS D 130 8.22 -26.66 -14.99
N MET D 131 8.69 -25.52 -15.46
CA MET D 131 9.51 -25.48 -16.65
C MET D 131 10.74 -26.39 -16.54
N PHE D 132 11.40 -26.36 -15.38
CA PHE D 132 12.59 -27.16 -15.14
C PHE D 132 12.28 -28.64 -15.06
N GLU D 133 11.14 -28.97 -14.48
CA GLU D 133 10.76 -30.37 -14.39
C GLU D 133 10.62 -30.83 -15.83
N ASP D 134 9.95 -30.04 -16.64
CA ASP D 134 9.78 -30.42 -18.03
C ASP D 134 11.14 -30.59 -18.69
N ARG D 135 12.03 -29.64 -18.47
CA ARG D 135 13.37 -29.69 -19.02
C ARG D 135 14.09 -30.94 -18.54
N LEU D 136 13.97 -31.23 -17.24
CA LEU D 136 14.62 -32.41 -16.65
C LEU D 136 13.99 -33.75 -17.03
N CYS D 137 12.79 -33.70 -17.60
CA CYS D 137 12.11 -34.90 -18.04
C CYS D 137 12.95 -35.53 -19.16
N HIS D 138 13.48 -36.71 -18.89
CA HIS D 138 14.31 -37.44 -19.86
C HIS D 138 15.74 -36.91 -20.00
N LYS D 139 16.25 -36.27 -18.94
CA LYS D 139 17.62 -35.74 -18.94
C LYS D 139 18.19 -35.96 -17.55
N THR D 140 19.47 -36.28 -17.47
CA THR D 140 20.12 -36.48 -16.18
C THR D 140 20.41 -35.13 -15.58
N TYR D 141 20.61 -34.16 -16.48
CA TYR D 141 20.90 -32.79 -16.12
C TYR D 141 20.22 -31.87 -17.14
N LEU D 142 20.15 -30.59 -16.79
CA LEU D 142 19.53 -29.59 -17.63
C LEU D 142 19.95 -29.61 -19.09
N ASN D 143 21.19 -30.01 -19.35
CA ASN D 143 21.68 -30.03 -20.73
C ASN D 143 21.87 -31.45 -21.30
N GLY D 144 21.63 -32.47 -20.48
CA GLY D 144 21.82 -33.82 -20.94
C GLY D 144 22.62 -34.62 -19.93
N ASP D 145 23.37 -35.59 -20.41
CA ASP D 145 24.15 -36.42 -19.50
C ASP D 145 25.44 -35.77 -18.99
N HIS D 146 25.65 -34.49 -19.31
CA HIS D 146 26.84 -33.81 -18.83
C HIS D 146 26.54 -32.60 -17.96
N VAL D 147 27.08 -32.62 -16.75
CA VAL D 147 26.89 -31.53 -15.80
C VAL D 147 27.31 -30.16 -16.33
N THR D 148 26.35 -29.24 -16.44
CA THR D 148 26.64 -27.90 -16.90
C THR D 148 26.52 -26.96 -15.70
N HIS D 149 27.19 -25.81 -15.74
CA HIS D 149 27.15 -24.90 -14.59
C HIS D 149 25.74 -24.45 -14.20
N PRO D 150 24.80 -24.36 -15.15
CA PRO D 150 23.49 -23.92 -14.69
C PRO D 150 22.91 -24.93 -13.72
N ASP D 151 23.48 -26.13 -13.70
CA ASP D 151 23.00 -27.16 -12.79
C ASP D 151 23.27 -26.76 -11.34
N PHE D 152 24.47 -26.27 -11.06
CA PHE D 152 24.79 -25.84 -9.72
C PHE D 152 23.98 -24.59 -9.43
N MET D 153 23.62 -23.89 -10.49
CA MET D 153 22.82 -22.70 -10.33
C MET D 153 21.42 -23.10 -9.90
N LEU D 154 20.83 -24.06 -10.60
CA LEU D 154 19.50 -24.53 -10.24
C LEU D 154 19.55 -25.16 -8.86
N TYR D 155 20.60 -25.94 -8.61
CA TYR D 155 20.76 -26.59 -7.32
C TYR D 155 20.76 -25.59 -6.18
N ASP D 156 21.40 -24.45 -6.42
CA ASP D 156 21.47 -23.42 -5.38
C ASP D 156 20.09 -22.85 -5.12
N ALA D 157 19.37 -22.54 -6.20
CA ALA D 157 18.02 -21.97 -6.08
C ALA D 157 17.19 -22.87 -5.20
N LEU D 158 17.01 -24.11 -5.67
CA LEU D 158 16.22 -25.11 -4.97
C LEU D 158 16.44 -25.10 -3.46
N ASP D 159 17.69 -25.31 -3.06
CA ASP D 159 18.07 -25.33 -1.66
C ASP D 159 17.59 -24.09 -0.94
N VAL D 160 17.66 -22.94 -1.61
CA VAL D 160 17.22 -21.70 -0.99
C VAL D 160 15.72 -21.66 -0.79
N VAL D 161 14.96 -22.03 -1.81
CA VAL D 161 13.49 -22.02 -1.69
C VAL D 161 12.94 -23.12 -0.78
N LEU D 162 13.80 -24.05 -0.35
CA LEU D 162 13.32 -25.09 0.55
C LEU D 162 13.24 -24.52 1.96
N TYR D 163 14.11 -23.55 2.25
CA TYR D 163 14.14 -22.89 3.55
C TYR D 163 12.96 -21.93 3.64
N MET D 164 12.53 -21.42 2.50
CA MET D 164 11.42 -20.50 2.48
C MET D 164 10.08 -21.25 2.59
N ASP D 165 10.01 -22.42 1.94
CA ASP D 165 8.80 -23.26 1.93
C ASP D 165 9.24 -24.68 1.59
N PRO D 166 9.53 -25.49 2.62
CA PRO D 166 9.97 -26.89 2.52
C PRO D 166 9.03 -27.81 1.78
N MET D 167 7.83 -27.33 1.49
CA MET D 167 6.86 -28.16 0.80
C MET D 167 6.79 -27.88 -0.72
N CYS D 168 7.42 -26.80 -1.15
CA CYS D 168 7.40 -26.40 -2.56
C CYS D 168 7.83 -27.48 -3.55
N LEU D 169 8.72 -28.37 -3.13
CA LEU D 169 9.21 -29.43 -4.02
C LEU D 169 8.48 -30.76 -3.94
N ASP D 170 7.40 -30.82 -3.17
CA ASP D 170 6.64 -32.06 -3.06
C ASP D 170 5.97 -32.34 -4.38
N ALA D 171 5.41 -31.28 -4.98
CA ALA D 171 4.71 -31.37 -6.25
C ALA D 171 5.63 -31.69 -7.42
N PHE D 172 6.92 -31.74 -7.14
CA PHE D 172 7.93 -32.02 -8.16
C PHE D 172 8.91 -33.07 -7.68
N PRO D 173 8.50 -34.34 -7.70
CA PRO D 173 9.42 -35.37 -7.23
C PRO D 173 10.70 -35.37 -8.07
N LYS D 174 10.58 -35.01 -9.34
CA LYS D 174 11.75 -34.99 -10.23
C LYS D 174 12.83 -34.03 -9.75
N LEU D 175 12.42 -32.81 -9.40
CA LEU D 175 13.38 -31.81 -8.94
C LEU D 175 13.99 -32.22 -7.61
N VAL D 176 13.28 -33.02 -6.83
CA VAL D 176 13.81 -33.47 -5.54
C VAL D 176 14.90 -34.50 -5.82
N CYS D 177 14.70 -35.30 -6.87
CA CYS D 177 15.69 -36.32 -7.24
C CYS D 177 16.90 -35.60 -7.77
N PHE D 178 16.64 -34.62 -8.63
CA PHE D 178 17.70 -33.81 -9.24
C PHE D 178 18.65 -33.37 -8.14
N LYS D 179 18.10 -32.66 -7.16
CA LYS D 179 18.85 -32.16 -6.01
C LYS D 179 19.68 -33.26 -5.36
N LYS D 180 19.03 -34.39 -5.05
CA LYS D 180 19.70 -35.54 -4.44
C LYS D 180 20.82 -36.02 -5.36
N ARG D 181 20.51 -36.11 -6.65
CA ARG D 181 21.45 -36.55 -7.65
C ARG D 181 22.69 -35.67 -7.65
N ILE D 182 22.48 -34.36 -7.65
CA ILE D 182 23.59 -33.41 -7.66
C ILE D 182 24.47 -33.63 -6.43
N GLU D 183 23.84 -33.73 -5.27
CA GLU D 183 24.56 -33.93 -4.02
C GLU D 183 25.34 -35.23 -4.04
N ALA D 184 24.87 -36.19 -4.83
CA ALA D 184 25.51 -37.49 -4.96
C ALA D 184 26.92 -37.40 -5.53
N ILE D 185 27.10 -36.54 -6.54
CA ILE D 185 28.39 -36.36 -7.18
C ILE D 185 29.52 -36.26 -6.14
N PRO D 186 30.45 -37.23 -6.18
CA PRO D 186 31.61 -37.36 -5.29
C PRO D 186 32.23 -36.06 -4.78
N GLN D 187 32.56 -35.14 -5.69
CA GLN D 187 33.17 -33.87 -5.30
C GLN D 187 32.21 -33.04 -4.45
N ILE D 188 31.02 -32.81 -5.00
CA ILE D 188 29.99 -32.07 -4.30
C ILE D 188 29.85 -32.59 -2.87
N ASP D 189 29.61 -33.90 -2.75
CA ASP D 189 29.47 -34.57 -1.47
C ASP D 189 30.64 -34.31 -0.50
N LYS D 190 31.86 -34.20 -1.01
CA LYS D 190 32.99 -33.94 -0.12
C LYS D 190 33.01 -32.47 0.32
N TYR D 191 32.39 -31.61 -0.49
CA TYR D 191 32.32 -30.20 -0.18
C TYR D 191 31.32 -29.96 0.93
N LEU D 192 30.07 -30.37 0.70
CA LEU D 192 29.00 -30.18 1.67
C LEU D 192 29.35 -30.74 3.06
N LYS D 193 30.35 -31.61 3.12
CA LYS D 193 30.77 -32.21 4.39
C LYS D 193 32.06 -31.56 4.86
N SER D 194 32.76 -30.92 3.92
CA SER D 194 34.03 -30.27 4.22
C SER D 194 33.83 -29.03 5.07
N SER D 195 34.92 -28.53 5.65
CA SER D 195 34.88 -27.36 6.51
C SER D 195 34.78 -26.04 5.74
N LYS D 196 34.95 -26.09 4.42
CA LYS D 196 34.86 -24.88 3.59
C LYS D 196 33.41 -24.56 3.21
N TYR D 197 32.52 -25.52 3.46
CA TYR D 197 31.12 -25.34 3.14
C TYR D 197 30.53 -24.22 3.98
N ILE D 198 29.63 -23.46 3.37
CA ILE D 198 28.97 -22.35 4.05
C ILE D 198 27.46 -22.56 3.97
N ALA D 199 26.95 -23.24 4.99
CA ALA D 199 25.54 -23.55 5.05
C ALA D 199 24.62 -22.37 5.28
N TRP D 200 25.13 -21.34 5.96
CA TRP D 200 24.33 -20.16 6.29
C TRP D 200 25.28 -19.00 6.54
N PRO D 201 24.84 -17.76 6.31
CA PRO D 201 23.54 -17.36 5.74
C PRO D 201 23.37 -17.52 4.25
N LEU D 202 22.12 -17.38 3.79
CA LEU D 202 21.81 -17.47 2.37
C LEU D 202 22.05 -16.11 1.74
N GLN D 203 21.36 -15.11 2.27
CA GLN D 203 21.50 -13.74 1.80
C GLN D 203 22.48 -13.09 2.77
N GLY D 204 22.68 -11.79 2.63
CA GLY D 204 23.56 -11.11 3.56
C GLY D 204 22.92 -11.15 4.94
N TRP D 205 23.70 -10.94 5.99
CA TRP D 205 23.19 -10.98 7.35
C TRP D 205 22.01 -10.07 7.72
N GLN D 206 22.02 -8.83 7.25
CA GLN D 206 20.94 -7.88 7.55
C GLN D 206 19.61 -8.29 6.92
N ALA D 207 19.63 -9.30 6.05
CA ALA D 207 18.42 -9.75 5.38
C ALA D 207 17.35 -10.24 6.32
N THR D 208 16.09 -9.99 6.00
CA THR D 208 15.02 -10.49 6.86
C THR D 208 15.11 -12.00 6.78
N PHE D 209 14.81 -12.52 5.58
CA PHE D 209 14.86 -13.95 5.31
C PHE D 209 16.27 -14.36 4.93
N GLY D 210 16.65 -15.58 5.29
CA GLY D 210 17.97 -16.06 4.95
C GLY D 210 19.13 -15.29 5.54
N GLY D 211 18.86 -14.23 6.28
CA GLY D 211 19.93 -13.47 6.88
C GLY D 211 20.17 -14.07 8.26
N GLY D 212 20.83 -13.32 9.15
CA GLY D 212 21.07 -13.83 10.49
C GLY D 212 22.22 -14.82 10.57
N ASP D 213 22.81 -14.97 11.75
CA ASP D 213 23.95 -15.87 11.88
C ASP D 213 23.64 -17.36 11.81
N HIS D 214 22.56 -17.78 12.48
CA HIS D 214 22.17 -19.19 12.45
C HIS D 214 20.77 -19.40 11.87
N PRO D 215 20.57 -20.51 11.16
CA PRO D 215 19.27 -20.82 10.55
C PRO D 215 18.12 -20.78 11.56
N PRO D 216 16.91 -20.47 11.09
CA PRO D 216 15.75 -20.40 12.00
C PRO D 216 15.24 -21.82 12.33
#